data_2JXY
#
_entry.id   2JXY
#
loop_
_entity.id
_entity.type
_entity.pdbx_description
1 polymer 'Macrophage metalloelastase'
2 non-polymer 'CALCIUM ION'
#
_entity_poly.entity_id   1
_entity_poly.type   'polypeptide(L)'
_entity_poly.pdbx_seq_one_letter_code
;MEPALCDPNLSFDAVTTVGNKIFFFKDRFFWLKVSERPKTSVNLISSLWPTLPSGIEAAYEIEARNQVFLFKDDKYWLIS
NLRPEPNYPKSIHSFGFPNFVKKIDAAVFNPRFYRTYFFVDNQYWRYDERRQMMDPGYPKLITKNFQGIGPKIDAVFYSK
NKYYYFFQGSNQFEYDFLLQRITKTLKSNSWFGC
;
_entity_poly.pdbx_strand_id   A
#
# COMPACT_ATOMS: atom_id res chain seq x y z
N MET A 1 -0.22 -11.76 -11.29
CA MET A 1 -0.69 -13.13 -11.31
C MET A 1 -2.22 -13.19 -11.25
N GLU A 2 -2.73 -14.41 -11.14
CA GLU A 2 -4.17 -14.61 -11.07
C GLU A 2 -4.64 -14.60 -9.61
N PRO A 3 -5.94 -14.23 -9.44
CA PRO A 3 -6.52 -14.16 -8.11
C PRO A 3 -6.80 -15.57 -7.57
N ALA A 4 -6.49 -16.56 -8.40
CA ALA A 4 -6.72 -17.95 -8.02
C ALA A 4 -6.31 -18.14 -6.55
N LEU A 5 -7.34 -18.28 -5.71
CA LEU A 5 -7.11 -18.47 -4.29
C LEU A 5 -6.70 -19.93 -4.03
N CYS A 6 -7.33 -20.82 -4.77
CA CYS A 6 -7.04 -22.24 -4.64
C CYS A 6 -5.82 -22.57 -5.50
N ASP A 7 -4.76 -21.80 -5.26
CA ASP A 7 -3.53 -22.00 -6.01
C ASP A 7 -2.47 -21.00 -5.52
N PRO A 8 -1.36 -21.56 -4.99
CA PRO A 8 -0.27 -20.73 -4.49
C PRO A 8 0.53 -20.12 -5.64
N ASN A 9 0.11 -18.92 -6.04
CA ASN A 9 0.78 -18.22 -7.12
C ASN A 9 0.04 -16.91 -7.40
N LEU A 10 -0.33 -16.25 -6.33
CA LEU A 10 -1.05 -14.97 -6.44
C LEU A 10 -0.15 -13.84 -5.94
N SER A 11 -0.37 -12.67 -6.50
CA SER A 11 0.41 -11.49 -6.12
C SER A 11 -0.47 -10.25 -6.16
N PHE A 12 -0.01 -9.21 -5.46
CA PHE A 12 -0.75 -7.97 -5.41
C PHE A 12 0.13 -6.80 -5.90
N ASP A 13 -0.48 -5.63 -5.96
CA ASP A 13 0.22 -4.44 -6.40
C ASP A 13 0.24 -3.40 -5.27
N ALA A 14 -0.96 -3.08 -4.79
CA ALA A 14 -1.08 -2.11 -3.71
C ALA A 14 -2.27 -2.49 -2.83
N VAL A 15 -2.25 -1.99 -1.61
CA VAL A 15 -3.32 -2.27 -0.66
C VAL A 15 -3.48 -1.07 0.29
N THR A 16 -4.73 -0.72 0.54
CA THR A 16 -5.03 0.39 1.42
C THR A 16 -6.02 -0.05 2.51
N THR A 17 -6.34 0.90 3.38
CA THR A 17 -7.27 0.62 4.46
C THR A 17 -8.20 1.83 4.68
N VAL A 18 -9.46 1.52 4.97
CA VAL A 18 -10.45 2.55 5.20
C VAL A 18 -11.29 2.18 6.43
N GLY A 19 -11.33 3.09 7.38
CA GLY A 19 -12.09 2.87 8.60
C GLY A 19 -11.65 1.58 9.30
N ASN A 20 -12.36 0.50 8.97
CA ASN A 20 -12.05 -0.79 9.56
C ASN A 20 -12.15 -1.87 8.49
N LYS A 21 -11.90 -1.46 7.25
CA LYS A 21 -11.96 -2.38 6.13
C LYS A 21 -10.62 -2.37 5.39
N ILE A 22 -10.35 -3.46 4.70
CA ILE A 22 -9.11 -3.60 3.95
C ILE A 22 -9.45 -3.90 2.49
N PHE A 23 -8.97 -3.02 1.62
CA PHE A 23 -9.20 -3.18 0.19
C PHE A 23 -7.91 -3.53 -0.54
N PHE A 24 -8.01 -4.53 -1.42
CA PHE A 24 -6.86 -4.97 -2.19
C PHE A 24 -7.03 -4.63 -3.67
N PHE A 25 -5.96 -4.10 -4.25
CA PHE A 25 -5.98 -3.72 -5.65
C PHE A 25 -5.31 -4.80 -6.51
N LYS A 26 -5.94 -5.07 -7.65
CA LYS A 26 -5.43 -6.08 -8.57
C LYS A 26 -5.50 -5.54 -9.99
N ASP A 27 -4.39 -4.96 -10.43
CA ASP A 27 -4.31 -4.41 -11.77
C ASP A 27 -5.43 -3.39 -11.96
N ARG A 28 -6.56 -3.88 -12.46
CA ARG A 28 -7.71 -3.03 -12.69
C ARG A 28 -8.87 -3.45 -11.79
N PHE A 29 -8.78 -4.68 -11.29
CA PHE A 29 -9.81 -5.22 -10.43
C PHE A 29 -9.41 -5.12 -8.96
N PHE A 30 -10.40 -4.95 -8.11
CA PHE A 30 -10.15 -4.84 -6.68
C PHE A 30 -10.81 -6.00 -5.93
N TRP A 31 -10.31 -6.25 -4.73
CA TRP A 31 -10.83 -7.33 -3.90
C TRP A 31 -11.54 -6.70 -2.71
N LEU A 32 -12.37 -7.51 -2.06
CA LEU A 32 -13.12 -7.04 -0.90
C LEU A 32 -13.46 -8.23 -0.01
N LYS A 33 -12.92 -8.20 1.21
CA LYS A 33 -13.16 -9.27 2.16
C LYS A 33 -12.68 -8.83 3.54
N VAL A 34 -13.58 -8.19 4.27
CA VAL A 34 -13.25 -7.71 5.61
C VAL A 34 -14.54 -7.47 6.39
N SER A 35 -14.39 -7.30 7.69
CA SER A 35 -15.53 -7.06 8.56
C SER A 35 -16.45 -8.28 8.57
N GLU A 36 -17.33 -8.33 7.58
CA GLU A 36 -18.26 -9.43 7.47
C GLU A 36 -18.28 -9.97 6.03
N ARG A 37 -17.18 -10.64 5.67
CA ARG A 37 -17.06 -11.20 4.34
C ARG A 37 -16.40 -12.58 4.41
N PRO A 38 -17.24 -13.63 4.21
CA PRO A 38 -16.76 -15.00 4.24
C PRO A 38 -15.97 -15.33 2.98
N LYS A 39 -16.29 -14.61 1.91
CA LYS A 39 -15.63 -14.82 0.63
C LYS A 39 -15.30 -13.47 0.00
N THR A 40 -14.33 -13.49 -0.90
CA THR A 40 -13.90 -12.27 -1.57
C THR A 40 -14.65 -12.12 -2.90
N SER A 41 -14.54 -10.93 -3.47
CA SER A 41 -15.19 -10.64 -4.74
C SER A 41 -14.28 -9.78 -5.62
N VAL A 42 -14.04 -10.26 -6.83
CA VAL A 42 -13.20 -9.55 -7.76
C VAL A 42 -14.07 -8.67 -8.66
N ASN A 43 -14.00 -7.36 -8.40
CA ASN A 43 -14.77 -6.41 -9.17
C ASN A 43 -13.82 -5.39 -9.82
N LEU A 44 -14.36 -4.64 -10.76
CA LEU A 44 -13.57 -3.63 -11.46
C LEU A 44 -13.55 -2.35 -10.62
N ILE A 45 -12.41 -1.67 -10.69
CA ILE A 45 -12.24 -0.44 -9.94
C ILE A 45 -13.12 0.65 -10.57
N SER A 46 -12.77 1.03 -11.79
CA SER A 46 -13.52 2.04 -12.50
C SER A 46 -15.02 1.84 -12.28
N SER A 47 -15.39 0.59 -12.07
CA SER A 47 -16.79 0.25 -11.84
C SER A 47 -17.39 1.19 -10.78
N LEU A 48 -16.59 1.49 -9.78
CA LEU A 48 -17.03 2.37 -8.70
C LEU A 48 -16.29 3.70 -8.82
N TRP A 49 -15.02 3.67 -8.44
CA TRP A 49 -14.19 4.87 -8.48
C TRP A 49 -14.21 5.39 -9.92
N PRO A 50 -14.86 6.58 -10.09
CA PRO A 50 -14.94 7.21 -11.40
C PRO A 50 -13.61 7.82 -11.81
N THR A 51 -13.38 9.04 -11.32
CA THR A 51 -12.15 9.74 -11.63
C THR A 51 -10.96 9.08 -10.93
N LEU A 52 -10.73 7.83 -11.28
CA LEU A 52 -9.63 7.08 -10.70
C LEU A 52 -8.98 6.21 -11.79
N PRO A 53 -7.63 6.30 -11.86
CA PRO A 53 -6.88 5.54 -12.83
C PRO A 53 -6.79 4.07 -12.43
N SER A 54 -6.27 3.27 -13.34
CA SER A 54 -6.12 1.84 -13.09
C SER A 54 -4.63 1.47 -13.00
N GLY A 55 -4.35 0.44 -12.21
CA GLY A 55 -2.99 -0.02 -12.04
C GLY A 55 -2.27 0.78 -10.94
N ILE A 56 -3.00 1.01 -9.85
CA ILE A 56 -2.46 1.76 -8.73
C ILE A 56 -1.10 1.17 -8.36
N GLU A 57 -0.16 2.07 -8.08
CA GLU A 57 1.18 1.66 -7.70
C GLU A 57 1.26 1.42 -6.19
N ALA A 58 0.82 2.43 -5.45
CA ALA A 58 0.84 2.34 -3.99
C ALA A 58 -0.41 3.05 -3.43
N ALA A 59 -1.11 2.34 -2.56
CA ALA A 59 -2.31 2.88 -1.96
C ALA A 59 -2.11 2.99 -0.44
N TYR A 60 -2.34 4.18 0.08
CA TYR A 60 -2.19 4.42 1.50
C TYR A 60 -3.10 5.55 1.97
N GLU A 61 -3.89 5.24 2.99
CA GLU A 61 -4.81 6.22 3.54
C GLU A 61 -4.14 7.04 4.64
N ILE A 62 -4.87 8.02 5.14
CA ILE A 62 -4.35 8.88 6.19
C ILE A 62 -5.41 9.02 7.29
N GLU A 63 -5.27 8.20 8.32
CA GLU A 63 -6.20 8.23 9.44
C GLU A 63 -6.00 9.51 10.25
N ALA A 64 -6.49 10.61 9.71
CA ALA A 64 -6.38 11.89 10.38
C ALA A 64 -7.49 12.82 9.89
N ARG A 65 -7.50 13.04 8.59
CA ARG A 65 -8.51 13.90 7.98
C ARG A 65 -9.49 13.07 7.16
N ASN A 66 -9.37 11.75 7.28
CA ASN A 66 -10.24 10.84 6.57
C ASN A 66 -10.10 11.08 5.06
N GLN A 67 -8.91 10.77 4.56
CA GLN A 67 -8.63 10.95 3.14
C GLN A 67 -8.04 9.67 2.55
N VAL A 68 -7.76 9.73 1.26
CA VAL A 68 -7.21 8.58 0.56
C VAL A 68 -6.31 9.07 -0.58
N PHE A 69 -5.31 8.26 -0.89
CA PHE A 69 -4.38 8.59 -1.96
C PHE A 69 -4.14 7.38 -2.87
N LEU A 70 -4.20 7.64 -4.17
CA LEU A 70 -3.99 6.59 -5.15
C LEU A 70 -2.86 7.01 -6.09
N PHE A 71 -1.81 6.19 -6.11
CA PHE A 71 -0.67 6.46 -6.96
C PHE A 71 -0.76 5.68 -8.27
N LYS A 72 -0.36 6.34 -9.34
CA LYS A 72 -0.40 5.73 -10.67
C LYS A 72 0.49 6.52 -11.61
N ASP A 73 1.50 5.83 -12.13
CA ASP A 73 2.44 6.45 -13.05
C ASP A 73 3.09 7.66 -12.38
N ASP A 74 3.46 8.63 -13.20
CA ASP A 74 4.09 9.84 -12.69
C ASP A 74 3.01 10.86 -12.33
N LYS A 75 1.96 10.36 -11.70
CA LYS A 75 0.85 11.21 -11.30
C LYS A 75 0.11 10.55 -10.12
N TYR A 76 -0.55 11.39 -9.34
CA TYR A 76 -1.29 10.92 -8.19
C TYR A 76 -2.59 11.71 -8.01
N TRP A 77 -3.61 11.01 -7.52
CA TRP A 77 -4.90 11.64 -7.30
C TRP A 77 -5.06 11.87 -5.80
N LEU A 78 -6.01 12.73 -5.47
CA LEU A 78 -6.29 13.05 -4.07
C LEU A 78 -7.76 12.79 -3.77
N ILE A 79 -8.02 11.69 -3.09
CA ILE A 79 -9.38 11.32 -2.73
C ILE A 79 -9.87 12.25 -1.61
N SER A 80 -10.98 12.93 -1.89
CA SER A 80 -11.56 13.85 -0.92
C SER A 80 -13.06 13.60 -0.80
N ASN A 81 -13.48 13.22 0.40
CA ASN A 81 -14.88 12.95 0.66
C ASN A 81 -15.35 11.81 -0.24
N LEU A 82 -14.55 10.75 -0.28
CA LEU A 82 -14.87 9.59 -1.09
C LEU A 82 -15.04 10.04 -2.55
N ARG A 83 -14.14 10.89 -2.98
CA ARG A 83 -14.17 11.39 -4.35
C ARG A 83 -12.82 12.00 -4.73
N PRO A 84 -12.20 11.43 -5.79
CA PRO A 84 -10.91 11.90 -6.26
C PRO A 84 -11.07 13.22 -7.03
N GLU A 85 -10.43 14.25 -6.49
CA GLU A 85 -10.48 15.56 -7.10
C GLU A 85 -10.48 15.44 -8.63
N PRO A 86 -11.52 16.04 -9.26
CA PRO A 86 -11.64 16.01 -10.71
C PRO A 86 -10.64 16.95 -11.37
N ASN A 87 -10.01 16.45 -12.42
CA ASN A 87 -9.02 17.25 -13.15
C ASN A 87 -7.84 17.55 -12.23
N TYR A 88 -7.19 16.50 -11.78
CA TYR A 88 -6.05 16.65 -10.90
C TYR A 88 -4.87 15.79 -11.37
N PRO A 89 -4.45 16.05 -12.63
CA PRO A 89 -3.33 15.31 -13.21
C PRO A 89 -2.00 15.78 -12.63
N LYS A 90 -1.94 15.76 -11.30
CA LYS A 90 -0.73 16.17 -10.61
C LYS A 90 0.40 15.19 -10.93
N SER A 91 1.62 15.64 -10.70
CA SER A 91 2.79 14.81 -10.94
C SER A 91 3.77 14.93 -9.78
N ILE A 92 4.21 13.77 -9.30
CA ILE A 92 5.15 13.73 -8.19
C ILE A 92 6.22 14.81 -8.39
N HIS A 93 6.68 14.92 -9.63
CA HIS A 93 7.69 15.91 -9.96
C HIS A 93 7.39 17.21 -9.22
N SER A 94 6.12 17.44 -8.98
CA SER A 94 5.68 18.65 -8.29
C SER A 94 6.54 18.85 -7.03
N PHE A 95 7.10 17.76 -6.55
CA PHE A 95 7.93 17.82 -5.36
C PHE A 95 8.16 16.42 -4.79
N GLY A 96 8.96 15.64 -5.51
CA GLY A 96 9.26 14.28 -5.09
C GLY A 96 10.30 13.64 -6.01
N PHE A 97 9.90 13.43 -7.26
CA PHE A 97 10.78 12.83 -8.24
C PHE A 97 12.23 13.25 -8.00
N PRO A 98 12.98 12.38 -7.28
CA PRO A 98 14.38 12.65 -6.98
C PRO A 98 15.25 12.45 -8.22
N ASN A 99 15.51 11.18 -8.52
CA ASN A 99 16.33 10.83 -9.67
C ASN A 99 15.43 10.50 -10.85
N PHE A 100 14.88 9.29 -10.83
CA PHE A 100 14.01 8.84 -11.89
C PHE A 100 12.90 7.93 -11.33
N VAL A 101 12.13 8.50 -10.40
CA VAL A 101 11.04 7.76 -9.79
C VAL A 101 9.77 7.96 -10.63
N LYS A 102 8.81 7.08 -10.40
CA LYS A 102 7.55 7.14 -11.12
C LYS A 102 6.65 5.98 -10.68
N LYS A 103 7.29 4.84 -10.46
CA LYS A 103 6.57 3.64 -10.04
C LYS A 103 7.08 3.20 -8.68
N ILE A 104 6.18 3.26 -7.69
CA ILE A 104 6.53 2.88 -6.34
C ILE A 104 5.99 1.47 -6.07
N ASP A 105 6.52 0.85 -5.02
CA ASP A 105 6.10 -0.48 -4.63
C ASP A 105 4.97 -0.38 -3.60
N ALA A 106 5.23 0.40 -2.57
CA ALA A 106 4.25 0.59 -1.51
C ALA A 106 4.58 1.86 -0.74
N ALA A 107 3.63 2.27 0.09
CA ALA A 107 3.80 3.48 0.89
C ALA A 107 2.88 3.41 2.10
N VAL A 108 3.47 3.66 3.26
CA VAL A 108 2.72 3.64 4.51
C VAL A 108 3.11 4.84 5.37
N PHE A 109 2.23 5.18 6.30
CA PHE A 109 2.46 6.30 7.18
C PHE A 109 2.51 5.85 8.64
N ASN A 110 3.58 6.24 9.31
CA ASN A 110 3.76 5.89 10.71
C ASN A 110 3.18 6.98 11.59
N PRO A 111 2.22 6.57 12.46
CA PRO A 111 1.57 7.52 13.36
C PRO A 111 2.50 7.90 14.51
N ARG A 112 3.36 6.95 14.88
CA ARG A 112 4.31 7.17 15.96
C ARG A 112 5.62 7.72 15.41
N PHE A 113 5.51 8.42 14.30
CA PHE A 113 6.68 9.01 13.66
C PHE A 113 6.31 10.28 12.89
N TYR A 114 5.15 10.22 12.25
CA TYR A 114 4.67 11.35 11.47
C TYR A 114 5.45 11.49 10.16
N ARG A 115 5.88 10.35 9.64
CA ARG A 115 6.62 10.33 8.40
C ARG A 115 6.14 9.20 7.49
N THR A 116 6.19 9.45 6.20
CA THR A 116 5.76 8.47 5.23
C THR A 116 6.92 8.05 4.32
N TYR A 117 7.14 6.75 4.26
CA TYR A 117 8.21 6.21 3.44
C TYR A 117 7.67 5.28 2.36
N PHE A 118 8.45 5.11 1.31
CA PHE A 118 8.06 4.24 0.21
C PHE A 118 9.22 3.34 -0.21
N PHE A 119 8.90 2.38 -1.07
CA PHE A 119 9.90 1.45 -1.55
C PHE A 119 10.02 1.53 -3.08
N VAL A 120 11.26 1.66 -3.53
CA VAL A 120 11.53 1.75 -4.96
C VAL A 120 12.33 0.52 -5.40
N ASP A 121 11.63 -0.61 -5.47
CA ASP A 121 12.28 -1.86 -5.88
C ASP A 121 13.11 -2.39 -4.71
N ASN A 122 14.15 -1.64 -4.36
CA ASN A 122 15.03 -2.03 -3.28
C ASN A 122 15.63 -0.77 -2.64
N GLN A 123 14.75 0.16 -2.31
CA GLN A 123 15.18 1.41 -1.69
C GLN A 123 14.19 1.81 -0.59
N TYR A 124 14.73 2.48 0.42
CA TYR A 124 13.92 2.94 1.53
C TYR A 124 13.97 4.46 1.67
N TRP A 125 12.92 5.10 1.19
CA TRP A 125 12.84 6.55 1.24
C TRP A 125 11.97 6.92 2.44
N ARG A 126 12.06 8.20 2.81
CA ARG A 126 11.29 8.70 3.95
C ARG A 126 11.03 10.19 3.79
N TYR A 127 9.77 10.52 3.57
CA TYR A 127 9.38 11.92 3.41
C TYR A 127 8.78 12.48 4.70
N ASP A 128 9.41 13.53 5.19
CA ASP A 128 8.96 14.17 6.42
C ASP A 128 7.59 14.82 6.17
N GLU A 129 6.63 14.43 7.01
CA GLU A 129 5.29 14.96 6.90
C GLU A 129 5.14 16.24 7.73
N ARG A 130 5.62 16.16 8.96
CA ARG A 130 5.55 17.29 9.87
C ARG A 130 6.35 18.47 9.30
N ARG A 131 7.62 18.20 9.01
CA ARG A 131 8.49 19.22 8.46
C ARG A 131 8.04 19.61 7.05
N GLN A 132 7.68 18.59 6.28
CA GLN A 132 7.23 18.81 4.91
C GLN A 132 8.43 18.93 3.97
N MET A 133 9.50 18.25 4.35
CA MET A 133 10.71 18.26 3.55
C MET A 133 11.31 16.87 3.41
N MET A 134 11.20 16.33 2.19
CA MET A 134 11.72 15.01 1.91
C MET A 134 13.24 14.96 2.07
N ASP A 135 13.72 13.82 2.54
CA ASP A 135 15.15 13.63 2.74
C ASP A 135 15.85 13.63 1.38
N PRO A 136 17.19 13.88 1.43
CA PRO A 136 17.99 13.91 0.22
C PRO A 136 18.24 12.49 -0.31
N GLY A 137 17.28 12.01 -1.09
CA GLY A 137 17.38 10.67 -1.66
C GLY A 137 17.17 9.60 -0.58
N TYR A 138 18.19 9.45 0.27
CA TYR A 138 18.12 8.47 1.34
C TYR A 138 17.98 7.05 0.78
N PRO A 139 19.02 6.62 0.02
CA PRO A 139 19.03 5.30 -0.57
C PRO A 139 19.30 4.23 0.48
N LYS A 140 18.34 4.08 1.39
CA LYS A 140 18.46 3.10 2.46
C LYS A 140 17.95 1.75 1.95
N LEU A 141 17.94 0.78 2.86
CA LEU A 141 17.48 -0.56 2.53
C LEU A 141 16.39 -0.97 3.52
N ILE A 142 15.34 -1.57 2.99
CA ILE A 142 14.23 -2.02 3.82
C ILE A 142 14.68 -3.22 4.65
N THR A 143 14.86 -4.34 3.97
CA THR A 143 15.30 -5.56 4.64
C THR A 143 16.32 -5.24 5.73
N LYS A 144 17.06 -4.16 5.50
CA LYS A 144 18.08 -3.73 6.45
C LYS A 144 17.39 -3.21 7.72
N ASN A 145 16.74 -2.06 7.57
CA ASN A 145 16.04 -1.44 8.68
C ASN A 145 15.18 -2.50 9.37
N PHE A 146 14.39 -3.19 8.58
CA PHE A 146 13.51 -4.22 9.10
C PHE A 146 13.84 -5.58 8.50
N GLN A 147 14.53 -6.39 9.28
CA GLN A 147 14.92 -7.72 8.85
C GLN A 147 13.83 -8.74 9.20
N GLY A 148 13.19 -9.27 8.17
CA GLY A 148 12.14 -10.25 8.36
C GLY A 148 11.11 -10.18 7.23
N ILE A 149 10.94 -8.98 6.70
CA ILE A 149 10.00 -8.77 5.61
C ILE A 149 10.67 -9.15 4.29
N GLY A 150 11.80 -8.53 4.03
CA GLY A 150 12.54 -8.80 2.81
C GLY A 150 12.96 -7.49 2.13
N PRO A 151 13.87 -7.63 1.13
CA PRO A 151 14.37 -6.48 0.40
C PRO A 151 13.31 -5.96 -0.60
N LYS A 152 12.34 -6.82 -0.86
CA LYS A 152 11.27 -6.47 -1.78
C LYS A 152 9.92 -6.57 -1.05
N ILE A 153 9.12 -5.52 -1.21
CA ILE A 153 7.83 -5.48 -0.57
C ILE A 153 6.77 -5.06 -1.61
N ASP A 154 5.75 -5.89 -1.73
CA ASP A 154 4.67 -5.63 -2.67
C ASP A 154 3.78 -4.52 -2.12
N ALA A 155 2.80 -4.94 -1.33
CA ALA A 155 1.87 -4.00 -0.73
C ALA A 155 2.18 -3.86 0.76
N VAL A 156 1.88 -2.68 1.29
CA VAL A 156 2.11 -2.40 2.69
C VAL A 156 1.04 -1.45 3.21
N PHE A 157 0.39 -1.88 4.30
CA PHE A 157 -0.65 -1.08 4.90
C PHE A 157 -0.69 -1.27 6.42
N TYR A 158 -1.05 -0.21 7.11
CA TYR A 158 -1.13 -0.26 8.57
C TYR A 158 -2.56 -0.56 9.02
N SER A 159 -2.81 -1.85 9.21
CA SER A 159 -4.13 -2.29 9.65
C SER A 159 -4.00 -3.11 10.94
N LYS A 160 -4.11 -2.40 12.06
CA LYS A 160 -4.01 -3.04 13.36
C LYS A 160 -4.04 -1.97 14.45
N ASN A 161 -3.55 -2.35 15.62
CA ASN A 161 -3.52 -1.44 16.75
C ASN A 161 -2.08 -0.94 16.95
N LYS A 162 -1.14 -1.81 16.61
CA LYS A 162 0.27 -1.48 16.74
C LYS A 162 1.11 -2.51 16.00
N TYR A 163 0.72 -2.77 14.76
CA TYR A 163 1.43 -3.74 13.94
C TYR A 163 1.58 -3.24 12.50
N TYR A 164 2.32 -3.99 11.72
CA TYR A 164 2.55 -3.64 10.33
C TYR A 164 2.38 -4.86 9.41
N TYR A 165 1.34 -4.79 8.60
CA TYR A 165 1.05 -5.88 7.67
C TYR A 165 1.85 -5.72 6.38
N PHE A 166 2.80 -6.64 6.20
CA PHE A 166 3.65 -6.61 5.02
C PHE A 166 3.53 -7.92 4.24
N PHE A 167 3.65 -7.81 2.92
CA PHE A 167 3.55 -8.96 2.05
C PHE A 167 4.33 -8.74 0.75
N GLN A 168 4.87 -9.84 0.23
CA GLN A 168 5.64 -9.77 -1.01
C GLN A 168 5.70 -11.14 -1.66
N GLY A 169 4.89 -11.31 -2.70
CA GLY A 169 4.83 -12.57 -3.42
C GLY A 169 3.53 -13.32 -3.14
N SER A 170 3.57 -14.16 -2.13
CA SER A 170 2.40 -14.94 -1.74
C SER A 170 2.44 -15.26 -0.26
N ASN A 171 3.01 -14.33 0.51
CA ASN A 171 3.12 -14.50 1.95
C ASN A 171 2.76 -13.18 2.64
N GLN A 172 1.95 -13.29 3.67
CA GLN A 172 1.51 -12.13 4.43
C GLN A 172 2.20 -12.10 5.80
N PHE A 173 3.38 -11.49 5.82
CA PHE A 173 4.14 -11.39 7.06
C PHE A 173 3.74 -10.14 7.85
N GLU A 174 3.73 -10.29 9.17
CA GLU A 174 3.37 -9.19 10.04
C GLU A 174 4.53 -8.88 11.00
N TYR A 175 4.81 -7.59 11.12
CA TYR A 175 5.89 -7.15 12.00
C TYR A 175 5.32 -6.52 13.28
N ASP A 176 6.02 -6.75 14.37
CA ASP A 176 5.60 -6.21 15.65
C ASP A 176 6.76 -5.43 16.28
N PHE A 177 6.58 -4.13 16.34
CA PHE A 177 7.60 -3.25 16.91
C PHE A 177 7.89 -3.63 18.36
N LEU A 178 6.98 -4.40 18.94
CA LEU A 178 7.13 -4.85 20.32
C LEU A 178 8.59 -5.24 20.56
N LEU A 179 9.15 -5.94 19.60
CA LEU A 179 10.52 -6.40 19.69
C LEU A 179 11.02 -6.81 18.31
N GLN A 180 10.48 -6.15 17.30
CA GLN A 180 10.85 -6.43 15.92
C GLN A 180 10.86 -7.94 15.68
N ARG A 181 9.70 -8.55 15.92
CA ARG A 181 9.55 -9.98 15.73
C ARG A 181 8.26 -10.29 14.97
N ILE A 182 8.37 -11.17 13.99
CA ILE A 182 7.23 -11.56 13.20
C ILE A 182 6.67 -12.90 13.70
N THR A 183 5.46 -12.83 14.23
CA THR A 183 4.81 -14.02 14.75
C THR A 183 3.56 -14.35 13.94
N LYS A 184 3.67 -14.14 12.63
CA LYS A 184 2.57 -14.42 11.73
C LYS A 184 3.11 -14.76 10.34
N THR A 185 2.97 -16.02 9.98
CA THR A 185 3.45 -16.48 8.68
C THR A 185 2.32 -17.19 7.93
N LEU A 186 1.52 -16.39 7.23
CA LEU A 186 0.41 -16.91 6.46
C LEU A 186 0.53 -16.43 5.01
N LYS A 187 -0.41 -16.89 4.19
CA LYS A 187 -0.43 -16.51 2.79
C LYS A 187 -1.60 -15.56 2.53
N SER A 188 -1.65 -15.05 1.31
CA SER A 188 -2.70 -14.12 0.93
C SER A 188 -4.05 -14.84 0.91
N ASN A 189 -3.99 -16.12 0.57
CA ASN A 189 -5.20 -16.94 0.52
C ASN A 189 -5.26 -17.85 1.74
N SER A 190 -5.22 -17.22 2.91
CA SER A 190 -5.27 -17.95 4.16
C SER A 190 -6.53 -17.59 4.93
N TRP A 191 -7.21 -16.57 4.45
CA TRP A 191 -8.44 -16.12 5.07
C TRP A 191 -9.62 -16.61 4.23
N PHE A 192 -9.48 -16.46 2.93
CA PHE A 192 -10.52 -16.89 2.01
C PHE A 192 -10.98 -18.31 2.32
N GLY A 193 -10.00 -19.18 2.50
CA GLY A 193 -10.28 -20.58 2.80
C GLY A 193 -9.67 -21.50 1.74
N CYS A 194 -8.37 -21.35 1.54
CA CYS A 194 -7.66 -22.16 0.56
C CYS A 194 -6.18 -22.16 0.92
N MET A 1 -8.15 -12.29 -13.96
CA MET A 1 -8.62 -13.15 -15.02
C MET A 1 -8.85 -14.58 -14.53
N GLU A 2 -9.82 -14.71 -13.63
CA GLU A 2 -10.15 -16.01 -13.08
C GLU A 2 -8.90 -16.66 -12.50
N PRO A 3 -8.34 -16.01 -11.46
CA PRO A 3 -7.13 -16.51 -10.81
C PRO A 3 -7.47 -17.71 -9.90
N ALA A 4 -6.72 -18.78 -10.11
CA ALA A 4 -6.93 -19.99 -9.33
C ALA A 4 -6.99 -19.62 -7.85
N LEU A 5 -8.23 -19.48 -7.37
CA LEU A 5 -8.44 -19.13 -5.97
C LEU A 5 -7.92 -20.26 -5.09
N CYS A 6 -8.28 -21.48 -5.45
CA CYS A 6 -7.85 -22.64 -4.69
C CYS A 6 -6.41 -22.97 -5.10
N ASP A 7 -5.54 -21.99 -4.91
CA ASP A 7 -4.13 -22.16 -5.24
C ASP A 7 -3.35 -20.91 -4.84
N PRO A 8 -2.53 -21.06 -3.77
CA PRO A 8 -1.73 -19.95 -3.27
C PRO A 8 -0.55 -19.67 -4.20
N ASN A 9 -0.85 -19.00 -5.30
CA ASN A 9 0.18 -18.66 -6.28
C ASN A 9 -0.15 -17.30 -6.91
N LEU A 10 -0.71 -16.42 -6.09
CA LEU A 10 -1.08 -15.10 -6.56
C LEU A 10 -0.19 -14.06 -5.87
N SER A 11 -0.37 -12.81 -6.30
CA SER A 11 0.40 -11.72 -5.73
C SER A 11 -0.46 -10.45 -5.67
N PHE A 12 0.07 -9.45 -4.96
CA PHE A 12 -0.64 -8.19 -4.81
C PHE A 12 0.26 -7.01 -5.18
N ASP A 13 -0.38 -5.94 -5.62
CA ASP A 13 0.34 -4.74 -6.00
C ASP A 13 0.44 -3.81 -4.80
N ALA A 14 -0.71 -3.52 -4.22
CA ALA A 14 -0.77 -2.65 -3.05
C ALA A 14 -2.04 -2.94 -2.26
N VAL A 15 -2.01 -2.56 -1.00
CA VAL A 15 -3.16 -2.78 -0.12
C VAL A 15 -3.38 -1.53 0.74
N THR A 16 -4.65 -1.24 0.98
CA THR A 16 -5.00 -0.08 1.78
C THR A 16 -6.26 -0.37 2.61
N THR A 17 -6.38 0.35 3.71
CA THR A 17 -7.52 0.18 4.60
C THR A 17 -8.41 1.41 4.56
N VAL A 18 -9.71 1.18 4.71
CA VAL A 18 -10.67 2.26 4.70
C VAL A 18 -11.74 2.01 5.77
N GLY A 19 -11.31 2.18 7.02
CA GLY A 19 -12.21 1.98 8.14
C GLY A 19 -12.01 0.60 8.76
N ASN A 20 -13.03 -0.23 8.60
CA ASN A 20 -12.99 -1.59 9.12
C ASN A 20 -12.98 -2.59 7.97
N LYS A 21 -12.69 -2.07 6.79
CA LYS A 21 -12.65 -2.90 5.60
C LYS A 21 -11.26 -2.80 4.96
N ILE A 22 -10.88 -3.85 4.26
CA ILE A 22 -9.59 -3.90 3.61
C ILE A 22 -9.78 -4.32 2.15
N PHE A 23 -9.25 -3.50 1.24
CA PHE A 23 -9.36 -3.77 -0.18
C PHE A 23 -8.01 -4.22 -0.75
N PHE A 24 -8.10 -5.07 -1.76
CA PHE A 24 -6.89 -5.58 -2.40
C PHE A 24 -6.93 -5.34 -3.91
N PHE A 25 -6.28 -4.26 -4.32
CA PHE A 25 -6.23 -3.90 -5.73
C PHE A 25 -5.11 -4.66 -6.44
N LYS A 26 -5.27 -4.79 -7.75
CA LYS A 26 -4.29 -5.49 -8.56
C LYS A 26 -4.48 -5.10 -10.03
N ASP A 27 -4.13 -3.86 -10.33
CA ASP A 27 -4.26 -3.35 -11.69
C ASP A 27 -5.66 -3.68 -12.22
N ARG A 28 -6.60 -2.83 -11.87
CA ARG A 28 -7.98 -3.02 -12.30
C ARG A 28 -8.65 -4.13 -11.49
N PHE A 29 -8.00 -5.29 -11.49
CA PHE A 29 -8.51 -6.43 -10.76
C PHE A 29 -8.19 -6.33 -9.27
N PHE A 30 -9.24 -6.31 -8.47
CA PHE A 30 -9.09 -6.21 -7.03
C PHE A 30 -9.97 -7.24 -6.30
N TRP A 31 -9.45 -7.75 -5.20
CA TRP A 31 -10.18 -8.73 -4.42
C TRP A 31 -10.79 -8.01 -3.21
N LEU A 32 -11.83 -8.62 -2.66
CA LEU A 32 -12.51 -8.04 -1.51
C LEU A 32 -12.93 -9.17 -0.57
N LYS A 33 -12.57 -8.99 0.70
CA LYS A 33 -12.90 -9.98 1.71
C LYS A 33 -12.70 -9.36 3.10
N VAL A 34 -13.81 -8.92 3.67
CA VAL A 34 -13.79 -8.31 4.99
C VAL A 34 -15.23 -8.06 5.46
N SER A 35 -15.35 -7.74 6.75
CA SER A 35 -16.64 -7.46 7.33
C SER A 35 -17.48 -8.74 7.35
N GLU A 36 -17.99 -9.11 6.17
CA GLU A 36 -18.80 -10.29 6.04
C GLU A 36 -18.94 -10.68 4.57
N ARG A 37 -17.90 -11.29 4.05
CA ARG A 37 -17.89 -11.72 2.66
C ARG A 37 -17.88 -13.25 2.56
N PRO A 38 -18.75 -13.78 1.67
CA PRO A 38 -18.85 -15.22 1.48
C PRO A 38 -17.66 -15.74 0.68
N LYS A 39 -17.22 -14.92 -0.28
CA LYS A 39 -16.10 -15.30 -1.12
C LYS A 39 -15.49 -14.04 -1.73
N THR A 40 -14.30 -14.21 -2.31
CA THR A 40 -13.62 -13.10 -2.94
C THR A 40 -14.05 -12.94 -4.40
N SER A 41 -14.33 -11.70 -4.76
CA SER A 41 -14.77 -11.40 -6.12
C SER A 41 -13.88 -10.32 -6.73
N VAL A 42 -13.68 -10.43 -8.04
CA VAL A 42 -12.85 -9.47 -8.76
C VAL A 42 -13.76 -8.46 -9.47
N ASN A 43 -13.59 -7.20 -9.11
CA ASN A 43 -14.38 -6.14 -9.71
C ASN A 43 -13.46 -4.99 -10.12
N LEU A 44 -14.07 -3.96 -10.68
CA LEU A 44 -13.32 -2.79 -11.11
C LEU A 44 -13.57 -1.63 -10.14
N ILE A 45 -12.50 -0.99 -9.73
CA ILE A 45 -12.60 0.13 -8.81
C ILE A 45 -13.39 1.26 -9.47
N SER A 46 -12.83 1.77 -10.56
CA SER A 46 -13.48 2.85 -11.29
C SER A 46 -14.99 2.65 -11.30
N SER A 47 -15.38 1.38 -11.35
CA SER A 47 -16.79 1.03 -11.37
C SER A 47 -17.56 1.87 -10.35
N LEU A 48 -16.84 2.28 -9.32
CA LEU A 48 -17.44 3.10 -8.27
C LEU A 48 -16.78 4.49 -8.27
N TRP A 49 -15.49 4.49 -7.99
CA TRP A 49 -14.74 5.73 -7.96
C TRP A 49 -14.71 6.32 -9.37
N PRO A 50 -14.78 7.67 -9.44
CA PRO A 50 -14.77 8.36 -10.72
C PRO A 50 -13.37 8.36 -11.33
N THR A 51 -12.61 9.40 -10.99
CA THR A 51 -11.26 9.53 -11.51
C THR A 51 -10.28 8.75 -10.63
N LEU A 52 -10.13 7.46 -10.95
CA LEU A 52 -9.24 6.60 -10.19
C LEU A 52 -8.41 5.76 -11.17
N PRO A 53 -7.23 5.31 -10.67
CA PRO A 53 -6.33 4.50 -11.49
C PRO A 53 -6.86 3.07 -11.63
N SER A 54 -7.46 2.59 -10.54
CA SER A 54 -8.01 1.24 -10.52
C SER A 54 -6.90 0.23 -10.28
N GLY A 55 -5.68 0.75 -10.13
CA GLY A 55 -4.53 -0.10 -9.88
C GLY A 55 -3.92 0.19 -8.51
N ILE A 56 -3.83 1.47 -8.20
CA ILE A 56 -3.27 1.89 -6.93
C ILE A 56 -2.02 1.06 -6.62
N GLU A 57 -0.89 1.56 -7.08
CA GLU A 57 0.38 0.86 -6.86
C GLU A 57 0.89 1.13 -5.45
N ALA A 58 0.29 2.13 -4.81
CA ALA A 58 0.68 2.49 -3.46
C ALA A 58 -0.36 3.47 -2.88
N ALA A 59 -1.03 3.02 -1.84
CA ALA A 59 -2.04 3.84 -1.19
C ALA A 59 -1.79 3.86 0.32
N TYR A 60 -2.27 4.91 0.96
CA TYR A 60 -2.11 5.05 2.39
C TYR A 60 -3.21 5.94 2.99
N GLU A 61 -4.04 5.34 3.82
CA GLU A 61 -5.12 6.07 4.46
C GLU A 61 -4.71 6.49 5.87
N ILE A 62 -5.16 7.68 6.23
CA ILE A 62 -4.86 8.22 7.55
C ILE A 62 -6.16 8.66 8.23
N GLU A 63 -6.33 8.22 9.46
CA GLU A 63 -7.51 8.56 10.23
C GLU A 63 -7.50 10.04 10.58
N ALA A 64 -6.42 10.46 11.22
CA ALA A 64 -6.28 11.86 11.62
C ALA A 64 -6.59 12.76 10.43
N ARG A 65 -5.83 12.56 9.36
CA ARG A 65 -6.02 13.35 8.16
C ARG A 65 -7.44 13.16 7.61
N ASN A 66 -7.96 11.96 7.81
CA ASN A 66 -9.30 11.65 7.36
C ASN A 66 -9.36 11.82 5.83
N GLN A 67 -8.25 11.49 5.19
CA GLN A 67 -8.18 11.60 3.74
C GLN A 67 -7.54 10.34 3.14
N VAL A 68 -8.09 9.91 2.02
CA VAL A 68 -7.58 8.73 1.34
C VAL A 68 -6.70 9.16 0.17
N PHE A 69 -5.60 8.45 0.00
CA PHE A 69 -4.67 8.74 -1.08
C PHE A 69 -4.49 7.53 -2.00
N LEU A 70 -4.62 7.78 -3.29
CA LEU A 70 -4.48 6.73 -4.28
C LEU A 70 -3.48 7.18 -5.35
N PHE A 71 -2.30 6.59 -5.28
CA PHE A 71 -1.25 6.92 -6.24
C PHE A 71 -1.17 5.86 -7.35
N LYS A 72 -0.59 6.27 -8.47
CA LYS A 72 -0.45 5.38 -9.60
C LYS A 72 0.28 6.11 -10.74
N ASP A 73 1.11 5.35 -11.44
CA ASP A 73 1.88 5.91 -12.54
C ASP A 73 2.60 7.17 -12.08
N ASP A 74 2.88 8.05 -13.02
CA ASP A 74 3.56 9.30 -12.72
C ASP A 74 2.54 10.39 -12.42
N LYS A 75 1.50 10.00 -11.67
CA LYS A 75 0.46 10.93 -11.31
C LYS A 75 -0.10 10.54 -9.94
N TYR A 76 -0.55 11.56 -9.21
CA TYR A 76 -1.10 11.35 -7.89
C TYR A 76 -2.61 11.63 -7.87
N TRP A 77 -3.26 11.15 -6.83
CA TRP A 77 -4.69 11.34 -6.68
C TRP A 77 -5.03 11.24 -5.19
N LEU A 78 -5.70 12.28 -4.71
CA LEU A 78 -6.10 12.33 -3.31
C LEU A 78 -7.62 12.26 -3.21
N ILE A 79 -8.09 12.00 -2.00
CA ILE A 79 -9.52 11.91 -1.76
C ILE A 79 -9.89 12.80 -0.57
N SER A 80 -10.74 13.78 -0.84
CA SER A 80 -11.17 14.70 0.20
C SER A 80 -12.70 14.72 0.28
N ASN A 81 -13.20 14.60 1.51
CA ASN A 81 -14.64 14.60 1.73
C ASN A 81 -15.27 13.43 0.95
N LEU A 82 -14.65 12.26 1.10
CA LEU A 82 -15.14 11.07 0.43
C LEU A 82 -15.33 11.38 -1.06
N ARG A 83 -14.38 12.13 -1.60
CA ARG A 83 -14.43 12.50 -3.01
C ARG A 83 -13.06 13.02 -3.46
N PRO A 84 -12.57 12.44 -4.59
CA PRO A 84 -11.28 12.83 -5.14
C PRO A 84 -11.39 14.19 -5.85
N GLU A 85 -10.22 14.72 -6.18
CA GLU A 85 -10.17 16.00 -6.86
C GLU A 85 -10.66 15.87 -8.31
N PRO A 86 -10.91 17.04 -8.94
CA PRO A 86 -11.38 17.06 -10.32
C PRO A 86 -10.25 16.73 -11.30
N ASN A 87 -9.08 17.25 -10.99
CA ASN A 87 -7.92 17.03 -11.83
C ASN A 87 -6.64 17.28 -11.01
N TYR A 88 -5.91 16.21 -10.77
CA TYR A 88 -4.67 16.30 -10.01
C TYR A 88 -3.54 15.54 -10.71
N PRO A 89 -3.27 15.96 -11.97
CA PRO A 89 -2.21 15.33 -12.76
C PRO A 89 -0.83 15.77 -12.27
N LYS A 90 -0.54 15.43 -11.03
CA LYS A 90 0.74 15.78 -10.43
C LYS A 90 1.86 15.05 -11.17
N SER A 91 3.08 15.54 -10.97
CA SER A 91 4.23 14.93 -11.60
C SER A 91 5.22 14.44 -10.53
N ILE A 92 5.60 13.18 -10.66
CA ILE A 92 6.53 12.58 -9.71
C ILE A 92 7.89 13.26 -9.84
N HIS A 93 8.24 13.57 -11.08
CA HIS A 93 9.51 14.23 -11.36
C HIS A 93 9.52 15.61 -10.71
N SER A 94 8.35 16.22 -10.69
CA SER A 94 8.21 17.55 -10.10
C SER A 94 8.37 17.47 -8.58
N PHE A 95 8.41 16.24 -8.09
CA PHE A 95 8.56 16.01 -6.66
C PHE A 95 10.03 15.94 -6.26
N GLY A 96 10.89 16.14 -7.26
CA GLY A 96 12.32 16.10 -7.03
C GLY A 96 13.01 15.18 -8.03
N PHE A 97 12.25 14.21 -8.53
CA PHE A 97 12.76 13.25 -9.49
C PHE A 97 14.07 12.62 -8.98
N PRO A 98 13.91 11.46 -8.31
CA PRO A 98 15.06 10.74 -7.78
C PRO A 98 15.83 10.03 -8.89
N ASN A 99 16.66 9.09 -8.48
CA ASN A 99 17.46 8.33 -9.43
C ASN A 99 16.60 7.97 -10.64
N PHE A 100 15.51 7.27 -10.37
CA PHE A 100 14.59 6.85 -11.42
C PHE A 100 13.22 6.47 -10.84
N VAL A 101 12.28 7.39 -11.00
CA VAL A 101 10.93 7.16 -10.50
C VAL A 101 9.99 6.93 -11.68
N LYS A 102 8.93 6.19 -11.42
CA LYS A 102 7.94 5.89 -12.44
C LYS A 102 6.84 5.01 -11.85
N LYS A 103 7.25 4.11 -10.97
CA LYS A 103 6.31 3.21 -10.31
C LYS A 103 6.73 3.03 -8.85
N ILE A 104 5.73 3.14 -7.98
CA ILE A 104 5.98 2.98 -6.56
C ILE A 104 5.58 1.56 -6.12
N ASP A 105 6.33 1.04 -5.16
CA ASP A 105 6.06 -0.29 -4.65
C ASP A 105 4.90 -0.24 -3.66
N ALA A 106 5.02 0.67 -2.70
CA ALA A 106 3.99 0.83 -1.69
C ALA A 106 4.18 2.17 -0.98
N ALA A 107 3.26 2.45 -0.08
CA ALA A 107 3.32 3.70 0.68
C ALA A 107 2.39 3.59 1.89
N VAL A 108 2.94 3.94 3.05
CA VAL A 108 2.17 3.89 4.28
C VAL A 108 2.53 5.10 5.15
N PHE A 109 1.64 5.42 6.07
CA PHE A 109 1.85 6.54 6.97
C PHE A 109 2.36 6.07 8.33
N ASN A 110 2.86 7.02 9.11
CA ASN A 110 3.37 6.71 10.43
C ASN A 110 2.99 7.83 11.40
N PRO A 111 1.99 7.53 12.27
CA PRO A 111 1.52 8.50 13.24
C PRO A 111 2.52 8.65 14.39
N ARG A 112 3.45 7.70 14.45
CA ARG A 112 4.46 7.72 15.49
C ARG A 112 5.51 8.80 15.20
N PHE A 113 5.98 8.81 13.96
CA PHE A 113 6.97 9.78 13.55
C PHE A 113 6.36 10.83 12.61
N TYR A 114 5.04 10.74 12.46
CA TYR A 114 4.32 11.67 11.60
C TYR A 114 4.96 11.73 10.21
N ARG A 115 5.47 10.59 9.77
CA ARG A 115 6.12 10.50 8.47
C ARG A 115 5.44 9.42 7.63
N THR A 116 5.67 9.51 6.32
CA THR A 116 5.10 8.53 5.40
C THR A 116 6.21 7.75 4.70
N TYR A 117 6.06 6.43 4.71
CA TYR A 117 7.04 5.56 4.08
C TYR A 117 6.74 5.39 2.59
N PHE A 118 7.82 5.33 1.82
CA PHE A 118 7.69 5.16 0.38
C PHE A 118 8.72 4.16 -0.16
N PHE A 119 8.21 3.07 -0.68
CA PHE A 119 9.07 2.03 -1.23
C PHE A 119 9.26 2.20 -2.73
N VAL A 120 10.50 2.37 -3.13
CA VAL A 120 10.82 2.55 -4.54
C VAL A 120 12.06 1.73 -4.89
N ASP A 121 11.92 0.88 -5.89
CA ASP A 121 13.02 0.04 -6.32
C ASP A 121 13.59 -0.70 -5.11
N ASN A 122 14.87 -1.07 -5.25
CA ASN A 122 15.55 -1.77 -4.17
C ASN A 122 16.10 -0.75 -3.17
N GLN A 123 15.24 0.15 -2.76
CA GLN A 123 15.62 1.18 -1.80
C GLN A 123 14.44 1.54 -0.90
N TYR A 124 14.74 2.31 0.14
CA TYR A 124 13.72 2.73 1.08
C TYR A 124 13.72 4.25 1.25
N TRP A 125 12.59 4.85 0.94
CA TRP A 125 12.44 6.29 1.05
C TRP A 125 11.39 6.58 2.12
N ARG A 126 11.39 7.83 2.58
CA ARG A 126 10.45 8.24 3.60
C ARG A 126 10.16 9.73 3.48
N TYR A 127 8.90 10.04 3.23
CA TYR A 127 8.48 11.43 3.09
C TYR A 127 7.92 11.98 4.40
N ASP A 128 7.84 13.30 4.47
CA ASP A 128 7.32 13.94 5.66
C ASP A 128 5.93 14.49 5.38
N GLU A 129 4.98 14.05 6.20
CA GLU A 129 3.60 14.48 6.05
C GLU A 129 3.39 15.85 6.73
N ARG A 130 3.82 15.93 7.97
CA ARG A 130 3.69 17.16 8.74
C ARG A 130 4.52 18.27 8.09
N ARG A 131 5.84 18.09 8.14
CA ARG A 131 6.75 19.05 7.56
C ARG A 131 6.40 19.32 6.10
N GLN A 132 6.03 18.25 5.41
CA GLN A 132 5.67 18.35 4.00
C GLN A 132 6.92 18.55 3.15
N MET A 133 8.00 17.89 3.56
CA MET A 133 9.25 17.98 2.84
C MET A 133 9.94 16.63 2.75
N MET A 134 10.12 16.17 1.51
CA MET A 134 10.76 14.89 1.28
C MET A 134 12.17 14.86 1.86
N ASP A 135 12.42 13.87 2.69
CA ASP A 135 13.72 13.72 3.33
C ASP A 135 14.81 13.90 2.26
N PRO A 136 15.88 14.65 2.67
CA PRO A 136 16.99 14.90 1.76
C PRO A 136 17.87 13.65 1.61
N GLY A 137 17.75 13.02 0.46
CA GLY A 137 18.52 11.82 0.18
C GLY A 137 18.40 10.80 1.32
N TYR A 138 17.59 9.78 1.08
CA TYR A 138 17.38 8.74 2.07
C TYR A 138 17.51 7.36 1.45
N PRO A 139 18.74 7.06 0.95
CA PRO A 139 19.00 5.77 0.33
C PRO A 139 19.12 4.67 1.39
N LYS A 140 17.98 4.35 1.99
CA LYS A 140 17.95 3.32 3.02
C LYS A 140 17.69 1.96 2.36
N LEU A 141 17.48 0.96 3.20
CA LEU A 141 17.23 -0.39 2.71
C LEU A 141 16.05 -0.99 3.47
N ILE A 142 15.13 -1.58 2.72
CA ILE A 142 13.96 -2.19 3.31
C ILE A 142 14.39 -3.30 4.26
N THR A 143 14.95 -4.35 3.68
CA THR A 143 15.42 -5.48 4.46
C THR A 143 16.14 -5.00 5.73
N LYS A 144 16.85 -3.90 5.57
CA LYS A 144 17.59 -3.33 6.69
C LYS A 144 16.60 -2.83 7.75
N ASN A 145 15.84 -1.82 7.37
CA ASN A 145 14.86 -1.24 8.26
C ASN A 145 14.04 -2.36 8.91
N PHE A 146 13.87 -3.44 8.15
CA PHE A 146 13.12 -4.59 8.63
C PHE A 146 13.60 -5.87 7.95
N GLN A 147 14.09 -6.79 8.78
CA GLN A 147 14.59 -8.06 8.29
C GLN A 147 13.49 -9.12 8.36
N GLY A 148 12.87 -9.36 7.22
CA GLY A 148 11.80 -10.34 7.14
C GLY A 148 10.97 -10.14 5.87
N ILE A 149 10.83 -8.88 5.48
CA ILE A 149 10.06 -8.54 4.30
C ILE A 149 10.97 -8.62 3.07
N GLY A 150 12.26 -8.58 3.32
CA GLY A 150 13.24 -8.65 2.24
C GLY A 150 13.57 -7.25 1.71
N PRO A 151 14.56 -7.21 0.78
CA PRO A 151 14.99 -5.95 0.19
C PRO A 151 13.95 -5.46 -0.84
N LYS A 152 13.00 -6.33 -1.14
CA LYS A 152 11.96 -6.00 -2.10
C LYS A 152 10.59 -6.23 -1.46
N ILE A 153 9.72 -5.26 -1.65
CA ILE A 153 8.38 -5.32 -1.10
C ILE A 153 7.35 -5.15 -2.23
N ASP A 154 6.19 -5.75 -2.01
CA ASP A 154 5.12 -5.67 -3.00
C ASP A 154 4.05 -4.69 -2.51
N ALA A 155 3.48 -5.02 -1.35
CA ALA A 155 2.45 -4.18 -0.76
C ALA A 155 2.64 -4.13 0.75
N VAL A 156 2.17 -3.03 1.34
CA VAL A 156 2.29 -2.85 2.77
C VAL A 156 1.23 -1.85 3.24
N PHE A 157 0.62 -2.16 4.37
CA PHE A 157 -0.42 -1.30 4.92
C PHE A 157 -0.41 -1.37 6.45
N TYR A 158 -1.13 -0.44 7.06
CA TYR A 158 -1.22 -0.38 8.50
C TYR A 158 -2.68 -0.30 8.97
N SER A 159 -3.30 -1.46 9.07
CA SER A 159 -4.68 -1.54 9.49
C SER A 159 -4.77 -2.17 10.89
N LYS A 160 -3.62 -2.61 11.38
CA LYS A 160 -3.54 -3.21 12.69
C LYS A 160 -3.68 -2.14 13.77
N ASN A 161 -3.37 -2.52 14.99
CA ASN A 161 -3.45 -1.60 16.11
C ASN A 161 -2.06 -1.03 16.39
N LYS A 162 -1.06 -1.87 16.22
CA LYS A 162 0.31 -1.47 16.47
C LYS A 162 1.25 -2.44 15.74
N TYR A 163 0.92 -2.71 14.49
CA TYR A 163 1.72 -3.61 13.68
C TYR A 163 1.70 -3.20 12.20
N TYR A 164 2.70 -3.68 11.47
CA TYR A 164 2.81 -3.36 10.06
C TYR A 164 2.93 -4.64 9.22
N TYR A 165 1.92 -4.85 8.38
CA TYR A 165 1.90 -6.03 7.52
C TYR A 165 2.56 -5.74 6.19
N PHE A 166 2.99 -6.81 5.53
CA PHE A 166 3.64 -6.68 4.23
C PHE A 166 3.32 -7.87 3.34
N PHE A 167 3.17 -7.58 2.05
CA PHE A 167 2.87 -8.61 1.08
C PHE A 167 3.98 -8.75 0.04
N GLN A 168 4.57 -9.94 0.01
CA GLN A 168 5.66 -10.21 -0.92
C GLN A 168 5.57 -11.65 -1.43
N GLY A 169 5.12 -11.77 -2.67
CA GLY A 169 4.98 -13.07 -3.29
C GLY A 169 3.65 -13.73 -2.89
N SER A 170 3.70 -14.47 -1.79
CA SER A 170 2.51 -15.15 -1.30
C SER A 170 2.64 -15.40 0.20
N ASN A 171 3.22 -14.43 0.89
CA ASN A 171 3.41 -14.53 2.32
C ASN A 171 3.23 -13.15 2.96
N GLN A 172 2.47 -13.15 4.04
CA GLN A 172 2.20 -11.90 4.75
C GLN A 172 3.10 -11.79 5.99
N PHE A 173 4.00 -10.82 5.93
CA PHE A 173 4.91 -10.60 7.04
C PHE A 173 4.51 -9.37 7.85
N GLU A 174 4.51 -9.54 9.17
CA GLU A 174 4.14 -8.47 10.07
C GLU A 174 5.34 -8.08 10.94
N TYR A 175 5.59 -6.78 10.98
CA TYR A 175 6.70 -6.26 11.78
C TYR A 175 6.20 -5.69 13.11
N ASP A 176 6.59 -6.37 14.18
CA ASP A 176 6.20 -5.94 15.52
C ASP A 176 7.30 -5.06 16.11
N PHE A 177 7.05 -3.76 16.10
CA PHE A 177 8.01 -2.81 16.65
C PHE A 177 8.25 -3.07 18.13
N LEU A 178 7.36 -3.85 18.72
CA LEU A 178 7.47 -4.18 20.13
C LEU A 178 8.92 -4.51 20.47
N LEU A 179 9.64 -4.99 19.45
CA LEU A 179 11.03 -5.35 19.63
C LEU A 179 11.62 -5.76 18.27
N GLN A 180 11.16 -5.08 17.23
CA GLN A 180 11.62 -5.37 15.88
C GLN A 180 11.67 -6.88 15.65
N ARG A 181 10.57 -7.53 15.94
CA ARG A 181 10.48 -8.97 15.77
C ARG A 181 9.28 -9.32 14.89
N ILE A 182 9.57 -10.00 13.78
CA ILE A 182 8.53 -10.41 12.86
C ILE A 182 8.10 -11.85 13.18
N THR A 183 6.86 -11.98 13.62
CA THR A 183 6.32 -13.28 13.95
C THR A 183 4.90 -13.42 13.41
N LYS A 184 4.78 -13.33 12.10
CA LYS A 184 3.49 -13.44 11.45
C LYS A 184 3.70 -13.78 9.97
N THR A 185 3.29 -14.99 9.61
CA THR A 185 3.43 -15.44 8.24
C THR A 185 2.13 -16.10 7.77
N LEU A 186 1.19 -15.27 7.37
CA LEU A 186 -0.09 -15.76 6.89
C LEU A 186 -0.01 -16.03 5.39
N LYS A 187 -0.90 -16.88 4.92
CA LYS A 187 -0.95 -17.24 3.51
C LYS A 187 -1.93 -16.32 2.78
N SER A 188 -1.50 -15.83 1.63
CA SER A 188 -2.33 -14.94 0.83
C SER A 188 -3.78 -15.41 0.89
N ASN A 189 -3.96 -16.72 0.81
CA ASN A 189 -5.29 -17.30 0.85
C ASN A 189 -5.45 -18.09 2.15
N SER A 190 -5.58 -17.36 3.25
CA SER A 190 -5.74 -17.97 4.55
C SER A 190 -7.16 -17.72 5.07
N TRP A 191 -7.84 -16.79 4.42
CA TRP A 191 -9.20 -16.45 4.80
C TRP A 191 -10.15 -17.09 3.78
N PHE A 192 -9.88 -16.79 2.52
CA PHE A 192 -10.70 -17.32 1.44
C PHE A 192 -11.09 -18.77 1.71
N GLY A 193 -10.09 -19.56 2.09
CA GLY A 193 -10.32 -20.97 2.39
C GLY A 193 -9.50 -21.86 1.45
N CYS A 194 -8.20 -21.61 1.44
CA CYS A 194 -7.30 -22.39 0.59
C CYS A 194 -5.88 -21.89 0.83
N MET A 1 -14.23 -14.71 -10.95
CA MET A 1 -12.97 -15.25 -11.44
C MET A 1 -12.66 -16.60 -10.78
N GLU A 2 -12.00 -17.45 -11.54
CA GLU A 2 -11.63 -18.77 -11.02
C GLU A 2 -10.18 -19.09 -11.38
N PRO A 3 -9.25 -18.33 -10.74
CA PRO A 3 -7.84 -18.52 -10.98
C PRO A 3 -7.33 -19.79 -10.29
N ALA A 4 -7.24 -19.71 -8.96
CA ALA A 4 -6.78 -20.84 -8.18
C ALA A 4 -7.68 -20.99 -6.95
N LEU A 5 -7.82 -19.91 -6.20
CA LEU A 5 -8.64 -19.91 -5.01
C LEU A 5 -8.35 -21.19 -4.21
N CYS A 6 -7.13 -21.66 -4.32
CA CYS A 6 -6.72 -22.86 -3.62
C CYS A 6 -5.23 -23.11 -3.91
N ASP A 7 -4.48 -22.02 -3.94
CA ASP A 7 -3.05 -22.12 -4.22
C ASP A 7 -2.41 -20.74 -4.03
N PRO A 8 -1.34 -20.70 -3.19
CA PRO A 8 -0.64 -19.45 -2.93
C PRO A 8 0.24 -19.05 -4.12
N ASN A 9 -0.43 -18.59 -5.17
CA ASN A 9 0.28 -18.17 -6.38
C ASN A 9 -0.32 -16.85 -6.87
N LEU A 10 -0.96 -16.15 -5.95
CA LEU A 10 -1.57 -14.87 -6.29
C LEU A 10 -0.69 -13.74 -5.76
N SER A 11 -0.86 -12.57 -6.36
CA SER A 11 -0.09 -11.40 -5.96
C SER A 11 -1.00 -10.17 -5.90
N PHE A 12 -0.61 -9.23 -5.06
CA PHE A 12 -1.38 -8.01 -4.90
C PHE A 12 -0.56 -6.78 -5.33
N ASP A 13 -1.27 -5.68 -5.54
CA ASP A 13 -0.62 -4.45 -5.95
C ASP A 13 -0.37 -3.57 -4.72
N ALA A 14 -1.44 -3.18 -4.07
CA ALA A 14 -1.35 -2.35 -2.88
C ALA A 14 -2.55 -2.63 -1.97
N VAL A 15 -2.30 -2.54 -0.68
CA VAL A 15 -3.35 -2.77 0.30
C VAL A 15 -3.39 -1.60 1.28
N THR A 16 -4.60 -1.29 1.73
CA THR A 16 -4.79 -0.19 2.68
C THR A 16 -5.83 -0.57 3.73
N THR A 17 -5.87 0.22 4.79
CA THR A 17 -6.82 -0.02 5.87
C THR A 17 -7.71 1.21 6.07
N VAL A 18 -9.01 0.95 6.11
CA VAL A 18 -9.98 2.02 6.29
C VAL A 18 -11.21 1.47 7.01
N GLY A 19 -11.23 1.67 8.32
CA GLY A 19 -12.33 1.19 9.14
C GLY A 19 -12.24 -0.32 9.36
N ASN A 20 -11.03 -0.78 9.65
CA ASN A 20 -10.80 -2.19 9.89
C ASN A 20 -11.15 -2.97 8.62
N LYS A 21 -11.05 -2.29 7.49
CA LYS A 21 -11.34 -2.90 6.20
C LYS A 21 -10.05 -3.02 5.38
N ILE A 22 -9.84 -4.20 4.85
CA ILE A 22 -8.65 -4.46 4.04
C ILE A 22 -9.06 -4.55 2.57
N PHE A 23 -8.63 -3.55 1.82
CA PHE A 23 -8.94 -3.51 0.39
C PHE A 23 -7.74 -3.96 -0.44
N PHE A 24 -7.93 -5.05 -1.16
CA PHE A 24 -6.87 -5.59 -2.00
C PHE A 24 -7.08 -5.19 -3.47
N PHE A 25 -6.43 -4.09 -3.84
CA PHE A 25 -6.53 -3.59 -5.19
C PHE A 25 -5.54 -4.29 -6.11
N LYS A 26 -5.79 -4.19 -7.40
CA LYS A 26 -4.94 -4.81 -8.40
C LYS A 26 -5.41 -4.43 -9.79
N ASP A 27 -4.45 -4.28 -10.70
CA ASP A 27 -4.76 -3.92 -12.07
C ASP A 27 -5.95 -4.73 -12.55
N ARG A 28 -6.72 -4.11 -13.44
CA ARG A 28 -7.91 -4.76 -13.98
C ARG A 28 -9.01 -4.84 -12.93
N PHE A 29 -8.81 -5.75 -11.98
CA PHE A 29 -9.77 -5.93 -10.91
C PHE A 29 -9.06 -6.04 -9.55
N PHE A 30 -9.88 -6.01 -8.50
CA PHE A 30 -9.34 -6.10 -7.15
C PHE A 30 -10.06 -7.18 -6.35
N TRP A 31 -9.66 -7.33 -5.10
CA TRP A 31 -10.25 -8.32 -4.22
C TRP A 31 -10.66 -7.63 -2.93
N LEU A 32 -11.71 -8.17 -2.31
CA LEU A 32 -12.22 -7.61 -1.07
C LEU A 32 -12.59 -8.75 -0.12
N LYS A 33 -12.13 -8.63 1.11
CA LYS A 33 -12.41 -9.63 2.12
C LYS A 33 -12.29 -9.01 3.51
N VAL A 34 -13.42 -8.49 3.99
CA VAL A 34 -13.44 -7.85 5.30
C VAL A 34 -14.89 -7.46 5.63
N SER A 35 -15.06 -6.93 6.83
CA SER A 35 -16.37 -6.51 7.28
C SER A 35 -17.31 -7.72 7.38
N GLU A 36 -18.11 -7.90 6.34
CA GLU A 36 -19.05 -9.01 6.30
C GLU A 36 -19.25 -9.48 4.85
N ARG A 37 -18.25 -10.20 4.36
CA ARG A 37 -18.31 -10.71 3.00
C ARG A 37 -18.44 -12.23 3.01
N PRO A 38 -18.97 -12.77 1.88
CA PRO A 38 -19.16 -14.21 1.75
C PRO A 38 -17.83 -14.91 1.50
N LYS A 39 -17.13 -14.44 0.48
CA LYS A 39 -15.84 -15.02 0.13
C LYS A 39 -14.88 -13.89 -0.27
N THR A 40 -15.07 -13.40 -1.49
CA THR A 40 -14.23 -12.33 -1.99
C THR A 40 -14.96 -11.56 -3.10
N SER A 41 -14.27 -10.57 -3.64
CA SER A 41 -14.83 -9.75 -4.69
C SER A 41 -13.92 -9.76 -5.93
N VAL A 42 -14.55 -9.74 -7.09
CA VAL A 42 -13.81 -9.76 -8.34
C VAL A 42 -14.46 -8.79 -9.32
N ASN A 43 -14.36 -7.50 -9.00
CA ASN A 43 -14.94 -6.48 -9.85
C ASN A 43 -13.83 -5.50 -10.28
N LEU A 44 -14.22 -4.56 -11.13
CA LEU A 44 -13.28 -3.56 -11.62
C LEU A 44 -13.37 -2.31 -10.77
N ILE A 45 -12.26 -1.58 -10.71
CA ILE A 45 -12.20 -0.37 -9.92
C ILE A 45 -13.15 0.67 -10.53
N SER A 46 -12.84 1.08 -11.74
CA SER A 46 -13.66 2.05 -12.44
C SER A 46 -15.14 1.73 -12.26
N SER A 47 -15.41 0.44 -12.09
CA SER A 47 -16.77 -0.01 -11.90
C SER A 47 -17.42 0.73 -10.73
N LEU A 48 -16.63 0.92 -9.69
CA LEU A 48 -17.10 1.61 -8.50
C LEU A 48 -16.69 3.08 -8.57
N TRP A 49 -15.45 3.34 -8.16
CA TRP A 49 -14.93 4.68 -8.17
C TRP A 49 -15.18 5.28 -9.56
N PRO A 50 -15.30 6.63 -9.58
CA PRO A 50 -15.55 7.34 -10.82
C PRO A 50 -14.28 7.40 -11.69
N THR A 51 -13.49 8.45 -11.44
CA THR A 51 -12.25 8.63 -12.18
C THR A 51 -11.07 8.17 -11.34
N LEU A 52 -10.69 6.91 -11.54
CA LEU A 52 -9.57 6.34 -10.82
C LEU A 52 -8.71 5.52 -11.77
N PRO A 53 -7.38 5.51 -11.49
CA PRO A 53 -6.44 4.77 -12.33
C PRO A 53 -6.54 3.27 -12.05
N SER A 54 -6.09 2.49 -13.04
CA SER A 54 -6.13 1.05 -12.92
C SER A 54 -4.73 0.53 -12.57
N GLY A 55 -4.71 -0.48 -11.70
CA GLY A 55 -3.45 -1.08 -11.28
C GLY A 55 -2.69 -0.13 -10.36
N ILE A 56 -3.34 0.24 -9.27
CA ILE A 56 -2.72 1.14 -8.30
C ILE A 56 -1.42 0.51 -7.79
N GLU A 57 -0.41 1.36 -7.62
CA GLU A 57 0.87 0.90 -7.13
C GLU A 57 0.91 0.96 -5.60
N ALA A 58 0.57 2.12 -5.08
CA ALA A 58 0.56 2.32 -3.64
C ALA A 58 -0.79 2.92 -3.22
N ALA A 59 -1.04 2.85 -1.92
CA ALA A 59 -2.29 3.39 -1.37
C ALA A 59 -2.08 3.75 0.09
N TYR A 60 -2.55 4.93 0.45
CA TYR A 60 -2.42 5.41 1.82
C TYR A 60 -3.65 6.25 2.22
N GLU A 61 -4.62 5.57 2.81
CA GLU A 61 -5.83 6.22 3.25
C GLU A 61 -5.65 6.78 4.66
N ILE A 62 -6.57 7.67 5.03
CA ILE A 62 -6.52 8.29 6.34
C ILE A 62 -7.93 8.72 6.76
N GLU A 63 -8.46 8.03 7.75
CA GLU A 63 -9.80 8.34 8.25
C GLU A 63 -9.80 9.66 9.00
N ALA A 64 -8.71 9.88 9.74
CA ALA A 64 -8.58 11.10 10.53
C ALA A 64 -9.03 12.30 9.68
N ARG A 65 -8.74 12.20 8.39
CA ARG A 65 -9.11 13.26 7.47
C ARG A 65 -10.24 12.80 6.56
N ASN A 66 -10.40 11.49 6.48
CA ASN A 66 -11.44 10.92 5.64
C ASN A 66 -11.11 11.16 4.17
N GLN A 67 -9.85 10.93 3.84
CA GLN A 67 -9.39 11.12 2.47
C GLN A 67 -8.98 9.78 1.85
N VAL A 68 -8.72 9.81 0.56
CA VAL A 68 -8.32 8.62 -0.16
C VAL A 68 -7.19 8.97 -1.14
N PHE A 69 -5.99 8.55 -0.79
CA PHE A 69 -4.83 8.81 -1.63
C PHE A 69 -4.41 7.56 -2.39
N LEU A 70 -4.23 7.73 -3.69
CA LEU A 70 -3.83 6.62 -4.55
C LEU A 70 -2.49 6.95 -5.20
N PHE A 71 -1.85 5.90 -5.71
CA PHE A 71 -0.56 6.06 -6.36
C PHE A 71 -0.49 5.22 -7.65
N LYS A 72 0.08 5.84 -8.68
CA LYS A 72 0.21 5.17 -9.96
C LYS A 72 1.19 5.96 -10.84
N ASP A 73 2.20 5.26 -11.31
CA ASP A 73 3.21 5.88 -12.17
C ASP A 73 3.78 7.11 -11.46
N ASP A 74 4.23 8.06 -12.27
CA ASP A 74 4.79 9.29 -11.74
C ASP A 74 3.68 10.32 -11.55
N LYS A 75 2.55 9.83 -11.04
CA LYS A 75 1.41 10.70 -10.80
C LYS A 75 0.53 10.09 -9.70
N TYR A 76 -0.20 10.96 -9.02
CA TYR A 76 -1.07 10.53 -7.94
C TYR A 76 -2.40 11.30 -7.98
N TRP A 77 -3.47 10.58 -7.68
CA TRP A 77 -4.79 11.17 -7.67
C TRP A 77 -5.19 11.42 -6.21
N LEU A 78 -6.10 12.37 -6.04
CA LEU A 78 -6.57 12.70 -4.71
C LEU A 78 -8.09 12.49 -4.63
N ILE A 79 -8.50 11.80 -3.58
CA ILE A 79 -9.91 11.53 -3.37
C ILE A 79 -10.30 11.90 -1.94
N SER A 80 -10.79 13.13 -1.80
CA SER A 80 -11.20 13.62 -0.50
C SER A 80 -12.72 13.49 -0.35
N ASN A 81 -13.13 13.01 0.82
CA ASN A 81 -14.54 12.83 1.10
C ASN A 81 -15.14 11.86 0.08
N LEU A 82 -14.39 10.79 -0.18
CA LEU A 82 -14.84 9.79 -1.13
C LEU A 82 -15.18 10.45 -2.47
N ARG A 83 -14.39 11.46 -2.80
CA ARG A 83 -14.58 12.19 -4.04
C ARG A 83 -13.26 12.70 -4.57
N PRO A 84 -13.00 12.42 -5.88
CA PRO A 84 -11.76 12.85 -6.52
C PRO A 84 -11.80 14.35 -6.82
N GLU A 85 -10.63 14.88 -7.13
CA GLU A 85 -10.51 16.29 -7.44
C GLU A 85 -10.91 16.55 -8.89
N PRO A 86 -11.13 17.85 -9.21
CA PRO A 86 -11.51 18.25 -10.55
C PRO A 86 -10.32 18.18 -11.50
N ASN A 87 -9.70 17.02 -11.56
CA ASN A 87 -8.54 16.82 -12.41
C ASN A 87 -7.28 17.27 -11.69
N TYR A 88 -6.54 16.29 -11.18
CA TYR A 88 -5.32 16.57 -10.46
C TYR A 88 -4.14 15.77 -11.03
N PRO A 89 -3.79 16.10 -12.29
CA PRO A 89 -2.69 15.42 -12.96
C PRO A 89 -1.34 15.89 -12.42
N LYS A 90 -1.18 15.75 -11.12
CA LYS A 90 0.06 16.16 -10.46
C LYS A 90 1.08 15.03 -10.58
N SER A 91 2.26 15.29 -10.02
CA SER A 91 3.33 14.31 -10.05
C SER A 91 4.19 14.42 -8.79
N ILE A 92 4.55 13.27 -8.25
CA ILE A 92 5.37 13.23 -7.06
C ILE A 92 6.70 13.93 -7.33
N HIS A 93 7.00 14.09 -8.61
CA HIS A 93 8.24 14.74 -9.02
C HIS A 93 8.26 16.17 -8.47
N SER A 94 7.09 16.78 -8.45
CA SER A 94 6.95 18.14 -7.96
C SER A 94 7.33 18.21 -6.48
N PHE A 95 7.47 17.03 -5.88
CA PHE A 95 7.82 16.94 -4.48
C PHE A 95 9.33 16.74 -4.30
N GLY A 96 10.08 17.35 -5.20
CA GLY A 96 11.53 17.25 -5.16
C GLY A 96 12.06 16.44 -6.35
N PHE A 97 11.38 15.34 -6.62
CA PHE A 97 11.77 14.48 -7.73
C PHE A 97 13.23 14.05 -7.59
N PRO A 98 13.42 12.83 -7.00
CA PRO A 98 14.76 12.30 -6.80
C PRO A 98 15.34 11.79 -8.12
N ASN A 99 16.39 10.98 -7.99
CA ASN A 99 17.05 10.42 -9.16
C ASN A 99 16.90 8.90 -9.12
N PHE A 100 15.67 8.45 -8.94
CA PHE A 100 15.39 7.02 -8.88
C PHE A 100 13.91 6.77 -8.63
N VAL A 101 13.08 7.61 -9.21
CA VAL A 101 11.64 7.49 -9.05
C VAL A 101 11.00 7.23 -10.41
N LYS A 102 9.82 6.65 -10.37
CA LYS A 102 9.08 6.34 -11.59
C LYS A 102 7.88 5.45 -11.25
N LYS A 103 8.10 4.57 -10.29
CA LYS A 103 7.03 3.66 -9.87
C LYS A 103 7.23 3.32 -8.39
N ILE A 104 6.17 3.51 -7.63
CA ILE A 104 6.21 3.23 -6.21
C ILE A 104 5.72 1.79 -5.96
N ASP A 105 6.35 1.15 -4.98
CA ASP A 105 6.00 -0.21 -4.64
C ASP A 105 4.82 -0.21 -3.65
N ALA A 106 4.99 0.60 -2.61
CA ALA A 106 3.95 0.71 -1.59
C ALA A 106 4.13 2.03 -0.83
N ALA A 107 3.11 2.37 -0.05
CA ALA A 107 3.15 3.60 0.72
C ALA A 107 2.34 3.40 2.00
N VAL A 108 3.02 3.57 3.13
CA VAL A 108 2.37 3.41 4.42
C VAL A 108 2.63 4.66 5.26
N PHE A 109 1.72 4.90 6.20
CA PHE A 109 1.82 6.06 7.07
C PHE A 109 2.35 5.66 8.45
N ASN A 110 2.95 6.63 9.13
CA ASN A 110 3.49 6.38 10.45
C ASN A 110 3.24 7.61 11.34
N PRO A 111 2.14 7.54 12.13
CA PRO A 111 1.78 8.64 13.01
C PRO A 111 2.69 8.67 14.24
N ARG A 112 3.46 7.59 14.39
CA ARG A 112 4.37 7.49 15.51
C ARG A 112 5.60 8.38 15.28
N PHE A 113 5.87 8.64 14.01
CA PHE A 113 7.01 9.47 13.64
C PHE A 113 6.57 10.63 12.74
N TYR A 114 5.26 10.73 12.55
CA TYR A 114 4.70 11.78 11.72
C TYR A 114 5.34 11.78 10.33
N ARG A 115 5.74 10.59 9.89
CA ARG A 115 6.37 10.45 8.59
C ARG A 115 5.71 9.32 7.81
N THR A 116 6.00 9.29 6.51
CA THR A 116 5.44 8.27 5.64
C THR A 116 6.56 7.55 4.89
N TYR A 117 6.47 6.23 4.89
CA TYR A 117 7.47 5.42 4.21
C TYR A 117 7.19 5.36 2.70
N PHE A 118 8.27 5.41 1.93
CA PHE A 118 8.16 5.35 0.49
C PHE A 118 9.08 4.28 -0.10
N PHE A 119 8.45 3.26 -0.66
CA PHE A 119 9.19 2.16 -1.26
C PHE A 119 9.30 2.34 -2.77
N VAL A 120 10.55 2.42 -3.23
CA VAL A 120 10.81 2.59 -4.66
C VAL A 120 12.09 1.83 -5.02
N ASP A 121 11.97 1.04 -6.09
CA ASP A 121 13.11 0.26 -6.56
C ASP A 121 13.70 -0.52 -5.38
N ASN A 122 14.99 -0.83 -5.51
CA ASN A 122 15.69 -1.57 -4.47
C ASN A 122 16.26 -0.58 -3.45
N GLN A 123 15.41 0.32 -3.00
CA GLN A 123 15.82 1.32 -2.03
C GLN A 123 14.65 1.67 -1.10
N TYR A 124 14.99 2.23 0.05
CA TYR A 124 13.98 2.61 1.03
C TYR A 124 14.00 4.13 1.26
N TRP A 125 12.95 4.77 0.77
CA TRP A 125 12.82 6.21 0.92
C TRP A 125 11.74 6.50 1.96
N ARG A 126 11.86 7.66 2.60
CA ARG A 126 10.91 8.06 3.62
C ARG A 126 10.74 9.58 3.62
N TYR A 127 9.50 10.00 3.50
CA TYR A 127 9.18 11.42 3.48
C TYR A 127 8.56 11.86 4.80
N ASP A 128 8.50 13.17 4.99
CA ASP A 128 7.93 13.73 6.21
C ASP A 128 6.59 14.38 5.88
N GLU A 129 5.57 13.99 6.64
CA GLU A 129 4.23 14.54 6.44
C GLU A 129 4.06 15.83 7.24
N ARG A 130 4.60 15.82 8.46
CA ARG A 130 4.51 16.98 9.33
C ARG A 130 5.38 18.11 8.78
N ARG A 131 6.68 17.86 8.77
CA ARG A 131 7.62 18.85 8.29
C ARG A 131 7.34 19.18 6.82
N GLN A 132 7.06 18.14 6.06
CA GLN A 132 6.76 18.30 4.64
C GLN A 132 8.06 18.51 3.85
N MET A 133 9.07 17.75 4.23
CA MET A 133 10.36 17.84 3.58
C MET A 133 11.03 16.46 3.49
N MET A 134 11.01 15.91 2.28
CA MET A 134 11.61 14.61 2.06
C MET A 134 13.08 14.59 2.49
N ASP A 135 13.43 13.54 3.23
CA ASP A 135 14.79 13.40 3.71
C ASP A 135 15.76 13.57 2.54
N PRO A 136 16.89 14.28 2.83
CA PRO A 136 17.90 14.51 1.81
C PRO A 136 18.73 13.24 1.55
N GLY A 137 18.52 12.68 0.37
CA GLY A 137 19.24 11.48 -0.02
C GLY A 137 19.14 10.41 1.08
N TYR A 138 18.25 9.45 0.85
CA TYR A 138 18.06 8.37 1.80
C TYR A 138 18.02 7.01 1.10
N PRO A 139 19.16 6.66 0.46
CA PRO A 139 19.27 5.41 -0.25
C PRO A 139 19.41 4.24 0.72
N LYS A 140 18.35 4.00 1.48
CA LYS A 140 18.35 2.91 2.45
C LYS A 140 17.96 1.61 1.75
N LEU A 141 17.77 0.59 2.56
CA LEU A 141 17.39 -0.72 2.04
C LEU A 141 16.27 -1.30 2.90
N ILE A 142 15.24 -1.80 2.22
CA ILE A 142 14.10 -2.38 2.91
C ILE A 142 14.58 -3.58 3.74
N THR A 143 14.89 -4.66 3.05
CA THR A 143 15.36 -5.86 3.72
C THR A 143 16.27 -5.51 4.89
N LYS A 144 16.97 -4.39 4.73
CA LYS A 144 17.88 -3.94 5.76
C LYS A 144 17.08 -3.45 6.97
N ASN A 145 16.23 -2.47 6.70
CA ASN A 145 15.40 -1.89 7.76
C ASN A 145 14.51 -2.99 8.35
N PHE A 146 13.88 -3.75 7.46
CA PHE A 146 13.01 -4.84 7.88
C PHE A 146 13.48 -6.17 7.30
N GLN A 147 14.15 -6.95 8.14
CA GLN A 147 14.64 -8.25 7.72
C GLN A 147 13.58 -9.32 7.95
N GLY A 148 13.13 -9.91 6.86
CA GLY A 148 12.12 -10.96 6.93
C GLY A 148 11.10 -10.81 5.80
N ILE A 149 10.91 -9.58 5.38
CA ILE A 149 9.96 -9.29 4.31
C ILE A 149 10.66 -9.48 2.96
N GLY A 150 11.84 -8.88 2.84
CA GLY A 150 12.61 -8.97 1.62
C GLY A 150 13.03 -7.59 1.13
N PRO A 151 13.94 -7.59 0.12
CA PRO A 151 14.42 -6.33 -0.45
C PRO A 151 13.36 -5.70 -1.36
N LYS A 152 12.37 -6.51 -1.72
CA LYS A 152 11.30 -6.03 -2.58
C LYS A 152 9.97 -6.15 -1.83
N ILE A 153 9.18 -5.10 -1.92
CA ILE A 153 7.89 -5.06 -1.27
C ILE A 153 6.79 -4.99 -2.32
N ASP A 154 5.65 -5.59 -1.99
CA ASP A 154 4.51 -5.61 -2.90
C ASP A 154 3.44 -4.66 -2.37
N ALA A 155 2.92 -4.99 -1.20
CA ALA A 155 1.88 -4.19 -0.57
C ALA A 155 2.27 -3.92 0.89
N VAL A 156 1.86 -2.75 1.37
CA VAL A 156 2.15 -2.36 2.73
C VAL A 156 0.99 -1.53 3.28
N PHE A 157 0.50 -1.94 4.45
CA PHE A 157 -0.60 -1.26 5.08
C PHE A 157 -0.47 -1.30 6.61
N TYR A 158 -0.78 -0.16 7.23
CA TYR A 158 -0.70 -0.06 8.67
C TYR A 158 -2.07 0.27 9.28
N SER A 159 -2.53 -0.62 10.13
CA SER A 159 -3.82 -0.43 10.78
C SER A 159 -3.71 -0.74 12.27
N LYS A 160 -2.46 -0.90 12.71
CA LYS A 160 -2.20 -1.19 14.11
C LYS A 160 -1.77 0.09 14.83
N ASN A 161 -1.02 -0.10 15.90
CA ASN A 161 -0.54 1.04 16.68
C ASN A 161 0.97 1.18 16.49
N LYS A 162 1.64 0.04 16.44
CA LYS A 162 3.08 0.02 16.26
C LYS A 162 3.48 -1.23 15.47
N TYR A 163 2.65 -1.55 14.48
CA TYR A 163 2.90 -2.71 13.63
C TYR A 163 2.62 -2.39 12.17
N TYR A 164 3.39 -3.03 11.30
CA TYR A 164 3.24 -2.83 9.87
C TYR A 164 3.09 -4.17 9.14
N TYR A 165 2.14 -4.20 8.21
CA TYR A 165 1.89 -5.40 7.43
C TYR A 165 2.44 -5.27 6.01
N PHE A 166 3.19 -6.28 5.61
CA PHE A 166 3.78 -6.29 4.28
C PHE A 166 3.36 -7.53 3.50
N PHE A 167 3.29 -7.37 2.19
CA PHE A 167 2.90 -8.47 1.32
C PHE A 167 3.97 -8.74 0.26
N GLN A 168 4.46 -9.97 0.26
CA GLN A 168 5.48 -10.36 -0.69
C GLN A 168 5.06 -11.63 -1.43
N GLY A 169 4.17 -11.43 -2.40
CA GLY A 169 3.67 -12.55 -3.19
C GLY A 169 2.32 -13.03 -2.67
N SER A 170 2.32 -14.25 -2.15
CA SER A 170 1.10 -14.84 -1.62
C SER A 170 1.21 -14.97 -0.09
N ASN A 171 2.24 -14.34 0.45
CA ASN A 171 2.47 -14.38 1.89
C ASN A 171 2.75 -12.96 2.40
N GLN A 172 2.07 -12.62 3.48
CA GLN A 172 2.24 -11.30 4.08
C GLN A 172 2.90 -11.42 5.46
N PHE A 173 3.87 -10.56 5.68
CA PHE A 173 4.59 -10.55 6.95
C PHE A 173 4.21 -9.32 7.78
N GLU A 174 4.30 -9.51 9.10
CA GLU A 174 3.97 -8.43 10.03
C GLU A 174 5.15 -8.14 10.95
N TYR A 175 5.89 -7.10 10.62
CA TYR A 175 7.05 -6.71 11.41
C TYR A 175 6.62 -5.94 12.66
N ASP A 176 6.97 -6.49 13.81
CA ASP A 176 6.63 -5.87 15.08
C ASP A 176 7.88 -5.20 15.67
N PHE A 177 7.64 -4.25 16.56
CA PHE A 177 8.73 -3.54 17.19
C PHE A 177 9.15 -4.22 18.50
N LEU A 178 8.32 -5.18 18.92
CA LEU A 178 8.59 -5.91 20.14
C LEU A 178 10.07 -6.36 20.14
N LEU A 179 10.55 -6.69 18.95
CA LEU A 179 11.93 -7.13 18.81
C LEU A 179 12.30 -7.15 17.32
N GLN A 180 11.70 -6.21 16.59
CA GLN A 180 11.96 -6.11 15.16
C GLN A 180 11.95 -7.50 14.51
N ARG A 181 10.82 -8.17 14.66
CA ARG A 181 10.66 -9.49 14.10
C ARG A 181 9.25 -9.67 13.51
N ILE A 182 9.04 -10.82 12.91
CA ILE A 182 7.75 -11.12 12.30
C ILE A 182 7.06 -12.22 13.12
N THR A 183 5.87 -11.89 13.62
CA THR A 183 5.11 -12.83 14.41
C THR A 183 3.86 -13.29 13.65
N LYS A 184 3.49 -12.49 12.66
CA LYS A 184 2.32 -12.78 11.85
C LYS A 184 2.77 -13.11 10.42
N THR A 185 2.20 -14.19 9.89
CA THR A 185 2.53 -14.62 8.54
C THR A 185 1.38 -15.42 7.94
N LEU A 186 0.44 -14.70 7.33
CA LEU A 186 -0.71 -15.33 6.72
C LEU A 186 -0.55 -15.31 5.20
N LYS A 187 -1.14 -16.31 4.56
CA LYS A 187 -1.06 -16.42 3.12
C LYS A 187 -2.32 -15.78 2.49
N SER A 188 -2.20 -15.44 1.22
CA SER A 188 -3.31 -14.83 0.50
C SER A 188 -4.57 -15.68 0.67
N ASN A 189 -4.39 -16.99 0.53
CA ASN A 189 -5.50 -17.91 0.66
C ASN A 189 -5.55 -18.43 2.10
N SER A 190 -5.55 -17.50 3.04
CA SER A 190 -5.59 -17.85 4.45
C SER A 190 -6.71 -17.07 5.14
N TRP A 191 -7.90 -17.14 4.56
CA TRP A 191 -9.05 -16.46 5.11
C TRP A 191 -10.27 -16.79 4.24
N PHE A 192 -10.03 -16.81 2.94
CA PHE A 192 -11.09 -17.12 2.00
C PHE A 192 -11.65 -18.52 2.23
N GLY A 193 -10.79 -19.38 2.76
CA GLY A 193 -11.19 -20.75 3.04
C GLY A 193 -10.43 -21.73 2.14
N CYS A 194 -9.14 -21.48 1.99
CA CYS A 194 -8.29 -22.33 1.17
C CYS A 194 -6.85 -22.09 1.58
N MET A 1 -6.61 -14.48 -16.27
CA MET A 1 -5.92 -14.34 -15.00
C MET A 1 -6.26 -15.50 -14.05
N GLU A 2 -7.55 -15.76 -13.94
CA GLU A 2 -8.02 -16.84 -13.07
C GLU A 2 -7.20 -16.88 -11.78
N PRO A 3 -7.57 -15.96 -10.84
CA PRO A 3 -6.89 -15.88 -9.57
C PRO A 3 -7.29 -17.02 -8.65
N ALA A 4 -6.64 -18.16 -8.85
CA ALA A 4 -6.93 -19.34 -8.05
C ALA A 4 -7.01 -18.95 -6.57
N LEU A 5 -8.23 -18.72 -6.12
CA LEU A 5 -8.45 -18.34 -4.73
C LEU A 5 -8.10 -19.51 -3.82
N CYS A 6 -8.39 -20.71 -4.31
CA CYS A 6 -8.11 -21.92 -3.55
C CYS A 6 -6.77 -22.49 -4.03
N ASP A 7 -5.75 -21.67 -3.91
CA ASP A 7 -4.41 -22.07 -4.34
C ASP A 7 -3.39 -21.06 -3.82
N PRO A 8 -2.36 -21.59 -3.12
CA PRO A 8 -1.31 -20.75 -2.57
C PRO A 8 -0.36 -20.26 -3.67
N ASN A 9 -0.78 -19.21 -4.35
CA ASN A 9 0.01 -18.64 -5.42
C ASN A 9 -0.67 -17.38 -5.95
N LEU A 10 -1.31 -16.67 -5.03
CA LEU A 10 -1.99 -15.44 -5.38
C LEU A 10 -1.14 -14.24 -4.97
N SER A 11 -1.12 -13.24 -5.84
CA SER A 11 -0.34 -12.05 -5.58
C SER A 11 -1.19 -10.80 -5.86
N PHE A 12 -0.87 -9.73 -5.14
CA PHE A 12 -1.59 -8.48 -5.29
C PHE A 12 -0.66 -7.36 -5.74
N ASP A 13 -1.27 -6.27 -6.18
CA ASP A 13 -0.51 -5.12 -6.64
C ASP A 13 -0.38 -4.11 -5.49
N ALA A 14 -1.52 -3.61 -5.06
CA ALA A 14 -1.56 -2.64 -3.98
C ALA A 14 -2.53 -3.11 -2.90
N VAL A 15 -2.37 -2.56 -1.70
CA VAL A 15 -3.22 -2.90 -0.59
C VAL A 15 -3.50 -1.66 0.25
N THR A 16 -4.76 -1.51 0.63
CA THR A 16 -5.16 -0.37 1.44
C THR A 16 -6.37 -0.72 2.30
N THR A 17 -6.56 0.04 3.37
CA THR A 17 -7.66 -0.19 4.27
C THR A 17 -8.43 1.12 4.51
N VAL A 18 -9.72 0.97 4.76
CA VAL A 18 -10.57 2.12 5.01
C VAL A 18 -11.40 1.87 6.27
N GLY A 19 -10.71 1.92 7.41
CA GLY A 19 -11.37 1.71 8.68
C GLY A 19 -11.27 0.24 9.11
N ASN A 20 -12.40 -0.45 9.03
CA ASN A 20 -12.45 -1.85 9.41
C ASN A 20 -12.59 -2.71 8.15
N LYS A 21 -12.27 -2.10 7.02
CA LYS A 21 -12.36 -2.80 5.75
C LYS A 21 -11.00 -2.72 5.03
N ILE A 22 -10.77 -3.71 4.19
CA ILE A 22 -9.53 -3.76 3.43
C ILE A 22 -9.83 -3.84 1.94
N PHE A 23 -8.79 -3.73 1.14
CA PHE A 23 -8.94 -3.78 -0.31
C PHE A 23 -7.75 -4.49 -0.95
N PHE A 24 -8.06 -5.50 -1.75
CA PHE A 24 -7.04 -6.27 -2.43
C PHE A 24 -7.05 -5.98 -3.93
N PHE A 25 -6.15 -5.10 -4.34
CA PHE A 25 -6.04 -4.73 -5.75
C PHE A 25 -5.26 -5.78 -6.53
N LYS A 26 -5.69 -6.00 -7.76
CA LYS A 26 -5.04 -6.97 -8.63
C LYS A 26 -4.35 -6.24 -9.77
N ASP A 27 -5.16 -5.59 -10.59
CA ASP A 27 -4.64 -4.84 -11.73
C ASP A 27 -5.75 -3.95 -12.29
N ARG A 28 -6.83 -4.59 -12.72
CA ARG A 28 -7.95 -3.87 -13.28
C ARG A 28 -9.15 -3.94 -12.33
N PHE A 29 -9.20 -5.03 -11.57
CA PHE A 29 -10.28 -5.23 -10.63
C PHE A 29 -9.77 -5.18 -9.19
N PHE A 30 -10.70 -4.96 -8.27
CA PHE A 30 -10.37 -4.89 -6.85
C PHE A 30 -11.17 -5.92 -6.04
N TRP A 31 -10.46 -6.60 -5.15
CA TRP A 31 -11.09 -7.60 -4.31
C TRP A 31 -11.59 -6.91 -3.04
N LEU A 32 -12.69 -7.42 -2.52
CA LEU A 32 -13.28 -6.87 -1.32
C LEU A 32 -13.49 -7.98 -0.29
N LYS A 33 -12.40 -8.34 0.37
CA LYS A 33 -12.45 -9.39 1.37
C LYS A 33 -12.37 -8.76 2.77
N VAL A 34 -13.55 -8.43 3.29
CA VAL A 34 -13.62 -7.82 4.61
C VAL A 34 -14.14 -8.86 5.61
N SER A 35 -14.24 -8.43 6.86
CA SER A 35 -14.71 -9.31 7.91
C SER A 35 -16.19 -9.63 7.70
N GLU A 36 -16.54 -10.88 7.94
CA GLU A 36 -17.91 -11.32 7.77
C GLU A 36 -18.28 -11.36 6.29
N ARG A 37 -17.34 -11.84 5.48
CA ARG A 37 -17.56 -11.94 4.05
C ARG A 37 -17.77 -13.40 3.64
N PRO A 38 -18.87 -13.62 2.86
CA PRO A 38 -19.20 -14.95 2.40
C PRO A 38 -18.27 -15.38 1.27
N LYS A 39 -17.91 -14.41 0.43
CA LYS A 39 -17.02 -14.69 -0.68
C LYS A 39 -16.32 -13.39 -1.10
N THR A 40 -15.24 -13.55 -1.85
CA THR A 40 -14.48 -12.41 -2.31
C THR A 40 -15.14 -11.77 -3.53
N SER A 41 -15.06 -10.45 -3.60
CA SER A 41 -15.65 -9.71 -4.70
C SER A 41 -14.63 -9.56 -5.83
N VAL A 42 -15.16 -9.35 -7.02
CA VAL A 42 -14.32 -9.19 -8.20
C VAL A 42 -14.93 -8.14 -9.13
N ASN A 43 -14.97 -6.91 -8.64
CA ASN A 43 -15.53 -5.82 -9.41
C ASN A 43 -14.40 -4.94 -9.93
N LEU A 44 -14.78 -3.89 -10.64
CA LEU A 44 -13.82 -2.97 -11.20
C LEU A 44 -13.79 -1.69 -10.37
N ILE A 45 -12.68 -0.98 -10.48
CA ILE A 45 -12.52 0.27 -9.73
C ILE A 45 -13.49 1.31 -10.29
N SER A 46 -13.16 1.80 -11.48
CA SER A 46 -13.98 2.81 -12.13
C SER A 46 -15.46 2.47 -11.95
N SER A 47 -15.74 1.17 -11.91
CA SER A 47 -17.10 0.70 -11.75
C SER A 47 -17.81 1.52 -10.67
N LEU A 48 -17.11 1.71 -9.56
CA LEU A 48 -17.66 2.47 -8.44
C LEU A 48 -17.12 3.90 -8.50
N TRP A 49 -15.87 4.05 -8.08
CA TRP A 49 -15.24 5.36 -8.09
C TRP A 49 -15.52 6.02 -9.43
N PRO A 50 -15.62 7.38 -9.40
CA PRO A 50 -15.88 8.13 -10.61
C PRO A 50 -14.63 8.22 -11.49
N THR A 51 -13.69 9.04 -11.05
CA THR A 51 -12.45 9.22 -11.78
C THR A 51 -11.27 8.64 -10.99
N LEU A 52 -10.96 7.39 -11.30
CA LEU A 52 -9.87 6.70 -10.64
C LEU A 52 -9.05 5.93 -11.67
N PRO A 53 -7.71 5.94 -11.47
CA PRO A 53 -6.79 5.25 -12.37
C PRO A 53 -6.85 3.74 -12.15
N SER A 54 -6.44 3.01 -13.17
CA SER A 54 -6.44 1.55 -13.11
C SER A 54 -5.00 1.03 -13.03
N GLY A 55 -4.85 -0.12 -12.40
CA GLY A 55 -3.54 -0.73 -12.26
C GLY A 55 -2.71 0.00 -11.20
N ILE A 56 -3.36 0.28 -10.08
CA ILE A 56 -2.70 0.97 -8.98
C ILE A 56 -1.47 0.16 -8.55
N GLU A 57 -0.34 0.85 -8.46
CA GLU A 57 0.90 0.21 -8.04
C GLU A 57 1.05 0.28 -6.53
N ALA A 58 0.63 1.41 -5.97
CA ALA A 58 0.71 1.61 -4.54
C ALA A 58 -0.60 2.23 -4.03
N ALA A 59 -0.85 2.04 -2.74
CA ALA A 59 -2.05 2.56 -2.13
C ALA A 59 -1.75 2.97 -0.68
N TYR A 60 -1.72 4.27 -0.46
CA TYR A 60 -1.44 4.80 0.87
C TYR A 60 -2.72 5.29 1.54
N GLU A 61 -2.76 5.15 2.86
CA GLU A 61 -3.91 5.57 3.63
C GLU A 61 -3.53 6.69 4.59
N ILE A 62 -4.24 7.80 4.47
CA ILE A 62 -3.99 8.95 5.32
C ILE A 62 -4.97 8.96 6.49
N GLU A 63 -4.73 8.06 7.43
CA GLU A 63 -5.59 7.95 8.59
C GLU A 63 -5.43 9.18 9.49
N ALA A 64 -5.81 10.33 8.95
CA ALA A 64 -5.72 11.58 9.68
C ALA A 64 -6.96 12.42 9.39
N ARG A 65 -7.04 12.88 8.15
CA ARG A 65 -8.16 13.70 7.72
C ARG A 65 -9.25 12.83 7.09
N ASN A 66 -9.08 11.52 7.23
CA ASN A 66 -10.03 10.58 6.67
C ASN A 66 -10.09 10.75 5.16
N GLN A 67 -9.09 10.17 4.49
CA GLN A 67 -9.02 10.24 3.05
C GLN A 67 -8.31 9.02 2.48
N VAL A 68 -8.50 8.80 1.19
CA VAL A 68 -7.88 7.67 0.52
C VAL A 68 -6.91 8.18 -0.55
N PHE A 69 -5.73 7.59 -0.56
CA PHE A 69 -4.71 7.97 -1.53
C PHE A 69 -4.26 6.77 -2.36
N LEU A 70 -4.03 7.01 -3.63
CA LEU A 70 -3.59 5.96 -4.53
C LEU A 70 -2.33 6.42 -5.26
N PHE A 71 -1.71 5.47 -5.96
CA PHE A 71 -0.50 5.76 -6.70
C PHE A 71 -0.53 5.07 -8.08
N LYS A 72 0.03 5.77 -9.06
CA LYS A 72 0.08 5.24 -10.41
C LYS A 72 1.09 6.04 -11.23
N ASP A 73 2.13 5.35 -11.68
CA ASP A 73 3.17 5.97 -12.46
C ASP A 73 3.73 7.18 -11.71
N ASP A 74 4.19 8.16 -12.46
CA ASP A 74 4.76 9.36 -11.87
C ASP A 74 3.64 10.37 -11.63
N LYS A 75 2.51 9.86 -11.16
CA LYS A 75 1.36 10.71 -10.88
C LYS A 75 0.48 10.04 -9.82
N TYR A 76 -0.23 10.87 -9.08
CA TYR A 76 -1.11 10.38 -8.03
C TYR A 76 -2.41 11.18 -7.98
N TRP A 77 -3.45 10.53 -7.46
CA TRP A 77 -4.75 11.17 -7.35
C TRP A 77 -5.09 11.30 -5.86
N LEU A 78 -6.06 12.15 -5.57
CA LEU A 78 -6.49 12.37 -4.21
C LEU A 78 -8.02 12.43 -4.15
N ILE A 79 -8.58 11.75 -3.17
CA ILE A 79 -10.02 11.72 -3.01
C ILE A 79 -10.39 12.31 -1.64
N SER A 80 -11.09 13.43 -1.68
CA SER A 80 -11.51 14.09 -0.46
C SER A 80 -13.04 14.10 -0.36
N ASN A 81 -13.52 13.77 0.82
CA ASN A 81 -14.96 13.73 1.07
C ASN A 81 -15.62 12.79 0.05
N LEU A 82 -15.00 11.62 -0.11
CA LEU A 82 -15.51 10.63 -1.03
C LEU A 82 -15.67 11.26 -2.41
N ARG A 83 -14.86 12.27 -2.66
CA ARG A 83 -14.89 12.96 -3.94
C ARG A 83 -13.48 13.36 -4.38
N PRO A 84 -13.13 12.96 -5.63
CA PRO A 84 -11.83 13.28 -6.17
C PRO A 84 -11.72 14.75 -6.57
N GLU A 85 -10.49 15.19 -6.81
CA GLU A 85 -10.26 16.56 -7.20
C GLU A 85 -10.64 16.77 -8.66
N PRO A 86 -10.88 18.07 -9.01
CA PRO A 86 -11.26 18.42 -10.37
C PRO A 86 -10.05 18.36 -11.31
N ASN A 87 -9.46 17.18 -11.38
CA ASN A 87 -8.30 16.97 -12.23
C ASN A 87 -7.04 17.36 -11.46
N TYR A 88 -6.33 16.34 -11.00
CA TYR A 88 -5.10 16.55 -10.25
C TYR A 88 -3.95 15.73 -10.83
N PRO A 89 -3.56 16.09 -12.08
CA PRO A 89 -2.47 15.38 -12.75
C PRO A 89 -1.12 15.79 -12.17
N LYS A 90 -1.00 15.64 -10.86
CA LYS A 90 0.23 15.99 -10.18
C LYS A 90 1.25 14.86 -10.36
N SER A 91 2.44 15.07 -9.80
CA SER A 91 3.50 14.08 -9.91
C SER A 91 4.33 14.09 -8.62
N ILE A 92 4.63 12.89 -8.14
CA ILE A 92 5.42 12.75 -6.93
C ILE A 92 6.80 13.36 -7.15
N HIS A 93 7.13 13.55 -8.42
CA HIS A 93 8.41 14.13 -8.79
C HIS A 93 8.44 15.61 -8.40
N SER A 94 7.31 16.26 -8.58
CA SER A 94 7.19 17.67 -8.25
C SER A 94 7.40 17.87 -6.74
N PHE A 95 7.43 16.77 -6.02
CA PHE A 95 7.62 16.81 -4.58
C PHE A 95 9.10 16.60 -4.22
N GLY A 96 9.92 16.52 -5.25
CA GLY A 96 11.35 16.33 -5.06
C GLY A 96 11.99 15.74 -6.31
N PHE A 97 11.58 14.52 -6.63
CA PHE A 97 12.13 13.84 -7.80
C PHE A 97 13.65 13.71 -7.71
N PRO A 98 14.08 12.52 -7.21
CA PRO A 98 15.51 12.26 -7.06
C PRO A 98 16.15 11.95 -8.42
N ASN A 99 15.31 11.96 -9.44
CA ASN A 99 15.78 11.68 -10.79
C ASN A 99 16.06 10.19 -10.94
N PHE A 100 15.13 9.39 -10.44
CA PHE A 100 15.27 7.95 -10.51
C PHE A 100 13.90 7.26 -10.36
N VAL A 101 13.12 7.76 -9.42
CA VAL A 101 11.81 7.20 -9.17
C VAL A 101 11.05 7.07 -10.50
N LYS A 102 9.91 6.40 -10.44
CA LYS A 102 9.09 6.20 -11.62
C LYS A 102 7.81 5.45 -11.23
N LYS A 103 7.97 4.54 -10.27
CA LYS A 103 6.85 3.74 -9.81
C LYS A 103 7.07 3.39 -8.34
N ILE A 104 6.01 3.59 -7.55
CA ILE A 104 6.08 3.29 -6.13
C ILE A 104 5.44 1.93 -5.87
N ASP A 105 6.01 1.21 -4.92
CA ASP A 105 5.51 -0.11 -4.58
C ASP A 105 4.32 0.05 -3.62
N ALA A 106 4.52 0.85 -2.59
CA ALA A 106 3.48 1.09 -1.61
C ALA A 106 3.88 2.26 -0.72
N ALA A 107 2.93 2.70 0.11
CA ALA A 107 3.18 3.80 1.01
C ALA A 107 2.26 3.67 2.23
N VAL A 108 2.86 3.79 3.40
CA VAL A 108 2.11 3.69 4.64
C VAL A 108 2.32 4.96 5.46
N PHE A 109 1.39 5.20 6.38
CA PHE A 109 1.46 6.37 7.24
C PHE A 109 2.07 6.02 8.59
N ASN A 110 2.66 7.02 9.21
CA ASN A 110 3.29 6.84 10.51
C ASN A 110 2.96 8.03 11.41
N PRO A 111 1.86 7.87 12.21
CA PRO A 111 1.43 8.92 13.10
C PRO A 111 2.35 9.01 14.33
N ARG A 112 3.12 7.94 14.53
CA ARG A 112 4.04 7.89 15.65
C ARG A 112 5.27 8.76 15.37
N PHE A 113 5.72 8.71 14.13
CA PHE A 113 6.88 9.49 13.73
C PHE A 113 6.48 10.64 12.81
N TYR A 114 5.17 10.89 12.77
CA TYR A 114 4.65 11.96 11.94
C TYR A 114 5.33 11.99 10.57
N ARG A 115 5.37 10.83 9.94
CA ARG A 115 5.99 10.71 8.63
C ARG A 115 5.33 9.58 7.83
N THR A 116 5.75 9.47 6.57
CA THR A 116 5.20 8.45 5.70
C THR A 116 6.34 7.71 4.99
N TYR A 117 6.23 6.39 4.99
CA TYR A 117 7.23 5.55 4.34
C TYR A 117 7.01 5.50 2.83
N PHE A 118 8.10 5.64 2.10
CA PHE A 118 8.05 5.61 0.64
C PHE A 118 8.95 4.50 0.09
N PHE A 119 8.31 3.44 -0.36
CA PHE A 119 9.04 2.31 -0.93
C PHE A 119 9.25 2.49 -2.44
N VAL A 120 10.50 2.58 -2.81
CA VAL A 120 10.85 2.75 -4.22
C VAL A 120 12.13 1.98 -4.52
N ASP A 121 12.08 1.21 -5.60
CA ASP A 121 13.23 0.42 -6.01
C ASP A 121 13.71 -0.42 -4.82
N ASN A 122 14.99 -0.77 -4.86
CA ASN A 122 15.59 -1.56 -3.80
C ASN A 122 16.10 -0.63 -2.70
N GLN A 123 15.23 0.27 -2.29
CA GLN A 123 15.58 1.23 -1.25
C GLN A 123 14.35 1.55 -0.40
N TYR A 124 14.61 2.13 0.78
CA TYR A 124 13.55 2.49 1.69
C TYR A 124 13.51 4.01 1.91
N TRP A 125 12.80 4.69 1.04
CA TRP A 125 12.69 6.13 1.13
C TRP A 125 11.59 6.45 2.15
N ARG A 126 11.68 7.66 2.71
CA ARG A 126 10.71 8.09 3.70
C ARG A 126 10.61 9.62 3.71
N TYR A 127 9.39 10.11 3.57
CA TYR A 127 9.14 11.54 3.57
C TYR A 127 8.52 11.99 4.88
N ASP A 128 8.32 13.30 4.98
CA ASP A 128 7.72 13.88 6.18
C ASP A 128 6.42 14.60 5.80
N GLU A 129 5.36 14.27 6.53
CA GLU A 129 4.07 14.87 6.29
C GLU A 129 3.94 16.20 7.04
N ARG A 130 4.27 16.14 8.32
CA ARG A 130 4.20 17.32 9.17
C ARG A 130 5.11 18.42 8.62
N ARG A 131 6.40 18.13 8.63
CA ARG A 131 7.38 19.08 8.13
C ARG A 131 7.15 19.37 6.65
N GLN A 132 6.80 18.32 5.92
CA GLN A 132 6.53 18.45 4.50
C GLN A 132 7.84 18.69 3.74
N MET A 133 8.84 17.88 4.07
CA MET A 133 10.13 17.99 3.44
C MET A 133 10.79 16.62 3.27
N MET A 134 10.84 16.17 2.02
CA MET A 134 11.43 14.88 1.72
C MET A 134 12.88 14.81 2.20
N ASP A 135 13.18 13.75 2.93
CA ASP A 135 14.51 13.55 3.46
C ASP A 135 15.53 13.63 2.32
N PRO A 136 16.64 14.36 2.57
CA PRO A 136 17.68 14.52 1.57
C PRO A 136 18.52 13.24 1.45
N GLY A 137 18.40 12.60 0.29
CA GLY A 137 19.13 11.38 0.03
C GLY A 137 18.95 10.38 1.18
N TYR A 138 18.08 9.41 0.95
CA TYR A 138 17.81 8.39 1.95
C TYR A 138 17.79 7.00 1.32
N PRO A 139 18.96 6.59 0.76
CA PRO A 139 19.07 5.29 0.12
C PRO A 139 19.16 4.18 1.16
N LYS A 140 18.05 4.01 1.88
CA LYS A 140 17.99 2.98 2.92
C LYS A 140 17.71 1.62 2.27
N LEU A 141 17.44 0.65 3.11
CA LEU A 141 17.15 -0.69 2.64
C LEU A 141 15.97 -1.27 3.43
N ILE A 142 15.08 -1.94 2.71
CA ILE A 142 13.91 -2.54 3.33
C ILE A 142 14.35 -3.71 4.21
N THR A 143 14.73 -4.80 3.54
CA THR A 143 15.17 -5.99 4.24
C THR A 143 15.99 -5.61 5.48
N LYS A 144 16.69 -4.49 5.36
CA LYS A 144 17.51 -4.01 6.46
C LYS A 144 16.61 -3.52 7.59
N ASN A 145 15.95 -2.40 7.33
CA ASN A 145 15.05 -1.82 8.32
C ASN A 145 14.12 -2.90 8.87
N PHE A 146 13.50 -3.62 7.94
CA PHE A 146 12.59 -4.69 8.32
C PHE A 146 13.08 -6.04 7.79
N GLN A 147 13.74 -6.77 8.69
CA GLN A 147 14.27 -8.08 8.33
C GLN A 147 13.12 -9.08 8.14
N GLY A 148 13.37 -10.07 7.29
CA GLY A 148 12.38 -11.08 7.00
C GLY A 148 11.26 -10.53 6.12
N ILE A 149 11.66 -9.72 5.15
CA ILE A 149 10.71 -9.12 4.24
C ILE A 149 11.22 -9.24 2.80
N GLY A 150 12.34 -8.57 2.56
CA GLY A 150 12.95 -8.59 1.24
C GLY A 150 13.48 -7.21 0.86
N PRO A 151 14.35 -7.20 -0.19
CA PRO A 151 14.93 -5.96 -0.67
C PRO A 151 13.91 -5.14 -1.47
N LYS A 152 12.87 -5.84 -1.91
CA LYS A 152 11.82 -5.21 -2.69
C LYS A 152 10.46 -5.55 -2.07
N ILE A 153 9.57 -4.55 -2.09
CA ILE A 153 8.24 -4.74 -1.53
C ILE A 153 7.22 -4.71 -2.67
N ASP A 154 6.06 -5.29 -2.40
CA ASP A 154 4.99 -5.33 -3.39
C ASP A 154 3.86 -4.42 -2.94
N ALA A 155 3.52 -4.53 -1.66
CA ALA A 155 2.45 -3.72 -1.10
C ALA A 155 2.57 -3.73 0.43
N VAL A 156 2.08 -2.65 1.02
CA VAL A 156 2.12 -2.51 2.47
C VAL A 156 1.07 -1.49 2.92
N PHE A 157 0.41 -1.81 4.03
CA PHE A 157 -0.60 -0.93 4.58
C PHE A 157 -0.73 -1.10 6.08
N TYR A 158 -1.17 -0.03 6.73
CA TYR A 158 -1.34 -0.05 8.18
C TYR A 158 -2.82 -0.20 8.55
N SER A 159 -3.20 -1.45 8.82
CA SER A 159 -4.57 -1.74 9.18
C SER A 159 -4.64 -2.12 10.66
N LYS A 160 -3.49 -2.51 11.20
CA LYS A 160 -3.41 -2.89 12.60
C LYS A 160 -3.31 -1.65 13.47
N ASN A 161 -2.99 -1.86 14.74
CA ASN A 161 -2.86 -0.77 15.69
C ASN A 161 -1.40 -0.31 15.72
N LYS A 162 -0.51 -1.29 15.72
CA LYS A 162 0.92 -1.01 15.75
C LYS A 162 1.68 -2.20 15.18
N TYR A 163 1.38 -2.51 13.93
CA TYR A 163 2.03 -3.62 13.25
C TYR A 163 2.20 -3.33 11.76
N TYR A 164 3.19 -4.00 11.17
CA TYR A 164 3.47 -3.83 9.76
C TYR A 164 3.29 -5.14 8.99
N TYR A 165 2.41 -5.08 7.99
CA TYR A 165 2.14 -6.26 7.18
C TYR A 165 2.72 -6.10 5.77
N PHE A 166 3.85 -6.75 5.54
CA PHE A 166 4.50 -6.69 4.26
C PHE A 166 4.28 -7.98 3.46
N PHE A 167 4.38 -7.85 2.14
CA PHE A 167 4.19 -8.99 1.27
C PHE A 167 4.93 -8.80 -0.06
N GLN A 168 5.34 -9.91 -0.65
CA GLN A 168 6.07 -9.88 -1.90
C GLN A 168 6.06 -11.27 -2.56
N GLY A 169 4.87 -11.70 -2.95
CA GLY A 169 4.72 -12.99 -3.58
C GLY A 169 3.48 -13.72 -3.05
N SER A 170 3.59 -14.18 -1.81
CA SER A 170 2.49 -14.89 -1.18
C SER A 170 2.81 -15.15 0.30
N ASN A 171 3.22 -14.08 0.97
CA ASN A 171 3.56 -14.17 2.37
C ASN A 171 3.34 -12.81 3.04
N GLN A 172 2.52 -12.81 4.08
CA GLN A 172 2.22 -11.58 4.80
C GLN A 172 2.91 -11.60 6.17
N PHE A 173 4.09 -11.00 6.21
CA PHE A 173 4.84 -10.94 7.45
C PHE A 173 4.37 -9.78 8.33
N GLU A 174 4.22 -10.08 9.61
CA GLU A 174 3.77 -9.09 10.57
C GLU A 174 4.92 -8.68 11.49
N TYR A 175 5.31 -7.42 11.39
CA TYR A 175 6.38 -6.90 12.20
C TYR A 175 5.84 -6.07 13.36
N ASP A 176 6.62 -6.03 14.44
CA ASP A 176 6.23 -5.28 15.62
C ASP A 176 7.48 -4.66 16.26
N PHE A 177 7.24 -3.69 17.12
CA PHE A 177 8.32 -3.00 17.80
C PHE A 177 8.75 -3.78 19.06
N LEU A 178 7.97 -4.80 19.38
CA LEU A 178 8.26 -5.62 20.53
C LEU A 178 9.75 -5.96 20.57
N LEU A 179 10.29 -6.17 19.38
CA LEU A 179 11.70 -6.51 19.26
C LEU A 179 12.08 -6.55 17.78
N GLN A 180 11.47 -5.65 17.01
CA GLN A 180 11.74 -5.57 15.59
C GLN A 180 11.87 -6.97 15.00
N ARG A 181 10.85 -7.79 15.24
CA ARG A 181 10.85 -9.15 14.73
C ARG A 181 9.45 -9.52 14.23
N ILE A 182 9.42 -10.54 13.37
CA ILE A 182 8.16 -11.00 12.81
C ILE A 182 7.51 -11.99 13.79
N THR A 183 6.19 -11.92 13.85
CA THR A 183 5.43 -12.79 14.74
C THR A 183 4.41 -13.60 13.94
N LYS A 184 3.79 -12.94 12.97
CA LYS A 184 2.80 -13.58 12.14
C LYS A 184 3.36 -13.74 10.72
N THR A 185 3.21 -14.95 10.19
CA THR A 185 3.70 -15.25 8.86
C THR A 185 2.66 -16.06 8.08
N LEU A 186 1.52 -15.43 7.84
CA LEU A 186 0.45 -16.09 7.11
C LEU A 186 0.60 -15.80 5.61
N LYS A 187 -0.31 -16.37 4.85
CA LYS A 187 -0.30 -16.18 3.40
C LYS A 187 -1.45 -15.25 3.00
N SER A 188 -1.36 -14.76 1.77
CA SER A 188 -2.39 -13.86 1.26
C SER A 188 -3.76 -14.55 1.34
N ASN A 189 -3.80 -15.79 0.90
CA ASN A 189 -5.03 -16.55 0.92
C ASN A 189 -5.16 -17.28 2.27
N SER A 190 -5.09 -16.50 3.33
CA SER A 190 -5.19 -17.05 4.67
C SER A 190 -6.56 -16.72 5.27
N TRP A 191 -7.19 -15.70 4.71
CA TRP A 191 -8.50 -15.27 5.18
C TRP A 191 -9.56 -15.96 4.33
N PHE A 192 -9.42 -15.78 3.01
CA PHE A 192 -10.36 -16.39 2.09
C PHE A 192 -10.76 -17.79 2.54
N GLY A 193 -9.75 -18.59 2.83
CA GLY A 193 -9.98 -19.96 3.28
C GLY A 193 -9.27 -20.96 2.37
N CYS A 194 -7.94 -20.83 2.34
CA CYS A 194 -7.13 -21.71 1.52
C CYS A 194 -5.66 -21.35 1.75
N MET A 1 -4.77 -14.58 -15.90
CA MET A 1 -5.90 -13.72 -16.20
C MET A 1 -7.15 -14.19 -15.45
N GLU A 2 -6.93 -14.71 -14.26
CA GLU A 2 -8.03 -15.20 -13.44
C GLU A 2 -7.63 -15.21 -11.97
N PRO A 3 -8.67 -15.20 -11.09
CA PRO A 3 -8.44 -15.19 -9.65
C PRO A 3 -8.01 -16.58 -9.17
N ALA A 4 -8.14 -16.79 -7.87
CA ALA A 4 -7.77 -18.07 -7.27
C ALA A 4 -8.36 -18.14 -5.86
N LEU A 5 -7.94 -17.21 -5.02
CA LEU A 5 -8.41 -17.18 -3.64
C LEU A 5 -8.39 -18.59 -3.06
N CYS A 6 -7.19 -19.06 -2.79
CA CYS A 6 -7.02 -20.39 -2.23
C CYS A 6 -5.52 -20.66 -2.07
N ASP A 7 -4.90 -21.04 -3.16
CA ASP A 7 -3.48 -21.33 -3.16
C ASP A 7 -2.71 -20.07 -3.55
N PRO A 8 -1.36 -20.14 -3.36
CA PRO A 8 -0.50 -19.01 -3.70
C PRO A 8 -0.31 -18.90 -5.21
N ASN A 9 -1.43 -18.70 -5.90
CA ASN A 9 -1.40 -18.58 -7.35
C ASN A 9 -1.75 -17.13 -7.73
N LEU A 10 -2.32 -16.42 -6.77
CA LEU A 10 -2.72 -15.04 -7.00
C LEU A 10 -1.74 -14.12 -6.27
N SER A 11 -1.78 -12.85 -6.66
CA SER A 11 -0.92 -11.86 -6.05
C SER A 11 -1.65 -10.51 -5.94
N PHE A 12 -0.94 -9.53 -5.40
CA PHE A 12 -1.51 -8.21 -5.23
C PHE A 12 -0.52 -7.13 -5.68
N ASP A 13 -1.04 -5.91 -5.79
CA ASP A 13 -0.21 -4.78 -6.20
C ASP A 13 -0.21 -3.73 -5.09
N ALA A 14 -1.40 -3.31 -4.71
CA ALA A 14 -1.55 -2.31 -3.66
C ALA A 14 -2.61 -2.77 -2.67
N VAL A 15 -2.47 -2.31 -1.44
CA VAL A 15 -3.41 -2.66 -0.39
C VAL A 15 -3.49 -1.51 0.63
N THR A 16 -4.70 -1.00 0.78
CA THR A 16 -4.92 0.10 1.70
C THR A 16 -5.95 -0.30 2.77
N THR A 17 -5.76 0.22 3.97
CA THR A 17 -6.66 -0.07 5.07
C THR A 17 -7.69 1.05 5.23
N VAL A 18 -8.91 0.65 5.55
CA VAL A 18 -9.98 1.60 5.73
C VAL A 18 -10.81 1.20 6.96
N GLY A 19 -10.75 2.04 7.97
CA GLY A 19 -11.48 1.79 9.20
C GLY A 19 -11.05 0.46 9.83
N ASN A 20 -11.63 -0.62 9.31
CA ASN A 20 -11.32 -1.95 9.81
C ASN A 20 -11.39 -2.95 8.66
N LYS A 21 -11.00 -2.48 7.49
CA LYS A 21 -11.02 -3.33 6.30
C LYS A 21 -9.77 -3.06 5.47
N ILE A 22 -9.54 -3.93 4.50
CA ILE A 22 -8.39 -3.78 3.62
C ILE A 22 -8.82 -4.07 2.18
N PHE A 23 -8.53 -3.10 1.32
CA PHE A 23 -8.88 -3.23 -0.09
C PHE A 23 -7.79 -3.96 -0.86
N PHE A 24 -8.20 -5.00 -1.57
CA PHE A 24 -7.27 -5.80 -2.35
C PHE A 24 -7.28 -5.36 -3.82
N PHE A 25 -6.13 -4.88 -4.26
CA PHE A 25 -6.00 -4.43 -5.64
C PHE A 25 -5.04 -5.33 -6.42
N LYS A 26 -5.31 -5.46 -7.71
CA LYS A 26 -4.48 -6.28 -8.57
C LYS A 26 -4.08 -5.48 -9.81
N ASP A 27 -5.07 -5.22 -10.65
CA ASP A 27 -4.84 -4.46 -11.87
C ASP A 27 -6.04 -3.57 -12.15
N ARG A 28 -7.15 -4.21 -12.49
CA ARG A 28 -8.38 -3.48 -12.78
C ARG A 28 -9.40 -3.70 -11.66
N PHE A 29 -9.77 -4.95 -11.47
CA PHE A 29 -10.73 -5.30 -10.43
C PHE A 29 -10.06 -5.37 -9.06
N PHE A 30 -10.89 -5.51 -8.04
CA PHE A 30 -10.39 -5.59 -6.67
C PHE A 30 -11.21 -6.59 -5.84
N TRP A 31 -10.61 -7.06 -4.77
CA TRP A 31 -11.27 -8.01 -3.90
C TRP A 31 -11.61 -7.30 -2.59
N LEU A 32 -12.72 -7.72 -2.00
CA LEU A 32 -13.16 -7.12 -0.74
C LEU A 32 -13.67 -8.22 0.18
N LYS A 33 -12.81 -8.63 1.11
CA LYS A 33 -13.16 -9.66 2.05
C LYS A 33 -12.32 -9.50 3.33
N VAL A 34 -12.97 -9.03 4.38
CA VAL A 34 -12.30 -8.81 5.64
C VAL A 34 -13.34 -8.66 6.75
N SER A 35 -12.85 -8.54 7.98
CA SER A 35 -13.72 -8.39 9.13
C SER A 35 -14.56 -9.65 9.31
N GLU A 36 -15.64 -9.72 8.54
CA GLU A 36 -16.54 -10.86 8.61
C GLU A 36 -17.28 -11.03 7.28
N ARG A 37 -16.54 -11.49 6.28
CA ARG A 37 -17.12 -11.70 4.96
C ARG A 37 -17.29 -13.19 4.69
N PRO A 38 -18.37 -13.53 3.93
CA PRO A 38 -18.66 -14.91 3.60
C PRO A 38 -17.70 -15.42 2.51
N LYS A 39 -17.62 -14.65 1.43
CA LYS A 39 -16.75 -15.00 0.32
C LYS A 39 -16.18 -13.73 -0.30
N THR A 40 -15.13 -13.91 -1.08
CA THR A 40 -14.47 -12.80 -1.74
C THR A 40 -15.30 -12.33 -2.94
N SER A 41 -14.80 -11.28 -3.58
CA SER A 41 -15.49 -10.72 -4.74
C SER A 41 -14.47 -10.16 -5.72
N VAL A 42 -14.97 -9.71 -6.87
CA VAL A 42 -14.12 -9.14 -7.89
C VAL A 42 -14.87 -8.01 -8.60
N ASN A 43 -14.81 -6.83 -7.99
CA ASN A 43 -15.47 -5.67 -8.55
C ASN A 43 -14.43 -4.78 -9.25
N LEU A 44 -14.94 -3.85 -10.04
CA LEU A 44 -14.08 -2.93 -10.76
C LEU A 44 -14.19 -1.53 -10.13
N ILE A 45 -13.03 -0.92 -9.94
CA ILE A 45 -12.98 0.41 -9.35
C ILE A 45 -13.74 1.39 -10.25
N SER A 46 -13.18 1.62 -11.43
CA SER A 46 -13.79 2.52 -12.39
C SER A 46 -15.31 2.39 -12.34
N SER A 47 -15.76 1.14 -12.27
CA SER A 47 -17.19 0.86 -12.22
C SER A 47 -17.90 1.90 -11.36
N LEU A 48 -17.20 2.32 -10.31
CA LEU A 48 -17.75 3.31 -9.40
C LEU A 48 -17.05 4.65 -9.61
N TRP A 49 -15.81 4.71 -9.12
CA TRP A 49 -15.02 5.91 -9.25
C TRP A 49 -14.94 6.27 -10.74
N PRO A 50 -15.22 7.56 -11.03
CA PRO A 50 -15.20 8.05 -12.40
C PRO A 50 -13.75 8.23 -12.89
N THR A 51 -13.15 9.32 -12.45
CA THR A 51 -11.78 9.62 -12.82
C THR A 51 -10.80 8.93 -11.87
N LEU A 52 -10.47 7.70 -12.22
CA LEU A 52 -9.55 6.92 -11.41
C LEU A 52 -8.65 6.09 -12.32
N PRO A 53 -7.32 6.14 -12.04
CA PRO A 53 -6.35 5.40 -12.82
C PRO A 53 -6.40 3.91 -12.48
N SER A 54 -6.74 3.63 -11.23
CA SER A 54 -6.83 2.25 -10.77
C SER A 54 -5.47 1.58 -10.90
N GLY A 55 -5.48 0.27 -10.71
CA GLY A 55 -4.25 -0.51 -10.80
C GLY A 55 -3.14 0.12 -9.97
N ILE A 56 -3.55 0.92 -8.99
CA ILE A 56 -2.59 1.59 -8.12
C ILE A 56 -1.59 0.56 -7.59
N GLU A 57 -0.32 0.97 -7.60
CA GLU A 57 0.74 0.10 -7.13
C GLU A 57 0.95 0.30 -5.62
N ALA A 58 0.76 1.53 -5.19
CA ALA A 58 0.91 1.87 -3.78
C ALA A 58 -0.29 2.68 -3.31
N ALA A 59 -1.13 2.03 -2.51
CA ALA A 59 -2.32 2.68 -1.99
C ALA A 59 -2.20 2.81 -0.47
N TYR A 60 -2.25 4.03 0.00
CA TYR A 60 -2.16 4.31 1.42
C TYR A 60 -3.17 5.36 1.86
N GLU A 61 -4.10 4.94 2.70
CA GLU A 61 -5.13 5.84 3.20
C GLU A 61 -4.63 6.58 4.44
N ILE A 62 -5.50 7.45 4.96
CA ILE A 62 -5.16 8.22 6.15
C ILE A 62 -6.44 8.53 6.92
N GLU A 63 -6.61 7.82 8.03
CA GLU A 63 -7.78 8.02 8.86
C GLU A 63 -7.53 9.14 9.88
N ALA A 64 -7.76 10.36 9.41
CA ALA A 64 -7.56 11.53 10.26
C ALA A 64 -8.33 12.72 9.67
N ARG A 65 -7.95 13.08 8.46
CA ARG A 65 -8.60 14.18 7.78
C ARG A 65 -9.77 13.68 6.94
N ASN A 66 -9.83 12.37 6.78
CA ASN A 66 -10.89 11.76 6.01
C ASN A 66 -10.60 11.93 4.52
N GLN A 67 -9.38 11.54 4.13
CA GLN A 67 -8.97 11.65 2.74
C GLN A 67 -8.25 10.37 2.31
N VAL A 68 -8.50 9.98 1.06
CA VAL A 68 -7.88 8.79 0.51
C VAL A 68 -6.80 9.19 -0.48
N PHE A 69 -5.80 8.33 -0.61
CA PHE A 69 -4.70 8.58 -1.52
C PHE A 69 -4.42 7.36 -2.40
N LEU A 70 -4.34 7.62 -3.69
CA LEU A 70 -4.07 6.54 -4.64
C LEU A 70 -2.95 6.98 -5.60
N PHE A 71 -1.84 6.27 -5.50
CA PHE A 71 -0.69 6.57 -6.34
C PHE A 71 -0.62 5.62 -7.54
N LYS A 72 -0.02 6.12 -8.61
CA LYS A 72 0.12 5.32 -9.83
C LYS A 72 1.05 6.05 -10.80
N ASP A 73 2.04 5.31 -11.27
CA ASP A 73 3.01 5.88 -12.21
C ASP A 73 3.66 7.11 -11.59
N ASP A 74 4.04 8.03 -12.45
CA ASP A 74 4.68 9.26 -12.00
C ASP A 74 3.60 10.32 -11.74
N LYS A 75 2.50 9.87 -11.16
CA LYS A 75 1.40 10.77 -10.85
C LYS A 75 0.60 10.19 -9.68
N TYR A 76 -0.03 11.08 -8.93
CA TYR A 76 -0.83 10.68 -7.79
C TYR A 76 -2.09 11.54 -7.68
N TRP A 77 -3.23 10.89 -7.86
CA TRP A 77 -4.51 11.58 -7.77
C TRP A 77 -4.95 11.57 -6.31
N LEU A 78 -5.83 12.52 -5.99
CA LEU A 78 -6.35 12.63 -4.64
C LEU A 78 -7.87 12.58 -4.67
N ILE A 79 -8.43 12.04 -3.59
CA ILE A 79 -9.87 11.91 -3.48
C ILE A 79 -10.31 12.35 -2.08
N SER A 80 -11.37 13.14 -2.04
CA SER A 80 -11.90 13.63 -0.78
C SER A 80 -13.28 13.02 -0.53
N ASN A 81 -13.32 12.08 0.41
CA ASN A 81 -14.57 11.42 0.76
C ASN A 81 -14.92 10.40 -0.32
N LEU A 82 -15.07 10.91 -1.54
CA LEU A 82 -15.41 10.05 -2.66
C LEU A 82 -15.06 10.78 -3.97
N ARG A 83 -15.70 11.92 -4.16
CA ARG A 83 -15.48 12.72 -5.35
C ARG A 83 -14.08 13.32 -5.33
N PRO A 84 -13.30 13.00 -6.40
CA PRO A 84 -11.94 13.49 -6.53
C PRO A 84 -11.93 14.98 -6.91
N GLU A 85 -10.72 15.51 -7.06
CA GLU A 85 -10.56 16.90 -7.42
C GLU A 85 -10.78 17.10 -8.92
N PRO A 86 -11.05 18.38 -9.30
CA PRO A 86 -11.28 18.70 -10.71
C PRO A 86 -9.97 18.70 -11.49
N ASN A 87 -9.36 17.52 -11.57
CA ASN A 87 -8.11 17.37 -12.29
C ASN A 87 -6.96 17.83 -11.40
N TYR A 88 -6.17 16.87 -10.95
CA TYR A 88 -5.03 17.17 -10.10
C TYR A 88 -3.76 16.50 -10.62
N PRO A 89 -3.33 16.96 -11.83
CA PRO A 89 -2.13 16.42 -12.44
C PRO A 89 -0.86 16.94 -11.76
N LYS A 90 -0.66 16.47 -10.53
CA LYS A 90 0.50 16.88 -9.75
C LYS A 90 1.69 16.02 -10.15
N SER A 91 2.85 16.39 -9.61
CA SER A 91 4.08 15.67 -9.90
C SER A 91 4.85 15.43 -8.60
N ILE A 92 5.26 14.17 -8.42
CA ILE A 92 6.02 13.80 -7.23
C ILE A 92 7.36 14.55 -7.23
N HIS A 93 7.96 14.63 -8.40
CA HIS A 93 9.24 15.31 -8.54
C HIS A 93 9.12 16.73 -8.01
N SER A 94 7.94 17.29 -8.15
CA SER A 94 7.68 18.64 -7.69
C SER A 94 7.71 18.68 -6.15
N PHE A 95 7.78 17.50 -5.57
CA PHE A 95 7.81 17.39 -4.12
C PHE A 95 8.46 16.07 -3.69
N GLY A 96 9.58 15.75 -4.33
CA GLY A 96 10.29 14.53 -4.02
C GLY A 96 11.73 14.58 -4.55
N PHE A 97 11.84 14.94 -5.82
CA PHE A 97 13.15 15.04 -6.46
C PHE A 97 14.09 13.94 -5.95
N PRO A 98 13.67 12.67 -6.20
CA PRO A 98 14.46 11.53 -5.77
C PRO A 98 15.69 11.33 -6.68
N ASN A 99 16.26 10.15 -6.60
CA ASN A 99 17.43 9.83 -7.41
C ASN A 99 16.98 9.32 -8.78
N PHE A 100 15.77 8.76 -8.80
CA PHE A 100 15.22 8.23 -10.03
C PHE A 100 13.95 7.41 -9.76
N VAL A 101 12.85 8.12 -9.59
CA VAL A 101 11.58 7.48 -9.31
C VAL A 101 10.88 7.15 -10.64
N LYS A 102 9.87 6.30 -10.54
CA LYS A 102 9.11 5.90 -11.72
C LYS A 102 7.93 5.04 -11.29
N LYS A 103 8.22 4.10 -10.41
CA LYS A 103 7.19 3.20 -9.91
C LYS A 103 7.51 2.81 -8.46
N ILE A 104 6.47 2.87 -7.63
CA ILE A 104 6.63 2.52 -6.23
C ILE A 104 6.10 1.11 -5.99
N ASP A 105 6.73 0.43 -5.05
CA ASP A 105 6.34 -0.93 -4.71
C ASP A 105 5.11 -0.88 -3.80
N ALA A 106 5.21 -0.08 -2.75
CA ALA A 106 4.12 0.06 -1.80
C ALA A 106 4.26 1.39 -1.06
N ALA A 107 3.22 1.75 -0.33
CA ALA A 107 3.21 2.99 0.42
C ALA A 107 2.29 2.83 1.64
N VAL A 108 2.79 3.26 2.78
CA VAL A 108 2.02 3.18 4.02
C VAL A 108 2.34 4.39 4.89
N PHE A 109 1.39 4.74 5.75
CA PHE A 109 1.55 5.87 6.63
C PHE A 109 1.99 5.41 8.03
N ASN A 110 2.71 6.29 8.71
CA ASN A 110 3.19 5.99 10.04
C ASN A 110 2.68 7.05 11.02
N PRO A 111 1.74 6.61 11.91
CA PRO A 111 1.16 7.52 12.88
C PRO A 111 2.15 7.79 14.02
N ARG A 112 3.24 7.03 14.02
CA ARG A 112 4.25 7.18 15.04
C ARG A 112 5.07 8.45 14.79
N PHE A 113 5.51 8.61 13.56
CA PHE A 113 6.30 9.78 13.18
C PHE A 113 5.58 10.57 12.09
N TYR A 114 4.29 10.32 11.95
CA TYR A 114 3.49 11.01 10.95
C TYR A 114 4.24 11.09 9.61
N ARG A 115 4.98 10.02 9.32
CA ARG A 115 5.73 9.96 8.08
C ARG A 115 5.10 8.94 7.12
N THR A 116 5.71 8.84 5.95
CA THR A 116 5.22 7.91 4.94
C THR A 116 6.38 7.12 4.33
N TYR A 117 6.16 5.82 4.21
CA TYR A 117 7.18 4.95 3.64
C TYR A 117 6.94 4.72 2.15
N PHE A 118 7.99 4.96 1.37
CA PHE A 118 7.91 4.78 -0.07
C PHE A 118 8.97 3.81 -0.57
N PHE A 119 8.50 2.71 -1.13
CA PHE A 119 9.40 1.70 -1.65
C PHE A 119 9.55 1.80 -3.17
N VAL A 120 10.79 1.80 -3.62
CA VAL A 120 11.08 1.90 -5.04
C VAL A 120 12.33 1.08 -5.36
N ASP A 121 12.21 0.28 -6.43
CA ASP A 121 13.31 -0.56 -6.85
C ASP A 121 13.86 -1.32 -5.65
N ASN A 122 15.14 -1.65 -5.73
CA ASN A 122 15.80 -2.38 -4.65
C ASN A 122 16.35 -1.38 -3.64
N GLN A 123 15.52 -0.41 -3.28
CA GLN A 123 15.90 0.60 -2.33
C GLN A 123 14.70 1.02 -1.48
N TYR A 124 14.95 1.95 -0.56
CA TYR A 124 13.90 2.44 0.32
C TYR A 124 14.04 3.94 0.55
N TRP A 125 12.90 4.58 0.80
CA TRP A 125 12.88 6.01 1.04
C TRP A 125 11.89 6.29 2.17
N ARG A 126 11.99 7.49 2.71
CA ARG A 126 11.10 7.89 3.80
C ARG A 126 10.85 9.40 3.74
N TYR A 127 9.63 9.74 3.36
CA TYR A 127 9.23 11.14 3.26
C TYR A 127 8.53 11.60 4.54
N ASP A 128 8.64 12.89 4.80
CA ASP A 128 8.03 13.47 5.98
C ASP A 128 6.71 14.15 5.57
N GLU A 129 5.62 13.67 6.17
CA GLU A 129 4.31 14.21 5.88
C GLU A 129 3.96 15.30 6.88
N ARG A 130 4.43 15.12 8.11
CA ARG A 130 4.18 16.08 9.16
C ARG A 130 4.98 17.37 8.91
N ARG A 131 6.16 17.19 8.35
CA ARG A 131 7.03 18.32 8.06
C ARG A 131 6.77 18.83 6.64
N GLN A 132 6.58 17.88 5.73
CA GLN A 132 6.33 18.23 4.34
C GLN A 132 7.64 18.49 3.60
N MET A 133 8.62 17.66 3.90
CA MET A 133 9.94 17.80 3.29
C MET A 133 10.67 16.45 3.27
N MET A 134 10.81 15.90 2.08
CA MET A 134 11.49 14.63 1.92
C MET A 134 12.85 14.63 2.62
N ASP A 135 13.17 13.52 3.26
CA ASP A 135 14.43 13.39 3.97
C ASP A 135 15.58 13.74 3.02
N PRO A 136 16.60 14.46 3.58
CA PRO A 136 17.75 14.85 2.80
C PRO A 136 18.68 13.66 2.55
N GLY A 137 18.69 13.19 1.31
CA GLY A 137 19.51 12.07 0.93
C GLY A 137 19.37 10.93 1.92
N TYR A 138 18.46 10.02 1.62
CA TYR A 138 18.21 8.87 2.47
C TYR A 138 18.12 7.58 1.65
N PRO A 139 19.25 7.26 0.96
CA PRO A 139 19.30 6.06 0.14
C PRO A 139 19.43 4.81 1.01
N LYS A 140 18.30 4.40 1.57
CA LYS A 140 18.27 3.22 2.42
C LYS A 140 17.73 2.04 1.62
N LEU A 141 17.57 0.91 2.32
CA LEU A 141 17.07 -0.29 1.69
C LEU A 141 15.98 -0.90 2.57
N ILE A 142 15.12 -1.68 1.94
CA ILE A 142 14.03 -2.33 2.66
C ILE A 142 14.60 -3.23 3.75
N THR A 143 15.32 -4.26 3.32
CA THR A 143 15.92 -5.19 4.25
C THR A 143 16.91 -4.48 5.16
N LYS A 144 17.30 -3.28 4.74
CA LYS A 144 18.23 -2.48 5.52
C LYS A 144 17.53 -1.96 6.78
N ASN A 145 16.64 -1.01 6.57
CA ASN A 145 15.89 -0.43 7.68
C ASN A 145 14.90 -1.46 8.23
N PHE A 146 14.09 -1.99 7.32
CA PHE A 146 13.10 -2.99 7.70
C PHE A 146 13.62 -4.40 7.40
N GLN A 147 14.01 -5.08 8.47
CA GLN A 147 14.52 -6.43 8.34
C GLN A 147 13.35 -7.43 8.36
N GLY A 148 13.61 -8.60 7.77
CA GLY A 148 12.60 -9.64 7.71
C GLY A 148 11.80 -9.55 6.42
N ILE A 149 11.60 -8.32 5.96
CA ILE A 149 10.85 -8.07 4.75
C ILE A 149 11.58 -8.73 3.56
N GLY A 150 12.69 -8.11 3.19
CA GLY A 150 13.49 -8.63 2.08
C GLY A 150 14.06 -7.48 1.25
N PRO A 151 14.73 -7.86 0.13
CA PRO A 151 15.33 -6.88 -0.76
C PRO A 151 14.27 -6.18 -1.60
N LYS A 152 13.31 -6.97 -2.06
CA LYS A 152 12.23 -6.45 -2.88
C LYS A 152 10.89 -6.65 -2.15
N ILE A 153 10.12 -5.57 -2.08
CA ILE A 153 8.84 -5.63 -1.41
C ILE A 153 7.73 -5.34 -2.44
N ASP A 154 6.64 -6.09 -2.30
CA ASP A 154 5.51 -5.94 -3.21
C ASP A 154 4.60 -4.84 -2.68
N ALA A 155 3.73 -5.24 -1.76
CA ALA A 155 2.78 -4.30 -1.16
C ALA A 155 2.85 -4.42 0.36
N VAL A 156 2.27 -3.45 1.02
CA VAL A 156 2.24 -3.43 2.48
C VAL A 156 1.12 -2.51 2.96
N PHE A 157 0.59 -2.84 4.13
CA PHE A 157 -0.49 -2.05 4.71
C PHE A 157 -0.42 -2.08 6.24
N TYR A 158 -1.18 -1.17 6.85
CA TYR A 158 -1.22 -1.08 8.30
C TYR A 158 -2.60 -1.44 8.83
N SER A 159 -2.66 -2.56 9.52
CA SER A 159 -3.92 -3.03 10.10
C SER A 159 -3.70 -3.48 11.54
N LYS A 160 -3.72 -2.50 12.44
CA LYS A 160 -3.53 -2.78 13.85
C LYS A 160 -3.36 -1.47 14.61
N ASN A 161 -2.83 -1.58 15.82
CA ASN A 161 -2.60 -0.41 16.64
C ASN A 161 -1.16 0.08 16.47
N LYS A 162 -0.26 -0.88 16.25
CA LYS A 162 1.14 -0.57 16.07
C LYS A 162 1.84 -1.76 15.40
N TYR A 163 1.39 -2.07 14.19
CA TYR A 163 1.96 -3.17 13.44
C TYR A 163 1.95 -2.89 11.94
N TYR A 164 2.75 -3.66 11.22
CA TYR A 164 2.83 -3.49 9.77
C TYR A 164 2.71 -4.84 9.07
N TYR A 165 1.76 -4.90 8.14
CA TYR A 165 1.54 -6.12 7.37
C TYR A 165 2.08 -5.99 5.96
N PHE A 166 3.19 -6.66 5.72
CA PHE A 166 3.83 -6.63 4.41
C PHE A 166 3.48 -7.88 3.61
N PHE A 167 3.74 -7.80 2.31
CA PHE A 167 3.47 -8.92 1.42
C PHE A 167 4.52 -9.02 0.32
N GLN A 168 4.91 -10.25 0.02
CA GLN A 168 5.91 -10.49 -1.01
C GLN A 168 5.78 -11.92 -1.54
N GLY A 169 5.10 -12.05 -2.66
CA GLY A 169 4.90 -13.35 -3.28
C GLY A 169 3.46 -13.84 -3.09
N SER A 170 3.13 -14.15 -1.85
CA SER A 170 1.79 -14.62 -1.53
C SER A 170 1.68 -14.92 -0.05
N ASN A 171 2.26 -14.04 0.75
CA ASN A 171 2.24 -14.20 2.19
C ASN A 171 2.21 -12.82 2.86
N GLN A 172 1.30 -12.69 3.82
CA GLN A 172 1.15 -11.43 4.54
C GLN A 172 1.47 -11.63 6.02
N PHE A 173 2.74 -11.54 6.35
CA PHE A 173 3.18 -11.71 7.72
C PHE A 173 3.01 -10.41 8.51
N GLU A 174 3.09 -10.54 9.83
CA GLU A 174 2.94 -9.39 10.71
C GLU A 174 4.32 -8.88 11.13
N TYR A 175 4.32 -7.66 11.65
CA TYR A 175 5.56 -7.04 12.10
C TYR A 175 5.29 -6.02 13.22
N ASP A 176 5.99 -6.20 14.32
CA ASP A 176 5.85 -5.32 15.46
C ASP A 176 6.97 -4.29 15.46
N PHE A 177 6.59 -3.02 15.57
CA PHE A 177 7.56 -1.95 15.58
C PHE A 177 8.23 -1.82 16.95
N LEU A 178 7.90 -2.77 17.82
CA LEU A 178 8.46 -2.78 19.16
C LEU A 178 9.76 -3.58 19.15
N LEU A 179 10.17 -3.99 17.96
CA LEU A 179 11.39 -4.76 17.81
C LEU A 179 11.71 -4.90 16.32
N GLN A 180 10.66 -5.09 15.54
CA GLN A 180 10.81 -5.25 14.10
C GLN A 180 11.14 -6.70 13.75
N ARG A 181 10.19 -7.58 14.05
CA ARG A 181 10.36 -9.00 13.77
C ARG A 181 9.03 -9.63 13.38
N ILE A 182 9.11 -10.57 12.45
CA ILE A 182 7.91 -11.26 11.98
C ILE A 182 7.54 -12.36 12.98
N THR A 183 6.25 -12.46 13.24
CA THR A 183 5.74 -13.45 14.17
C THR A 183 4.75 -14.38 13.47
N LYS A 184 3.90 -13.78 12.66
CA LYS A 184 2.90 -14.55 11.92
C LYS A 184 3.26 -14.55 10.44
N THR A 185 3.04 -15.70 9.81
CA THR A 185 3.34 -15.85 8.40
C THR A 185 2.27 -16.72 7.72
N LEU A 186 1.13 -16.09 7.44
CA LEU A 186 0.03 -16.77 6.79
C LEU A 186 0.07 -16.49 5.29
N LYS A 187 -0.79 -17.19 4.57
CA LYS A 187 -0.87 -17.03 3.13
C LYS A 187 -1.97 -16.04 2.79
N SER A 188 -1.73 -15.26 1.75
CA SER A 188 -2.70 -14.26 1.31
C SER A 188 -4.10 -14.84 1.40
N ASN A 189 -4.23 -16.07 0.94
CA ASN A 189 -5.53 -16.74 0.95
C ASN A 189 -5.60 -17.68 2.16
N SER A 190 -5.69 -17.06 3.34
CA SER A 190 -5.76 -17.82 4.57
C SER A 190 -7.16 -17.68 5.18
N TRP A 191 -7.86 -16.63 4.77
CA TRP A 191 -9.20 -16.38 5.28
C TRP A 191 -10.18 -17.06 4.33
N PHE A 192 -9.98 -16.85 3.04
CA PHE A 192 -10.85 -17.44 2.04
C PHE A 192 -11.22 -18.87 2.40
N GLY A 193 -10.25 -19.58 2.97
CA GLY A 193 -10.47 -20.96 3.37
C GLY A 193 -9.49 -21.89 2.66
N CYS A 194 -8.27 -21.39 2.47
CA CYS A 194 -7.24 -22.17 1.81
C CYS A 194 -5.88 -21.55 2.13
N MET A 1 -3.02 -17.33 -12.57
CA MET A 1 -2.53 -16.01 -12.27
C MET A 1 -3.54 -15.23 -11.40
N GLU A 2 -4.81 -15.40 -11.75
CA GLU A 2 -5.87 -14.72 -11.03
C GLU A 2 -5.70 -14.91 -9.52
N PRO A 3 -6.45 -14.09 -8.74
CA PRO A 3 -6.39 -14.16 -7.29
C PRO A 3 -7.13 -15.39 -6.77
N ALA A 4 -6.76 -16.55 -7.32
CA ALA A 4 -7.39 -17.80 -6.91
C ALA A 4 -7.15 -18.03 -5.42
N LEU A 5 -8.24 -18.34 -4.72
CA LEU A 5 -8.16 -18.59 -3.29
C LEU A 5 -7.51 -19.95 -3.05
N CYS A 6 -7.91 -20.92 -3.86
CA CYS A 6 -7.38 -22.26 -3.74
C CYS A 6 -6.07 -22.34 -4.52
N ASP A 7 -5.06 -21.64 -4.01
CA ASP A 7 -3.76 -21.61 -4.64
C ASP A 7 -2.79 -20.80 -3.78
N PRO A 8 -1.82 -21.52 -3.16
CA PRO A 8 -0.83 -20.87 -2.32
C PRO A 8 0.21 -20.13 -3.16
N ASN A 9 -0.28 -19.16 -3.92
CA ASN A 9 0.59 -18.36 -4.76
C ASN A 9 -0.13 -17.07 -5.17
N LEU A 10 -0.69 -16.42 -4.16
CA LEU A 10 -1.41 -15.17 -4.39
C LEU A 10 -0.46 -13.99 -4.19
N SER A 11 -0.44 -13.12 -5.19
CA SER A 11 0.43 -11.95 -5.14
C SER A 11 -0.42 -10.67 -5.11
N PHE A 12 0.11 -9.67 -4.44
CA PHE A 12 -0.58 -8.40 -4.33
C PHE A 12 0.26 -7.25 -4.90
N ASP A 13 -0.39 -6.11 -5.06
CA ASP A 13 0.29 -4.94 -5.59
C ASP A 13 0.11 -3.76 -4.64
N ALA A 14 -1.15 -3.50 -4.30
CA ALA A 14 -1.48 -2.41 -3.41
C ALA A 14 -2.56 -2.88 -2.42
N VAL A 15 -2.38 -2.51 -1.17
CA VAL A 15 -3.33 -2.88 -0.14
C VAL A 15 -3.60 -1.66 0.76
N THR A 16 -4.88 -1.46 1.05
CA THR A 16 -5.29 -0.34 1.89
C THR A 16 -6.62 -0.65 2.57
N THR A 17 -6.82 -0.02 3.72
CA THR A 17 -8.04 -0.21 4.47
C THR A 17 -8.64 1.14 4.90
N VAL A 18 -9.93 1.11 5.18
CA VAL A 18 -10.61 2.32 5.60
C VAL A 18 -11.74 1.96 6.57
N GLY A 19 -11.43 2.07 7.85
CA GLY A 19 -12.39 1.75 8.89
C GLY A 19 -12.34 0.26 9.25
N ASN A 20 -13.46 -0.41 9.03
CA ASN A 20 -13.55 -1.83 9.32
C ASN A 20 -13.56 -2.62 8.01
N LYS A 21 -13.37 -1.90 6.92
CA LYS A 21 -13.35 -2.51 5.61
C LYS A 21 -11.92 -2.48 5.04
N ILE A 22 -11.52 -3.60 4.48
CA ILE A 22 -10.19 -3.71 3.90
C ILE A 22 -10.30 -3.84 2.38
N PHE A 23 -9.53 -3.00 1.69
CA PHE A 23 -9.54 -3.01 0.24
C PHE A 23 -8.25 -3.64 -0.31
N PHE A 24 -8.44 -4.63 -1.18
CA PHE A 24 -7.31 -5.33 -1.77
C PHE A 24 -7.33 -5.17 -3.30
N PHE A 25 -6.26 -4.58 -3.81
CA PHE A 25 -6.14 -4.36 -5.24
C PHE A 25 -5.31 -5.47 -5.89
N LYS A 26 -5.83 -5.97 -7.01
CA LYS A 26 -5.15 -7.03 -7.74
C LYS A 26 -5.08 -6.66 -9.22
N ASP A 27 -4.01 -5.97 -9.57
CA ASP A 27 -3.81 -5.56 -10.95
C ASP A 27 -5.00 -4.72 -11.41
N ARG A 28 -6.01 -5.43 -11.91
CA ARG A 28 -7.21 -4.77 -12.39
C ARG A 28 -8.43 -5.24 -11.58
N PHE A 29 -8.27 -6.38 -10.94
CA PHE A 29 -9.34 -6.95 -10.14
C PHE A 29 -9.29 -6.41 -8.70
N PHE A 30 -10.47 -6.14 -8.18
CA PHE A 30 -10.58 -5.62 -6.82
C PHE A 30 -11.09 -6.70 -5.86
N TRP A 31 -10.19 -7.15 -5.00
CA TRP A 31 -10.53 -8.18 -4.03
C TRP A 31 -11.16 -7.49 -2.82
N LEU A 32 -12.21 -8.11 -2.30
CA LEU A 32 -12.90 -7.56 -1.15
C LEU A 32 -13.37 -8.72 -0.25
N LYS A 33 -13.01 -8.61 1.02
CA LYS A 33 -13.37 -9.63 1.99
C LYS A 33 -13.44 -9.01 3.38
N VAL A 34 -14.64 -8.59 3.76
CA VAL A 34 -14.85 -7.98 5.06
C VAL A 34 -16.34 -7.74 5.27
N SER A 35 -16.66 -7.17 6.43
CA SER A 35 -18.04 -6.88 6.76
C SER A 35 -18.92 -8.07 6.40
N GLU A 36 -19.06 -8.99 7.35
CA GLU A 36 -19.88 -10.17 7.14
C GLU A 36 -19.74 -10.67 5.70
N ARG A 37 -18.58 -11.27 5.43
CA ARG A 37 -18.31 -11.79 4.10
C ARG A 37 -17.83 -13.24 4.19
N PRO A 38 -18.62 -14.14 3.56
CA PRO A 38 -18.29 -15.56 3.56
C PRO A 38 -17.12 -15.85 2.60
N LYS A 39 -17.08 -15.08 1.52
CA LYS A 39 -16.04 -15.25 0.53
C LYS A 39 -15.62 -13.87 -0.01
N THR A 40 -14.52 -13.86 -0.73
CA THR A 40 -14.01 -12.62 -1.30
C THR A 40 -14.85 -12.22 -2.53
N SER A 41 -14.61 -11.00 -2.99
CA SER A 41 -15.33 -10.49 -4.14
C SER A 41 -14.34 -9.97 -5.19
N VAL A 42 -14.88 -9.62 -6.34
CA VAL A 42 -14.06 -9.11 -7.44
C VAL A 42 -14.71 -7.84 -8.00
N ASN A 43 -14.27 -6.71 -7.48
CA ASN A 43 -14.80 -5.43 -7.93
C ASN A 43 -13.79 -4.76 -8.87
N LEU A 44 -14.16 -3.58 -9.33
CA LEU A 44 -13.29 -2.83 -10.23
C LEU A 44 -13.29 -1.35 -9.82
N ILE A 45 -12.11 -0.76 -9.87
CA ILE A 45 -11.95 0.64 -9.50
C ILE A 45 -12.85 1.49 -10.39
N SER A 46 -12.43 1.65 -11.64
CA SER A 46 -13.17 2.43 -12.61
C SER A 46 -14.66 2.09 -12.51
N SER A 47 -14.94 0.80 -12.34
CA SER A 47 -16.31 0.34 -12.22
C SER A 47 -17.03 1.09 -11.11
N LEU A 48 -16.29 1.38 -10.05
CA LEU A 48 -16.84 2.09 -8.92
C LEU A 48 -16.39 3.55 -8.96
N TRP A 49 -15.16 3.77 -8.52
CA TRP A 49 -14.60 5.11 -8.51
C TRP A 49 -14.76 5.71 -9.91
N PRO A 50 -14.87 7.06 -9.94
CA PRO A 50 -15.04 7.77 -11.20
C PRO A 50 -13.71 7.81 -11.97
N THR A 51 -12.94 8.86 -11.71
CA THR A 51 -11.65 9.03 -12.37
C THR A 51 -10.53 8.43 -11.52
N LEU A 52 -10.25 7.16 -11.78
CA LEU A 52 -9.20 6.47 -11.06
C LEU A 52 -8.51 5.47 -11.99
N PRO A 53 -7.15 5.54 -11.99
CA PRO A 53 -6.35 4.66 -12.83
C PRO A 53 -6.33 3.24 -12.27
N SER A 54 -5.68 2.35 -13.00
CA SER A 54 -5.57 0.96 -12.59
C SER A 54 -4.11 0.61 -12.32
N GLY A 55 -3.93 -0.38 -11.45
CA GLY A 55 -2.59 -0.83 -11.10
C GLY A 55 -1.91 0.18 -10.15
N ILE A 56 -2.65 0.55 -9.11
CA ILE A 56 -2.15 1.50 -8.14
C ILE A 56 -0.74 1.05 -7.69
N GLU A 57 0.14 2.04 -7.60
CA GLU A 57 1.51 1.76 -7.19
C GLU A 57 1.62 1.76 -5.67
N ALA A 58 0.91 2.71 -5.05
CA ALA A 58 0.92 2.82 -3.60
C ALA A 58 -0.29 3.63 -3.16
N ALA A 59 -0.97 3.10 -2.14
CA ALA A 59 -2.15 3.77 -1.61
C ALA A 59 -2.06 3.82 -0.09
N TYR A 60 -2.51 4.94 0.46
CA TYR A 60 -2.49 5.13 1.90
C TYR A 60 -3.57 6.12 2.34
N GLU A 61 -4.39 5.68 3.30
CA GLU A 61 -5.46 6.51 3.82
C GLU A 61 -5.15 6.93 5.25
N ILE A 62 -5.69 8.08 5.63
CA ILE A 62 -5.48 8.61 6.96
C ILE A 62 -6.83 9.00 7.56
N GLU A 63 -7.20 8.30 8.63
CA GLU A 63 -8.46 8.56 9.30
C GLU A 63 -8.46 9.99 9.87
N ALA A 64 -7.32 10.40 10.40
CA ALA A 64 -7.19 11.72 10.96
C ALA A 64 -7.54 12.77 9.91
N ARG A 65 -6.90 12.64 8.76
CA ARG A 65 -7.14 13.56 7.65
C ARG A 65 -8.48 13.27 6.99
N ASN A 66 -8.91 12.02 7.14
CA ASN A 66 -10.18 11.59 6.57
C ASN A 66 -10.14 11.80 5.05
N GLN A 67 -8.98 11.50 4.48
CA GLN A 67 -8.79 11.63 3.04
C GLN A 67 -8.32 10.32 2.44
N VAL A 68 -8.17 10.33 1.12
CA VAL A 68 -7.72 9.14 0.41
C VAL A 68 -6.80 9.56 -0.74
N PHE A 69 -5.55 9.11 -0.66
CA PHE A 69 -4.57 9.42 -1.67
C PHE A 69 -4.22 8.18 -2.50
N LEU A 70 -4.18 8.38 -3.82
CA LEU A 70 -3.86 7.29 -4.72
C LEU A 70 -2.80 7.76 -5.72
N PHE A 71 -1.71 7.02 -5.77
CA PHE A 71 -0.62 7.34 -6.68
C PHE A 71 -0.68 6.49 -7.94
N LYS A 72 -0.38 7.12 -9.06
CA LYS A 72 -0.38 6.43 -10.34
C LYS A 72 0.58 7.12 -11.30
N ASP A 73 1.63 6.39 -11.66
CA ASP A 73 2.64 6.91 -12.57
C ASP A 73 3.09 8.30 -12.08
N ASP A 74 3.46 9.13 -13.03
CA ASP A 74 3.91 10.48 -12.71
C ASP A 74 2.70 11.41 -12.62
N LYS A 75 1.64 10.89 -12.02
CA LYS A 75 0.42 11.66 -11.85
C LYS A 75 -0.18 11.36 -10.48
N TYR A 76 -0.71 12.41 -9.86
CA TYR A 76 -1.32 12.28 -8.56
C TYR A 76 -2.85 12.28 -8.66
N TRP A 77 -3.48 11.63 -7.71
CA TRP A 77 -4.93 11.54 -7.67
C TRP A 77 -5.36 11.29 -6.23
N LEU A 78 -6.27 12.14 -5.76
CA LEU A 78 -6.77 12.03 -4.41
C LEU A 78 -8.30 11.98 -4.44
N ILE A 79 -8.85 11.06 -3.65
CA ILE A 79 -10.28 10.90 -3.59
C ILE A 79 -10.82 11.66 -2.37
N SER A 80 -11.52 12.74 -2.65
CA SER A 80 -12.10 13.57 -1.59
C SER A 80 -13.50 13.07 -1.24
N ASN A 81 -13.59 12.42 -0.09
CA ASN A 81 -14.85 11.89 0.38
C ASN A 81 -15.28 10.73 -0.52
N LEU A 82 -15.54 11.05 -1.78
CA LEU A 82 -15.95 10.05 -2.75
C LEU A 82 -15.36 10.40 -4.12
N ARG A 83 -15.60 11.63 -4.53
CA ARG A 83 -15.10 12.09 -5.81
C ARG A 83 -13.74 12.78 -5.64
N PRO A 84 -12.75 12.31 -6.45
CA PRO A 84 -11.41 12.87 -6.39
C PRO A 84 -11.37 14.25 -7.06
N GLU A 85 -10.15 14.76 -7.20
CA GLU A 85 -9.95 16.06 -7.82
C GLU A 85 -10.03 15.95 -9.34
N PRO A 86 -10.92 16.79 -9.94
CA PRO A 86 -11.10 16.79 -11.38
C PRO A 86 -9.93 17.48 -12.08
N ASN A 87 -8.94 16.67 -12.43
CA ASN A 87 -7.76 17.18 -13.11
C ASN A 87 -6.75 17.65 -12.06
N TYR A 88 -6.11 16.68 -11.42
CA TYR A 88 -5.12 16.99 -10.40
C TYR A 88 -3.88 16.11 -10.57
N PRO A 89 -3.28 16.21 -11.78
CA PRO A 89 -2.08 15.44 -12.09
C PRO A 89 -0.85 16.03 -11.39
N LYS A 90 -0.97 16.17 -10.08
CA LYS A 90 0.12 16.73 -9.29
C LYS A 90 1.41 15.96 -9.61
N SER A 91 2.52 16.69 -9.60
CA SER A 91 3.81 16.10 -9.88
C SER A 91 4.51 15.72 -8.57
N ILE A 92 4.60 14.42 -8.34
CA ILE A 92 5.23 13.92 -7.14
C ILE A 92 6.61 14.56 -6.99
N HIS A 93 7.14 15.03 -8.12
CA HIS A 93 8.44 15.67 -8.12
C HIS A 93 8.39 16.96 -7.30
N SER A 94 7.17 17.40 -7.03
CA SER A 94 6.97 18.62 -6.26
C SER A 94 7.44 18.42 -4.83
N PHE A 95 7.65 17.15 -4.46
CA PHE A 95 8.12 16.82 -3.14
C PHE A 95 7.84 15.35 -2.81
N GLY A 96 6.80 14.82 -3.45
CA GLY A 96 6.43 13.43 -3.24
C GLY A 96 7.55 12.49 -3.68
N PHE A 97 8.51 13.05 -4.40
CA PHE A 97 9.64 12.28 -4.89
C PHE A 97 10.64 13.16 -5.63
N PRO A 98 11.83 12.57 -5.91
CA PRO A 98 12.87 13.30 -6.62
C PRO A 98 12.54 13.43 -8.11
N ASN A 99 13.46 14.04 -8.83
CA ASN A 99 13.29 14.25 -10.26
C ASN A 99 13.79 13.01 -11.01
N PHE A 100 13.02 11.94 -10.92
CA PHE A 100 13.37 10.71 -11.58
C PHE A 100 12.31 9.63 -11.37
N VAL A 101 11.93 9.47 -10.11
CA VAL A 101 10.91 8.49 -9.76
C VAL A 101 9.76 8.56 -10.76
N LYS A 102 8.95 7.52 -10.75
CA LYS A 102 7.80 7.47 -11.66
C LYS A 102 6.92 6.28 -11.27
N LYS A 103 7.56 5.18 -10.93
CA LYS A 103 6.85 3.97 -10.54
C LYS A 103 7.32 3.53 -9.15
N ILE A 104 6.39 3.50 -8.22
CA ILE A 104 6.70 3.09 -6.86
C ILE A 104 6.28 1.63 -6.65
N ASP A 105 6.92 1.00 -5.69
CA ASP A 105 6.62 -0.40 -5.39
C ASP A 105 5.56 -0.46 -4.29
N ALA A 106 5.78 0.35 -3.25
CA ALA A 106 4.85 0.39 -2.14
C ALA A 106 5.11 1.66 -1.32
N ALA A 107 4.13 2.01 -0.50
CA ALA A 107 4.23 3.18 0.34
C ALA A 107 3.44 2.95 1.64
N VAL A 108 4.08 3.27 2.75
CA VAL A 108 3.45 3.10 4.05
C VAL A 108 3.65 4.38 4.87
N PHE A 109 2.72 4.60 5.79
CA PHE A 109 2.79 5.78 6.64
C PHE A 109 2.81 5.38 8.12
N ASN A 110 3.53 6.17 8.90
CA ASN A 110 3.63 5.91 10.33
C ASN A 110 3.24 7.16 11.11
N PRO A 111 2.08 7.07 11.80
CA PRO A 111 1.58 8.19 12.59
C PRO A 111 2.39 8.36 13.88
N ARG A 112 3.16 7.33 14.19
CA ARG A 112 3.98 7.35 15.39
C ARG A 112 5.28 8.10 15.13
N PHE A 113 5.81 7.92 13.93
CA PHE A 113 7.04 8.57 13.54
C PHE A 113 6.77 9.77 12.62
N TYR A 114 5.51 9.91 12.24
CA TYR A 114 5.10 10.99 11.38
C TYR A 114 5.95 11.03 10.09
N ARG A 115 6.17 9.84 9.56
CA ARG A 115 6.95 9.71 8.33
C ARG A 115 6.39 8.58 7.46
N THR A 116 6.43 8.82 6.15
CA THR A 116 5.93 7.85 5.21
C THR A 116 7.09 7.23 4.42
N TYR A 117 7.18 5.91 4.49
CA TYR A 117 8.23 5.18 3.79
C TYR A 117 7.85 4.94 2.33
N PHE A 118 8.82 5.20 1.45
CA PHE A 118 8.60 5.02 0.03
C PHE A 118 9.60 4.03 -0.55
N PHE A 119 9.10 2.85 -0.89
CA PHE A 119 9.94 1.81 -1.47
C PHE A 119 10.01 1.93 -2.99
N VAL A 120 11.23 2.07 -3.48
CA VAL A 120 11.45 2.19 -4.91
C VAL A 120 12.66 1.35 -5.32
N ASP A 121 12.43 0.47 -6.27
CA ASP A 121 13.49 -0.41 -6.76
C ASP A 121 14.16 -1.09 -5.57
N ASN A 122 15.43 -1.44 -5.77
CA ASN A 122 16.19 -2.10 -4.71
C ASN A 122 16.78 -1.06 -3.77
N GLN A 123 15.93 -0.15 -3.33
CA GLN A 123 16.35 0.91 -2.43
C GLN A 123 15.19 1.32 -1.52
N TYR A 124 15.53 2.12 -0.52
CA TYR A 124 14.54 2.61 0.42
C TYR A 124 14.74 4.09 0.74
N TRP A 125 13.63 4.77 0.95
CA TRP A 125 13.68 6.20 1.26
C TRP A 125 12.82 6.44 2.50
N ARG A 126 12.86 7.67 2.97
CA ARG A 126 12.09 8.04 4.15
C ARG A 126 11.76 9.54 4.11
N TYR A 127 10.46 9.82 4.02
CA TYR A 127 10.00 11.19 3.96
C TYR A 127 9.33 11.60 5.29
N ASP A 128 9.62 12.81 5.71
CA ASP A 128 9.05 13.33 6.95
C ASP A 128 7.71 14.00 6.66
N GLU A 129 6.77 13.77 7.56
CA GLU A 129 5.44 14.34 7.40
C GLU A 129 5.25 15.51 8.37
N ARG A 130 5.71 15.30 9.60
CA ARG A 130 5.59 16.33 10.62
C ARG A 130 6.37 17.58 10.21
N ARG A 131 7.52 17.34 9.58
CA ARG A 131 8.36 18.43 9.13
C ARG A 131 8.02 18.80 7.68
N GLN A 132 7.80 17.77 6.88
CA GLN A 132 7.47 17.97 5.49
C GLN A 132 8.74 18.23 4.67
N MET A 133 9.83 17.60 5.11
CA MET A 133 11.10 17.75 4.44
C MET A 133 11.76 16.40 4.21
N MET A 134 11.75 15.97 2.95
CA MET A 134 12.35 14.70 2.58
C MET A 134 13.88 14.79 2.61
N ASP A 135 14.50 13.64 2.89
CA ASP A 135 15.95 13.58 2.95
C ASP A 135 16.53 13.86 1.57
N PRO A 136 17.87 14.03 1.53
CA PRO A 136 18.56 14.32 0.28
C PRO A 136 18.66 13.06 -0.58
N GLY A 137 19.41 12.08 -0.07
CA GLY A 137 19.60 10.83 -0.79
C GLY A 137 19.09 9.65 0.04
N TYR A 138 19.58 9.57 1.27
CA TYR A 138 19.19 8.50 2.17
C TYR A 138 19.09 7.17 1.42
N PRO A 139 20.24 6.72 0.89
CA PRO A 139 20.29 5.47 0.14
C PRO A 139 20.23 4.27 1.09
N LYS A 140 19.02 3.97 1.53
CA LYS A 140 18.81 2.84 2.43
C LYS A 140 18.28 1.64 1.65
N LEU A 141 17.92 0.60 2.39
CA LEU A 141 17.41 -0.60 1.78
C LEU A 141 16.15 -1.05 2.52
N ILE A 142 15.25 -1.70 1.78
CA ILE A 142 14.01 -2.17 2.35
C ILE A 142 14.31 -3.32 3.32
N THR A 143 15.14 -4.24 2.85
CA THR A 143 15.51 -5.39 3.67
C THR A 143 16.42 -4.96 4.82
N LYS A 144 17.10 -3.84 4.60
CA LYS A 144 18.00 -3.31 5.62
C LYS A 144 17.18 -2.78 6.80
N ASN A 145 16.39 -1.76 6.51
CA ASN A 145 15.55 -1.15 7.53
C ASN A 145 14.74 -2.24 8.23
N PHE A 146 14.02 -3.00 7.43
CA PHE A 146 13.20 -4.08 7.96
C PHE A 146 13.61 -5.43 7.36
N GLN A 147 14.21 -6.25 8.21
CA GLN A 147 14.66 -7.57 7.77
C GLN A 147 13.63 -8.64 8.16
N GLY A 148 12.50 -8.60 7.47
CA GLY A 148 11.43 -9.56 7.74
C GLY A 148 10.47 -9.64 6.55
N ILE A 149 10.99 -9.30 5.38
CA ILE A 149 10.19 -9.33 4.17
C ILE A 149 11.08 -9.69 2.99
N GLY A 150 12.21 -9.00 2.90
CA GLY A 150 13.16 -9.24 1.82
C GLY A 150 13.58 -7.93 1.16
N PRO A 151 14.47 -8.06 0.14
CA PRO A 151 14.95 -6.90 -0.58
C PRO A 151 13.89 -6.37 -1.55
N LYS A 152 13.05 -7.29 -2.01
CA LYS A 152 11.98 -6.92 -2.94
C LYS A 152 10.64 -7.10 -2.24
N ILE A 153 9.75 -6.14 -2.48
CA ILE A 153 8.42 -6.18 -1.89
C ILE A 153 7.38 -5.92 -2.98
N ASP A 154 6.13 -6.17 -2.62
CA ASP A 154 5.03 -5.97 -3.56
C ASP A 154 4.15 -4.83 -3.05
N ALA A 155 3.77 -4.92 -1.79
CA ALA A 155 2.93 -3.91 -1.18
C ALA A 155 3.18 -3.89 0.33
N VAL A 156 3.02 -2.70 0.91
CA VAL A 156 3.23 -2.53 2.34
C VAL A 156 2.14 -1.62 2.89
N PHE A 157 1.60 -2.03 4.04
CA PHE A 157 0.55 -1.25 4.68
C PHE A 157 0.54 -1.51 6.20
N TYR A 158 -0.34 -0.79 6.88
CA TYR A 158 -0.46 -0.92 8.32
C TYR A 158 -1.92 -1.16 8.72
N SER A 159 -2.47 -2.25 8.22
CA SER A 159 -3.85 -2.60 8.51
C SER A 159 -3.90 -3.47 9.77
N LYS A 160 -4.17 -2.82 10.89
CA LYS A 160 -4.24 -3.52 12.17
C LYS A 160 -4.39 -2.50 13.29
N ASN A 161 -3.99 -2.92 14.48
CA ASN A 161 -4.07 -2.06 15.65
C ASN A 161 -2.79 -1.22 15.75
N LYS A 162 -1.71 -1.80 15.24
CA LYS A 162 -0.42 -1.12 15.28
C LYS A 162 0.65 -2.06 14.70
N TYR A 163 0.51 -2.35 13.42
CA TYR A 163 1.45 -3.23 12.75
C TYR A 163 1.52 -2.91 11.25
N TYR A 164 2.49 -3.53 10.59
CA TYR A 164 2.67 -3.33 9.16
C TYR A 164 2.52 -4.64 8.40
N TYR A 165 1.53 -4.66 7.52
CA TYR A 165 1.27 -5.85 6.72
C TYR A 165 1.68 -5.62 5.26
N PHE A 166 2.45 -6.57 4.74
CA PHE A 166 2.90 -6.49 3.36
C PHE A 166 2.82 -7.86 2.67
N PHE A 167 2.88 -7.82 1.35
CA PHE A 167 2.81 -9.04 0.56
C PHE A 167 4.05 -9.19 -0.33
N GLN A 168 4.72 -10.31 -0.16
CA GLN A 168 5.92 -10.58 -0.94
C GLN A 168 5.89 -12.03 -1.46
N GLY A 169 4.86 -12.32 -2.23
CA GLY A 169 4.72 -13.66 -2.80
C GLY A 169 3.91 -14.56 -1.86
N SER A 170 2.59 -14.44 -1.96
CA SER A 170 1.70 -15.23 -1.13
C SER A 170 2.25 -15.32 0.29
N ASN A 171 2.71 -14.18 0.78
CA ASN A 171 3.27 -14.10 2.12
C ASN A 171 2.68 -12.89 2.84
N GLN A 172 1.84 -13.18 3.82
CA GLN A 172 1.21 -12.12 4.60
C GLN A 172 1.88 -12.00 5.97
N PHE A 173 3.16 -11.63 5.94
CA PHE A 173 3.92 -11.46 7.16
C PHE A 173 3.64 -10.11 7.81
N GLU A 174 3.79 -10.07 9.12
CA GLU A 174 3.55 -8.85 9.88
C GLU A 174 4.85 -8.38 10.53
N TYR A 175 4.84 -7.12 10.95
CA TYR A 175 6.00 -6.53 11.59
C TYR A 175 5.58 -5.52 12.66
N ASP A 176 6.27 -5.59 13.79
CA ASP A 176 5.97 -4.69 14.90
C ASP A 176 7.09 -3.65 15.01
N PHE A 177 6.68 -2.42 15.24
CA PHE A 177 7.63 -1.32 15.37
C PHE A 177 8.08 -1.16 16.83
N LEU A 178 7.67 -2.12 17.65
CA LEU A 178 8.04 -2.11 19.05
C LEU A 178 9.08 -3.19 19.33
N LEU A 179 9.19 -4.10 18.38
CA LEU A 179 10.14 -5.20 18.51
C LEU A 179 10.91 -5.36 17.20
N GLN A 180 10.16 -5.30 16.10
CA GLN A 180 10.76 -5.43 14.78
C GLN A 180 10.96 -6.90 14.44
N ARG A 181 10.02 -7.72 14.90
CA ARG A 181 10.06 -9.14 14.64
C ARG A 181 8.86 -9.59 13.82
N ILE A 182 8.83 -10.88 13.51
CA ILE A 182 7.74 -11.43 12.73
C ILE A 182 6.93 -12.40 13.60
N THR A 183 5.69 -12.02 13.85
CA THR A 183 4.81 -12.84 14.67
C THR A 183 3.65 -13.38 13.83
N LYS A 184 3.80 -13.24 12.52
CA LYS A 184 2.77 -13.70 11.59
C LYS A 184 3.43 -14.19 10.30
N THR A 185 3.12 -15.42 9.95
CA THR A 185 3.69 -16.02 8.75
C THR A 185 2.63 -16.88 8.05
N LEU A 186 1.54 -16.25 7.68
CA LEU A 186 0.46 -16.95 7.00
C LEU A 186 0.45 -16.55 5.52
N LYS A 187 -0.22 -17.39 4.73
CA LYS A 187 -0.31 -17.14 3.30
C LYS A 187 -1.56 -16.30 3.01
N SER A 188 -1.48 -15.51 1.95
CA SER A 188 -2.59 -14.67 1.55
C SER A 188 -3.90 -15.44 1.69
N ASN A 189 -3.84 -16.72 1.34
CA ASN A 189 -5.01 -17.58 1.42
C ASN A 189 -5.12 -18.17 2.83
N SER A 190 -5.22 -17.28 3.80
CA SER A 190 -5.34 -17.70 5.19
C SER A 190 -6.36 -16.82 5.93
N TRP A 191 -7.53 -16.70 5.31
CA TRP A 191 -8.59 -15.90 5.89
C TRP A 191 -9.89 -16.26 5.19
N PHE A 192 -9.81 -16.34 3.87
CA PHE A 192 -10.97 -16.68 3.06
C PHE A 192 -11.39 -18.14 3.28
N GLY A 193 -10.39 -18.96 3.58
CA GLY A 193 -10.63 -20.38 3.81
C GLY A 193 -10.07 -21.23 2.67
N CYS A 194 -8.75 -21.14 2.50
CA CYS A 194 -8.07 -21.88 1.47
C CYS A 194 -6.56 -21.77 1.69
N MET A 1 -2.90 -11.72 -12.68
CA MET A 1 -4.31 -11.45 -12.45
C MET A 1 -5.02 -12.68 -11.90
N GLU A 2 -5.00 -13.75 -12.70
CA GLU A 2 -5.65 -14.99 -12.31
C GLU A 2 -5.46 -15.23 -10.80
N PRO A 3 -6.54 -14.91 -10.04
CA PRO A 3 -6.51 -15.10 -8.59
C PRO A 3 -6.62 -16.58 -8.22
N ALA A 4 -6.98 -16.80 -6.97
CA ALA A 4 -7.13 -18.16 -6.48
C ALA A 4 -7.41 -18.13 -4.97
N LEU A 5 -8.66 -18.42 -4.62
CA LEU A 5 -9.06 -18.42 -3.22
C LEU A 5 -9.01 -19.85 -2.69
N CYS A 6 -7.82 -20.44 -2.74
CA CYS A 6 -7.63 -21.80 -2.27
C CYS A 6 -6.35 -22.34 -2.88
N ASP A 7 -5.29 -21.54 -2.78
CA ASP A 7 -4.00 -21.93 -3.31
C ASP A 7 -2.96 -20.87 -2.95
N PRO A 8 -1.82 -21.35 -2.40
CA PRO A 8 -0.74 -20.45 -2.00
C PRO A 8 0.02 -19.94 -3.23
N ASN A 9 -0.51 -18.88 -3.81
CA ASN A 9 0.11 -18.29 -4.99
C ASN A 9 -0.57 -16.97 -5.31
N LEU A 10 -1.02 -16.29 -4.25
CA LEU A 10 -1.70 -15.02 -4.41
C LEU A 10 -0.72 -13.89 -4.08
N SER A 11 -0.61 -12.95 -5.01
CA SER A 11 0.28 -11.82 -4.84
C SER A 11 -0.53 -10.54 -4.66
N PHE A 12 0.19 -9.44 -4.45
CA PHE A 12 -0.44 -8.16 -4.26
C PHE A 12 0.41 -7.02 -4.83
N ASP A 13 -0.26 -6.03 -5.39
CA ASP A 13 0.43 -4.89 -5.97
C ASP A 13 0.31 -3.69 -5.03
N ALA A 14 -0.93 -3.24 -4.86
CA ALA A 14 -1.19 -2.10 -3.99
C ALA A 14 -2.36 -2.44 -3.07
N VAL A 15 -2.23 -2.01 -1.82
CA VAL A 15 -3.27 -2.25 -0.83
C VAL A 15 -3.31 -1.09 0.16
N THR A 16 -4.52 -0.72 0.54
CA THR A 16 -4.71 0.38 1.47
C THR A 16 -5.77 0.01 2.52
N THR A 17 -5.79 0.78 3.59
CA THR A 17 -6.73 0.56 4.66
C THR A 17 -7.64 1.77 4.85
N VAL A 18 -8.93 1.51 4.93
CA VAL A 18 -9.90 2.57 5.11
C VAL A 18 -10.64 2.36 6.44
N GLY A 19 -9.92 2.60 7.52
CA GLY A 19 -10.49 2.44 8.85
C GLY A 19 -10.30 1.01 9.36
N ASN A 20 -11.38 0.23 9.28
CA ASN A 20 -11.35 -1.15 9.72
C ASN A 20 -11.54 -2.07 8.52
N LYS A 21 -11.45 -1.48 7.34
CA LYS A 21 -11.61 -2.24 6.11
C LYS A 21 -10.26 -2.35 5.41
N ILE A 22 -10.26 -3.05 4.29
CA ILE A 22 -9.04 -3.24 3.53
C ILE A 22 -9.39 -3.24 2.03
N PHE A 23 -8.42 -2.81 1.24
CA PHE A 23 -8.60 -2.76 -0.21
C PHE A 23 -7.33 -3.22 -0.93
N PHE A 24 -7.54 -3.92 -2.04
CA PHE A 24 -6.43 -4.42 -2.84
C PHE A 24 -6.62 -4.07 -4.31
N PHE A 25 -5.53 -3.62 -4.93
CA PHE A 25 -5.56 -3.25 -6.33
C PHE A 25 -4.82 -4.29 -7.18
N LYS A 26 -5.31 -5.52 -7.12
CA LYS A 26 -4.72 -6.60 -7.88
C LYS A 26 -4.23 -6.06 -9.24
N ASP A 27 -5.17 -5.86 -10.13
CA ASP A 27 -4.86 -5.35 -11.45
C ASP A 27 -5.98 -4.44 -11.95
N ARG A 28 -7.07 -5.08 -12.38
CA ARG A 28 -8.22 -4.35 -12.86
C ARG A 28 -9.40 -4.51 -11.91
N PHE A 29 -9.26 -5.46 -11.00
CA PHE A 29 -10.30 -5.73 -10.01
C PHE A 29 -9.80 -5.41 -8.60
N PHE A 30 -10.77 -5.14 -7.73
CA PHE A 30 -10.45 -4.82 -6.35
C PHE A 30 -11.11 -5.81 -5.39
N TRP A 31 -10.33 -6.29 -4.44
CA TRP A 31 -10.81 -7.24 -3.46
C TRP A 31 -11.39 -6.45 -2.28
N LEU A 32 -12.56 -6.89 -1.84
CA LEU A 32 -13.23 -6.23 -0.73
C LEU A 32 -13.77 -7.29 0.23
N LYS A 33 -12.92 -7.68 1.17
CA LYS A 33 -13.29 -8.68 2.15
C LYS A 33 -12.90 -8.20 3.56
N VAL A 34 -13.91 -7.80 4.31
CA VAL A 34 -13.69 -7.31 5.66
C VAL A 34 -15.03 -7.03 6.33
N SER A 35 -14.97 -6.76 7.62
CA SER A 35 -16.17 -6.48 8.39
C SER A 35 -17.05 -7.74 8.49
N GLU A 36 -17.78 -7.99 7.43
CA GLU A 36 -18.65 -9.16 7.39
C GLU A 36 -18.37 -9.99 6.14
N ARG A 37 -18.20 -9.30 5.03
CA ARG A 37 -17.92 -9.96 3.76
C ARG A 37 -17.02 -11.18 4.00
N PRO A 38 -17.67 -12.37 4.07
CA PRO A 38 -16.94 -13.60 4.30
C PRO A 38 -16.22 -14.05 3.01
N LYS A 39 -16.76 -13.60 1.89
CA LYS A 39 -16.17 -13.94 0.60
C LYS A 39 -15.68 -12.66 -0.09
N THR A 40 -14.57 -12.81 -0.79
CA THR A 40 -13.99 -11.68 -1.50
C THR A 40 -14.80 -11.36 -2.76
N SER A 41 -14.55 -10.18 -3.30
CA SER A 41 -15.25 -9.74 -4.50
C SER A 41 -14.24 -9.53 -5.64
N VAL A 42 -14.79 -9.40 -6.85
CA VAL A 42 -13.95 -9.19 -8.01
C VAL A 42 -14.67 -8.26 -8.99
N ASN A 43 -14.81 -7.00 -8.56
CA ASN A 43 -15.47 -6.00 -9.38
C ASN A 43 -14.43 -5.03 -9.94
N LEU A 44 -14.90 -4.16 -10.82
CA LEU A 44 -14.03 -3.17 -11.43
C LEU A 44 -14.03 -1.89 -10.58
N ILE A 45 -12.93 -1.15 -10.67
CA ILE A 45 -12.80 0.08 -9.92
C ILE A 45 -13.75 1.13 -10.51
N SER A 46 -13.36 1.66 -11.66
CA SER A 46 -14.15 2.67 -12.33
C SER A 46 -15.64 2.34 -12.17
N SER A 47 -15.95 1.07 -12.31
CA SER A 47 -17.33 0.61 -12.18
C SER A 47 -18.03 1.38 -11.05
N LEU A 48 -17.25 1.71 -10.03
CA LEU A 48 -17.79 2.43 -8.89
C LEU A 48 -17.32 3.89 -8.96
N TRP A 49 -16.08 4.11 -8.53
CA TRP A 49 -15.50 5.44 -8.53
C TRP A 49 -15.60 5.99 -9.96
N PRO A 50 -15.71 7.34 -10.04
CA PRO A 50 -15.80 7.99 -11.33
C PRO A 50 -14.44 8.03 -12.03
N THR A 51 -13.62 8.98 -11.61
CA THR A 51 -12.29 9.14 -12.18
C THR A 51 -11.24 8.51 -11.26
N LEU A 52 -10.93 7.26 -11.54
CA LEU A 52 -9.94 6.54 -10.75
C LEU A 52 -9.09 5.67 -11.67
N PRO A 53 -7.75 5.68 -11.40
CA PRO A 53 -6.82 4.91 -12.19
C PRO A 53 -6.91 3.42 -11.85
N SER A 54 -6.39 2.60 -12.76
CA SER A 54 -6.41 1.16 -12.55
C SER A 54 -4.98 0.64 -12.37
N GLY A 55 -4.89 -0.49 -11.68
CA GLY A 55 -3.59 -1.09 -11.43
C GLY A 55 -2.71 -0.18 -10.59
N ILE A 56 -3.25 0.25 -9.46
CA ILE A 56 -2.53 1.13 -8.56
C ILE A 56 -1.17 0.51 -8.23
N GLU A 57 -0.15 1.36 -8.22
CA GLU A 57 1.20 0.91 -7.92
C GLU A 57 1.42 0.88 -6.41
N ALA A 58 0.88 1.89 -5.74
CA ALA A 58 1.02 2.00 -4.29
C ALA A 58 -0.17 2.78 -3.73
N ALA A 59 -0.88 2.13 -2.82
CA ALA A 59 -2.04 2.75 -2.19
C ALA A 59 -1.66 3.24 -0.79
N TYR A 60 -1.93 4.51 -0.55
CA TYR A 60 -1.62 5.12 0.73
C TYR A 60 -2.71 6.11 1.15
N GLU A 61 -3.59 5.63 2.01
CA GLU A 61 -4.69 6.46 2.50
C GLU A 61 -4.67 6.51 4.02
N ILE A 62 -5.32 7.54 4.55
CA ILE A 62 -5.39 7.72 6.00
C ILE A 62 -6.85 7.89 6.42
N GLU A 63 -7.25 7.13 7.42
CA GLU A 63 -8.61 7.19 7.93
C GLU A 63 -8.83 8.48 8.70
N ALA A 64 -7.82 8.86 9.46
CA ALA A 64 -7.88 10.08 10.25
C ALA A 64 -8.09 11.28 9.33
N ARG A 65 -7.49 11.19 8.15
CA ARG A 65 -7.59 12.26 7.17
C ARG A 65 -8.87 12.09 6.35
N ASN A 66 -9.38 10.86 6.33
CA ASN A 66 -10.58 10.56 5.59
C ASN A 66 -10.37 10.88 4.11
N GLN A 67 -9.14 10.62 3.66
CA GLN A 67 -8.79 10.88 2.27
C GLN A 67 -8.12 9.64 1.66
N VAL A 68 -7.77 9.77 0.39
CA VAL A 68 -7.13 8.68 -0.32
C VAL A 68 -6.12 9.25 -1.33
N PHE A 69 -5.01 8.55 -1.46
CA PHE A 69 -3.97 8.98 -2.38
C PHE A 69 -3.28 7.76 -3.02
N LEU A 70 -3.79 7.36 -4.16
CA LEU A 70 -3.25 6.23 -4.89
C LEU A 70 -2.07 6.70 -5.75
N PHE A 71 -1.25 5.74 -6.15
CA PHE A 71 -0.10 6.05 -6.97
C PHE A 71 -0.14 5.28 -8.30
N LYS A 72 0.25 5.96 -9.36
CA LYS A 72 0.25 5.36 -10.68
C LYS A 72 1.23 6.12 -11.58
N ASP A 73 2.28 5.42 -11.99
CA ASP A 73 3.28 6.01 -12.85
C ASP A 73 3.78 7.31 -12.23
N ASP A 74 4.23 8.22 -13.09
CA ASP A 74 4.72 9.50 -12.64
C ASP A 74 3.55 10.48 -12.49
N LYS A 75 2.48 9.98 -11.90
CA LYS A 75 1.29 10.79 -11.69
C LYS A 75 0.50 10.23 -10.50
N TYR A 76 -0.22 11.13 -9.84
CA TYR A 76 -1.02 10.75 -8.69
C TYR A 76 -2.38 11.46 -8.71
N TRP A 77 -3.38 10.77 -8.21
CA TRP A 77 -4.72 11.31 -8.16
C TRP A 77 -5.07 11.58 -6.70
N LEU A 78 -5.81 12.64 -6.48
CA LEU A 78 -6.22 13.02 -5.13
C LEU A 78 -7.72 12.76 -4.97
N ILE A 79 -8.07 12.21 -3.81
CA ILE A 79 -9.46 11.91 -3.52
C ILE A 79 -9.81 12.44 -2.13
N SER A 80 -10.29 13.67 -2.10
CA SER A 80 -10.66 14.30 -0.84
C SER A 80 -12.19 14.30 -0.70
N ASN A 81 -12.62 14.08 0.54
CA ASN A 81 -14.04 14.04 0.83
C ASN A 81 -14.70 12.92 0.03
N LEU A 82 -13.99 11.80 -0.05
CA LEU A 82 -14.50 10.65 -0.79
C LEU A 82 -14.92 11.09 -2.19
N ARG A 83 -14.17 12.03 -2.73
CA ARG A 83 -14.46 12.55 -4.06
C ARG A 83 -13.17 13.01 -4.75
N PRO A 84 -12.99 12.53 -6.01
CA PRO A 84 -11.81 12.90 -6.78
C PRO A 84 -11.91 14.32 -7.29
N GLU A 85 -10.75 14.89 -7.62
CA GLU A 85 -10.69 16.25 -8.12
C GLU A 85 -11.08 16.28 -9.61
N PRO A 86 -11.51 17.49 -10.05
CA PRO A 86 -11.91 17.67 -11.44
C PRO A 86 -10.70 17.71 -12.36
N ASN A 87 -9.98 16.60 -12.40
CA ASN A 87 -8.81 16.49 -13.25
C ASN A 87 -7.59 17.02 -12.48
N TYR A 88 -6.78 16.09 -12.01
CA TYR A 88 -5.59 16.44 -11.26
C TYR A 88 -4.35 15.76 -11.83
N PRO A 89 -4.00 16.16 -13.08
CA PRO A 89 -2.85 15.59 -13.75
C PRO A 89 -1.54 16.15 -13.18
N LYS A 90 -1.40 16.00 -11.87
CA LYS A 90 -0.22 16.48 -11.18
C LYS A 90 0.90 15.44 -11.31
N SER A 91 2.04 15.77 -10.72
CA SER A 91 3.19 14.88 -10.76
C SER A 91 3.96 14.95 -9.44
N ILE A 92 4.38 13.79 -8.97
CA ILE A 92 5.12 13.72 -7.72
C ILE A 92 6.48 14.39 -7.91
N HIS A 93 6.80 14.68 -9.17
CA HIS A 93 8.07 15.32 -9.49
C HIS A 93 8.04 16.77 -9.01
N SER A 94 6.85 17.34 -9.00
CA SER A 94 6.68 18.72 -8.56
C SER A 94 6.91 18.81 -7.05
N PHE A 95 7.05 17.66 -6.43
CA PHE A 95 7.27 17.60 -4.99
C PHE A 95 8.77 17.53 -4.67
N GLY A 96 9.56 17.71 -5.71
CA GLY A 96 11.01 17.66 -5.56
C GLY A 96 11.67 17.01 -6.77
N PHE A 97 11.21 15.81 -7.07
CA PHE A 97 11.75 15.07 -8.20
C PHE A 97 13.26 14.89 -8.06
N PRO A 98 13.65 13.79 -7.36
CA PRO A 98 15.06 13.50 -7.15
C PRO A 98 15.70 12.94 -8.43
N ASN A 99 14.88 12.83 -9.46
CA ASN A 99 15.34 12.32 -10.74
C ASN A 99 15.87 10.90 -10.54
N PHE A 100 14.94 9.97 -10.39
CA PHE A 100 15.29 8.57 -10.20
C PHE A 100 14.04 7.71 -10.02
N VAL A 101 13.06 8.28 -9.35
CA VAL A 101 11.81 7.57 -9.11
C VAL A 101 11.07 7.37 -10.44
N LYS A 102 9.95 6.68 -10.36
CA LYS A 102 9.15 6.41 -11.54
C LYS A 102 7.92 5.58 -11.15
N LYS A 103 8.13 4.69 -10.20
CA LYS A 103 7.06 3.83 -9.73
C LYS A 103 7.32 3.47 -8.26
N ILE A 104 6.24 3.49 -7.48
CA ILE A 104 6.33 3.16 -6.07
C ILE A 104 5.84 1.73 -5.85
N ASP A 105 6.48 1.06 -4.89
CA ASP A 105 6.11 -0.30 -4.57
C ASP A 105 4.93 -0.30 -3.61
N ALA A 106 5.09 0.45 -2.53
CA ALA A 106 4.05 0.55 -1.53
C ALA A 106 4.20 1.87 -0.76
N ALA A 107 3.16 2.22 -0.02
CA ALA A 107 3.16 3.45 0.75
C ALA A 107 2.22 3.29 1.95
N VAL A 108 2.77 3.54 3.13
CA VAL A 108 2.00 3.43 4.35
C VAL A 108 2.54 4.42 5.38
N PHE A 109 1.70 4.74 6.36
CA PHE A 109 2.08 5.67 7.41
C PHE A 109 2.69 4.92 8.60
N ASN A 110 3.39 5.68 9.44
CA ASN A 110 4.02 5.12 10.61
C ASN A 110 3.40 5.73 11.87
N PRO A 111 2.40 5.01 12.43
CA PRO A 111 1.73 5.47 13.64
C PRO A 111 2.61 5.29 14.87
N ARG A 112 3.85 5.75 14.75
CA ARG A 112 4.79 5.65 15.84
C ARG A 112 5.89 6.70 15.71
N PHE A 113 6.31 6.92 14.45
CA PHE A 113 7.34 7.89 14.17
C PHE A 113 6.78 9.09 13.42
N TYR A 114 5.47 9.03 13.17
CA TYR A 114 4.80 10.10 12.46
C TYR A 114 5.47 10.38 11.11
N ARG A 115 5.74 9.29 10.39
CA ARG A 115 6.38 9.40 9.10
C ARG A 115 5.76 8.39 8.12
N THR A 116 5.81 8.74 6.85
CA THR A 116 5.27 7.87 5.81
C THR A 116 6.39 7.10 5.12
N TYR A 117 6.23 5.78 5.08
CA TYR A 117 7.22 4.93 4.45
C TYR A 117 6.98 4.84 2.95
N PHE A 118 8.07 4.93 2.20
CA PHE A 118 8.00 4.86 0.75
C PHE A 118 9.05 3.88 0.20
N PHE A 119 8.54 2.76 -0.30
CA PHE A 119 9.42 1.75 -0.86
C PHE A 119 9.44 1.81 -2.38
N VAL A 120 10.64 1.79 -2.93
CA VAL A 120 10.81 1.84 -4.38
C VAL A 120 11.80 0.77 -4.82
N ASP A 121 11.26 -0.42 -5.05
CA ASP A 121 12.08 -1.54 -5.48
C ASP A 121 13.10 -1.87 -4.38
N ASN A 122 14.20 -1.15 -4.40
CA ASN A 122 15.25 -1.36 -3.41
C ASN A 122 15.64 -0.02 -2.80
N GLN A 123 14.62 0.77 -2.47
CA GLN A 123 14.84 2.08 -1.88
C GLN A 123 13.91 2.28 -0.68
N TYR A 124 14.40 3.01 0.30
CA TYR A 124 13.63 3.29 1.50
C TYR A 124 13.60 4.79 1.81
N TRP A 125 12.66 5.48 1.18
CA TRP A 125 12.52 6.91 1.38
C TRP A 125 11.63 7.13 2.60
N ARG A 126 11.60 8.37 3.05
CA ARG A 126 10.81 8.74 4.21
C ARG A 126 10.42 10.22 4.16
N TYR A 127 9.13 10.45 3.95
CA TYR A 127 8.62 11.80 3.87
C TYR A 127 8.19 12.32 5.24
N ASP A 128 8.69 13.50 5.58
CA ASP A 128 8.37 14.11 6.86
C ASP A 128 6.97 14.74 6.79
N GLU A 129 6.12 14.30 7.70
CA GLU A 129 4.76 14.81 7.75
C GLU A 129 4.69 16.06 8.64
N ARG A 130 5.26 15.92 9.83
CA ARG A 130 5.26 17.02 10.78
C ARG A 130 5.96 18.25 10.17
N ARG A 131 6.94 17.96 9.31
CA ARG A 131 7.69 19.02 8.66
C ARG A 131 7.14 19.27 7.26
N GLN A 132 6.58 18.23 6.68
CA GLN A 132 6.01 18.32 5.34
C GLN A 132 7.11 18.57 4.31
N MET A 133 8.20 17.84 4.46
CA MET A 133 9.33 17.97 3.56
C MET A 133 10.02 16.62 3.35
N MET A 134 10.16 16.26 2.09
CA MET A 134 10.80 15.01 1.72
C MET A 134 12.29 15.03 2.09
N ASP A 135 12.74 13.93 2.69
CA ASP A 135 14.13 13.82 3.09
C ASP A 135 15.03 13.97 1.86
N PRO A 136 16.08 14.82 2.02
CA PRO A 136 17.01 15.07 0.93
C PRO A 136 17.95 13.88 0.73
N GLY A 137 17.88 13.29 -0.45
CA GLY A 137 18.71 12.15 -0.78
C GLY A 137 18.78 11.17 0.39
N TYR A 138 17.90 10.18 0.36
CA TYR A 138 17.86 9.18 1.41
C TYR A 138 17.72 7.77 0.82
N PRO A 139 18.77 7.37 0.05
CA PRO A 139 18.78 6.05 -0.58
C PRO A 139 19.07 4.96 0.45
N LYS A 140 18.05 4.64 1.23
CA LYS A 140 18.19 3.62 2.25
C LYS A 140 17.67 2.28 1.70
N LEU A 141 17.87 1.24 2.50
CA LEU A 141 17.43 -0.09 2.10
C LEU A 141 16.33 -0.56 3.06
N ILE A 142 15.34 -1.23 2.49
CA ILE A 142 14.22 -1.74 3.28
C ILE A 142 14.72 -2.90 4.14
N THR A 143 15.15 -3.95 3.47
CA THR A 143 15.65 -5.13 4.17
C THR A 143 16.43 -4.72 5.42
N LYS A 144 17.21 -3.66 5.27
CA LYS A 144 18.00 -3.15 6.38
C LYS A 144 17.08 -2.65 7.48
N ASN A 145 16.34 -1.60 7.17
CA ASN A 145 15.42 -1.01 8.11
C ASN A 145 14.62 -2.12 8.80
N PHE A 146 14.32 -3.16 8.02
CA PHE A 146 13.56 -4.29 8.53
C PHE A 146 13.94 -5.58 7.80
N GLN A 147 14.48 -6.52 8.55
CA GLN A 147 14.89 -7.80 7.99
C GLN A 147 13.76 -8.82 8.14
N GLY A 148 13.31 -9.31 6.99
CA GLY A 148 12.23 -10.29 6.97
C GLY A 148 11.39 -10.16 5.70
N ILE A 149 11.23 -8.92 5.26
CA ILE A 149 10.45 -8.65 4.06
C ILE A 149 11.36 -8.75 2.83
N GLY A 150 12.64 -8.55 3.08
CA GLY A 150 13.62 -8.61 2.00
C GLY A 150 13.93 -7.22 1.45
N PRO A 151 14.89 -7.18 0.48
CA PRO A 151 15.27 -5.93 -0.13
C PRO A 151 14.21 -5.43 -1.11
N LYS A 152 13.24 -6.30 -1.37
CA LYS A 152 12.16 -5.97 -2.28
C LYS A 152 10.82 -6.28 -1.61
N ILE A 153 9.92 -5.33 -1.70
CA ILE A 153 8.60 -5.49 -1.11
C ILE A 153 7.53 -5.20 -2.17
N ASP A 154 6.47 -6.00 -2.13
CA ASP A 154 5.38 -5.85 -3.08
C ASP A 154 4.47 -4.71 -2.62
N ALA A 155 3.85 -4.92 -1.46
CA ALA A 155 2.95 -3.93 -0.91
C ALA A 155 2.93 -4.05 0.62
N VAL A 156 2.26 -3.11 1.26
CA VAL A 156 2.16 -3.11 2.71
C VAL A 156 0.96 -2.26 3.13
N PHE A 157 0.35 -2.67 4.23
CA PHE A 157 -0.81 -1.95 4.75
C PHE A 157 -0.88 -2.05 6.27
N TYR A 158 -1.52 -1.06 6.87
CA TYR A 158 -1.67 -1.03 8.33
C TYR A 158 -3.14 -1.02 8.73
N SER A 159 -3.69 -2.21 8.89
CA SER A 159 -5.07 -2.36 9.27
C SER A 159 -5.17 -3.09 10.61
N LYS A 160 -4.03 -3.60 11.06
CA LYS A 160 -3.98 -4.32 12.32
C LYS A 160 -4.19 -3.34 13.47
N ASN A 161 -3.90 -3.82 14.68
CA ASN A 161 -4.06 -3.00 15.87
C ASN A 161 -2.69 -2.45 16.28
N LYS A 162 -1.68 -3.28 16.11
CA LYS A 162 -0.32 -2.88 16.46
C LYS A 162 0.66 -3.81 15.75
N TYR A 163 0.42 -4.01 14.46
CA TYR A 163 1.28 -4.87 13.67
C TYR A 163 1.41 -4.34 12.23
N TYR A 164 2.41 -4.84 11.54
CA TYR A 164 2.66 -4.43 10.17
C TYR A 164 2.81 -5.64 9.25
N TYR A 165 1.84 -5.79 8.35
CA TYR A 165 1.86 -6.91 7.41
C TYR A 165 2.51 -6.50 6.09
N PHE A 166 3.24 -7.44 5.50
CA PHE A 166 3.91 -7.19 4.24
C PHE A 166 3.71 -8.36 3.28
N PHE A 167 3.63 -8.02 2.00
CA PHE A 167 3.44 -9.03 0.97
C PHE A 167 4.69 -9.16 0.10
N GLN A 168 5.34 -10.31 0.21
CA GLN A 168 6.54 -10.57 -0.56
C GLN A 168 6.39 -11.87 -1.35
N GLY A 169 5.73 -11.77 -2.49
CA GLY A 169 5.52 -12.92 -3.34
C GLY A 169 4.09 -13.47 -3.19
N SER A 170 3.96 -14.46 -2.33
CA SER A 170 2.67 -15.08 -2.08
C SER A 170 2.53 -15.41 -0.59
N ASN A 171 2.94 -14.47 0.24
CA ASN A 171 2.86 -14.65 1.68
C ASN A 171 2.53 -13.32 2.35
N GLN A 172 1.70 -13.40 3.38
CA GLN A 172 1.29 -12.21 4.11
C GLN A 172 1.49 -12.41 5.62
N PHE A 173 2.74 -12.43 6.02
CA PHE A 173 3.08 -12.62 7.42
C PHE A 173 2.90 -11.31 8.20
N GLU A 174 3.06 -11.43 9.52
CA GLU A 174 2.91 -10.28 10.39
C GLU A 174 4.28 -9.81 10.90
N TYR A 175 4.34 -8.56 11.33
CA TYR A 175 5.57 -7.99 11.84
C TYR A 175 5.31 -7.15 13.09
N ASP A 176 6.07 -7.46 14.14
CA ASP A 176 5.94 -6.75 15.39
C ASP A 176 6.90 -5.57 15.41
N PHE A 177 6.42 -4.45 15.93
CA PHE A 177 7.22 -3.25 16.02
C PHE A 177 8.02 -3.21 17.32
N LEU A 178 7.52 -3.95 18.30
CA LEU A 178 8.18 -4.02 19.60
C LEU A 178 9.08 -5.25 19.65
N LEU A 179 9.06 -6.01 18.56
CA LEU A 179 9.87 -7.21 18.47
C LEU A 179 10.74 -7.14 17.22
N GLN A 180 10.13 -6.67 16.13
CA GLN A 180 10.84 -6.56 14.87
C GLN A 180 10.99 -7.93 14.21
N ARG A 181 10.17 -8.86 14.66
CA ARG A 181 10.20 -10.20 14.12
C ARG A 181 8.82 -10.59 13.57
N ILE A 182 8.81 -11.65 12.78
CA ILE A 182 7.57 -12.13 12.19
C ILE A 182 7.02 -13.28 13.02
N THR A 183 5.90 -13.02 13.66
CA THR A 183 5.27 -14.04 14.50
C THR A 183 4.68 -15.16 13.63
N LYS A 184 3.63 -14.81 12.91
CA LYS A 184 2.97 -15.77 12.04
C LYS A 184 3.21 -15.38 10.58
N THR A 185 3.29 -16.40 9.73
CA THR A 185 3.52 -16.17 8.31
C THR A 185 2.55 -17.00 7.48
N LEU A 186 1.51 -16.32 7.01
CA LEU A 186 0.50 -16.99 6.20
C LEU A 186 0.97 -17.04 4.74
N LYS A 187 0.13 -17.62 3.89
CA LYS A 187 0.45 -17.74 2.49
C LYS A 187 -0.65 -17.06 1.67
N SER A 188 -0.63 -15.73 1.69
CA SER A 188 -1.62 -14.95 0.95
C SER A 188 -3.01 -15.54 1.17
N ASN A 189 -3.17 -16.21 2.30
CA ASN A 189 -4.44 -16.82 2.64
C ASN A 189 -4.77 -16.52 4.10
N SER A 190 -4.33 -15.36 4.55
CA SER A 190 -4.57 -14.95 5.93
C SER A 190 -5.75 -13.98 5.98
N TRP A 191 -6.71 -14.20 5.09
CA TRP A 191 -7.89 -13.36 5.02
C TRP A 191 -8.75 -13.84 3.86
N PHE A 192 -9.11 -15.12 3.90
CA PHE A 192 -9.92 -15.71 2.85
C PHE A 192 -10.52 -17.04 3.31
N GLY A 193 -9.70 -17.82 4.01
CA GLY A 193 -10.13 -19.11 4.50
C GLY A 193 -9.45 -20.25 3.74
N CYS A 194 -8.14 -20.36 3.94
CA CYS A 194 -7.36 -21.39 3.30
C CYS A 194 -5.93 -21.32 3.83
N MET A 1 -4.66 -9.92 -15.82
CA MET A 1 -4.03 -11.03 -15.12
C MET A 1 -4.99 -11.65 -14.11
N GLU A 2 -5.24 -12.94 -14.30
CA GLU A 2 -6.13 -13.67 -13.42
C GLU A 2 -5.42 -14.89 -12.83
N PRO A 3 -5.21 -14.84 -11.49
CA PRO A 3 -4.54 -15.92 -10.79
C PRO A 3 -5.47 -17.13 -10.64
N ALA A 4 -6.25 -17.10 -9.57
CA ALA A 4 -7.18 -18.18 -9.30
C ALA A 4 -8.17 -17.73 -8.22
N LEU A 5 -7.61 -17.25 -7.12
CA LEU A 5 -8.42 -16.79 -6.01
C LEU A 5 -9.02 -18.00 -5.28
N CYS A 6 -8.23 -19.06 -5.21
CA CYS A 6 -8.66 -20.28 -4.56
C CYS A 6 -7.55 -21.32 -4.68
N ASP A 7 -6.32 -20.85 -4.47
CA ASP A 7 -5.17 -21.72 -4.55
C ASP A 7 -3.97 -21.07 -3.84
N PRO A 8 -3.04 -21.93 -3.36
CA PRO A 8 -1.86 -21.44 -2.67
C PRO A 8 -0.86 -20.84 -3.65
N ASN A 9 -1.33 -19.84 -4.39
CA ASN A 9 -0.48 -19.18 -5.37
C ASN A 9 -1.16 -17.87 -5.80
N LEU A 10 -1.46 -17.04 -4.82
CA LEU A 10 -2.09 -15.76 -5.09
C LEU A 10 -1.09 -14.64 -4.87
N SER A 11 -1.25 -13.57 -5.65
CA SER A 11 -0.36 -12.42 -5.55
C SER A 11 -1.18 -11.14 -5.55
N PHE A 12 -0.58 -10.09 -5.01
CA PHE A 12 -1.23 -8.80 -4.94
C PHE A 12 -0.38 -7.72 -5.59
N ASP A 13 -0.98 -6.55 -5.77
CA ASP A 13 -0.29 -5.43 -6.38
C ASP A 13 -0.11 -4.31 -5.35
N ALA A 14 -1.24 -3.88 -4.79
CA ALA A 14 -1.22 -2.82 -3.80
C ALA A 14 -2.20 -3.17 -2.67
N VAL A 15 -2.18 -2.36 -1.63
CA VAL A 15 -3.05 -2.57 -0.49
C VAL A 15 -3.32 -1.23 0.21
N THR A 16 -4.57 -1.02 0.57
CA THR A 16 -4.95 0.21 1.24
C THR A 16 -5.79 -0.11 2.49
N THR A 17 -5.71 0.79 3.45
CA THR A 17 -6.44 0.62 4.70
C THR A 17 -7.19 1.91 5.04
N VAL A 18 -8.51 1.85 4.86
CA VAL A 18 -9.34 3.01 5.16
C VAL A 18 -10.39 2.61 6.20
N GLY A 19 -10.00 2.69 7.45
CA GLY A 19 -10.89 2.35 8.55
C GLY A 19 -10.86 0.84 8.83
N ASN A 20 -12.03 0.23 8.69
CA ASN A 20 -12.17 -1.20 8.92
C ASN A 20 -12.37 -1.91 7.58
N LYS A 21 -12.15 -1.15 6.50
CA LYS A 21 -12.31 -1.70 5.17
C LYS A 21 -10.92 -1.90 4.54
N ILE A 22 -10.83 -2.95 3.74
CA ILE A 22 -9.58 -3.28 3.08
C ILE A 22 -9.84 -3.55 1.59
N PHE A 23 -8.83 -3.27 0.78
CA PHE A 23 -8.95 -3.48 -0.65
C PHE A 23 -7.64 -4.01 -1.23
N PHE A 24 -7.76 -4.79 -2.30
CA PHE A 24 -6.60 -5.37 -2.96
C PHE A 24 -6.80 -5.41 -4.47
N PHE A 25 -6.12 -4.49 -5.15
CA PHE A 25 -6.21 -4.42 -6.60
C PHE A 25 -5.29 -5.45 -7.26
N LYS A 26 -5.63 -5.81 -8.49
CA LYS A 26 -4.85 -6.77 -9.23
C LYS A 26 -4.49 -6.18 -10.59
N ASP A 27 -5.52 -5.74 -11.30
CA ASP A 27 -5.32 -5.16 -12.62
C ASP A 27 -6.60 -4.42 -13.04
N ARG A 28 -6.75 -3.21 -12.51
CA ARG A 28 -7.91 -2.40 -12.81
C ARG A 28 -9.11 -2.85 -11.97
N PHE A 29 -8.93 -3.98 -11.30
CA PHE A 29 -9.99 -4.53 -10.46
C PHE A 29 -9.68 -4.30 -8.98
N PHE A 30 -10.73 -4.23 -8.19
CA PHE A 30 -10.59 -4.03 -6.75
C PHE A 30 -11.21 -5.19 -5.96
N TRP A 31 -10.60 -5.48 -4.83
CA TRP A 31 -11.08 -6.56 -3.98
C TRP A 31 -11.83 -5.93 -2.80
N LEU A 32 -12.96 -6.52 -2.47
CA LEU A 32 -13.77 -6.03 -1.37
C LEU A 32 -14.28 -7.22 -0.55
N LYS A 33 -13.67 -7.39 0.61
CA LYS A 33 -14.05 -8.48 1.50
C LYS A 33 -13.72 -8.09 2.95
N VAL A 34 -14.77 -7.76 3.69
CA VAL A 34 -14.61 -7.37 5.07
C VAL A 34 -15.98 -7.00 5.66
N SER A 35 -16.48 -5.86 5.23
CA SER A 35 -17.76 -5.38 5.69
C SER A 35 -18.73 -6.56 5.87
N GLU A 36 -19.33 -6.96 4.75
CA GLU A 36 -20.27 -8.07 4.77
C GLU A 36 -20.18 -8.86 3.47
N ARG A 37 -19.04 -9.50 3.27
CA ARG A 37 -18.80 -10.28 2.08
C ARG A 37 -18.34 -11.69 2.44
N PRO A 38 -19.04 -12.70 1.86
CA PRO A 38 -18.70 -14.09 2.13
C PRO A 38 -17.43 -14.50 1.39
N LYS A 39 -17.28 -13.97 0.18
CA LYS A 39 -16.12 -14.27 -0.63
C LYS A 39 -15.66 -12.99 -1.34
N THR A 40 -14.43 -13.04 -1.85
CA THR A 40 -13.87 -11.90 -2.55
C THR A 40 -14.47 -11.78 -3.95
N SER A 41 -14.80 -10.55 -4.32
CA SER A 41 -15.39 -10.29 -5.62
C SER A 41 -14.37 -9.57 -6.52
N VAL A 42 -14.20 -10.12 -7.71
CA VAL A 42 -13.26 -9.54 -8.67
C VAL A 42 -14.03 -8.64 -9.63
N ASN A 43 -14.42 -7.48 -9.12
CA ASN A 43 -15.16 -6.53 -9.93
C ASN A 43 -14.19 -5.48 -10.48
N LEU A 44 -14.75 -4.54 -11.25
CA LEU A 44 -13.95 -3.49 -11.84
C LEU A 44 -13.96 -2.27 -10.92
N ILE A 45 -12.89 -1.50 -11.00
CA ILE A 45 -12.75 -0.31 -10.18
C ILE A 45 -13.80 0.73 -10.63
N SER A 46 -13.67 1.15 -11.87
CA SER A 46 -14.58 2.13 -12.43
C SER A 46 -16.02 1.76 -12.08
N SER A 47 -16.24 0.46 -11.88
CA SER A 47 -17.56 -0.04 -11.54
C SER A 47 -18.12 0.74 -10.36
N LEU A 48 -17.25 1.00 -9.38
CA LEU A 48 -17.65 1.74 -8.20
C LEU A 48 -17.09 3.16 -8.28
N TRP A 49 -15.80 3.27 -8.01
CA TRP A 49 -15.13 4.56 -8.04
C TRP A 49 -15.50 5.26 -9.35
N PRO A 50 -15.48 6.62 -9.32
CA PRO A 50 -15.81 7.40 -10.49
C PRO A 50 -14.68 7.37 -11.51
N THR A 51 -13.66 8.17 -11.25
CA THR A 51 -12.51 8.24 -12.14
C THR A 51 -11.22 8.04 -11.36
N LEU A 52 -10.74 6.80 -11.37
CA LEU A 52 -9.52 6.46 -10.67
C LEU A 52 -8.43 6.09 -11.68
N PRO A 53 -7.16 6.12 -11.22
CA PRO A 53 -6.03 5.80 -12.06
C PRO A 53 -5.94 4.28 -12.30
N SER A 54 -6.83 3.57 -11.63
CA SER A 54 -6.85 2.12 -11.74
C SER A 54 -5.47 1.54 -11.46
N GLY A 55 -5.28 0.30 -11.88
CA GLY A 55 -4.00 -0.37 -11.69
C GLY A 55 -3.22 0.27 -10.54
N ILE A 56 -3.81 0.22 -9.36
CA ILE A 56 -3.18 0.78 -8.18
C ILE A 56 -1.90 0.00 -7.86
N GLU A 57 -0.77 0.69 -8.01
CA GLU A 57 0.52 0.07 -7.74
C GLU A 57 0.81 0.09 -6.24
N ALA A 58 0.37 1.16 -5.60
CA ALA A 58 0.58 1.31 -4.17
C ALA A 58 -0.48 2.26 -3.60
N ALA A 59 -1.12 1.80 -2.54
CA ALA A 59 -2.15 2.60 -1.89
C ALA A 59 -1.64 3.10 -0.53
N TYR A 60 -2.14 4.26 -0.14
CA TYR A 60 -1.74 4.84 1.12
C TYR A 60 -2.94 5.48 1.83
N GLU A 61 -2.78 5.68 3.14
CA GLU A 61 -3.83 6.28 3.94
C GLU A 61 -3.25 7.34 4.86
N ILE A 62 -3.95 8.47 4.94
CA ILE A 62 -3.53 9.57 5.77
C ILE A 62 -4.46 9.68 6.99
N GLU A 63 -4.14 8.88 8.01
CA GLU A 63 -4.93 8.88 9.22
C GLU A 63 -4.79 10.20 9.95
N ALA A 64 -5.43 11.22 9.39
CA ALA A 64 -5.38 12.56 9.97
C ALA A 64 -6.60 13.36 9.51
N ARG A 65 -6.74 13.44 8.20
CA ARG A 65 -7.85 14.17 7.60
C ARG A 65 -8.80 13.21 6.89
N ASN A 66 -8.56 11.92 7.11
CA ASN A 66 -9.38 10.89 6.49
C ASN A 66 -9.37 11.07 4.97
N GLN A 67 -8.25 10.68 4.38
CA GLN A 67 -8.09 10.79 2.94
C GLN A 67 -7.58 9.47 2.36
N VAL A 68 -7.52 9.42 1.04
CA VAL A 68 -7.06 8.23 0.35
C VAL A 68 -6.25 8.64 -0.88
N PHE A 69 -5.16 7.92 -1.11
CA PHE A 69 -4.30 8.19 -2.24
C PHE A 69 -3.97 6.91 -3.01
N LEU A 70 -4.01 7.02 -4.33
CA LEU A 70 -3.72 5.89 -5.19
C LEU A 70 -2.58 6.25 -6.14
N PHE A 71 -1.51 5.46 -6.04
CA PHE A 71 -0.35 5.69 -6.88
C PHE A 71 -0.48 4.95 -8.22
N LYS A 72 -0.09 5.63 -9.27
CA LYS A 72 -0.16 5.05 -10.61
C LYS A 72 0.79 5.81 -11.53
N ASP A 73 1.83 5.11 -11.98
CA ASP A 73 2.81 5.70 -12.86
C ASP A 73 3.35 6.99 -12.24
N ASP A 74 3.74 7.91 -13.11
CA ASP A 74 4.28 9.18 -12.66
C ASP A 74 3.13 10.16 -12.45
N LYS A 75 2.07 9.67 -11.83
CA LYS A 75 0.90 10.49 -11.56
C LYS A 75 0.19 9.98 -10.30
N TYR A 76 -0.43 10.91 -9.60
CA TYR A 76 -1.14 10.57 -8.38
C TYR A 76 -2.56 11.15 -8.40
N TRP A 77 -3.44 10.50 -7.64
CA TRP A 77 -4.82 10.94 -7.56
C TRP A 77 -5.13 11.22 -6.08
N LEU A 78 -6.00 12.21 -5.88
CA LEU A 78 -6.39 12.59 -4.54
C LEU A 78 -7.88 12.29 -4.33
N ILE A 79 -8.17 11.75 -3.16
CA ILE A 79 -9.55 11.40 -2.82
C ILE A 79 -9.88 11.94 -1.43
N SER A 80 -10.63 13.03 -1.42
CA SER A 80 -11.03 13.66 -0.16
C SER A 80 -12.54 13.49 0.04
N ASN A 81 -12.90 13.14 1.27
CA ASN A 81 -14.29 12.95 1.62
C ASN A 81 -14.89 11.88 0.70
N LEU A 82 -14.14 10.80 0.55
CA LEU A 82 -14.59 9.69 -0.29
C LEU A 82 -14.96 10.22 -1.67
N ARG A 83 -14.19 11.21 -2.12
CA ARG A 83 -14.43 11.81 -3.42
C ARG A 83 -13.12 12.31 -4.03
N PRO A 84 -12.88 11.89 -5.30
CA PRO A 84 -11.67 12.29 -5.99
C PRO A 84 -11.75 13.75 -6.45
N GLU A 85 -10.60 14.27 -6.85
CA GLU A 85 -10.53 15.65 -7.31
C GLU A 85 -11.10 15.78 -8.73
N PRO A 86 -11.48 17.04 -9.08
CA PRO A 86 -12.04 17.30 -10.39
C PRO A 86 -10.96 17.29 -11.47
N ASN A 87 -10.26 16.16 -11.54
CA ASN A 87 -9.19 16.00 -12.52
C ASN A 87 -7.89 16.56 -11.93
N TYR A 88 -7.09 15.65 -11.38
CA TYR A 88 -5.82 16.03 -10.79
C TYR A 88 -4.67 15.19 -11.36
N PRO A 89 -4.43 15.35 -12.69
CA PRO A 89 -3.38 14.62 -13.35
C PRO A 89 -2.00 15.18 -12.99
N LYS A 90 -1.74 15.26 -11.70
CA LYS A 90 -0.48 15.78 -11.21
C LYS A 90 0.55 14.65 -11.21
N SER A 91 1.76 15.00 -10.79
CA SER A 91 2.85 14.04 -10.73
C SER A 91 3.62 14.21 -9.42
N ILE A 92 3.87 13.08 -8.77
CA ILE A 92 4.59 13.08 -7.51
C ILE A 92 5.96 13.74 -7.72
N HIS A 93 6.42 13.67 -8.96
CA HIS A 93 7.71 14.26 -9.30
C HIS A 93 7.62 15.78 -9.23
N SER A 94 6.41 16.28 -9.43
CA SER A 94 6.18 17.72 -9.39
C SER A 94 6.40 18.24 -7.96
N PHE A 95 6.55 17.31 -7.04
CA PHE A 95 6.77 17.66 -5.65
C PHE A 95 7.53 16.56 -4.92
N GLY A 96 8.49 15.98 -5.61
CA GLY A 96 9.31 14.92 -5.04
C GLY A 96 10.75 15.00 -5.55
N PHE A 97 10.90 14.75 -6.84
CA PHE A 97 12.22 14.78 -7.45
C PHE A 97 13.29 14.26 -6.49
N PRO A 98 13.12 12.99 -6.08
CA PRO A 98 14.06 12.36 -5.16
C PRO A 98 15.37 12.01 -5.88
N ASN A 99 15.38 10.81 -6.46
CA ASN A 99 16.56 10.34 -7.17
C ASN A 99 16.13 9.69 -8.48
N PHE A 100 15.11 8.83 -8.37
CA PHE A 100 14.60 8.13 -9.54
C PHE A 100 13.31 7.38 -9.20
N VAL A 101 12.20 8.11 -9.25
CA VAL A 101 10.91 7.52 -8.95
C VAL A 101 10.09 7.41 -10.24
N LYS A 102 8.98 6.69 -10.14
CA LYS A 102 8.11 6.49 -11.29
C LYS A 102 7.02 5.49 -10.93
N LYS A 103 7.40 4.52 -10.11
CA LYS A 103 6.46 3.49 -9.68
C LYS A 103 6.74 3.14 -8.22
N ILE A 104 5.69 3.22 -7.42
CA ILE A 104 5.79 2.92 -5.99
C ILE A 104 5.32 1.48 -5.75
N ASP A 105 6.01 0.81 -4.85
CA ASP A 105 5.67 -0.56 -4.51
C ASP A 105 4.62 -0.56 -3.41
N ALA A 106 4.87 0.22 -2.38
CA ALA A 106 3.95 0.32 -1.26
C ALA A 106 4.21 1.63 -0.51
N ALA A 107 3.29 1.94 0.40
CA ALA A 107 3.41 3.15 1.19
C ALA A 107 2.55 3.00 2.46
N VAL A 108 3.18 3.27 3.59
CA VAL A 108 2.50 3.18 4.87
C VAL A 108 2.76 4.45 5.68
N PHE A 109 1.97 4.62 6.72
CA PHE A 109 2.10 5.79 7.58
C PHE A 109 2.50 5.38 9.01
N ASN A 110 3.51 6.07 9.52
CA ASN A 110 4.00 5.79 10.86
C ASN A 110 3.30 6.72 11.86
N PRO A 111 2.60 6.09 12.84
CA PRO A 111 1.89 6.85 13.86
C PRO A 111 2.86 7.45 14.88
N ARG A 112 3.82 6.63 15.29
CA ARG A 112 4.81 7.07 16.25
C ARG A 112 5.99 7.74 15.53
N PHE A 113 5.65 8.59 14.58
CA PHE A 113 6.66 9.31 13.82
C PHE A 113 6.02 10.36 12.91
N TYR A 114 4.87 9.99 12.36
CA TYR A 114 4.15 10.90 11.47
C TYR A 114 4.87 11.02 10.12
N ARG A 115 5.39 9.90 9.65
CA ARG A 115 6.09 9.88 8.38
C ARG A 115 5.58 8.71 7.52
N THR A 116 5.57 8.96 6.21
CA THR A 116 5.11 7.96 5.27
C THR A 116 6.30 7.29 4.58
N TYR A 117 6.47 6.00 4.86
CA TYR A 117 7.56 5.25 4.28
C TYR A 117 7.23 4.83 2.85
N PHE A 118 8.03 5.32 1.92
CA PHE A 118 7.84 5.02 0.51
C PHE A 118 8.85 3.97 0.04
N PHE A 119 8.33 2.91 -0.57
CA PHE A 119 9.16 1.84 -1.07
C PHE A 119 9.27 1.89 -2.60
N VAL A 120 10.48 2.17 -3.07
CA VAL A 120 10.72 2.25 -4.51
C VAL A 120 12.00 1.49 -4.84
N ASP A 121 11.87 0.52 -5.72
CA ASP A 121 13.01 -0.28 -6.14
C ASP A 121 13.70 -0.84 -4.90
N ASN A 122 15.00 -1.06 -5.04
CA ASN A 122 15.80 -1.59 -3.94
C ASN A 122 16.30 -0.44 -3.07
N GLN A 123 15.37 0.43 -2.72
CA GLN A 123 15.70 1.58 -1.88
C GLN A 123 14.52 1.95 -0.99
N TYR A 124 14.81 2.74 0.03
CA TYR A 124 13.78 3.16 0.97
C TYR A 124 13.86 4.67 1.22
N TRP A 125 12.77 5.35 0.89
CA TRP A 125 12.71 6.79 1.08
C TRP A 125 11.67 7.08 2.17
N ARG A 126 11.72 8.31 2.68
CA ARG A 126 10.79 8.72 3.72
C ARG A 126 10.46 10.21 3.56
N TYR A 127 9.16 10.49 3.53
CA TYR A 127 8.69 11.85 3.39
C TYR A 127 8.25 12.42 4.73
N ASP A 128 8.45 13.72 4.89
CA ASP A 128 8.07 14.39 6.12
C ASP A 128 6.67 14.97 5.96
N GLU A 129 5.81 14.64 6.92
CA GLU A 129 4.43 15.11 6.90
C GLU A 129 4.30 16.37 7.76
N ARG A 130 4.80 16.26 8.99
CA ARG A 130 4.74 17.38 9.93
C ARG A 130 5.59 18.54 9.41
N ARG A 131 6.63 18.19 8.66
CA ARG A 131 7.52 19.20 8.11
C ARG A 131 7.05 19.62 6.71
N GLN A 132 6.68 18.63 5.92
CA GLN A 132 6.22 18.87 4.57
C GLN A 132 7.40 19.09 3.63
N MET A 133 8.44 18.30 3.84
CA MET A 133 9.64 18.39 3.01
C MET A 133 10.26 17.01 2.80
N MET A 134 10.18 16.56 1.56
CA MET A 134 10.72 15.25 1.20
C MET A 134 12.25 15.27 1.27
N ASP A 135 12.80 14.18 1.79
CA ASP A 135 14.25 14.05 1.91
C ASP A 135 14.80 13.31 0.69
N PRO A 136 15.56 14.07 -0.14
CA PRO A 136 16.16 13.50 -1.33
C PRO A 136 17.35 12.60 -0.98
N GLY A 137 18.30 13.18 -0.27
CA GLY A 137 19.49 12.46 0.13
C GLY A 137 19.17 11.48 1.26
N TYR A 138 18.34 10.51 0.94
CA TYR A 138 17.95 9.51 1.93
C TYR A 138 17.96 8.11 1.32
N PRO A 139 19.17 7.69 0.87
CA PRO A 139 19.33 6.38 0.26
C PRO A 139 19.31 5.28 1.32
N LYS A 140 18.15 5.11 1.92
CA LYS A 140 17.98 4.09 2.95
C LYS A 140 17.60 2.76 2.30
N LEU A 141 17.56 1.72 3.11
CA LEU A 141 17.20 0.40 2.64
C LEU A 141 15.99 -0.12 3.41
N ILE A 142 15.26 -1.02 2.76
CA ILE A 142 14.07 -1.59 3.37
C ILE A 142 14.50 -2.53 4.50
N THR A 143 15.41 -3.43 4.17
CA THR A 143 15.90 -4.39 5.16
C THR A 143 16.50 -3.65 6.35
N LYS A 144 17.36 -2.70 6.05
CA LYS A 144 18.00 -1.92 7.10
C LYS A 144 16.94 -1.40 8.07
N ASN A 145 16.11 -0.52 7.56
CA ASN A 145 15.04 0.06 8.37
C ASN A 145 14.41 -1.03 9.24
N PHE A 146 13.99 -2.10 8.57
CA PHE A 146 13.38 -3.21 9.26
C PHE A 146 13.99 -4.55 8.82
N GLN A 147 14.90 -5.04 9.64
CA GLN A 147 15.57 -6.29 9.35
C GLN A 147 14.66 -7.48 9.70
N GLY A 148 14.20 -8.16 8.66
CA GLY A 148 13.33 -9.31 8.83
C GLY A 148 12.11 -9.21 7.90
N ILE A 149 12.38 -8.80 6.68
CA ILE A 149 11.32 -8.67 5.69
C ILE A 149 11.88 -8.99 4.30
N GLY A 150 12.89 -8.23 3.92
CA GLY A 150 13.52 -8.41 2.63
C GLY A 150 13.93 -7.07 2.01
N PRO A 151 14.82 -7.15 0.98
CA PRO A 151 15.29 -5.96 0.31
C PRO A 151 14.22 -5.39 -0.62
N LYS A 152 13.32 -6.26 -1.04
CA LYS A 152 12.24 -5.86 -1.92
C LYS A 152 10.90 -6.08 -1.22
N ILE A 153 9.99 -5.14 -1.43
CA ILE A 153 8.66 -5.22 -0.83
C ILE A 153 7.60 -4.91 -1.88
N ASP A 154 6.50 -5.64 -1.80
CA ASP A 154 5.41 -5.45 -2.74
C ASP A 154 4.33 -4.59 -2.09
N ALA A 155 3.64 -5.18 -1.13
CA ALA A 155 2.58 -4.48 -0.42
C ALA A 155 2.88 -4.50 1.08
N VAL A 156 2.53 -3.41 1.74
CA VAL A 156 2.75 -3.28 3.16
C VAL A 156 1.84 -2.19 3.72
N PHE A 157 0.83 -2.62 4.47
CA PHE A 157 -0.12 -1.69 5.06
C PHE A 157 -0.09 -1.78 6.59
N TYR A 158 -0.70 -0.80 7.23
CA TYR A 158 -0.75 -0.76 8.68
C TYR A 158 -2.19 -0.60 9.18
N SER A 159 -2.91 -1.72 9.17
CA SER A 159 -4.29 -1.73 9.62
C SER A 159 -4.41 -2.49 10.95
N LYS A 160 -3.38 -3.29 11.22
CA LYS A 160 -3.37 -4.08 12.45
C LYS A 160 -3.14 -3.14 13.64
N ASN A 161 -2.54 -3.72 14.68
CA ASN A 161 -2.26 -2.95 15.89
C ASN A 161 -0.75 -3.01 16.18
N LYS A 162 -0.11 -1.86 16.09
CA LYS A 162 1.32 -1.78 16.36
C LYS A 162 2.02 -2.93 15.64
N TYR A 163 1.44 -3.36 14.54
CA TYR A 163 2.00 -4.45 13.76
C TYR A 163 2.08 -4.08 12.27
N TYR A 164 3.13 -4.56 11.63
CA TYR A 164 3.34 -4.29 10.22
C TYR A 164 3.35 -5.59 9.41
N TYR A 165 2.53 -5.61 8.38
CA TYR A 165 2.42 -6.77 7.52
C TYR A 165 3.11 -6.53 6.17
N PHE A 166 4.01 -7.45 5.83
CA PHE A 166 4.75 -7.35 4.59
C PHE A 166 4.58 -8.61 3.74
N PHE A 167 4.45 -8.39 2.44
CA PHE A 167 4.27 -9.49 1.51
C PHE A 167 5.03 -9.24 0.21
N GLN A 168 5.62 -10.31 -0.32
CA GLN A 168 6.37 -10.21 -1.56
C GLN A 168 6.35 -11.56 -2.30
N GLY A 169 5.19 -11.91 -2.80
CA GLY A 169 5.01 -13.16 -3.52
C GLY A 169 3.72 -13.85 -3.12
N SER A 170 3.82 -14.68 -2.09
CA SER A 170 2.67 -15.42 -1.61
C SER A 170 2.81 -15.69 -0.11
N ASN A 171 3.31 -14.69 0.59
CA ASN A 171 3.50 -14.81 2.03
C ASN A 171 3.32 -13.44 2.68
N GLN A 172 2.72 -13.45 3.86
CA GLN A 172 2.47 -12.23 4.59
C GLN A 172 3.15 -12.28 5.96
N PHE A 173 4.34 -11.69 6.02
CA PHE A 173 5.10 -11.66 7.26
C PHE A 173 4.70 -10.47 8.13
N GLU A 174 4.85 -10.64 9.43
CA GLU A 174 4.52 -9.58 10.37
C GLU A 174 5.76 -9.15 11.15
N TYR A 175 5.83 -7.85 11.41
CA TYR A 175 6.95 -7.29 12.14
C TYR A 175 6.49 -6.59 13.42
N ASP A 176 6.87 -7.17 14.54
CA ASP A 176 6.50 -6.61 15.84
C ASP A 176 7.66 -5.75 16.37
N PHE A 177 7.46 -4.45 16.32
CA PHE A 177 8.47 -3.52 16.78
C PHE A 177 8.86 -3.82 18.24
N LEU A 178 8.00 -4.59 18.90
CA LEU A 178 8.25 -4.96 20.29
C LEU A 178 9.73 -5.29 20.47
N LEU A 179 10.25 -6.06 19.52
CA LEU A 179 11.64 -6.45 19.56
C LEU A 179 12.06 -7.00 18.19
N GLN A 180 11.42 -6.46 17.16
CA GLN A 180 11.71 -6.88 15.80
C GLN A 180 11.79 -8.40 15.72
N ARG A 181 10.61 -9.02 15.74
CA ARG A 181 10.53 -10.46 15.67
C ARG A 181 9.40 -10.88 14.72
N ILE A 182 9.78 -11.64 13.70
CA ILE A 182 8.83 -12.12 12.72
C ILE A 182 8.30 -13.49 13.15
N THR A 183 7.24 -13.45 13.95
CA THR A 183 6.63 -14.68 14.43
C THR A 183 5.23 -14.85 13.84
N LYS A 184 5.13 -14.59 12.55
CA LYS A 184 3.86 -14.70 11.86
C LYS A 184 4.11 -14.88 10.36
N THR A 185 3.70 -16.04 9.86
CA THR A 185 3.88 -16.34 8.44
C THR A 185 2.63 -17.04 7.89
N LEU A 186 1.63 -16.23 7.59
CA LEU A 186 0.38 -16.74 7.06
C LEU A 186 0.39 -16.61 5.53
N LYS A 187 -0.48 -17.37 4.89
CA LYS A 187 -0.58 -17.34 3.44
C LYS A 187 -1.58 -16.26 3.02
N SER A 188 -1.29 -15.65 1.88
CA SER A 188 -2.16 -14.61 1.37
C SER A 188 -3.62 -14.97 1.57
N ASN A 189 -3.93 -16.23 1.31
CA ASN A 189 -5.28 -16.73 1.47
C ASN A 189 -5.40 -17.47 2.80
N SER A 190 -5.40 -16.68 3.88
CA SER A 190 -5.51 -17.24 5.21
C SER A 190 -6.76 -16.69 5.91
N TRP A 191 -7.40 -15.74 5.25
CA TRP A 191 -8.59 -15.12 5.81
C TRP A 191 -9.72 -15.31 4.79
N PHE A 192 -9.60 -14.59 3.67
CA PHE A 192 -10.61 -14.68 2.63
C PHE A 192 -11.16 -16.10 2.51
N GLY A 193 -10.25 -17.05 2.41
CA GLY A 193 -10.62 -18.45 2.29
C GLY A 193 -10.43 -18.95 0.86
N CYS A 194 -9.23 -18.72 0.34
CA CYS A 194 -8.92 -19.14 -1.01
C CYS A 194 -10.03 -18.67 -1.94
N MET A 1 -14.01 -13.84 -10.14
CA MET A 1 -14.41 -15.24 -10.21
C MET A 1 -13.73 -16.05 -9.10
N GLU A 2 -12.49 -16.44 -9.36
CA GLU A 2 -11.74 -17.21 -8.40
C GLU A 2 -10.23 -17.06 -8.65
N PRO A 3 -9.77 -15.79 -8.54
CA PRO A 3 -8.36 -15.49 -8.75
C PRO A 3 -7.51 -15.93 -7.55
N ALA A 4 -6.88 -17.08 -7.72
CA ALA A 4 -6.05 -17.64 -6.67
C ALA A 4 -6.56 -17.15 -5.30
N LEU A 5 -7.83 -17.42 -5.06
CA LEU A 5 -8.45 -17.03 -3.81
C LEU A 5 -8.57 -18.25 -2.88
N CYS A 6 -7.52 -19.06 -2.90
CA CYS A 6 -7.49 -20.26 -2.08
C CYS A 6 -6.09 -20.87 -2.16
N ASP A 7 -5.71 -21.23 -3.38
CA ASP A 7 -4.40 -21.81 -3.60
C ASP A 7 -3.31 -20.75 -3.37
N PRO A 8 -2.15 -21.22 -2.86
CA PRO A 8 -1.03 -20.32 -2.58
C PRO A 8 -0.34 -19.91 -3.89
N ASN A 9 -0.89 -18.88 -4.51
CA ASN A 9 -0.34 -18.38 -5.75
C ASN A 9 -0.97 -17.01 -6.08
N LEU A 10 -1.27 -16.29 -5.01
CA LEU A 10 -1.88 -14.97 -5.17
C LEU A 10 -0.84 -13.90 -4.83
N SER A 11 -0.86 -12.84 -5.64
CA SER A 11 0.07 -11.74 -5.43
C SER A 11 -0.70 -10.43 -5.25
N PHE A 12 -0.07 -9.51 -4.54
CA PHE A 12 -0.68 -8.21 -4.30
C PHE A 12 0.09 -7.09 -5.01
N ASP A 13 -0.50 -5.91 -4.99
CA ASP A 13 0.12 -4.76 -5.63
C ASP A 13 -0.19 -3.50 -4.81
N ALA A 14 -1.48 -3.25 -4.63
CA ALA A 14 -1.91 -2.09 -3.87
C ALA A 14 -2.86 -2.54 -2.77
N VAL A 15 -2.49 -2.22 -1.53
CA VAL A 15 -3.30 -2.58 -0.38
C VAL A 15 -3.49 -1.36 0.52
N THR A 16 -4.73 -1.16 0.93
CA THR A 16 -5.05 -0.02 1.79
C THR A 16 -6.24 -0.36 2.69
N THR A 17 -6.47 0.50 3.66
CA THR A 17 -7.58 0.31 4.59
C THR A 17 -8.51 1.52 4.57
N VAL A 18 -9.68 1.33 5.16
CA VAL A 18 -10.67 2.40 5.22
C VAL A 18 -11.44 2.29 6.53
N GLY A 19 -10.71 2.44 7.62
CA GLY A 19 -11.33 2.36 8.95
C GLY A 19 -11.90 0.97 9.21
N ASN A 20 -10.98 0.02 9.40
CA ASN A 20 -11.39 -1.35 9.67
C ASN A 20 -11.74 -2.03 8.34
N LYS A 21 -11.69 -1.25 7.28
CA LYS A 21 -12.00 -1.77 5.96
C LYS A 21 -10.71 -1.99 5.18
N ILE A 22 -10.83 -2.79 4.13
CA ILE A 22 -9.67 -3.09 3.29
C ILE A 22 -10.10 -3.11 1.82
N PHE A 23 -9.13 -2.90 0.95
CA PHE A 23 -9.39 -2.89 -0.48
C PHE A 23 -8.16 -3.33 -1.27
N PHE A 24 -8.28 -4.47 -1.92
CA PHE A 24 -7.20 -5.01 -2.71
C PHE A 24 -7.51 -4.94 -4.21
N PHE A 25 -6.45 -4.85 -5.01
CA PHE A 25 -6.61 -4.78 -6.45
C PHE A 25 -5.59 -5.68 -7.16
N LYS A 26 -5.86 -5.94 -8.42
CA LYS A 26 -4.98 -6.79 -9.21
C LYS A 26 -5.00 -6.31 -10.67
N ASP A 27 -4.01 -5.50 -11.00
CA ASP A 27 -3.90 -4.97 -12.35
C ASP A 27 -5.09 -4.04 -12.63
N ARG A 28 -6.20 -4.66 -13.01
CA ARG A 28 -7.41 -3.92 -13.31
C ARG A 28 -8.57 -4.43 -12.45
N PHE A 29 -8.35 -5.58 -11.84
CA PHE A 29 -9.36 -6.18 -11.00
C PHE A 29 -9.37 -5.55 -9.60
N PHE A 30 -10.56 -5.18 -9.17
CA PHE A 30 -10.72 -4.57 -7.86
C PHE A 30 -11.49 -5.48 -6.91
N TRP A 31 -10.76 -6.06 -5.97
CA TRP A 31 -11.36 -6.96 -5.00
C TRP A 31 -11.66 -6.15 -3.74
N LEU A 32 -12.40 -6.79 -2.83
CA LEU A 32 -12.76 -6.13 -1.58
C LEU A 32 -12.91 -7.20 -0.49
N LYS A 33 -12.26 -6.95 0.63
CA LYS A 33 -12.31 -7.88 1.75
C LYS A 33 -12.42 -7.08 3.06
N VAL A 34 -13.41 -7.44 3.86
CA VAL A 34 -13.63 -6.78 5.12
C VAL A 34 -14.33 -7.74 6.08
N SER A 35 -14.53 -7.27 7.31
CA SER A 35 -15.19 -8.07 8.32
C SER A 35 -14.79 -9.54 8.17
N GLU A 36 -15.69 -10.41 8.61
CA GLU A 36 -15.45 -11.84 8.53
C GLU A 36 -16.01 -12.39 7.21
N ARG A 37 -16.32 -11.47 6.31
CA ARG A 37 -16.85 -11.86 5.01
C ARG A 37 -16.37 -13.26 4.62
N PRO A 38 -17.36 -14.17 4.42
CA PRO A 38 -17.05 -15.54 4.05
C PRO A 38 -16.62 -15.63 2.58
N LYS A 39 -16.56 -14.47 1.95
CA LYS A 39 -16.16 -14.39 0.55
C LYS A 39 -15.75 -12.96 0.21
N THR A 40 -15.00 -12.84 -0.87
CA THR A 40 -14.53 -11.53 -1.32
C THR A 40 -15.29 -11.09 -2.57
N SER A 41 -15.41 -9.79 -2.73
CA SER A 41 -16.11 -9.22 -3.88
C SER A 41 -15.16 -9.14 -5.07
N VAL A 42 -15.75 -9.05 -6.25
CA VAL A 42 -14.97 -8.96 -7.47
C VAL A 42 -15.50 -7.80 -8.33
N ASN A 43 -15.09 -6.59 -7.95
CA ASN A 43 -15.51 -5.41 -8.67
C ASN A 43 -14.31 -4.80 -9.39
N LEU A 44 -14.55 -3.67 -10.03
CA LEU A 44 -13.50 -2.98 -10.76
C LEU A 44 -13.32 -1.57 -10.20
N ILE A 45 -12.16 -1.00 -10.47
CA ILE A 45 -11.86 0.35 -10.00
C ILE A 45 -12.89 1.33 -10.54
N SER A 46 -12.67 1.74 -11.79
CA SER A 46 -13.58 2.66 -12.44
C SER A 46 -15.03 2.29 -12.13
N SER A 47 -15.26 1.00 -12.02
CA SER A 47 -16.59 0.49 -11.74
C SER A 47 -17.29 1.42 -10.75
N LEU A 48 -16.56 1.78 -9.70
CA LEU A 48 -17.10 2.65 -8.67
C LEU A 48 -16.45 4.03 -8.80
N TRP A 49 -15.16 4.08 -8.53
CA TRP A 49 -14.41 5.31 -8.60
C TRP A 49 -14.67 5.93 -9.98
N PRO A 50 -14.73 7.29 -9.99
CA PRO A 50 -14.98 8.02 -11.23
C PRO A 50 -13.73 8.04 -12.11
N THR A 51 -12.90 9.04 -11.88
CA THR A 51 -11.67 9.18 -12.65
C THR A 51 -10.47 8.68 -11.83
N LEU A 52 -10.12 7.43 -12.06
CA LEU A 52 -9.01 6.83 -11.36
C LEU A 52 -8.23 5.91 -12.33
N PRO A 53 -6.88 5.90 -12.14
CA PRO A 53 -6.02 5.09 -12.98
C PRO A 53 -6.13 3.61 -12.60
N SER A 54 -5.68 2.76 -13.52
CA SER A 54 -5.71 1.33 -13.30
C SER A 54 -4.32 0.82 -12.92
N GLY A 55 -4.30 -0.17 -12.04
CA GLY A 55 -3.05 -0.74 -11.58
C GLY A 55 -2.32 0.20 -10.64
N ILE A 56 -2.98 0.51 -9.52
CA ILE A 56 -2.40 1.40 -8.54
C ILE A 56 -1.02 0.90 -8.14
N GLU A 57 -0.09 1.83 -8.00
CA GLU A 57 1.27 1.49 -7.62
C GLU A 57 1.38 1.30 -6.10
N ALA A 58 0.88 2.30 -5.38
CA ALA A 58 0.91 2.26 -3.93
C ALA A 58 -0.35 2.92 -3.38
N ALA A 59 -1.17 2.12 -2.71
CA ALA A 59 -2.39 2.61 -2.12
C ALA A 59 -2.22 2.75 -0.61
N TYR A 60 -2.48 3.95 -0.13
CA TYR A 60 -2.36 4.24 1.29
C TYR A 60 -3.54 5.07 1.79
N GLU A 61 -3.50 5.38 3.08
CA GLU A 61 -4.55 6.17 3.70
C GLU A 61 -3.96 7.17 4.68
N ILE A 62 -4.67 8.26 4.88
CA ILE A 62 -4.24 9.30 5.79
C ILE A 62 -5.18 9.36 6.99
N GLU A 63 -4.86 8.55 7.99
CA GLU A 63 -5.68 8.51 9.20
C GLU A 63 -5.56 9.82 9.97
N ALA A 64 -6.08 10.87 9.36
CA ALA A 64 -6.04 12.18 9.98
C ALA A 64 -7.37 12.90 9.74
N ARG A 65 -7.60 13.25 8.47
CA ARG A 65 -8.82 13.93 8.10
C ARG A 65 -9.72 13.00 7.28
N ASN A 66 -9.41 11.71 7.33
CA ASN A 66 -10.16 10.72 6.61
C ASN A 66 -10.09 11.03 5.11
N GLN A 67 -8.98 10.63 4.50
CA GLN A 67 -8.78 10.86 3.09
C GLN A 67 -8.31 9.57 2.41
N VAL A 68 -8.20 9.64 1.09
CA VAL A 68 -7.76 8.49 0.31
C VAL A 68 -6.80 8.97 -0.80
N PHE A 69 -5.95 8.05 -1.22
CA PHE A 69 -4.99 8.35 -2.27
C PHE A 69 -4.60 7.09 -3.04
N LEU A 70 -4.46 7.25 -4.34
CA LEU A 70 -4.08 6.14 -5.20
C LEU A 70 -2.96 6.58 -6.14
N PHE A 71 -1.77 6.05 -5.88
CA PHE A 71 -0.61 6.38 -6.69
C PHE A 71 -0.60 5.55 -7.99
N LYS A 72 -0.10 6.19 -9.05
CA LYS A 72 -0.03 5.53 -10.34
C LYS A 72 0.94 6.30 -11.24
N ASP A 73 1.96 5.60 -11.70
CA ASP A 73 2.96 6.20 -12.56
C ASP A 73 3.54 7.44 -11.88
N ASP A 74 3.98 8.38 -12.71
CA ASP A 74 4.56 9.61 -12.20
C ASP A 74 3.43 10.62 -11.93
N LYS A 75 2.35 10.12 -11.36
CA LYS A 75 1.21 10.96 -11.05
C LYS A 75 0.41 10.33 -9.91
N TYR A 76 -0.23 11.18 -9.13
CA TYR A 76 -1.03 10.72 -8.01
C TYR A 76 -2.25 11.62 -7.80
N TRP A 77 -3.42 10.98 -7.79
CA TRP A 77 -4.66 11.71 -7.61
C TRP A 77 -4.96 11.75 -6.10
N LEU A 78 -5.74 12.76 -5.72
CA LEU A 78 -6.09 12.94 -4.33
C LEU A 78 -7.61 12.81 -4.18
N ILE A 79 -8.02 11.94 -3.28
CA ILE A 79 -9.44 11.71 -3.04
C ILE A 79 -9.88 12.55 -1.83
N SER A 80 -10.48 13.69 -2.13
CA SER A 80 -10.95 14.58 -1.09
C SER A 80 -12.47 14.42 -0.90
N ASN A 81 -12.83 14.01 0.31
CA ASN A 81 -14.24 13.81 0.63
C ASN A 81 -14.82 12.74 -0.31
N LEU A 82 -14.07 11.67 -0.45
CA LEU A 82 -14.51 10.57 -1.30
C LEU A 82 -14.71 11.09 -2.72
N ARG A 83 -13.88 12.06 -3.10
CA ARG A 83 -13.97 12.65 -4.42
C ARG A 83 -12.56 13.01 -4.93
N PRO A 84 -12.16 12.34 -6.03
CA PRO A 84 -10.85 12.58 -6.63
C PRO A 84 -10.83 13.91 -7.38
N GLU A 85 -10.13 14.88 -6.80
CA GLU A 85 -10.03 16.19 -7.40
C GLU A 85 -9.90 16.06 -8.92
N PRO A 86 -10.85 16.73 -9.64
CA PRO A 86 -10.84 16.70 -11.09
C PRO A 86 -9.74 17.59 -11.65
N ASN A 87 -9.04 17.06 -12.64
CA ASN A 87 -7.96 17.79 -13.28
C ASN A 87 -6.84 18.04 -12.25
N TYR A 88 -6.30 16.94 -11.75
CA TYR A 88 -5.22 17.02 -10.77
C TYR A 88 -4.10 16.05 -11.12
N PRO A 89 -3.52 16.25 -12.33
CA PRO A 89 -2.43 15.40 -12.79
C PRO A 89 -1.12 15.75 -12.08
N LYS A 90 -1.20 15.78 -10.75
CA LYS A 90 -0.03 16.10 -9.94
C LYS A 90 1.09 15.11 -10.26
N SER A 91 2.30 15.53 -9.95
CA SER A 91 3.47 14.70 -10.20
C SER A 91 4.42 14.74 -9.00
N ILE A 92 4.82 13.56 -8.57
CA ILE A 92 5.71 13.45 -7.43
C ILE A 92 6.96 14.30 -7.68
N HIS A 93 7.34 14.38 -8.94
CA HIS A 93 8.50 15.16 -9.34
C HIS A 93 8.22 16.65 -9.10
N SER A 94 6.97 17.03 -9.28
CA SER A 94 6.56 18.41 -9.09
C SER A 94 6.93 18.86 -7.67
N PHE A 95 7.19 17.89 -6.82
CA PHE A 95 7.54 18.18 -5.44
C PHE A 95 8.18 16.96 -4.77
N GLY A 96 9.21 16.44 -5.43
CA GLY A 96 9.91 15.29 -4.90
C GLY A 96 11.38 15.29 -5.36
N PHE A 97 11.55 15.27 -6.67
CA PHE A 97 12.89 15.26 -7.24
C PHE A 97 13.77 14.20 -6.59
N PRO A 98 13.33 12.92 -6.74
CA PRO A 98 14.06 11.80 -6.16
C PRO A 98 15.32 11.50 -6.99
N ASN A 99 15.86 10.31 -6.76
CA ASN A 99 17.06 9.88 -7.46
C ASN A 99 16.68 9.29 -8.81
N PHE A 100 15.67 8.43 -8.78
CA PHE A 100 15.19 7.78 -9.98
C PHE A 100 13.86 7.06 -9.73
N VAL A 101 12.78 7.82 -9.81
CA VAL A 101 11.45 7.28 -9.60
C VAL A 101 10.84 6.90 -10.95
N LYS A 102 9.73 6.16 -10.87
CA LYS A 102 9.04 5.73 -12.07
C LYS A 102 7.79 4.95 -11.68
N LYS A 103 7.91 4.21 -10.60
CA LYS A 103 6.80 3.41 -10.10
C LYS A 103 7.03 3.08 -8.62
N ILE A 104 5.96 3.25 -7.85
CA ILE A 104 6.04 2.99 -6.42
C ILE A 104 5.62 1.53 -6.17
N ASP A 105 6.34 0.90 -5.25
CA ASP A 105 6.06 -0.48 -4.91
C ASP A 105 4.89 -0.53 -3.91
N ALA A 106 5.03 0.24 -2.83
CA ALA A 106 4.00 0.29 -1.81
C ALA A 106 4.18 1.58 -1.00
N ALA A 107 3.14 1.88 -0.22
CA ALA A 107 3.16 3.08 0.61
C ALA A 107 2.21 2.89 1.79
N VAL A 108 2.75 3.07 2.99
CA VAL A 108 1.94 2.92 4.19
C VAL A 108 2.09 4.18 5.05
N PHE A 109 1.07 4.42 5.86
CA PHE A 109 1.07 5.59 6.73
C PHE A 109 1.11 5.17 8.20
N ASN A 110 2.19 5.57 8.87
CA ASN A 110 2.36 5.24 10.27
C ASN A 110 1.90 6.43 11.13
N PRO A 111 0.85 6.18 11.95
CA PRO A 111 0.31 7.21 12.82
C PRO A 111 1.23 7.46 14.02
N ARG A 112 2.07 6.46 14.29
CA ARG A 112 3.00 6.56 15.40
C ARG A 112 4.20 7.41 15.00
N PHE A 113 4.63 7.25 13.77
CA PHE A 113 5.77 8.00 13.26
C PHE A 113 5.30 9.21 12.43
N TYR A 114 3.99 9.28 12.22
CA TYR A 114 3.42 10.37 11.46
C TYR A 114 4.19 10.60 10.16
N ARG A 115 4.52 9.50 9.51
CA ARG A 115 5.26 9.56 8.25
C ARG A 115 4.81 8.44 7.31
N THR A 116 4.97 8.70 6.02
CA THR A 116 4.59 7.73 5.01
C THR A 116 5.83 7.14 4.34
N TYR A 117 5.98 5.82 4.49
CA TYR A 117 7.10 5.12 3.91
C TYR A 117 6.85 4.78 2.43
N PHE A 118 7.75 5.25 1.59
CA PHE A 118 7.64 5.01 0.16
C PHE A 118 8.70 4.02 -0.32
N PHE A 119 8.26 3.06 -1.11
CA PHE A 119 9.18 2.06 -1.64
C PHE A 119 9.29 2.18 -3.17
N VAL A 120 10.53 2.21 -3.63
CA VAL A 120 10.79 2.33 -5.06
C VAL A 120 11.56 1.09 -5.53
N ASP A 121 10.80 0.07 -5.89
CA ASP A 121 11.41 -1.17 -6.36
C ASP A 121 12.10 -1.88 -5.18
N ASN A 122 13.20 -1.28 -4.74
CA ASN A 122 13.95 -1.83 -3.63
C ASN A 122 14.60 -0.69 -2.84
N GLN A 123 13.76 0.21 -2.36
CA GLN A 123 14.23 1.34 -1.58
C GLN A 123 13.24 1.69 -0.48
N TYR A 124 13.76 2.36 0.55
CA TYR A 124 12.93 2.75 1.67
C TYR A 124 12.97 4.26 1.88
N TRP A 125 12.08 4.95 1.18
CA TRP A 125 12.01 6.40 1.29
C TRP A 125 11.18 6.74 2.52
N ARG A 126 11.24 8.01 2.90
CA ARG A 126 10.50 8.49 4.06
C ARG A 126 10.24 9.99 3.95
N TYR A 127 8.97 10.32 3.74
CA TYR A 127 8.57 11.70 3.61
C TYR A 127 7.96 12.23 4.92
N ASP A 128 8.27 13.48 5.22
CA ASP A 128 7.76 14.11 6.42
C ASP A 128 6.30 14.54 6.20
N GLU A 129 5.42 13.99 7.02
CA GLU A 129 4.01 14.30 6.91
C GLU A 129 3.63 15.39 7.93
N ARG A 130 4.14 15.23 9.14
CA ARG A 130 3.87 16.19 10.20
C ARG A 130 4.83 17.37 10.10
N ARG A 131 5.58 17.40 9.00
CA ARG A 131 6.52 18.47 8.78
C ARG A 131 6.36 19.05 7.37
N GLN A 132 6.22 18.14 6.41
CA GLN A 132 6.05 18.54 5.03
C GLN A 132 7.41 18.88 4.40
N MET A 133 8.32 17.94 4.51
CA MET A 133 9.66 18.13 3.95
C MET A 133 10.29 16.78 3.57
N MET A 134 10.20 16.46 2.29
CA MET A 134 10.75 15.23 1.78
C MET A 134 12.26 15.13 2.06
N ASP A 135 12.63 14.03 2.71
CA ASP A 135 14.03 13.82 3.03
C ASP A 135 14.89 13.93 1.77
N PRO A 136 15.98 14.73 1.88
CA PRO A 136 16.88 14.93 0.76
C PRO A 136 17.76 13.69 0.53
N GLY A 137 17.58 13.09 -0.63
CA GLY A 137 18.34 11.92 -1.00
C GLY A 137 18.37 10.91 0.16
N TYR A 138 17.44 9.96 0.10
CA TYR A 138 17.35 8.95 1.13
C TYR A 138 17.23 7.54 0.52
N PRO A 139 18.29 7.15 -0.24
CA PRO A 139 18.31 5.86 -0.88
C PRO A 139 18.57 4.74 0.14
N LYS A 140 17.56 4.47 0.95
CA LYS A 140 17.66 3.44 1.96
C LYS A 140 17.20 2.10 1.37
N LEU A 141 17.08 1.11 2.25
CA LEU A 141 16.66 -0.21 1.83
C LEU A 141 15.67 -0.77 2.85
N ILE A 142 14.70 -1.51 2.34
CA ILE A 142 13.69 -2.11 3.20
C ILE A 142 14.34 -3.20 4.05
N THR A 143 14.76 -4.26 3.38
CA THR A 143 15.40 -5.38 4.06
C THR A 143 16.36 -4.87 5.14
N LYS A 144 16.97 -3.73 4.84
CA LYS A 144 17.92 -3.13 5.76
C LYS A 144 17.17 -2.60 6.99
N ASN A 145 16.39 -1.55 6.76
CA ASN A 145 15.62 -0.95 7.83
C ASN A 145 14.93 -2.05 8.65
N PHE A 146 14.39 -3.02 7.94
CA PHE A 146 13.71 -4.12 8.58
C PHE A 146 14.15 -5.47 7.98
N GLN A 147 14.84 -6.25 8.80
CA GLN A 147 15.32 -7.54 8.36
C GLN A 147 14.25 -8.61 8.59
N GLY A 148 13.87 -9.26 7.50
CA GLY A 148 12.85 -10.30 7.56
C GLY A 148 11.82 -10.12 6.46
N ILE A 149 11.62 -8.87 6.06
CA ILE A 149 10.66 -8.57 5.01
C ILE A 149 11.23 -8.99 3.66
N GLY A 150 12.16 -8.18 3.17
CA GLY A 150 12.79 -8.47 1.89
C GLY A 150 13.25 -7.17 1.21
N PRO A 151 14.16 -7.34 0.22
CA PRO A 151 14.68 -6.20 -0.52
C PRO A 151 13.65 -5.67 -1.52
N LYS A 152 12.63 -6.48 -1.75
CA LYS A 152 11.57 -6.10 -2.67
C LYS A 152 10.21 -6.37 -2.02
N ILE A 153 9.34 -5.38 -2.11
CA ILE A 153 8.01 -5.49 -1.53
C ILE A 153 6.96 -5.32 -2.64
N ASP A 154 5.76 -5.81 -2.36
CA ASP A 154 4.68 -5.70 -3.31
C ASP A 154 3.66 -4.66 -2.82
N ALA A 155 3.07 -4.96 -1.68
CA ALA A 155 2.09 -4.07 -1.08
C ALA A 155 2.26 -4.05 0.43
N VAL A 156 2.00 -2.89 1.01
CA VAL A 156 2.13 -2.73 2.45
C VAL A 156 0.94 -1.91 2.97
N PHE A 157 0.51 -2.26 4.18
CA PHE A 157 -0.61 -1.58 4.80
C PHE A 157 -0.55 -1.68 6.33
N TYR A 158 -1.49 -1.03 6.98
CA TYR A 158 -1.55 -1.03 8.42
C TYR A 158 -3.00 -1.00 8.92
N SER A 159 -3.58 -2.19 9.06
CA SER A 159 -4.95 -2.30 9.52
C SER A 159 -4.99 -2.99 10.88
N LYS A 160 -3.86 -3.58 11.24
CA LYS A 160 -3.75 -4.27 12.51
C LYS A 160 -3.80 -3.25 13.66
N ASN A 161 -3.44 -3.73 14.84
CA ASN A 161 -3.44 -2.87 16.02
C ASN A 161 -2.02 -2.34 16.25
N LYS A 162 -1.06 -3.20 16.02
CA LYS A 162 0.34 -2.83 16.20
C LYS A 162 1.23 -3.83 15.45
N TYR A 163 0.89 -4.04 14.19
CA TYR A 163 1.65 -4.96 13.35
C TYR A 163 1.68 -4.48 11.90
N TYR A 164 2.63 -5.01 11.15
CA TYR A 164 2.78 -4.65 9.76
C TYR A 164 2.74 -5.89 8.86
N TYR A 165 1.62 -6.04 8.17
CA TYR A 165 1.45 -7.17 7.27
C TYR A 165 2.01 -6.87 5.89
N PHE A 166 3.19 -7.43 5.63
CA PHE A 166 3.84 -7.23 4.35
C PHE A 166 3.60 -8.41 3.42
N PHE A 167 3.48 -8.10 2.14
CA PHE A 167 3.24 -9.12 1.13
C PHE A 167 4.36 -9.14 0.09
N GLN A 168 5.04 -10.27 0.01
CA GLN A 168 6.13 -10.43 -0.95
C GLN A 168 5.99 -11.76 -1.70
N GLY A 169 5.08 -11.77 -2.66
CA GLY A 169 4.84 -12.96 -3.45
C GLY A 169 3.60 -13.70 -2.95
N SER A 170 3.85 -14.83 -2.30
CA SER A 170 2.77 -15.65 -1.77
C SER A 170 3.01 -15.94 -0.29
N ASN A 171 3.65 -14.98 0.37
CA ASN A 171 3.93 -15.12 1.79
C ASN A 171 3.78 -13.76 2.48
N GLN A 172 3.03 -13.78 3.57
CA GLN A 172 2.78 -12.56 4.33
C GLN A 172 3.49 -12.62 5.68
N PHE A 173 4.42 -11.70 5.87
CA PHE A 173 5.17 -11.64 7.11
C PHE A 173 4.71 -10.48 7.99
N GLU A 174 4.69 -10.73 9.29
CA GLU A 174 4.27 -9.71 10.24
C GLU A 174 5.46 -9.22 11.05
N TYR A 175 5.64 -7.90 11.06
CA TYR A 175 6.73 -7.29 11.80
C TYR A 175 6.21 -6.55 13.03
N ASP A 176 6.72 -6.98 14.18
CA ASP A 176 6.32 -6.38 15.44
C ASP A 176 7.50 -5.60 16.03
N PHE A 177 7.25 -4.33 16.33
CA PHE A 177 8.28 -3.48 16.90
C PHE A 177 8.61 -3.89 18.34
N LEU A 178 7.76 -4.75 18.88
CA LEU A 178 7.95 -5.23 20.24
C LEU A 178 9.42 -5.57 20.46
N LEU A 179 10.02 -6.14 19.42
CA LEU A 179 11.42 -6.52 19.49
C LEU A 179 11.92 -6.86 18.08
N GLN A 180 11.35 -6.17 17.11
CA GLN A 180 11.73 -6.39 15.72
C GLN A 180 11.91 -7.88 15.44
N ARG A 181 10.80 -8.60 15.50
CA ARG A 181 10.82 -10.03 15.25
C ARG A 181 9.58 -10.45 14.47
N ILE A 182 9.81 -11.25 13.44
CA ILE A 182 8.72 -11.74 12.60
C ILE A 182 8.28 -13.11 13.10
N THR A 183 7.44 -13.10 14.12
CA THR A 183 6.94 -14.34 14.69
C THR A 183 5.51 -14.61 14.21
N LYS A 184 5.27 -14.25 12.96
CA LYS A 184 3.96 -14.45 12.36
C LYS A 184 4.10 -14.59 10.85
N THR A 185 3.87 -15.79 10.37
CA THR A 185 3.96 -16.06 8.94
C THR A 185 2.66 -16.69 8.43
N LEU A 186 1.95 -15.89 7.64
CA LEU A 186 0.69 -16.35 7.08
C LEU A 186 0.67 -16.04 5.57
N LYS A 187 -0.15 -16.80 4.86
CA LYS A 187 -0.26 -16.62 3.42
C LYS A 187 -1.44 -15.68 3.12
N SER A 188 -1.37 -15.06 1.96
CA SER A 188 -2.43 -14.13 1.55
C SER A 188 -3.79 -14.77 1.75
N ASN A 189 -3.81 -16.10 1.66
CA ASN A 189 -5.05 -16.84 1.83
C ASN A 189 -5.10 -17.41 3.25
N SER A 190 -5.05 -16.51 4.23
CA SER A 190 -5.10 -16.91 5.62
C SER A 190 -6.38 -16.40 6.27
N TRP A 191 -6.95 -15.38 5.64
CA TRP A 191 -8.18 -14.79 6.15
C TRP A 191 -9.08 -14.48 4.96
N PHE A 192 -8.56 -13.63 4.08
CA PHE A 192 -9.32 -13.25 2.89
C PHE A 192 -9.81 -14.47 2.12
N GLY A 193 -8.85 -15.27 1.67
CA GLY A 193 -9.17 -16.48 0.93
C GLY A 193 -9.46 -17.66 1.88
N CYS A 194 -8.38 -18.28 2.34
CA CYS A 194 -8.50 -19.41 3.24
C CYS A 194 -7.76 -19.05 4.54
N MET A 1 -9.38 -11.29 -15.10
CA MET A 1 -8.20 -11.27 -14.25
C MET A 1 -8.38 -12.18 -13.04
N GLU A 2 -8.48 -13.47 -13.30
CA GLU A 2 -8.66 -14.46 -12.24
C GLU A 2 -7.35 -15.24 -12.03
N PRO A 3 -6.68 -14.91 -10.89
CA PRO A 3 -5.43 -15.57 -10.56
C PRO A 3 -5.69 -16.99 -10.03
N ALA A 4 -6.14 -17.06 -8.79
CA ALA A 4 -6.42 -18.35 -8.17
C ALA A 4 -6.65 -18.14 -6.68
N LEU A 5 -7.85 -18.50 -6.24
CA LEU A 5 -8.20 -18.36 -4.83
C LEU A 5 -8.10 -19.72 -4.15
N CYS A 6 -6.88 -20.13 -3.86
CA CYS A 6 -6.63 -21.41 -3.21
C CYS A 6 -5.12 -21.63 -3.14
N ASP A 7 -4.55 -21.99 -4.27
CA ASP A 7 -3.12 -22.23 -4.35
C ASP A 7 -2.37 -20.97 -3.94
N PRO A 8 -1.24 -21.19 -3.21
CA PRO A 8 -0.42 -20.07 -2.74
C PRO A 8 0.39 -19.47 -3.90
N ASN A 9 -0.29 -18.67 -4.71
CA ASN A 9 0.36 -18.03 -5.84
C ASN A 9 -0.40 -16.75 -6.18
N LEU A 10 -0.90 -16.09 -5.15
CA LEU A 10 -1.64 -14.85 -5.32
C LEU A 10 -0.76 -13.68 -4.90
N SER A 11 -0.91 -12.58 -5.63
CA SER A 11 -0.13 -11.38 -5.35
C SER A 11 -1.00 -10.14 -5.58
N PHE A 12 -0.60 -9.06 -4.92
CA PHE A 12 -1.32 -7.80 -5.04
C PHE A 12 -0.39 -6.66 -5.43
N ASP A 13 -0.96 -5.67 -6.10
CA ASP A 13 -0.19 -4.53 -6.55
C ASP A 13 -0.17 -3.47 -5.43
N ALA A 14 -1.36 -3.17 -4.93
CA ALA A 14 -1.50 -2.18 -3.87
C ALA A 14 -2.59 -2.64 -2.91
N VAL A 15 -2.66 -1.95 -1.78
CA VAL A 15 -3.65 -2.26 -0.76
C VAL A 15 -3.96 -1.00 0.05
N THR A 16 -5.24 -0.85 0.36
CA THR A 16 -5.68 0.31 1.13
C THR A 16 -6.73 -0.12 2.16
N THR A 17 -6.67 0.53 3.32
CA THR A 17 -7.61 0.25 4.39
C THR A 17 -8.63 1.37 4.53
N VAL A 18 -9.85 0.99 4.90
CA VAL A 18 -10.91 1.96 5.08
C VAL A 18 -11.68 1.63 6.36
N GLY A 19 -11.55 2.53 7.34
CA GLY A 19 -12.21 2.36 8.61
C GLY A 19 -11.85 1.01 9.24
N ASN A 20 -12.69 0.03 9.00
CA ASN A 20 -12.47 -1.31 9.53
C ASN A 20 -12.55 -2.34 8.39
N LYS A 21 -12.20 -1.88 7.20
CA LYS A 21 -12.24 -2.74 6.03
C LYS A 21 -10.89 -2.65 5.30
N ILE A 22 -10.72 -3.54 4.34
CA ILE A 22 -9.49 -3.58 3.56
C ILE A 22 -9.84 -3.67 2.07
N PHE A 23 -8.83 -3.46 1.25
CA PHE A 23 -9.01 -3.52 -0.20
C PHE A 23 -7.76 -4.06 -0.88
N PHE A 24 -8.01 -4.99 -1.80
CA PHE A 24 -6.91 -5.62 -2.54
C PHE A 24 -6.95 -5.21 -4.01
N PHE A 25 -5.94 -4.47 -4.42
CA PHE A 25 -5.84 -4.01 -5.80
C PHE A 25 -5.19 -5.08 -6.68
N LYS A 26 -5.82 -5.31 -7.83
CA LYS A 26 -5.31 -6.30 -8.77
C LYS A 26 -5.28 -5.70 -10.17
N ASP A 27 -4.34 -4.79 -10.37
CA ASP A 27 -4.18 -4.14 -11.66
C ASP A 27 -5.39 -3.23 -11.90
N ARG A 28 -6.54 -3.86 -12.09
CA ARG A 28 -7.76 -3.12 -12.34
C ARG A 28 -8.90 -3.68 -11.47
N PHE A 29 -8.84 -4.98 -11.23
CA PHE A 29 -9.84 -5.64 -10.43
C PHE A 29 -9.49 -5.57 -8.94
N PHE A 30 -10.53 -5.45 -8.12
CA PHE A 30 -10.33 -5.37 -6.68
C PHE A 30 -11.14 -6.45 -5.96
N TRP A 31 -10.54 -7.01 -4.93
CA TRP A 31 -11.19 -8.05 -4.15
C TRP A 31 -11.81 -7.40 -2.91
N LEU A 32 -12.99 -7.89 -2.53
CA LEU A 32 -13.68 -7.37 -1.38
C LEU A 32 -13.99 -8.51 -0.41
N LYS A 33 -13.40 -8.42 0.77
CA LYS A 33 -13.61 -9.44 1.79
C LYS A 33 -12.98 -8.96 3.11
N VAL A 34 -13.85 -8.50 4.00
CA VAL A 34 -13.40 -8.03 5.29
C VAL A 34 -14.62 -7.74 6.17
N SER A 35 -14.36 -7.62 7.47
CA SER A 35 -15.42 -7.36 8.43
C SER A 35 -16.35 -8.57 8.54
N GLU A 36 -17.16 -8.75 7.51
CA GLU A 36 -18.10 -9.86 7.48
C GLU A 36 -18.50 -10.17 6.04
N ARG A 37 -17.62 -10.85 5.33
CA ARG A 37 -17.87 -11.22 3.96
C ARG A 37 -17.88 -12.74 3.80
N PRO A 38 -18.91 -13.23 3.06
CA PRO A 38 -19.04 -14.66 2.83
C PRO A 38 -18.02 -15.15 1.81
N LYS A 39 -17.80 -14.33 0.79
CA LYS A 39 -16.86 -14.67 -0.25
C LYS A 39 -16.26 -13.38 -0.83
N THR A 40 -15.11 -13.53 -1.47
CA THR A 40 -14.43 -12.40 -2.07
C THR A 40 -15.06 -12.04 -3.42
N SER A 41 -15.41 -10.77 -3.56
CA SER A 41 -16.01 -10.30 -4.80
C SER A 41 -14.94 -10.06 -5.86
N VAL A 42 -15.40 -9.81 -7.08
CA VAL A 42 -14.50 -9.56 -8.18
C VAL A 42 -15.12 -8.53 -9.13
N ASN A 43 -15.02 -7.28 -8.73
CA ASN A 43 -15.56 -6.19 -9.53
C ASN A 43 -14.41 -5.38 -10.13
N LEU A 44 -14.78 -4.39 -10.94
CA LEU A 44 -13.80 -3.54 -11.58
C LEU A 44 -13.78 -2.18 -10.89
N ILE A 45 -12.62 -1.84 -10.35
CA ILE A 45 -12.45 -0.57 -9.66
C ILE A 45 -13.17 0.53 -10.45
N SER A 46 -12.73 0.71 -11.69
CA SER A 46 -13.31 1.73 -12.55
C SER A 46 -14.84 1.67 -12.46
N SER A 47 -15.36 0.44 -12.46
CA SER A 47 -16.80 0.24 -12.39
C SER A 47 -17.36 0.98 -11.17
N LEU A 48 -16.54 1.06 -10.14
CA LEU A 48 -16.95 1.74 -8.92
C LEU A 48 -16.47 3.19 -8.96
N TRP A 49 -15.22 3.39 -8.56
CA TRP A 49 -14.64 4.71 -8.55
C TRP A 49 -14.93 5.37 -9.90
N PRO A 50 -15.08 6.72 -9.86
CA PRO A 50 -15.36 7.48 -11.08
C PRO A 50 -14.10 7.60 -11.94
N THR A 51 -13.35 8.67 -11.69
CA THR A 51 -12.13 8.92 -12.43
C THR A 51 -10.93 8.30 -11.72
N LEU A 52 -11.22 7.68 -10.58
CA LEU A 52 -10.18 7.06 -9.78
C LEU A 52 -9.53 5.93 -10.60
N PRO A 53 -8.17 5.93 -10.60
CA PRO A 53 -7.43 4.92 -11.33
C PRO A 53 -7.46 3.58 -10.59
N SER A 54 -6.69 2.63 -11.11
CA SER A 54 -6.63 1.31 -10.51
C SER A 54 -5.18 0.79 -10.56
N GLY A 55 -4.97 -0.34 -9.89
CA GLY A 55 -3.65 -0.95 -9.85
C GLY A 55 -2.60 0.08 -9.41
N ILE A 56 -2.88 0.75 -8.31
CA ILE A 56 -1.97 1.74 -7.78
C ILE A 56 -0.70 1.05 -7.28
N GLU A 57 0.37 1.82 -7.23
CA GLU A 57 1.66 1.31 -6.79
C GLU A 57 1.75 1.36 -5.26
N ALA A 58 1.45 2.54 -4.72
CA ALA A 58 1.49 2.75 -3.29
C ALA A 58 0.28 3.58 -2.86
N ALA A 59 -0.50 3.02 -1.95
CA ALA A 59 -1.67 3.70 -1.46
C ALA A 59 -1.78 3.50 0.05
N TYR A 60 -2.25 4.53 0.73
CA TYR A 60 -2.40 4.47 2.18
C TYR A 60 -3.46 5.47 2.66
N GLU A 61 -4.34 4.97 3.52
CA GLU A 61 -5.41 5.80 4.05
C GLU A 61 -4.90 6.62 5.24
N ILE A 62 -5.43 7.83 5.34
CA ILE A 62 -5.02 8.73 6.42
C ILE A 62 -6.25 9.02 7.30
N GLU A 63 -6.43 8.16 8.29
CA GLU A 63 -7.55 8.31 9.21
C GLU A 63 -7.38 9.58 10.05
N ALA A 64 -7.85 10.68 9.49
CA ALA A 64 -7.76 11.97 10.16
C ALA A 64 -8.78 12.93 9.57
N ARG A 65 -8.75 13.04 8.25
CA ARG A 65 -9.68 13.92 7.55
C ARG A 65 -10.58 13.11 6.63
N ASN A 66 -10.49 11.79 6.77
CA ASN A 66 -11.29 10.90 5.95
C ASN A 66 -11.01 11.17 4.47
N GLN A 67 -9.79 10.84 4.06
CA GLN A 67 -9.39 11.04 2.68
C GLN A 67 -8.44 9.91 2.23
N VAL A 68 -8.47 9.64 0.93
CA VAL A 68 -7.64 8.59 0.37
C VAL A 68 -6.44 9.24 -0.34
N PHE A 69 -5.34 8.50 -0.34
CA PHE A 69 -4.13 8.98 -0.98
C PHE A 69 -3.46 7.88 -1.80
N LEU A 70 -3.19 8.20 -3.06
CA LEU A 70 -2.56 7.26 -3.96
C LEU A 70 -1.79 8.02 -5.05
N PHE A 71 -0.56 7.59 -5.28
CA PHE A 71 0.27 8.22 -6.29
C PHE A 71 0.97 7.17 -7.15
N LYS A 72 0.17 6.36 -7.82
CA LYS A 72 0.70 5.31 -8.67
C LYS A 72 1.75 5.91 -9.61
N ASP A 73 2.71 5.08 -9.99
CA ASP A 73 3.76 5.51 -10.88
C ASP A 73 4.28 6.89 -10.43
N ASP A 74 3.73 7.92 -11.06
CA ASP A 74 4.12 9.29 -10.73
C ASP A 74 2.88 10.18 -10.77
N LYS A 75 1.72 9.54 -10.75
CA LYS A 75 0.45 10.26 -10.78
C LYS A 75 -0.36 9.92 -9.53
N TYR A 76 -0.97 10.95 -8.96
CA TYR A 76 -1.77 10.78 -7.76
C TYR A 76 -3.06 11.59 -7.84
N TRP A 77 -4.04 11.17 -7.06
CA TRP A 77 -5.33 11.85 -7.04
C TRP A 77 -5.66 12.18 -5.58
N LEU A 78 -6.64 13.04 -5.41
CA LEU A 78 -7.06 13.45 -4.08
C LEU A 78 -8.57 13.18 -3.93
N ILE A 79 -8.88 12.33 -2.98
CA ILE A 79 -10.28 11.97 -2.72
C ILE A 79 -10.78 12.79 -1.52
N SER A 80 -11.60 13.79 -1.83
CA SER A 80 -12.16 14.64 -0.80
C SER A 80 -13.68 14.46 -0.75
N ASN A 81 -14.15 13.98 0.40
CA ASN A 81 -15.56 13.76 0.60
C ASN A 81 -16.02 12.57 -0.25
N LEU A 82 -15.28 11.47 -0.11
CA LEU A 82 -15.59 10.26 -0.85
C LEU A 82 -15.73 10.60 -2.34
N ARG A 83 -15.09 11.70 -2.72
CA ARG A 83 -15.12 12.14 -4.10
C ARG A 83 -13.75 12.65 -4.53
N PRO A 84 -13.31 12.17 -5.74
CA PRO A 84 -12.02 12.57 -6.27
C PRO A 84 -12.07 14.00 -6.81
N GLU A 85 -10.92 14.48 -7.25
CA GLU A 85 -10.81 15.81 -7.79
C GLU A 85 -11.30 15.85 -9.25
N PRO A 86 -11.79 17.05 -9.66
CA PRO A 86 -12.29 17.22 -11.01
C PRO A 86 -11.13 17.30 -12.02
N ASN A 87 -10.47 16.17 -12.21
CA ASN A 87 -9.35 16.11 -13.13
C ASN A 87 -8.11 16.70 -12.46
N TYR A 88 -7.36 15.82 -11.81
CA TYR A 88 -6.14 16.25 -11.13
C TYR A 88 -4.93 15.44 -11.61
N PRO A 89 -4.56 15.67 -12.90
CA PRO A 89 -3.43 14.97 -13.48
C PRO A 89 -2.11 15.54 -12.96
N LYS A 90 -1.97 15.52 -11.64
CA LYS A 90 -0.77 16.03 -11.01
C LYS A 90 0.33 14.96 -11.09
N SER A 91 1.53 15.37 -10.72
CA SER A 91 2.68 14.47 -10.75
C SER A 91 3.55 14.69 -9.52
N ILE A 92 3.92 13.58 -8.89
CA ILE A 92 4.76 13.64 -7.70
C ILE A 92 6.01 14.45 -8.00
N HIS A 93 6.31 14.57 -9.29
CA HIS A 93 7.48 15.32 -9.71
C HIS A 93 7.36 16.78 -9.26
N SER A 94 6.14 17.13 -8.88
CA SER A 94 5.86 18.50 -8.43
C SER A 94 6.68 18.79 -7.17
N PHE A 95 7.21 17.74 -6.57
CA PHE A 95 8.00 17.87 -5.36
C PHE A 95 8.39 16.51 -4.81
N GLY A 96 9.23 15.81 -5.56
CA GLY A 96 9.68 14.49 -5.16
C GLY A 96 10.66 13.91 -6.18
N PHE A 97 10.17 13.75 -7.40
CA PHE A 97 10.98 13.21 -8.47
C PHE A 97 12.44 13.68 -8.35
N PRO A 98 13.26 12.80 -7.72
CA PRO A 98 14.67 13.11 -7.52
C PRO A 98 15.45 12.96 -8.83
N ASN A 99 14.70 12.76 -9.90
CA ASN A 99 15.31 12.59 -11.21
C ASN A 99 15.73 11.13 -11.40
N PHE A 100 14.99 10.25 -10.75
CA PHE A 100 15.26 8.84 -10.83
C PHE A 100 13.99 8.01 -10.62
N VAL A 101 13.39 8.20 -9.45
CA VAL A 101 12.17 7.49 -9.11
C VAL A 101 11.17 7.63 -10.26
N LYS A 102 10.14 6.80 -10.20
CA LYS A 102 9.11 6.83 -11.21
C LYS A 102 7.99 5.85 -10.83
N LYS A 103 8.39 4.72 -10.29
CA LYS A 103 7.44 3.69 -9.87
C LYS A 103 7.77 3.25 -8.44
N ILE A 104 6.77 3.36 -7.57
CA ILE A 104 6.93 2.98 -6.19
C ILE A 104 6.50 1.53 -6.01
N ASP A 105 6.88 0.97 -4.87
CA ASP A 105 6.54 -0.42 -4.56
C ASP A 105 5.49 -0.45 -3.45
N ALA A 106 5.72 0.38 -2.45
CA ALA A 106 4.81 0.47 -1.31
C ALA A 106 4.96 1.83 -0.64
N ALA A 107 3.97 2.16 0.18
CA ALA A 107 3.99 3.42 0.89
C ALA A 107 3.01 3.35 2.07
N VAL A 108 3.55 3.57 3.25
CA VAL A 108 2.75 3.54 4.47
C VAL A 108 3.06 4.76 5.32
N PHE A 109 2.07 5.18 6.10
CA PHE A 109 2.23 6.32 6.96
C PHE A 109 2.53 5.90 8.40
N ASN A 110 3.28 6.74 9.09
CA ASN A 110 3.65 6.46 10.47
C ASN A 110 3.35 7.69 11.33
N PRO A 111 2.24 7.58 12.10
CA PRO A 111 1.82 8.67 12.97
C PRO A 111 2.72 8.74 14.22
N ARG A 112 3.42 7.65 14.46
CA ARG A 112 4.32 7.57 15.61
C ARG A 112 5.64 8.28 15.30
N PHE A 113 5.93 8.39 14.02
CA PHE A 113 7.15 9.03 13.57
C PHE A 113 6.84 10.23 12.67
N TYR A 114 5.56 10.51 12.54
CA TYR A 114 5.12 11.62 11.70
C TYR A 114 5.83 11.59 10.35
N ARG A 115 6.02 10.39 9.83
CA ARG A 115 6.68 10.22 8.55
C ARG A 115 6.06 9.05 7.78
N THR A 116 6.35 9.00 6.50
CA THR A 116 5.83 7.94 5.65
C THR A 116 6.97 7.24 4.91
N TYR A 117 6.95 5.92 4.99
CA TYR A 117 7.98 5.11 4.34
C TYR A 117 7.68 4.95 2.85
N PHE A 118 8.73 5.09 2.05
CA PHE A 118 8.61 4.97 0.61
C PHE A 118 9.48 3.83 0.08
N PHE A 119 8.84 2.70 -0.17
CA PHE A 119 9.54 1.54 -0.68
C PHE A 119 9.72 1.62 -2.21
N VAL A 120 10.97 1.75 -2.62
CA VAL A 120 11.28 1.84 -4.04
C VAL A 120 12.52 1.00 -4.34
N ASP A 121 12.37 0.10 -5.30
CA ASP A 121 13.46 -0.77 -5.70
C ASP A 121 14.03 -1.45 -4.45
N ASN A 122 15.31 -1.80 -4.54
CA ASN A 122 15.99 -2.45 -3.43
C ASN A 122 16.56 -1.39 -2.49
N GLN A 123 15.69 -0.46 -2.11
CA GLN A 123 16.09 0.61 -1.21
C GLN A 123 14.93 1.01 -0.32
N TYR A 124 15.27 1.66 0.80
CA TYR A 124 14.26 2.10 1.75
C TYR A 124 14.26 3.62 1.87
N TRP A 125 13.39 4.25 1.10
CA TRP A 125 13.28 5.69 1.13
C TRP A 125 12.21 6.08 2.16
N ARG A 126 12.31 7.31 2.64
CA ARG A 126 11.36 7.80 3.63
C ARG A 126 11.27 9.33 3.54
N TYR A 127 10.03 9.80 3.44
CA TYR A 127 9.79 11.23 3.34
C TYR A 127 9.28 11.79 4.68
N ASP A 128 9.20 13.10 4.75
CA ASP A 128 8.74 13.77 5.96
C ASP A 128 7.41 14.47 5.66
N GLU A 129 6.42 14.16 6.48
CA GLU A 129 5.10 14.76 6.32
C GLU A 129 5.06 16.14 6.98
N ARG A 130 5.57 16.19 8.20
CA ARG A 130 5.60 17.44 8.94
C ARG A 130 6.48 18.46 8.22
N ARG A 131 7.76 18.14 8.14
CA ARG A 131 8.72 19.02 7.48
C ARG A 131 8.28 19.28 6.03
N GLN A 132 7.78 18.23 5.40
CA GLN A 132 7.33 18.33 4.03
C GLN A 132 8.52 18.50 3.09
N MET A 133 9.52 17.65 3.31
CA MET A 133 10.73 17.68 2.50
C MET A 133 11.39 16.30 2.45
N MET A 134 11.42 15.74 1.26
CA MET A 134 12.02 14.43 1.05
C MET A 134 13.44 14.39 1.62
N ASP A 135 13.68 13.42 2.47
CA ASP A 135 14.99 13.25 3.09
C ASP A 135 16.07 13.47 2.02
N PRO A 136 17.09 14.29 2.39
CA PRO A 136 18.18 14.57 1.49
C PRO A 136 19.14 13.38 1.38
N GLY A 137 19.06 12.70 0.25
CA GLY A 137 19.90 11.54 0.01
C GLY A 137 19.74 10.50 1.12
N TYR A 138 18.89 9.52 0.86
CA TYR A 138 18.64 8.46 1.83
C TYR A 138 18.59 7.10 1.15
N PRO A 139 19.73 6.72 0.51
CA PRO A 139 19.82 5.44 -0.19
C PRO A 139 19.96 4.30 0.81
N LYS A 140 18.91 4.09 1.60
CA LYS A 140 18.92 3.04 2.59
C LYS A 140 18.37 1.76 1.95
N LEU A 141 18.29 0.71 2.78
CA LEU A 141 17.80 -0.57 2.32
C LEU A 141 16.67 -1.03 3.24
N ILE A 142 15.63 -1.60 2.62
CA ILE A 142 14.50 -2.09 3.38
C ILE A 142 14.91 -3.33 4.17
N THR A 143 15.11 -4.41 3.44
CA THR A 143 15.51 -5.67 4.06
C THR A 143 16.54 -5.42 5.17
N LYS A 144 17.30 -4.36 4.98
CA LYS A 144 18.33 -4.00 5.95
C LYS A 144 17.65 -3.53 7.25
N ASN A 145 17.02 -2.37 7.16
CA ASN A 145 16.34 -1.81 8.31
C ASN A 145 15.49 -2.90 8.98
N PHE A 146 14.65 -3.53 8.17
CA PHE A 146 13.79 -4.58 8.67
C PHE A 146 14.04 -5.89 7.91
N GLN A 147 14.61 -6.86 8.63
CA GLN A 147 14.89 -8.15 8.03
C GLN A 147 13.81 -9.16 8.42
N GLY A 148 12.63 -8.95 7.85
CA GLY A 148 11.51 -9.84 8.12
C GLY A 148 10.41 -9.69 7.05
N ILE A 149 10.86 -9.25 5.88
CA ILE A 149 9.93 -9.06 4.76
C ILE A 149 10.67 -9.36 3.44
N GLY A 150 11.85 -8.77 3.32
CA GLY A 150 12.65 -8.95 2.13
C GLY A 150 13.11 -7.60 1.56
N PRO A 151 13.94 -7.68 0.49
CA PRO A 151 14.44 -6.49 -0.16
C PRO A 151 13.36 -5.82 -1.01
N LYS A 152 12.40 -6.64 -1.43
CA LYS A 152 11.30 -6.14 -2.24
C LYS A 152 9.98 -6.55 -1.61
N ILE A 153 9.03 -5.61 -1.62
CA ILE A 153 7.72 -5.86 -1.04
C ILE A 153 6.65 -5.37 -2.02
N ASP A 154 5.69 -6.25 -2.29
CA ASP A 154 4.61 -5.90 -3.19
C ASP A 154 3.93 -4.62 -2.71
N ALA A 155 3.34 -4.70 -1.53
CA ALA A 155 2.66 -3.57 -0.94
C ALA A 155 2.53 -3.77 0.57
N VAL A 156 2.13 -2.70 1.24
CA VAL A 156 1.96 -2.75 2.69
C VAL A 156 1.02 -1.63 3.12
N PHE A 157 0.27 -1.90 4.18
CA PHE A 157 -0.67 -0.93 4.71
C PHE A 157 -0.77 -1.02 6.23
N TYR A 158 -1.33 0.02 6.82
CA TYR A 158 -1.49 0.07 8.27
C TYR A 158 -2.97 -0.04 8.66
N SER A 159 -3.44 -1.27 8.71
CA SER A 159 -4.83 -1.52 9.07
C SER A 159 -4.91 -2.05 10.51
N LYS A 160 -3.80 -2.63 10.96
CA LYS A 160 -3.74 -3.17 12.30
C LYS A 160 -3.81 -2.02 13.31
N ASN A 161 -3.52 -2.36 14.57
CA ASN A 161 -3.54 -1.38 15.63
C ASN A 161 -2.11 -0.93 15.94
N LYS A 162 -1.16 -1.78 15.56
CA LYS A 162 0.24 -1.48 15.79
C LYS A 162 1.10 -2.59 15.16
N TYR A 163 0.82 -2.86 13.90
CA TYR A 163 1.56 -3.89 13.18
C TYR A 163 1.80 -3.48 11.73
N TYR A 164 2.70 -4.21 11.08
CA TYR A 164 3.03 -3.92 9.70
C TYR A 164 2.86 -5.17 8.83
N TYR A 165 1.79 -5.18 8.05
CA TYR A 165 1.51 -6.30 7.18
C TYR A 165 2.13 -6.09 5.79
N PHE A 166 3.30 -6.67 5.61
CA PHE A 166 4.01 -6.55 4.35
C PHE A 166 3.73 -7.77 3.46
N PHE A 167 3.68 -7.51 2.16
CA PHE A 167 3.44 -8.56 1.19
C PHE A 167 4.64 -8.76 0.27
N GLN A 168 5.23 -9.94 0.36
CA GLN A 168 6.39 -10.26 -0.45
C GLN A 168 6.06 -11.40 -1.41
N GLY A 169 5.37 -11.03 -2.49
CA GLY A 169 4.98 -12.01 -3.50
C GLY A 169 3.58 -12.57 -3.21
N SER A 170 3.57 -13.61 -2.39
CA SER A 170 2.30 -14.24 -2.02
C SER A 170 2.33 -14.65 -0.55
N ASN A 171 2.94 -13.80 0.26
CA ASN A 171 3.04 -14.07 1.68
C ASN A 171 2.92 -12.75 2.45
N GLN A 172 2.22 -12.81 3.58
CA GLN A 172 2.01 -11.64 4.41
C GLN A 172 2.74 -11.81 5.75
N PHE A 173 3.79 -11.02 5.92
CA PHE A 173 4.57 -11.07 7.14
C PHE A 173 4.05 -10.06 8.16
N GLU A 174 4.03 -10.49 9.42
CA GLU A 174 3.56 -9.64 10.50
C GLU A 174 4.75 -9.11 11.31
N TYR A 175 5.45 -8.15 10.72
CA TYR A 175 6.59 -7.55 11.39
C TYR A 175 6.17 -6.44 12.34
N ASP A 176 6.26 -6.73 13.63
CA ASP A 176 5.90 -5.78 14.66
C ASP A 176 7.15 -5.12 15.22
N PHE A 177 6.97 -3.92 15.75
CA PHE A 177 8.10 -3.19 16.33
C PHE A 177 8.34 -3.62 17.78
N LEU A 178 7.39 -4.38 18.30
CA LEU A 178 7.49 -4.86 19.67
C LEU A 178 8.95 -5.25 19.97
N LEU A 179 9.53 -5.97 19.01
CA LEU A 179 10.91 -6.42 19.15
C LEU A 179 11.39 -6.97 17.81
N GLN A 180 10.87 -6.38 16.75
CA GLN A 180 11.25 -6.79 15.40
C GLN A 180 11.23 -8.32 15.29
N ARG A 181 10.04 -8.88 15.42
CA ARG A 181 9.87 -10.33 15.33
C ARG A 181 8.56 -10.67 14.62
N ILE A 182 8.62 -11.69 13.79
CA ILE A 182 7.46 -12.13 13.04
C ILE A 182 6.62 -13.07 13.92
N THR A 183 5.41 -12.62 14.23
CA THR A 183 4.51 -13.39 15.06
C THR A 183 3.68 -14.34 14.18
N LYS A 184 3.13 -13.79 13.12
CA LYS A 184 2.31 -14.57 12.20
C LYS A 184 2.82 -14.37 10.78
N THR A 185 2.37 -15.25 9.90
CA THR A 185 2.77 -15.18 8.49
C THR A 185 1.70 -15.82 7.61
N LEU A 186 1.12 -14.99 6.75
CA LEU A 186 0.08 -15.46 5.84
C LEU A 186 0.74 -16.01 4.57
N LYS A 187 -0.10 -16.48 3.67
CA LYS A 187 0.38 -17.04 2.42
C LYS A 187 -0.67 -16.81 1.32
N SER A 188 -0.98 -15.54 1.11
CA SER A 188 -1.96 -15.18 0.10
C SER A 188 -3.15 -16.13 0.17
N ASN A 189 -3.42 -16.61 1.37
CA ASN A 189 -4.53 -17.53 1.58
C ASN A 189 -4.70 -17.79 3.07
N SER A 190 -4.63 -16.72 3.84
CA SER A 190 -4.77 -16.82 5.29
C SER A 190 -6.17 -17.30 5.64
N TRP A 191 -7.15 -16.86 4.84
CA TRP A 191 -8.52 -17.24 5.05
C TRP A 191 -9.32 -16.90 3.79
N PHE A 192 -9.03 -15.72 3.26
CA PHE A 192 -9.70 -15.27 2.06
C PHE A 192 -10.02 -16.44 1.13
N GLY A 193 -8.98 -17.18 0.77
CA GLY A 193 -9.14 -18.33 -0.11
C GLY A 193 -8.85 -19.63 0.63
N CYS A 194 -7.57 -19.97 0.70
CA CYS A 194 -7.15 -21.19 1.37
C CYS A 194 -6.51 -20.79 2.71
N MET A 1 -6.77 -12.31 -12.67
CA MET A 1 -8.10 -11.73 -12.67
C MET A 1 -9.14 -12.76 -12.21
N GLU A 2 -9.79 -12.43 -11.10
CA GLU A 2 -10.80 -13.31 -10.54
C GLU A 2 -10.33 -14.76 -10.58
N PRO A 3 -9.24 -15.04 -9.81
CA PRO A 3 -8.68 -16.38 -9.76
C PRO A 3 -9.56 -17.31 -8.91
N ALA A 4 -9.18 -18.58 -8.89
CA ALA A 4 -9.92 -19.57 -8.13
C ALA A 4 -10.45 -18.93 -6.84
N LEU A 5 -9.65 -18.03 -6.30
CA LEU A 5 -10.02 -17.34 -5.08
C LEU A 5 -9.83 -18.28 -3.89
N CYS A 6 -9.33 -19.47 -4.19
CA CYS A 6 -9.09 -20.47 -3.17
C CYS A 6 -8.06 -21.47 -3.69
N ASP A 7 -6.95 -20.92 -4.17
CA ASP A 7 -5.87 -21.74 -4.71
C ASP A 7 -4.54 -21.05 -4.42
N PRO A 8 -3.51 -21.90 -4.17
CA PRO A 8 -2.18 -21.39 -3.89
C PRO A 8 -1.50 -20.90 -5.17
N ASN A 9 -2.03 -19.81 -5.69
CA ASN A 9 -1.48 -19.22 -6.91
C ASN A 9 -2.10 -17.85 -7.14
N LEU A 10 -2.26 -17.11 -6.06
CA LEU A 10 -2.85 -15.78 -6.13
C LEU A 10 -1.77 -14.74 -5.81
N SER A 11 -1.99 -13.54 -6.33
CA SER A 11 -1.05 -12.45 -6.12
C SER A 11 -1.81 -11.14 -5.94
N PHE A 12 -1.05 -10.08 -5.67
CA PHE A 12 -1.64 -8.77 -5.48
C PHE A 12 -0.73 -7.67 -6.04
N ASP A 13 -1.21 -6.44 -5.94
CA ASP A 13 -0.44 -5.30 -6.43
C ASP A 13 -0.38 -4.24 -5.34
N ALA A 14 -1.53 -3.93 -4.78
CA ALA A 14 -1.61 -2.93 -3.72
C ALA A 14 -2.73 -3.32 -2.75
N VAL A 15 -2.47 -3.09 -1.48
CA VAL A 15 -3.44 -3.39 -0.44
C VAL A 15 -3.42 -2.30 0.62
N THR A 16 -4.61 -1.82 0.96
CA THR A 16 -4.74 -0.77 1.96
C THR A 16 -6.01 -0.99 2.80
N THR A 17 -6.04 -0.32 3.94
CA THR A 17 -7.17 -0.43 4.84
C THR A 17 -7.88 0.92 4.97
N VAL A 18 -9.12 0.85 5.44
CA VAL A 18 -9.92 2.06 5.62
C VAL A 18 -10.62 2.00 6.98
N GLY A 19 -9.85 2.28 8.02
CA GLY A 19 -10.38 2.27 9.38
C GLY A 19 -10.61 0.83 9.86
N ASN A 20 -11.79 0.32 9.56
CA ASN A 20 -12.14 -1.04 9.96
C ASN A 20 -12.35 -1.89 8.71
N LYS A 21 -12.29 -1.23 7.57
CA LYS A 21 -12.48 -1.91 6.29
C LYS A 21 -11.10 -2.17 5.66
N ILE A 22 -11.09 -3.11 4.72
CA ILE A 22 -9.85 -3.47 4.03
C ILE A 22 -10.15 -3.68 2.55
N PHE A 23 -9.20 -3.29 1.73
CA PHE A 23 -9.34 -3.44 0.29
C PHE A 23 -8.03 -3.91 -0.34
N PHE A 24 -8.13 -4.31 -1.60
CA PHE A 24 -6.97 -4.79 -2.34
C PHE A 24 -7.14 -4.56 -3.84
N PHE A 25 -6.16 -3.87 -4.42
CA PHE A 25 -6.19 -3.59 -5.84
C PHE A 25 -5.21 -4.48 -6.60
N LYS A 26 -5.59 -4.83 -7.82
CA LYS A 26 -4.76 -5.67 -8.66
C LYS A 26 -4.14 -4.83 -9.77
N ASP A 27 -5.01 -4.14 -10.50
CA ASP A 27 -4.56 -3.30 -11.59
C ASP A 27 -5.73 -2.44 -12.08
N ARG A 28 -6.77 -3.12 -12.55
CA ARG A 28 -7.95 -2.43 -13.05
C ARG A 28 -9.17 -2.82 -12.23
N PHE A 29 -9.07 -3.98 -11.58
CA PHE A 29 -10.16 -4.46 -10.76
C PHE A 29 -9.86 -4.27 -9.27
N PHE A 30 -10.92 -4.21 -8.49
CA PHE A 30 -10.78 -4.02 -7.05
C PHE A 30 -11.31 -5.23 -6.29
N TRP A 31 -10.72 -5.47 -5.13
CA TRP A 31 -11.13 -6.59 -4.29
C TRP A 31 -11.72 -6.02 -3.00
N LEU A 32 -12.73 -6.72 -2.50
CA LEU A 32 -13.40 -6.31 -1.28
C LEU A 32 -13.54 -7.51 -0.34
N LYS A 33 -12.81 -7.45 0.77
CA LYS A 33 -12.85 -8.51 1.74
C LYS A 33 -12.64 -7.92 3.15
N VAL A 34 -13.74 -7.81 3.87
CA VAL A 34 -13.68 -7.27 5.22
C VAL A 34 -13.97 -8.38 6.23
N SER A 35 -13.90 -8.02 7.50
CA SER A 35 -14.16 -8.98 8.56
C SER A 35 -15.66 -9.06 8.85
N GLU A 36 -16.44 -8.80 7.80
CA GLU A 36 -17.88 -8.84 7.92
C GLU A 36 -18.52 -9.27 6.60
N ARG A 37 -17.72 -9.97 5.80
CA ARG A 37 -18.20 -10.45 4.51
C ARG A 37 -18.09 -11.98 4.44
N PRO A 38 -19.19 -12.60 3.94
CA PRO A 38 -19.24 -14.05 3.82
C PRO A 38 -18.39 -14.52 2.64
N LYS A 39 -18.21 -13.63 1.68
CA LYS A 39 -17.42 -13.95 0.50
C LYS A 39 -16.77 -12.66 -0.03
N THR A 40 -15.73 -12.85 -0.83
CA THR A 40 -15.01 -11.73 -1.40
C THR A 40 -15.53 -11.45 -2.82
N SER A 41 -15.98 -10.21 -3.01
CA SER A 41 -16.49 -9.80 -4.31
C SER A 41 -15.35 -9.30 -5.19
N VAL A 42 -15.66 -9.13 -6.47
CA VAL A 42 -14.66 -8.65 -7.42
C VAL A 42 -15.37 -7.94 -8.57
N ASN A 43 -15.02 -6.68 -8.76
CA ASN A 43 -15.61 -5.88 -9.82
C ASN A 43 -14.54 -4.96 -10.41
N LEU A 44 -14.94 -4.23 -11.45
CA LEU A 44 -14.04 -3.31 -12.11
C LEU A 44 -13.99 -2.00 -11.33
N ILE A 45 -12.87 -1.29 -11.49
CA ILE A 45 -12.69 -0.03 -10.80
C ILE A 45 -13.66 1.01 -11.38
N SER A 46 -13.39 1.40 -12.61
CA SER A 46 -14.23 2.37 -13.29
C SER A 46 -15.70 2.06 -13.04
N SER A 47 -15.99 0.78 -12.90
CA SER A 47 -17.35 0.33 -12.67
C SER A 47 -18.02 1.24 -11.64
N LEU A 48 -17.23 1.68 -10.66
CA LEU A 48 -17.73 2.55 -9.62
C LEU A 48 -17.02 3.90 -9.70
N TRP A 49 -15.71 3.85 -9.59
CA TRP A 49 -14.91 5.06 -9.64
C TRP A 49 -15.17 5.73 -10.98
N PRO A 50 -15.00 7.08 -11.00
CA PRO A 50 -15.22 7.86 -12.20
C PRO A 50 -14.05 7.68 -13.18
N THR A 51 -12.87 7.99 -12.70
CA THR A 51 -11.67 7.87 -13.52
C THR A 51 -10.44 7.65 -12.64
N LEU A 52 -9.98 6.41 -12.62
CA LEU A 52 -8.82 6.04 -11.83
C LEU A 52 -7.59 5.98 -12.74
N PRO A 53 -6.40 5.91 -12.08
CA PRO A 53 -5.15 5.86 -12.82
C PRO A 53 -4.93 4.46 -13.42
N SER A 54 -5.70 3.51 -12.90
CA SER A 54 -5.60 2.14 -13.37
C SER A 54 -4.17 1.62 -13.18
N GLY A 55 -4.05 0.66 -12.28
CA GLY A 55 -2.75 0.06 -11.99
C GLY A 55 -2.18 0.59 -10.67
N ILE A 56 -3.07 0.71 -9.69
CA ILE A 56 -2.67 1.20 -8.38
C ILE A 56 -1.42 0.44 -7.92
N GLU A 57 -0.28 1.11 -8.04
CA GLU A 57 0.98 0.52 -7.64
C GLU A 57 1.15 0.61 -6.12
N ALA A 58 0.67 1.72 -5.57
CA ALA A 58 0.76 1.95 -4.14
C ALA A 58 -0.52 2.63 -3.65
N ALA A 59 -1.18 1.99 -2.70
CA ALA A 59 -2.41 2.53 -2.14
C ALA A 59 -2.15 2.98 -0.71
N TYR A 60 -2.28 4.28 -0.50
CA TYR A 60 -2.07 4.87 0.80
C TYR A 60 -3.39 5.32 1.43
N GLU A 61 -3.38 5.45 2.75
CA GLU A 61 -4.57 5.88 3.46
C GLU A 61 -4.17 6.52 4.80
N ILE A 62 -4.91 7.56 5.16
CA ILE A 62 -4.66 8.26 6.41
C ILE A 62 -5.98 8.63 7.07
N GLU A 63 -6.17 8.15 8.28
CA GLU A 63 -7.38 8.41 9.02
C GLU A 63 -7.37 9.85 9.58
N ALA A 64 -6.20 10.24 10.07
CA ALA A 64 -6.03 11.57 10.63
C ALA A 64 -6.76 12.58 9.75
N ARG A 65 -6.38 12.60 8.48
CA ARG A 65 -6.98 13.52 7.53
C ARG A 65 -8.26 12.90 6.94
N ASN A 66 -8.35 11.59 7.07
CA ASN A 66 -9.50 10.86 6.56
C ASN A 66 -9.58 11.04 5.04
N GLN A 67 -8.46 10.73 4.39
CA GLN A 67 -8.38 10.84 2.95
C GLN A 67 -7.93 9.51 2.33
N VAL A 68 -7.86 9.50 1.01
CA VAL A 68 -7.44 8.31 0.30
C VAL A 68 -6.47 8.70 -0.83
N PHE A 69 -5.40 7.94 -0.94
CA PHE A 69 -4.39 8.20 -1.96
C PHE A 69 -4.06 6.91 -2.73
N LEU A 70 -4.10 7.03 -4.05
CA LEU A 70 -3.80 5.89 -4.90
C LEU A 70 -2.67 6.27 -5.86
N PHE A 71 -1.49 5.77 -5.55
CA PHE A 71 -0.32 6.05 -6.37
C PHE A 71 -0.23 5.09 -7.55
N LYS A 72 0.19 5.62 -8.69
CA LYS A 72 0.31 4.82 -9.89
C LYS A 72 1.16 5.56 -10.92
N ASP A 73 2.20 4.89 -11.38
CA ASP A 73 3.10 5.48 -12.36
C ASP A 73 3.55 6.86 -11.88
N ASP A 74 3.82 7.73 -12.84
CA ASP A 74 4.25 9.08 -12.52
C ASP A 74 3.02 9.98 -12.37
N LYS A 75 2.03 9.46 -11.67
CA LYS A 75 0.80 10.20 -11.44
C LYS A 75 0.13 9.69 -10.17
N TYR A 76 -0.59 10.59 -9.51
CA TYR A 76 -1.29 10.24 -8.28
C TYR A 76 -2.62 10.98 -8.19
N TRP A 77 -3.68 10.21 -7.96
CA TRP A 77 -5.00 10.78 -7.84
C TRP A 77 -5.30 10.98 -6.35
N LEU A 78 -6.07 12.03 -6.07
CA LEU A 78 -6.42 12.34 -4.70
C LEU A 78 -7.91 12.04 -4.50
N ILE A 79 -8.17 11.04 -3.66
CA ILE A 79 -9.54 10.64 -3.37
C ILE A 79 -10.02 11.36 -2.11
N SER A 80 -10.65 12.51 -2.32
CA SER A 80 -11.16 13.30 -1.22
C SER A 80 -12.64 12.99 -0.99
N ASN A 81 -12.94 12.55 0.23
CA ASN A 81 -14.30 12.22 0.59
C ASN A 81 -14.82 11.11 -0.34
N LEU A 82 -13.99 10.09 -0.48
CA LEU A 82 -14.34 8.96 -1.33
C LEU A 82 -14.68 9.47 -2.73
N ARG A 83 -13.95 10.48 -3.15
CA ARG A 83 -14.16 11.07 -4.47
C ARG A 83 -12.85 11.65 -5.01
N PRO A 84 -12.37 11.04 -6.13
CA PRO A 84 -11.14 11.49 -6.76
C PRO A 84 -11.36 12.80 -7.51
N GLU A 85 -10.78 13.86 -6.97
CA GLU A 85 -10.89 15.17 -7.59
C GLU A 85 -10.82 15.06 -9.12
N PRO A 86 -11.84 15.67 -9.78
CA PRO A 86 -11.90 15.63 -11.23
C PRO A 86 -10.87 16.59 -11.85
N ASN A 87 -10.00 16.03 -12.68
CA ASN A 87 -8.98 16.81 -13.33
C ASN A 87 -7.84 17.10 -12.34
N TYR A 88 -7.32 16.01 -11.78
CA TYR A 88 -6.24 16.12 -10.82
C TYR A 88 -5.15 15.08 -11.08
N PRO A 89 -4.56 15.15 -12.31
CA PRO A 89 -3.52 14.22 -12.70
C PRO A 89 -2.20 14.55 -12.00
N LYS A 90 -2.26 14.66 -10.69
CA LYS A 90 -1.08 14.97 -9.90
C LYS A 90 -0.06 13.86 -10.07
N SER A 91 1.15 14.13 -9.59
CA SER A 91 2.23 13.16 -9.68
C SER A 91 3.22 13.38 -8.53
N ILE A 92 3.76 12.27 -8.05
CA ILE A 92 4.72 12.32 -6.96
C ILE A 92 6.01 12.98 -7.45
N HIS A 93 6.17 12.98 -8.77
CA HIS A 93 7.35 13.57 -9.37
C HIS A 93 7.30 15.09 -9.22
N SER A 94 6.10 15.59 -8.95
CA SER A 94 5.91 17.02 -8.78
C SER A 94 6.55 17.47 -7.46
N PHE A 95 7.01 16.50 -6.69
CA PHE A 95 7.64 16.78 -5.41
C PHE A 95 8.28 15.52 -4.82
N GLY A 96 9.17 14.94 -5.59
CA GLY A 96 9.86 13.73 -5.16
C GLY A 96 10.99 13.38 -6.12
N PHE A 97 10.66 13.34 -7.40
CA PHE A 97 11.63 13.01 -8.43
C PHE A 97 13.06 13.21 -7.91
N PRO A 98 13.64 12.12 -7.36
CA PRO A 98 14.99 12.16 -6.82
C PRO A 98 16.02 12.18 -7.96
N ASN A 99 15.92 11.18 -8.82
CA ASN A 99 16.84 11.06 -9.94
C ASN A 99 16.05 10.74 -11.21
N PHE A 100 15.30 9.64 -11.13
CA PHE A 100 14.50 9.22 -12.26
C PHE A 100 13.38 8.27 -11.80
N VAL A 101 12.89 8.51 -10.60
CA VAL A 101 11.84 7.68 -10.04
C VAL A 101 10.51 8.02 -10.75
N LYS A 102 9.73 6.98 -10.97
CA LYS A 102 8.45 7.14 -11.64
C LYS A 102 7.57 5.92 -11.36
N LYS A 103 7.80 5.33 -10.19
CA LYS A 103 7.04 4.16 -9.78
C LYS A 103 7.35 3.83 -8.32
N ILE A 104 6.31 3.82 -7.51
CA ILE A 104 6.46 3.52 -6.10
C ILE A 104 6.09 2.05 -5.84
N ASP A 105 6.81 1.45 -4.91
CA ASP A 105 6.58 0.07 -4.56
C ASP A 105 5.43 -0.02 -3.55
N ALA A 106 5.51 0.83 -2.54
CA ALA A 106 4.49 0.87 -1.50
C ALA A 106 4.51 2.23 -0.82
N ALA A 107 3.50 2.47 0.00
CA ALA A 107 3.40 3.73 0.71
C ALA A 107 2.58 3.51 2.00
N VAL A 108 3.24 3.75 3.13
CA VAL A 108 2.59 3.58 4.41
C VAL A 108 2.91 4.80 5.30
N PHE A 109 2.24 4.85 6.43
CA PHE A 109 2.43 5.95 7.37
C PHE A 109 2.53 5.42 8.80
N ASN A 110 3.32 6.13 9.60
CA ASN A 110 3.52 5.75 11.00
C ASN A 110 2.90 6.82 11.89
N PRO A 111 1.99 6.37 12.80
CA PRO A 111 1.34 7.28 13.73
C PRO A 111 2.29 7.71 14.85
N ARG A 112 3.21 6.81 15.18
CA ARG A 112 4.17 7.09 16.22
C ARG A 112 5.31 7.96 15.67
N PHE A 113 5.74 7.62 14.46
CA PHE A 113 6.81 8.35 13.82
C PHE A 113 6.27 9.56 13.05
N TYR A 114 4.96 9.57 12.87
CA TYR A 114 4.30 10.65 12.17
C TYR A 114 5.01 10.95 10.83
N ARG A 115 5.51 9.88 10.22
CA ARG A 115 6.20 10.01 8.95
C ARG A 115 5.73 8.92 7.98
N THR A 116 5.68 9.30 6.71
CA THR A 116 5.25 8.37 5.68
C THR A 116 6.46 7.77 4.96
N TYR A 117 6.64 6.47 5.17
CA TYR A 117 7.75 5.76 4.56
C TYR A 117 7.46 5.44 3.10
N PHE A 118 8.46 5.68 2.25
CA PHE A 118 8.31 5.40 0.84
C PHE A 118 9.28 4.30 0.38
N PHE A 119 8.70 3.15 0.07
CA PHE A 119 9.49 2.01 -0.37
C PHE A 119 9.65 2.02 -1.89
N VAL A 120 10.87 2.25 -2.34
CA VAL A 120 11.16 2.28 -3.76
C VAL A 120 12.45 1.50 -4.03
N ASP A 121 12.33 0.50 -4.89
CA ASP A 121 13.46 -0.33 -5.24
C ASP A 121 14.06 -0.92 -3.97
N ASN A 122 15.36 -1.19 -4.04
CA ASN A 122 16.07 -1.76 -2.90
C ASN A 122 16.59 -0.63 -2.02
N GLN A 123 15.70 0.31 -1.71
CA GLN A 123 16.07 1.45 -0.88
C GLN A 123 14.88 1.86 0.00
N TYR A 124 15.18 2.66 1.01
CA TYR A 124 14.17 3.13 1.93
C TYR A 124 14.10 4.65 1.95
N TRP A 125 12.92 5.17 1.66
CA TRP A 125 12.72 6.61 1.64
C TRP A 125 11.71 6.96 2.73
N ARG A 126 11.67 8.23 3.08
CA ARG A 126 10.75 8.71 4.10
C ARG A 126 10.44 10.19 3.90
N TYR A 127 9.15 10.50 3.85
CA TYR A 127 8.71 11.87 3.66
C TYR A 127 8.18 12.46 4.96
N ASP A 128 8.71 13.62 5.31
CA ASP A 128 8.30 14.30 6.52
C ASP A 128 6.88 14.85 6.34
N GLU A 129 6.04 14.58 7.32
CA GLU A 129 4.66 15.03 7.28
C GLU A 129 4.47 16.24 8.21
N ARG A 130 4.99 16.10 9.41
CA ARG A 130 4.89 17.17 10.40
C ARG A 130 5.68 18.40 9.93
N ARG A 131 6.82 18.13 9.31
CA ARG A 131 7.66 19.20 8.82
C ARG A 131 7.25 19.60 7.40
N GLN A 132 7.02 18.58 6.58
CA GLN A 132 6.61 18.81 5.20
C GLN A 132 7.83 19.10 4.33
N MET A 133 8.90 18.38 4.61
CA MET A 133 10.13 18.55 3.86
C MET A 133 10.87 17.22 3.68
N MET A 134 10.79 16.69 2.47
CA MET A 134 11.43 15.42 2.16
C MET A 134 12.94 15.50 2.42
N ASP A 135 13.42 14.55 3.20
CA ASP A 135 14.84 14.50 3.54
C ASP A 135 15.65 14.54 2.25
N PRO A 136 16.70 15.41 2.25
CA PRO A 136 17.56 15.56 1.10
C PRO A 136 18.52 14.37 0.98
N GLY A 137 18.33 13.61 -0.09
CA GLY A 137 19.16 12.44 -0.33
C GLY A 137 19.19 11.51 0.89
N TYR A 138 18.42 10.45 0.79
CA TYR A 138 18.35 9.48 1.87
C TYR A 138 18.19 8.06 1.32
N PRO A 139 19.24 7.62 0.58
CA PRO A 139 19.24 6.28 0.01
C PRO A 139 19.51 5.23 1.08
N LYS A 140 18.48 4.95 1.86
CA LYS A 140 18.58 3.97 2.93
C LYS A 140 18.09 2.61 2.41
N LEU A 141 18.03 1.65 3.31
CA LEU A 141 17.57 0.32 2.96
C LEU A 141 16.42 -0.08 3.89
N ILE A 142 15.39 -0.66 3.28
CA ILE A 142 14.23 -1.09 4.03
C ILE A 142 14.62 -2.22 4.99
N THR A 143 15.05 -3.33 4.39
CA THR A 143 15.46 -4.48 5.17
C THR A 143 16.41 -4.06 6.28
N LYS A 144 17.34 -3.20 5.94
CA LYS A 144 18.31 -2.71 6.89
C LYS A 144 17.59 -1.97 8.02
N ASN A 145 16.58 -1.21 7.63
CA ASN A 145 15.79 -0.45 8.59
C ASN A 145 14.96 -1.41 9.43
N PHE A 146 14.08 -2.14 8.75
CA PHE A 146 13.22 -3.10 9.42
C PHE A 146 13.95 -4.41 9.68
N GLN A 147 14.20 -5.14 8.59
CA GLN A 147 14.88 -6.42 8.68
C GLN A 147 13.94 -7.49 9.22
N GLY A 148 13.36 -8.24 8.30
CA GLY A 148 12.44 -9.30 8.67
C GLY A 148 11.41 -9.56 7.56
N ILE A 149 11.11 -8.50 6.83
CA ILE A 149 10.16 -8.58 5.74
C ILE A 149 10.90 -8.69 4.41
N GLY A 150 12.13 -8.19 4.41
CA GLY A 150 12.96 -8.22 3.23
C GLY A 150 13.09 -6.82 2.61
N PRO A 151 14.17 -6.66 1.79
CA PRO A 151 14.43 -5.38 1.13
C PRO A 151 13.45 -5.16 -0.02
N LYS A 152 12.63 -6.17 -0.28
CA LYS A 152 11.66 -6.09 -1.35
C LYS A 152 10.25 -6.06 -0.75
N ILE A 153 9.45 -5.13 -1.26
CA ILE A 153 8.08 -4.99 -0.78
C ILE A 153 7.18 -4.60 -1.96
N ASP A 154 6.04 -5.28 -2.03
CA ASP A 154 5.08 -5.02 -3.09
C ASP A 154 3.92 -4.19 -2.53
N ALA A 155 3.30 -4.72 -1.50
CA ALA A 155 2.17 -4.03 -0.87
C ALA A 155 2.33 -4.09 0.65
N VAL A 156 1.80 -3.06 1.30
CA VAL A 156 1.89 -2.97 2.75
C VAL A 156 0.76 -2.08 3.26
N PHE A 157 0.13 -2.54 4.34
CA PHE A 157 -0.96 -1.80 4.94
C PHE A 157 -0.91 -1.87 6.47
N TYR A 158 -1.10 -0.72 7.10
CA TYR A 158 -1.08 -0.64 8.54
C TYR A 158 -2.46 -0.90 9.13
N SER A 159 -2.64 -2.11 9.63
CA SER A 159 -3.91 -2.50 10.23
C SER A 159 -3.69 -3.56 11.31
N LYS A 160 -3.63 -3.10 12.55
CA LYS A 160 -3.43 -4.00 13.67
C LYS A 160 -3.33 -3.18 14.95
N ASN A 161 -2.80 -3.82 15.99
CA ASN A 161 -2.64 -3.17 17.28
C ASN A 161 -1.35 -2.35 17.27
N LYS A 162 -0.33 -2.91 16.64
CA LYS A 162 0.95 -2.25 16.56
C LYS A 162 1.91 -3.11 15.73
N TYR A 163 1.55 -3.31 14.48
CA TYR A 163 2.37 -4.11 13.58
C TYR A 163 2.14 -3.71 12.12
N TYR A 164 2.96 -4.27 11.25
CA TYR A 164 2.86 -3.98 9.83
C TYR A 164 2.97 -5.26 8.99
N TYR A 165 2.16 -5.33 7.96
CA TYR A 165 2.16 -6.49 7.08
C TYR A 165 2.84 -6.16 5.75
N PHE A 166 3.80 -7.01 5.40
CA PHE A 166 4.54 -6.83 4.16
C PHE A 166 4.41 -8.07 3.26
N PHE A 167 4.30 -7.81 1.97
CA PHE A 167 4.18 -8.88 1.00
C PHE A 167 4.76 -8.49 -0.35
N GLN A 168 5.33 -9.47 -1.03
CA GLN A 168 5.93 -9.22 -2.33
C GLN A 168 6.05 -10.54 -3.11
N GLY A 169 4.90 -11.07 -3.48
CA GLY A 169 4.85 -12.31 -4.23
C GLY A 169 3.59 -13.11 -3.89
N SER A 170 3.73 -13.97 -2.88
CA SER A 170 2.62 -14.80 -2.45
C SER A 170 2.75 -15.11 -0.96
N ASN A 171 3.25 -14.13 -0.22
CA ASN A 171 3.43 -14.27 1.21
C ASN A 171 3.20 -12.93 1.90
N GLN A 172 2.57 -13.00 3.06
CA GLN A 172 2.28 -11.79 3.83
C GLN A 172 2.88 -11.89 5.23
N PHE A 173 4.11 -11.43 5.35
CA PHE A 173 4.81 -11.46 6.62
C PHE A 173 4.42 -10.27 7.49
N GLU A 174 4.66 -10.42 8.78
CA GLU A 174 4.33 -9.36 9.73
C GLU A 174 5.57 -8.98 10.55
N TYR A 175 5.83 -7.68 10.59
CA TYR A 175 6.98 -7.18 11.33
C TYR A 175 6.54 -6.50 12.63
N ASP A 176 7.36 -6.68 13.65
CA ASP A 176 7.07 -6.09 14.96
C ASP A 176 8.26 -5.24 15.40
N PHE A 177 8.01 -3.93 15.45
CA PHE A 177 9.04 -2.99 15.86
C PHE A 177 9.51 -3.27 17.29
N LEU A 178 8.73 -4.10 17.97
CA LEU A 178 9.05 -4.45 19.35
C LEU A 178 10.45 -5.06 19.40
N LEU A 179 10.81 -5.75 18.33
CA LEU A 179 12.11 -6.38 18.25
C LEU A 179 12.26 -7.04 16.87
N GLN A 180 11.87 -6.29 15.85
CA GLN A 180 11.96 -6.79 14.49
C GLN A 180 11.61 -8.28 14.45
N ARG A 181 10.52 -8.61 15.13
CA ARG A 181 10.06 -10.00 15.18
C ARG A 181 9.03 -10.25 14.07
N ILE A 182 8.74 -11.53 13.86
CA ILE A 182 7.77 -11.92 12.84
C ILE A 182 6.97 -13.11 13.35
N THR A 183 5.99 -12.81 14.19
CA THR A 183 5.13 -13.85 14.74
C THR A 183 3.79 -13.87 14.02
N LYS A 184 3.86 -13.77 12.70
CA LYS A 184 2.66 -13.79 11.88
C LYS A 184 3.02 -14.18 10.45
N THR A 185 2.77 -15.43 10.13
CA THR A 185 3.07 -15.95 8.81
C THR A 185 1.80 -16.50 8.16
N LEU A 186 1.36 -15.81 7.11
CA LEU A 186 0.17 -16.23 6.39
C LEU A 186 0.40 -16.02 4.89
N LYS A 187 -0.55 -16.54 4.11
CA LYS A 187 -0.46 -16.43 2.67
C LYS A 187 -1.61 -15.56 2.16
N SER A 188 -1.51 -15.17 0.89
CA SER A 188 -2.53 -14.34 0.28
C SER A 188 -3.91 -14.94 0.52
N ASN A 189 -3.95 -16.27 0.50
CA ASN A 189 -5.20 -16.98 0.72
C ASN A 189 -5.27 -17.46 2.17
N SER A 190 -5.35 -16.49 3.07
CA SER A 190 -5.43 -16.80 4.49
C SER A 190 -6.79 -16.37 5.04
N TRP A 191 -7.44 -15.47 4.31
CA TRP A 191 -8.74 -14.96 4.72
C TRP A 191 -9.80 -15.62 3.84
N PHE A 192 -9.61 -15.46 2.54
CA PHE A 192 -10.55 -16.02 1.57
C PHE A 192 -11.00 -17.42 2.00
N GLY A 193 -10.11 -18.09 2.72
CA GLY A 193 -10.41 -19.43 3.21
C GLY A 193 -9.72 -20.49 2.34
N CYS A 194 -8.41 -20.36 2.24
CA CYS A 194 -7.63 -21.30 1.44
C CYS A 194 -6.15 -21.08 1.76
N MET A 1 -8.66 -13.64 -14.16
CA MET A 1 -9.40 -13.49 -12.91
C MET A 1 -10.06 -14.82 -12.51
N GLU A 2 -9.38 -15.90 -12.84
CA GLU A 2 -9.89 -17.23 -12.53
C GLU A 2 -8.77 -18.11 -11.98
N PRO A 3 -8.28 -17.73 -10.76
CA PRO A 3 -7.22 -18.48 -10.12
C PRO A 3 -7.74 -19.79 -9.53
N ALA A 4 -8.43 -19.67 -8.41
CA ALA A 4 -8.99 -20.82 -7.74
C ALA A 4 -9.35 -20.46 -6.30
N LEU A 5 -8.55 -19.57 -5.74
CA LEU A 5 -8.76 -19.12 -4.37
C LEU A 5 -8.63 -20.32 -3.42
N CYS A 6 -7.96 -21.34 -3.91
CA CYS A 6 -7.76 -22.55 -3.12
C CYS A 6 -6.27 -22.92 -3.17
N ASP A 7 -5.47 -21.95 -3.58
CA ASP A 7 -4.03 -22.15 -3.69
C ASP A 7 -3.32 -20.80 -3.62
N PRO A 8 -2.06 -20.85 -3.12
CA PRO A 8 -1.26 -19.64 -3.01
C PRO A 8 -0.74 -19.18 -4.37
N ASN A 9 -1.69 -18.92 -5.26
CA ASN A 9 -1.35 -18.48 -6.60
C ASN A 9 -2.00 -17.11 -6.86
N LEU A 10 -2.26 -16.40 -5.77
CA LEU A 10 -2.87 -15.08 -5.87
C LEU A 10 -1.84 -14.02 -5.47
N SER A 11 -2.00 -12.85 -6.06
CA SER A 11 -1.10 -11.74 -5.77
C SER A 11 -1.87 -10.42 -5.80
N PHE A 12 -1.21 -9.38 -5.32
CA PHE A 12 -1.81 -8.05 -5.29
C PHE A 12 -0.87 -7.01 -5.88
N ASP A 13 -1.40 -5.80 -6.05
CA ASP A 13 -0.63 -4.71 -6.61
C ASP A 13 -0.48 -3.61 -5.56
N ALA A 14 -1.62 -3.18 -5.04
CA ALA A 14 -1.64 -2.14 -4.03
C ALA A 14 -2.85 -2.34 -3.10
N VAL A 15 -2.68 -1.90 -1.87
CA VAL A 15 -3.74 -2.03 -0.89
C VAL A 15 -3.83 -0.75 -0.05
N THR A 16 -4.93 -0.62 0.66
CA THR A 16 -5.14 0.56 1.50
C THR A 16 -5.99 0.19 2.72
N THR A 17 -6.02 1.11 3.67
CA THR A 17 -6.78 0.90 4.89
C THR A 17 -7.84 2.00 5.05
N VAL A 18 -9.09 1.56 5.06
CA VAL A 18 -10.20 2.48 5.20
C VAL A 18 -11.04 2.09 6.42
N GLY A 19 -11.04 2.96 7.41
CA GLY A 19 -11.79 2.72 8.63
C GLY A 19 -11.41 1.37 9.25
N ASN A 20 -12.07 0.33 8.79
CA ASN A 20 -11.80 -1.01 9.29
C ASN A 20 -11.88 -2.01 8.13
N LYS A 21 -11.63 -1.49 6.93
CA LYS A 21 -11.66 -2.32 5.75
C LYS A 21 -10.33 -2.19 5.00
N ILE A 22 -10.11 -3.12 4.08
CA ILE A 22 -8.90 -3.12 3.30
C ILE A 22 -9.22 -3.52 1.85
N PHE A 23 -8.73 -2.72 0.92
CA PHE A 23 -8.95 -2.97 -0.49
C PHE A 23 -7.70 -3.55 -1.15
N PHE A 24 -7.92 -4.47 -2.08
CA PHE A 24 -6.83 -5.10 -2.78
C PHE A 24 -7.03 -5.00 -4.30
N PHE A 25 -6.38 -4.02 -4.89
CA PHE A 25 -6.47 -3.80 -6.32
C PHE A 25 -5.45 -4.65 -7.08
N LYS A 26 -5.74 -4.90 -8.35
CA LYS A 26 -4.86 -5.69 -9.18
C LYS A 26 -5.20 -5.45 -10.66
N ASP A 27 -4.80 -4.28 -11.13
CA ASP A 27 -5.06 -3.91 -12.51
C ASP A 27 -6.54 -4.16 -12.84
N ARG A 28 -7.35 -3.14 -12.58
CA ARG A 28 -8.77 -3.25 -12.84
C ARG A 28 -9.43 -4.23 -11.86
N PHE A 29 -8.92 -5.45 -11.88
CA PHE A 29 -9.44 -6.49 -11.01
C PHE A 29 -8.91 -6.33 -9.59
N PHE A 30 -9.83 -6.18 -8.65
CA PHE A 30 -9.47 -6.02 -7.26
C PHE A 30 -10.24 -7.00 -6.37
N TRP A 31 -9.51 -7.58 -5.42
CA TRP A 31 -10.11 -8.54 -4.50
C TRP A 31 -10.61 -7.77 -3.27
N LEU A 32 -11.70 -8.26 -2.71
CA LEU A 32 -12.28 -7.64 -1.53
C LEU A 32 -12.37 -8.67 -0.41
N LYS A 33 -11.71 -8.36 0.70
CA LYS A 33 -11.71 -9.25 1.84
C LYS A 33 -11.66 -8.41 3.13
N VAL A 34 -12.74 -8.48 3.89
CA VAL A 34 -12.83 -7.75 5.14
C VAL A 34 -13.41 -8.65 6.22
N SER A 35 -13.55 -8.08 7.41
CA SER A 35 -14.09 -8.82 8.54
C SER A 35 -15.51 -9.27 8.23
N GLU A 36 -15.81 -10.51 8.61
CA GLU A 36 -17.13 -11.06 8.38
C GLU A 36 -17.36 -11.30 6.88
N ARG A 37 -16.30 -11.79 6.22
CA ARG A 37 -16.37 -12.06 4.80
C ARG A 37 -15.89 -13.48 4.51
N PRO A 38 -16.87 -14.42 4.44
CA PRO A 38 -16.56 -15.81 4.17
C PRO A 38 -16.21 -16.02 2.69
N LYS A 39 -16.20 -14.92 1.96
CA LYS A 39 -15.88 -14.96 0.55
C LYS A 39 -15.46 -13.57 0.07
N THR A 40 -14.77 -13.53 -1.06
CA THR A 40 -14.31 -12.29 -1.63
C THR A 40 -15.00 -12.02 -2.96
N SER A 41 -15.12 -10.74 -3.28
CA SER A 41 -15.76 -10.34 -4.53
C SER A 41 -14.74 -9.64 -5.43
N VAL A 42 -14.52 -10.22 -6.59
CA VAL A 42 -13.58 -9.66 -7.55
C VAL A 42 -14.32 -8.73 -8.50
N ASN A 43 -14.32 -7.45 -8.15
CA ASN A 43 -14.98 -6.44 -8.96
C ASN A 43 -13.94 -5.54 -9.63
N LEU A 44 -14.42 -4.67 -10.49
CA LEU A 44 -13.54 -3.75 -11.19
C LEU A 44 -13.58 -2.38 -10.52
N ILE A 45 -12.47 -1.67 -10.61
CA ILE A 45 -12.38 -0.34 -10.02
C ILE A 45 -13.34 0.61 -10.74
N SER A 46 -13.08 0.80 -12.02
CA SER A 46 -13.91 1.67 -12.83
C SER A 46 -15.39 1.37 -12.57
N SER A 47 -15.66 0.12 -12.26
CA SER A 47 -17.02 -0.32 -12.01
C SER A 47 -17.55 0.38 -10.75
N LEU A 48 -16.66 0.53 -9.78
CA LEU A 48 -17.03 1.18 -8.52
C LEU A 48 -16.62 2.66 -8.57
N TRP A 49 -15.31 2.87 -8.47
CA TRP A 49 -14.78 4.23 -8.50
C TRP A 49 -15.14 4.85 -9.85
N PRO A 50 -15.29 6.20 -9.84
CA PRO A 50 -15.64 6.92 -11.05
C PRO A 50 -14.44 7.02 -11.99
N THR A 51 -13.50 7.90 -11.62
CA THR A 51 -12.31 8.10 -12.42
C THR A 51 -11.06 7.98 -11.55
N LEU A 52 -10.54 6.76 -11.48
CA LEU A 52 -9.36 6.49 -10.68
C LEU A 52 -8.31 5.80 -11.55
N PRO A 53 -7.04 5.84 -11.07
CA PRO A 53 -5.94 5.22 -11.79
C PRO A 53 -5.98 3.69 -11.65
N SER A 54 -5.91 3.02 -12.78
CA SER A 54 -5.94 1.56 -12.79
C SER A 54 -4.52 1.01 -12.63
N GLY A 55 -4.40 -0.01 -11.79
CA GLY A 55 -3.11 -0.63 -11.55
C GLY A 55 -2.32 0.13 -10.48
N ILE A 56 -3.04 0.50 -9.42
CA ILE A 56 -2.43 1.23 -8.33
C ILE A 56 -1.15 0.51 -7.90
N GLU A 57 -0.09 1.30 -7.71
CA GLU A 57 1.19 0.75 -7.30
C GLU A 57 1.34 0.83 -5.78
N ALA A 58 0.61 1.77 -5.19
CA ALA A 58 0.65 1.95 -3.75
C ALA A 58 -0.50 2.87 -3.33
N ALA A 59 -1.24 2.41 -2.32
CA ALA A 59 -2.36 3.18 -1.81
C ALA A 59 -2.25 3.29 -0.29
N TYR A 60 -2.65 4.45 0.22
CA TYR A 60 -2.60 4.69 1.65
C TYR A 60 -3.65 5.73 2.07
N GLU A 61 -4.48 5.33 3.03
CA GLU A 61 -5.52 6.21 3.52
C GLU A 61 -5.20 6.68 4.94
N ILE A 62 -5.94 7.69 5.38
CA ILE A 62 -5.74 8.24 6.72
C ILE A 62 -7.07 8.78 7.24
N GLU A 63 -7.45 8.28 8.41
CA GLU A 63 -8.69 8.71 9.03
C GLU A 63 -8.54 10.12 9.61
N ALA A 64 -7.33 10.41 10.08
CA ALA A 64 -7.04 11.70 10.67
C ALA A 64 -7.45 12.80 9.68
N ARG A 65 -7.01 12.64 8.45
CA ARG A 65 -7.32 13.60 7.40
C ARG A 65 -8.57 13.18 6.64
N ASN A 66 -8.86 11.88 6.70
CA ASN A 66 -10.02 11.34 6.02
C ASN A 66 -9.90 11.60 4.52
N GLN A 67 -8.70 11.37 4.01
CA GLN A 67 -8.45 11.58 2.59
C GLN A 67 -7.72 10.36 2.00
N VAL A 68 -8.18 9.98 0.81
CA VAL A 68 -7.59 8.83 0.13
C VAL A 68 -6.52 9.32 -0.84
N PHE A 69 -5.68 8.38 -1.26
CA PHE A 69 -4.61 8.71 -2.19
C PHE A 69 -4.25 7.49 -3.05
N LEU A 70 -4.20 7.72 -4.35
CA LEU A 70 -3.87 6.67 -5.30
C LEU A 70 -2.64 7.07 -6.11
N PHE A 71 -1.61 6.24 -6.05
CA PHE A 71 -0.40 6.51 -6.77
C PHE A 71 -0.33 5.69 -8.07
N LYS A 72 0.24 6.31 -9.10
CA LYS A 72 0.37 5.66 -10.38
C LYS A 72 1.31 6.46 -11.27
N ASP A 73 2.35 5.78 -11.75
CA ASP A 73 3.32 6.43 -12.62
C ASP A 73 3.81 7.72 -11.95
N ASP A 74 4.22 8.66 -12.79
CA ASP A 74 4.70 9.94 -12.30
C ASP A 74 3.52 10.88 -12.08
N LYS A 75 2.47 10.34 -11.47
CA LYS A 75 1.27 11.13 -11.20
C LYS A 75 0.54 10.51 -10.01
N TYR A 76 -0.16 11.37 -9.28
CA TYR A 76 -0.90 10.93 -8.11
C TYR A 76 -2.36 11.38 -8.20
N TRP A 77 -3.22 10.63 -7.53
CA TRP A 77 -4.64 10.93 -7.52
C TRP A 77 -5.08 11.14 -6.07
N LEU A 78 -5.72 12.28 -5.84
CA LEU A 78 -6.18 12.61 -4.51
C LEU A 78 -7.72 12.66 -4.51
N ILE A 79 -8.31 11.70 -3.82
CA ILE A 79 -9.76 11.62 -3.73
C ILE A 79 -10.21 12.04 -2.33
N SER A 80 -11.46 12.48 -2.24
CA SER A 80 -12.02 12.90 -0.97
C SER A 80 -13.52 12.66 -0.96
N ASN A 81 -13.96 11.93 0.05
CA ASN A 81 -15.38 11.62 0.20
C ASN A 81 -15.85 10.82 -1.01
N LEU A 82 -14.96 9.94 -1.48
CA LEU A 82 -15.27 9.11 -2.63
C LEU A 82 -15.47 10.00 -3.87
N ARG A 83 -14.72 11.08 -3.89
CA ARG A 83 -14.80 12.02 -5.00
C ARG A 83 -13.41 12.50 -5.40
N PRO A 84 -13.17 12.52 -6.74
CA PRO A 84 -11.89 12.95 -7.27
C PRO A 84 -11.75 14.47 -7.19
N GLU A 85 -10.54 14.90 -6.84
CA GLU A 85 -10.25 16.32 -6.73
C GLU A 85 -9.90 16.91 -8.10
N PRO A 86 -10.29 18.20 -8.29
CA PRO A 86 -10.02 18.89 -9.53
C PRO A 86 -8.55 19.28 -9.63
N ASN A 87 -7.79 18.87 -8.63
CA ASN A 87 -6.37 19.18 -8.59
C ASN A 87 -5.58 17.89 -8.39
N TYR A 88 -6.19 16.78 -8.81
CA TYR A 88 -5.56 15.48 -8.68
C TYR A 88 -4.48 15.29 -9.76
N PRO A 89 -4.72 15.92 -10.94
CA PRO A 89 -3.79 15.83 -12.05
C PRO A 89 -2.56 16.69 -11.80
N LYS A 90 -1.66 16.18 -10.97
CA LYS A 90 -0.45 16.90 -10.64
C LYS A 90 0.76 15.97 -10.84
N SER A 91 1.94 16.58 -10.85
CA SER A 91 3.17 15.82 -11.03
C SER A 91 3.92 15.72 -9.70
N ILE A 92 4.07 14.50 -9.23
CA ILE A 92 4.77 14.26 -7.98
C ILE A 92 6.18 14.85 -8.06
N HIS A 93 6.71 14.86 -9.28
CA HIS A 93 8.04 15.39 -9.50
C HIS A 93 8.15 16.79 -8.89
N SER A 94 6.99 17.42 -8.73
CA SER A 94 6.94 18.75 -8.16
C SER A 94 7.38 18.72 -6.69
N PHE A 95 7.52 17.51 -6.18
CA PHE A 95 7.94 17.32 -4.80
C PHE A 95 9.46 17.17 -4.70
N GLY A 96 10.14 17.63 -5.74
CA GLY A 96 11.59 17.54 -5.79
C GLY A 96 12.05 16.70 -6.98
N PHE A 97 11.51 15.50 -7.07
CA PHE A 97 11.86 14.60 -8.16
C PHE A 97 13.36 14.30 -8.16
N PRO A 98 13.75 13.33 -7.29
CA PRO A 98 15.15 12.95 -7.20
C PRO A 98 15.57 12.10 -8.39
N ASN A 99 16.68 11.40 -8.22
CA ASN A 99 17.20 10.54 -9.28
C ASN A 99 16.98 9.07 -8.89
N PHE A 100 15.71 8.71 -8.81
CA PHE A 100 15.36 7.34 -8.46
C PHE A 100 13.85 7.21 -8.25
N VAL A 101 13.09 7.91 -9.09
CA VAL A 101 11.65 7.87 -9.01
C VAL A 101 11.07 7.53 -10.38
N LYS A 102 9.95 6.83 -10.36
CA LYS A 102 9.29 6.43 -11.59
C LYS A 102 8.10 5.52 -11.25
N LYS A 103 8.30 4.70 -10.25
CA LYS A 103 7.25 3.78 -9.81
C LYS A 103 7.51 3.36 -8.37
N ILE A 104 6.45 3.36 -7.59
CA ILE A 104 6.54 2.98 -6.19
C ILE A 104 6.07 1.53 -6.02
N ASP A 105 6.37 0.99 -4.84
CA ASP A 105 5.97 -0.39 -4.55
C ASP A 105 4.83 -0.37 -3.53
N ALA A 106 5.02 0.41 -2.48
CA ALA A 106 4.02 0.51 -1.44
C ALA A 106 4.21 1.83 -0.68
N ALA A 107 3.23 2.17 0.14
CA ALA A 107 3.28 3.39 0.93
C ALA A 107 2.77 3.10 2.34
N VAL A 108 3.67 3.28 3.30
CA VAL A 108 3.32 3.05 4.69
C VAL A 108 3.58 4.32 5.50
N PHE A 109 2.58 4.71 6.27
CA PHE A 109 2.68 5.90 7.10
C PHE A 109 2.75 5.54 8.58
N ASN A 110 3.67 6.19 9.27
CA ASN A 110 3.85 5.96 10.69
C ASN A 110 3.48 7.22 11.47
N PRO A 111 2.52 7.05 12.41
CA PRO A 111 2.06 8.16 13.24
C PRO A 111 3.09 8.51 14.30
N ARG A 112 3.99 7.57 14.55
CA ARG A 112 5.03 7.77 15.54
C ARG A 112 6.10 8.74 15.01
N PHE A 113 6.28 8.70 13.70
CA PHE A 113 7.25 9.58 13.06
C PHE A 113 6.57 10.58 12.15
N TYR A 114 5.25 10.44 12.04
CA TYR A 114 4.47 11.33 11.20
C TYR A 114 5.04 11.39 9.78
N ARG A 115 5.83 10.38 9.45
CA ARG A 115 6.44 10.30 8.13
C ARG A 115 5.91 9.09 7.36
N THR A 116 6.05 9.15 6.05
CA THR A 116 5.59 8.06 5.20
C THR A 116 6.76 7.46 4.43
N TYR A 117 6.93 6.16 4.61
CA TYR A 117 8.01 5.44 3.95
C TYR A 117 7.56 4.94 2.57
N PHE A 118 8.45 5.15 1.60
CA PHE A 118 8.15 4.73 0.24
C PHE A 118 9.18 3.70 -0.25
N PHE A 119 8.66 2.65 -0.87
CA PHE A 119 9.53 1.60 -1.38
C PHE A 119 9.63 1.67 -2.91
N VAL A 120 10.84 1.92 -3.37
CA VAL A 120 11.10 2.02 -4.80
C VAL A 120 11.84 0.77 -5.27
N ASP A 121 11.08 -0.28 -5.50
CA ASP A 121 11.65 -1.54 -5.96
C ASP A 121 12.46 -2.16 -4.81
N ASN A 122 13.54 -1.47 -4.45
CA ASN A 122 14.40 -1.94 -3.38
C ASN A 122 15.09 -0.75 -2.72
N GLN A 123 14.27 0.19 -2.26
CA GLN A 123 14.78 1.38 -1.61
C GLN A 123 13.84 1.81 -0.49
N TYR A 124 14.42 2.53 0.47
CA TYR A 124 13.64 3.02 1.60
C TYR A 124 13.74 4.54 1.72
N TRP A 125 12.75 5.20 1.16
CA TRP A 125 12.70 6.66 1.21
C TRP A 125 11.80 7.08 2.37
N ARG A 126 11.90 8.35 2.73
CA ARG A 126 11.10 8.89 3.82
C ARG A 126 10.81 10.36 3.57
N TYR A 127 9.53 10.67 3.44
CA TYR A 127 9.10 12.05 3.21
C TYR A 127 8.40 12.61 4.44
N ASP A 128 8.75 13.84 4.77
CA ASP A 128 8.15 14.51 5.91
C ASP A 128 6.79 15.10 5.51
N GLU A 129 5.79 14.78 6.33
CA GLU A 129 4.45 15.27 6.07
C GLU A 129 4.15 16.50 6.93
N ARG A 130 4.59 16.43 8.18
CA ARG A 130 4.38 17.52 9.11
C ARG A 130 5.28 18.71 8.74
N ARG A 131 6.40 18.38 8.11
CA ARG A 131 7.35 19.41 7.70
C ARG A 131 7.16 19.74 6.22
N GLN A 132 7.01 18.69 5.43
CA GLN A 132 6.83 18.86 4.00
C GLN A 132 8.18 19.01 3.30
N MET A 133 9.18 18.35 3.88
CA MET A 133 10.53 18.40 3.32
C MET A 133 11.16 17.02 3.31
N MET A 134 11.07 16.37 2.15
CA MET A 134 11.64 15.04 2.00
C MET A 134 13.13 15.04 2.32
N ASP A 135 13.53 14.02 3.08
CA ASP A 135 14.92 13.89 3.47
C ASP A 135 15.82 14.02 2.23
N PRO A 136 16.95 14.76 2.42
CA PRO A 136 17.89 14.96 1.33
C PRO A 136 18.70 13.70 1.06
N GLY A 137 18.40 13.07 -0.07
CA GLY A 137 19.10 11.86 -0.46
C GLY A 137 19.09 10.83 0.68
N TYR A 138 18.20 9.85 0.54
CA TYR A 138 18.09 8.81 1.55
C TYR A 138 17.98 7.43 0.91
N PRO A 139 19.07 7.05 0.18
CA PRO A 139 19.11 5.76 -0.50
C PRO A 139 19.33 4.62 0.51
N LYS A 140 18.30 4.36 1.29
CA LYS A 140 18.37 3.31 2.29
C LYS A 140 17.75 2.03 1.72
N LEU A 141 17.64 1.02 2.58
CA LEU A 141 17.07 -0.25 2.18
C LEU A 141 16.06 -0.70 3.23
N ILE A 142 15.01 -1.35 2.74
CA ILE A 142 13.96 -1.84 3.63
C ILE A 142 14.52 -2.98 4.48
N THR A 143 14.78 -4.11 3.83
CA THR A 143 15.31 -5.26 4.52
C THR A 143 16.34 -4.84 5.58
N LYS A 144 17.01 -3.74 5.29
CA LYS A 144 18.01 -3.21 6.21
C LYS A 144 17.32 -2.67 7.45
N ASN A 145 16.60 -1.57 7.26
CA ASN A 145 15.88 -0.94 8.35
C ASN A 145 15.05 -2.00 9.09
N PHE A 146 14.28 -2.75 8.31
CA PHE A 146 13.44 -3.80 8.86
C PHE A 146 13.78 -5.16 8.27
N GLN A 147 14.49 -5.94 9.06
CA GLN A 147 14.89 -7.28 8.62
C GLN A 147 13.82 -8.31 9.00
N GLY A 148 12.73 -8.27 8.26
CA GLY A 148 11.63 -9.18 8.52
C GLY A 148 10.55 -9.05 7.44
N ILE A 149 11.00 -8.74 6.23
CA ILE A 149 10.09 -8.59 5.10
C ILE A 149 10.82 -8.94 3.81
N GLY A 150 12.04 -8.43 3.70
CA GLY A 150 12.84 -8.68 2.51
C GLY A 150 13.22 -7.38 1.81
N PRO A 151 14.19 -7.49 0.87
CA PRO A 151 14.64 -6.33 0.12
C PRO A 151 13.63 -5.93 -0.94
N LYS A 152 12.66 -6.81 -1.15
CA LYS A 152 11.62 -6.57 -2.13
C LYS A 152 10.25 -6.67 -1.45
N ILE A 153 9.38 -5.71 -1.80
CA ILE A 153 8.05 -5.68 -1.22
C ILE A 153 7.03 -5.51 -2.35
N ASP A 154 5.79 -5.85 -2.03
CA ASP A 154 4.71 -5.75 -3.01
C ASP A 154 3.71 -4.70 -2.53
N ALA A 155 3.08 -4.99 -1.40
CA ALA A 155 2.10 -4.08 -0.83
C ALA A 155 2.22 -4.09 0.70
N VAL A 156 2.04 -2.92 1.28
CA VAL A 156 2.12 -2.78 2.72
C VAL A 156 1.05 -1.80 3.20
N PHE A 157 0.43 -2.15 4.32
CA PHE A 157 -0.61 -1.31 4.90
C PHE A 157 -0.53 -1.32 6.43
N TYR A 158 -0.92 -0.20 7.01
CA TYR A 158 -0.91 -0.07 8.46
C TYR A 158 -2.30 -0.29 9.05
N SER A 159 -2.59 -1.55 9.32
CA SER A 159 -3.88 -1.92 9.89
C SER A 159 -3.69 -2.86 11.07
N LYS A 160 -3.70 -2.28 12.26
CA LYS A 160 -3.53 -3.05 13.47
C LYS A 160 -3.43 -2.10 14.68
N ASN A 161 -2.91 -2.63 15.77
CA ASN A 161 -2.75 -1.85 16.98
C ASN A 161 -1.35 -1.23 17.01
N LYS A 162 -0.39 -2.01 16.53
CA LYS A 162 1.00 -1.55 16.49
C LYS A 162 1.84 -2.59 15.77
N TYR A 163 1.46 -2.88 14.54
CA TYR A 163 2.18 -3.85 13.73
C TYR A 163 2.18 -3.44 12.26
N TYR A 164 3.11 -4.03 11.51
CA TYR A 164 3.24 -3.74 10.09
C TYR A 164 3.10 -5.02 9.26
N TYR A 165 2.15 -4.98 8.33
CA TYR A 165 1.91 -6.11 7.46
C TYR A 165 2.60 -5.93 6.11
N PHE A 166 3.28 -6.98 5.68
CA PHE A 166 3.98 -6.95 4.41
C PHE A 166 3.53 -8.09 3.50
N PHE A 167 3.25 -7.74 2.25
CA PHE A 167 2.81 -8.73 1.28
C PHE A 167 3.81 -8.86 0.14
N GLN A 168 4.43 -10.03 0.05
CA GLN A 168 5.41 -10.29 -0.98
C GLN A 168 4.95 -11.43 -1.88
N GLY A 169 4.05 -11.08 -2.80
CA GLY A 169 3.51 -12.07 -3.74
C GLY A 169 2.17 -12.61 -3.24
N SER A 170 2.22 -13.80 -2.68
CA SER A 170 1.02 -14.44 -2.17
C SER A 170 1.04 -14.42 -0.64
N ASN A 171 2.16 -14.83 -0.08
CA ASN A 171 2.31 -14.87 1.37
C ASN A 171 2.63 -13.46 1.87
N GLN A 172 2.14 -13.17 3.08
CA GLN A 172 2.36 -11.88 3.68
C GLN A 172 2.81 -12.04 5.13
N PHE A 173 3.93 -11.38 5.44
CA PHE A 173 4.49 -11.46 6.79
C PHE A 173 4.10 -10.21 7.59
N GLU A 174 4.24 -10.34 8.91
CA GLU A 174 3.91 -9.24 9.80
C GLU A 174 5.12 -8.90 10.69
N TYR A 175 5.30 -7.61 10.92
CA TYR A 175 6.41 -7.16 11.75
C TYR A 175 5.90 -6.68 13.12
N ASP A 176 6.64 -7.07 14.15
CA ASP A 176 6.27 -6.69 15.51
C ASP A 176 7.38 -5.80 16.09
N PHE A 177 7.21 -4.50 15.90
CA PHE A 177 8.18 -3.54 16.40
C PHE A 177 8.51 -3.81 17.87
N LEU A 178 7.56 -4.45 18.54
CA LEU A 178 7.74 -4.77 19.95
C LEU A 178 9.17 -5.26 20.18
N LEU A 179 9.66 -6.01 19.21
CA LEU A 179 11.01 -6.55 19.29
C LEU A 179 11.44 -7.06 17.91
N GLN A 180 10.95 -6.39 16.88
CA GLN A 180 11.27 -6.77 15.52
C GLN A 180 11.24 -8.28 15.37
N ARG A 181 10.04 -8.85 15.45
CA ARG A 181 9.88 -10.29 15.34
C ARG A 181 8.74 -10.60 14.37
N ILE A 182 8.82 -11.78 13.77
CA ILE A 182 7.81 -12.21 12.83
C ILE A 182 7.12 -13.47 13.36
N THR A 183 5.92 -13.28 13.90
CA THR A 183 5.16 -14.38 14.46
C THR A 183 3.75 -14.42 13.84
N LYS A 184 3.71 -14.15 12.55
CA LYS A 184 2.45 -14.14 11.82
C LYS A 184 2.72 -14.28 10.32
N THR A 185 2.51 -15.48 9.83
CA THR A 185 2.73 -15.76 8.41
C THR A 185 1.55 -16.54 7.83
N LEU A 186 0.92 -15.94 6.84
CA LEU A 186 -0.23 -16.58 6.19
C LEU A 186 -0.20 -16.26 4.70
N LYS A 187 -1.19 -16.80 3.99
CA LYS A 187 -1.28 -16.58 2.56
C LYS A 187 -2.48 -15.69 2.27
N SER A 188 -2.50 -15.15 1.05
CA SER A 188 -3.58 -14.27 0.64
C SER A 188 -4.93 -14.96 0.90
N ASN A 189 -5.01 -16.21 0.47
CA ASN A 189 -6.23 -16.98 0.65
C ASN A 189 -6.16 -17.75 1.97
N SER A 190 -6.02 -16.99 3.06
CA SER A 190 -5.94 -17.59 4.38
C SER A 190 -7.22 -17.28 5.16
N TRP A 191 -8.00 -16.36 4.63
CA TRP A 191 -9.24 -15.96 5.27
C TRP A 191 -10.40 -16.54 4.45
N PHE A 192 -10.21 -16.56 3.15
CA PHE A 192 -11.22 -17.07 2.24
C PHE A 192 -11.74 -18.42 2.73
N GLY A 193 -10.81 -19.26 3.18
CA GLY A 193 -11.16 -20.57 3.67
C GLY A 193 -10.44 -21.67 2.88
N CYS A 194 -9.17 -21.41 2.63
CA CYS A 194 -8.35 -22.36 1.88
C CYS A 194 -6.89 -22.15 2.27
N MET A 1 -8.84 -12.88 -17.42
CA MET A 1 -9.21 -13.94 -16.50
C MET A 1 -8.49 -13.78 -15.16
N GLU A 2 -9.20 -14.10 -14.09
CA GLU A 2 -8.64 -14.00 -12.76
C GLU A 2 -8.05 -15.34 -12.33
N PRO A 3 -7.10 -15.27 -11.36
CA PRO A 3 -6.45 -16.47 -10.85
C PRO A 3 -7.39 -17.26 -9.93
N ALA A 4 -7.07 -18.54 -9.77
CA ALA A 4 -7.87 -19.40 -8.93
C ALA A 4 -8.09 -18.73 -7.57
N LEU A 5 -9.35 -18.67 -7.17
CA LEU A 5 -9.71 -18.05 -5.91
C LEU A 5 -9.79 -19.13 -4.82
N CYS A 6 -9.07 -20.22 -5.06
CA CYS A 6 -9.04 -21.33 -4.11
C CYS A 6 -7.76 -22.12 -4.35
N ASP A 7 -6.69 -21.40 -4.62
CA ASP A 7 -5.40 -22.03 -4.86
C ASP A 7 -4.29 -21.14 -4.29
N PRO A 8 -3.29 -21.80 -3.65
CA PRO A 8 -2.18 -21.08 -3.05
C PRO A 8 -1.21 -20.60 -4.14
N ASN A 9 -1.57 -19.49 -4.76
CA ASN A 9 -0.73 -18.92 -5.80
C ASN A 9 -1.33 -17.57 -6.24
N LEU A 10 -1.61 -16.75 -5.25
CA LEU A 10 -2.17 -15.43 -5.52
C LEU A 10 -1.12 -14.36 -5.22
N SER A 11 -1.32 -13.21 -5.84
CA SER A 11 -0.40 -12.09 -5.64
C SER A 11 -1.17 -10.77 -5.64
N PHE A 12 -0.48 -9.73 -5.19
CA PHE A 12 -1.09 -8.41 -5.14
C PHE A 12 -0.18 -7.35 -5.76
N ASP A 13 -0.71 -6.15 -5.90
CA ASP A 13 0.05 -5.05 -6.47
C ASP A 13 0.14 -3.92 -5.46
N ALA A 14 -1.02 -3.52 -4.95
CA ALA A 14 -1.07 -2.45 -3.97
C ALA A 14 -2.17 -2.76 -2.95
N VAL A 15 -1.97 -2.26 -1.74
CA VAL A 15 -2.93 -2.47 -0.67
C VAL A 15 -3.06 -1.18 0.15
N THR A 16 -4.30 -0.90 0.55
CA THR A 16 -4.57 0.29 1.34
C THR A 16 -5.69 0.02 2.35
N THR A 17 -5.84 0.95 3.27
CA THR A 17 -6.86 0.81 4.30
C THR A 17 -7.80 2.03 4.28
N VAL A 18 -9.04 1.78 4.64
CA VAL A 18 -10.05 2.84 4.66
C VAL A 18 -10.91 2.69 5.92
N GLY A 19 -10.28 2.91 7.06
CA GLY A 19 -10.97 2.80 8.33
C GLY A 19 -10.80 1.41 8.94
N ASN A 20 -11.68 0.51 8.54
CA ASN A 20 -11.64 -0.86 9.02
C ASN A 20 -11.80 -1.83 7.85
N LYS A 21 -11.69 -1.27 6.65
CA LYS A 21 -11.82 -2.07 5.45
C LYS A 21 -10.45 -2.21 4.78
N ILE A 22 -10.38 -3.17 3.85
CA ILE A 22 -9.15 -3.41 3.14
C ILE A 22 -9.45 -3.59 1.64
N PHE A 23 -8.48 -3.21 0.83
CA PHE A 23 -8.62 -3.33 -0.61
C PHE A 23 -7.33 -3.79 -1.27
N PHE A 24 -7.41 -4.94 -1.93
CA PHE A 24 -6.24 -5.50 -2.59
C PHE A 24 -6.36 -5.35 -4.11
N PHE A 25 -5.55 -4.47 -4.66
CA PHE A 25 -5.55 -4.22 -6.09
C PHE A 25 -4.62 -5.20 -6.81
N LYS A 26 -5.03 -5.58 -8.01
CA LYS A 26 -4.25 -6.50 -8.81
C LYS A 26 -3.63 -5.75 -9.99
N ASP A 27 -4.49 -5.15 -10.79
CA ASP A 27 -4.04 -4.39 -11.95
C ASP A 27 -5.19 -3.55 -12.48
N ARG A 28 -6.25 -4.24 -12.87
CA ARG A 28 -7.42 -3.57 -13.41
C ARG A 28 -8.64 -3.80 -12.50
N PHE A 29 -8.49 -4.78 -11.62
CA PHE A 29 -9.55 -5.12 -10.69
C PHE A 29 -9.07 -5.03 -9.24
N PHE A 30 -10.03 -5.01 -8.33
CA PHE A 30 -9.71 -4.94 -6.92
C PHE A 30 -10.54 -5.94 -6.11
N TRP A 31 -10.00 -6.31 -4.97
CA TRP A 31 -10.68 -7.27 -4.09
C TRP A 31 -11.31 -6.49 -2.94
N LEU A 32 -12.27 -7.13 -2.29
CA LEU A 32 -12.96 -6.51 -1.17
C LEU A 32 -13.33 -7.58 -0.15
N LYS A 33 -12.33 -8.05 0.57
CA LYS A 33 -12.54 -9.07 1.58
C LYS A 33 -12.51 -8.43 2.96
N VAL A 34 -13.70 -8.06 3.43
CA VAL A 34 -13.83 -7.43 4.73
C VAL A 34 -15.30 -7.20 5.04
N SER A 35 -15.55 -6.63 6.22
CA SER A 35 -16.91 -6.35 6.64
C SER A 35 -17.82 -7.52 6.26
N GLU A 36 -17.94 -8.46 7.19
CA GLU A 36 -18.76 -9.63 6.96
C GLU A 36 -18.68 -10.08 5.50
N ARG A 37 -17.51 -10.63 5.16
CA ARG A 37 -17.29 -11.09 3.80
C ARG A 37 -17.09 -12.61 3.79
N PRO A 38 -18.14 -13.32 3.30
CA PRO A 38 -18.08 -14.78 3.24
C PRO A 38 -17.19 -15.24 2.09
N LYS A 39 -16.81 -14.28 1.25
CA LYS A 39 -15.95 -14.59 0.11
C LYS A 39 -15.42 -13.28 -0.46
N THR A 40 -14.33 -13.41 -1.21
CA THR A 40 -13.70 -12.25 -1.83
C THR A 40 -14.49 -11.80 -3.06
N SER A 41 -14.22 -10.58 -3.49
CA SER A 41 -14.90 -10.03 -4.65
C SER A 41 -13.87 -9.66 -5.73
N VAL A 42 -14.38 -9.45 -6.94
CA VAL A 42 -13.52 -9.11 -8.06
C VAL A 42 -14.30 -8.21 -9.02
N ASN A 43 -14.19 -6.90 -8.79
CA ASN A 43 -14.88 -5.94 -9.63
C ASN A 43 -13.87 -4.94 -10.19
N LEU A 44 -14.34 -4.09 -11.08
CA LEU A 44 -13.48 -3.08 -11.70
C LEU A 44 -13.51 -1.81 -10.85
N ILE A 45 -12.43 -1.06 -10.94
CA ILE A 45 -12.31 0.19 -10.19
C ILE A 45 -13.43 1.14 -10.63
N SER A 46 -13.33 1.58 -11.88
CA SER A 46 -14.31 2.50 -12.44
C SER A 46 -15.72 2.05 -12.05
N SER A 47 -15.88 0.73 -11.97
CA SER A 47 -17.17 0.16 -11.62
C SER A 47 -17.78 0.93 -10.45
N LEU A 48 -16.94 1.23 -9.47
CA LEU A 48 -17.39 1.96 -8.30
C LEU A 48 -16.93 3.42 -8.40
N TRP A 49 -15.67 3.63 -8.08
CA TRP A 49 -15.10 4.97 -8.15
C TRP A 49 -15.46 5.58 -9.49
N PRO A 50 -15.51 6.94 -9.52
CA PRO A 50 -15.85 7.66 -10.74
C PRO A 50 -14.67 7.64 -11.72
N THR A 51 -13.72 8.53 -11.47
CA THR A 51 -12.54 8.64 -12.31
C THR A 51 -11.26 8.46 -11.48
N LEU A 52 -10.75 7.25 -11.51
CA LEU A 52 -9.54 6.93 -10.77
C LEU A 52 -8.57 6.17 -11.67
N PRO A 53 -7.26 6.32 -11.36
CA PRO A 53 -6.23 5.63 -12.14
C PRO A 53 -6.18 4.14 -11.80
N SER A 54 -6.15 3.33 -12.85
CA SER A 54 -6.11 1.89 -12.68
C SER A 54 -4.66 1.40 -12.79
N GLY A 55 -4.39 0.31 -12.09
CA GLY A 55 -3.05 -0.27 -12.10
C GLY A 55 -2.17 0.35 -11.02
N ILE A 56 -2.83 0.91 -10.01
CA ILE A 56 -2.13 1.53 -8.90
C ILE A 56 -0.95 0.65 -8.50
N GLU A 57 0.08 1.31 -7.97
CA GLU A 57 1.28 0.60 -7.54
C GLU A 57 1.50 0.79 -6.04
N ALA A 58 1.17 1.98 -5.57
CA ALA A 58 1.32 2.31 -4.16
C ALA A 58 0.04 2.97 -3.65
N ALA A 59 -0.68 2.24 -2.81
CA ALA A 59 -1.92 2.75 -2.25
C ALA A 59 -1.69 3.13 -0.79
N TYR A 60 -1.92 4.41 -0.50
CA TYR A 60 -1.74 4.91 0.85
C TYR A 60 -3.07 5.40 1.43
N GLU A 61 -3.09 5.53 2.75
CA GLU A 61 -4.29 6.00 3.44
C GLU A 61 -3.94 7.08 4.45
N ILE A 62 -4.68 8.18 4.37
CA ILE A 62 -4.45 9.30 5.28
C ILE A 62 -5.44 9.21 6.45
N GLU A 63 -5.05 8.43 7.44
CA GLU A 63 -5.89 8.26 8.62
C GLU A 63 -5.80 9.48 9.53
N ALA A 64 -6.34 10.58 9.04
CA ALA A 64 -6.34 11.83 9.79
C ALA A 64 -7.46 12.73 9.30
N ARG A 65 -7.49 12.93 7.99
CA ARG A 65 -8.51 13.77 7.38
C ARG A 65 -9.63 12.91 6.80
N ASN A 66 -9.55 11.61 7.11
CA ASN A 66 -10.55 10.68 6.62
C ASN A 66 -10.63 10.77 5.10
N GLN A 67 -9.57 10.32 4.45
CA GLN A 67 -9.51 10.35 2.99
C GLN A 67 -8.74 9.13 2.47
N VAL A 68 -8.65 9.04 1.15
CA VAL A 68 -7.95 7.94 0.52
C VAL A 68 -6.91 8.50 -0.46
N PHE A 69 -5.80 7.78 -0.56
CA PHE A 69 -4.73 8.19 -1.45
C PHE A 69 -4.34 7.05 -2.40
N LEU A 70 -4.29 7.38 -3.68
CA LEU A 70 -3.94 6.41 -4.69
C LEU A 70 -2.86 6.99 -5.61
N PHE A 71 -1.90 6.14 -5.95
CA PHE A 71 -0.81 6.56 -6.82
C PHE A 71 -0.81 5.77 -8.13
N LYS A 72 -0.35 6.43 -9.17
CA LYS A 72 -0.30 5.81 -10.49
C LYS A 72 1.13 5.88 -11.02
N ASP A 73 2.05 5.28 -10.27
CA ASP A 73 3.45 5.27 -10.66
C ASP A 73 3.77 6.56 -11.41
N ASP A 74 3.38 7.68 -10.82
CA ASP A 74 3.62 8.97 -11.42
C ASP A 74 2.71 10.01 -10.77
N LYS A 75 1.42 9.92 -11.11
CA LYS A 75 0.45 10.85 -10.57
C LYS A 75 -0.38 10.14 -9.50
N TYR A 76 -1.00 10.93 -8.64
CA TYR A 76 -1.81 10.39 -7.57
C TYR A 76 -3.00 11.32 -7.27
N TRP A 77 -4.18 10.73 -7.26
CA TRP A 77 -5.39 11.48 -7.00
C TRP A 77 -5.65 11.44 -5.49
N LEU A 78 -6.71 12.12 -5.08
CA LEU A 78 -7.07 12.18 -3.67
C LEU A 78 -8.59 12.22 -3.54
N ILE A 79 -9.14 11.16 -2.96
CA ILE A 79 -10.58 11.08 -2.77
C ILE A 79 -10.96 11.73 -1.44
N SER A 80 -11.46 12.95 -1.55
CA SER A 80 -11.87 13.70 -0.37
C SER A 80 -13.38 13.58 -0.17
N ASN A 81 -13.76 13.00 0.96
CA ASN A 81 -15.17 12.83 1.29
C ASN A 81 -15.82 11.96 0.22
N LEU A 82 -15.07 10.97 -0.24
CA LEU A 82 -15.55 10.06 -1.26
C LEU A 82 -15.71 10.80 -2.58
N ARG A 83 -14.79 11.73 -2.81
CA ARG A 83 -14.81 12.52 -4.02
C ARG A 83 -13.39 12.98 -4.39
N PRO A 84 -12.93 12.50 -5.57
CA PRO A 84 -11.59 12.84 -6.04
C PRO A 84 -11.56 14.28 -6.57
N GLU A 85 -10.66 15.07 -5.99
CA GLU A 85 -10.53 16.46 -6.41
C GLU A 85 -10.34 16.55 -7.92
N PRO A 86 -11.18 17.43 -8.54
CA PRO A 86 -11.11 17.62 -9.98
C PRO A 86 -9.89 18.45 -10.38
N ASN A 87 -9.31 18.08 -11.52
CA ASN A 87 -8.14 18.78 -12.02
C ASN A 87 -7.01 18.67 -11.00
N TYR A 88 -6.61 17.43 -10.74
CA TYR A 88 -5.54 17.16 -9.78
C TYR A 88 -4.52 16.18 -10.36
N PRO A 89 -3.89 16.61 -11.49
CA PRO A 89 -2.90 15.78 -12.15
C PRO A 89 -1.57 15.78 -11.37
N LYS A 90 -1.70 15.66 -10.06
CA LYS A 90 -0.53 15.66 -9.19
C LYS A 90 0.54 14.75 -9.81
N SER A 91 1.78 15.19 -9.69
CA SER A 91 2.90 14.44 -10.23
C SER A 91 3.96 14.23 -9.14
N ILE A 92 4.32 12.98 -8.94
CA ILE A 92 5.32 12.63 -7.93
C ILE A 92 6.66 13.24 -8.34
N HIS A 93 6.90 13.27 -9.64
CA HIS A 93 8.14 13.80 -10.17
C HIS A 93 8.19 15.31 -9.91
N SER A 94 7.02 15.93 -9.95
CA SER A 94 6.92 17.36 -9.72
C SER A 94 7.25 17.68 -8.27
N PHE A 95 7.39 16.63 -7.48
CA PHE A 95 7.71 16.79 -6.06
C PHE A 95 9.22 16.81 -5.85
N GLY A 96 9.95 16.86 -6.96
CA GLY A 96 11.40 16.89 -6.91
C GLY A 96 12.00 15.74 -7.71
N PHE A 97 11.27 14.64 -7.76
CA PHE A 97 11.72 13.47 -8.51
C PHE A 97 13.10 13.02 -8.02
N PRO A 98 13.09 12.06 -7.07
CA PRO A 98 14.34 11.54 -6.53
C PRO A 98 15.02 10.59 -7.51
N ASN A 99 15.91 9.78 -6.99
CA ASN A 99 16.64 8.82 -7.81
C ASN A 99 15.65 7.99 -8.61
N PHE A 100 15.32 8.49 -9.80
CA PHE A 100 14.39 7.80 -10.67
C PHE A 100 13.32 7.06 -9.86
N VAL A 101 12.39 7.83 -9.31
CA VAL A 101 11.32 7.25 -8.51
C VAL A 101 9.98 7.57 -9.17
N LYS A 102 9.64 6.76 -10.16
CA LYS A 102 8.38 6.94 -10.88
C LYS A 102 7.41 5.81 -10.49
N LYS A 103 7.99 4.74 -9.96
CA LYS A 103 7.18 3.60 -9.54
C LYS A 103 7.53 3.24 -8.10
N ILE A 104 6.50 3.25 -7.26
CA ILE A 104 6.67 2.94 -5.85
C ILE A 104 6.23 1.50 -5.60
N ASP A 105 6.74 0.93 -4.51
CA ASP A 105 6.41 -0.43 -4.15
C ASP A 105 5.24 -0.42 -3.16
N ALA A 106 5.38 0.40 -2.14
CA ALA A 106 4.34 0.52 -1.13
C ALA A 106 4.50 1.85 -0.40
N ALA A 107 3.45 2.23 0.32
CA ALA A 107 3.44 3.47 1.06
C ALA A 107 2.48 3.37 2.23
N VAL A 108 3.00 3.61 3.42
CA VAL A 108 2.20 3.54 4.63
C VAL A 108 2.74 4.54 5.65
N PHE A 109 1.88 4.90 6.59
CA PHE A 109 2.26 5.84 7.63
C PHE A 109 2.88 5.12 8.82
N ASN A 110 3.70 5.87 9.56
CA ASN A 110 4.37 5.30 10.72
C ASN A 110 3.94 6.08 11.97
N PRO A 111 3.02 5.47 12.76
CA PRO A 111 2.53 6.09 13.97
C PRO A 111 3.58 6.02 15.09
N ARG A 112 4.79 6.43 14.74
CA ARG A 112 5.88 6.43 15.69
C ARG A 112 6.95 7.45 15.29
N PHE A 113 7.20 7.51 13.99
CA PHE A 113 8.18 8.44 13.45
C PHE A 113 7.51 9.66 12.83
N TYR A 114 6.18 9.64 12.84
CA TYR A 114 5.40 10.73 12.27
C TYR A 114 5.84 11.02 10.84
N ARG A 115 6.20 9.95 10.13
CA ARG A 115 6.64 10.07 8.75
C ARG A 115 6.08 8.92 7.92
N THR A 116 6.05 9.14 6.61
CA THR A 116 5.56 8.13 5.70
C THR A 116 6.72 7.33 5.10
N TYR A 117 6.73 6.04 5.42
CA TYR A 117 7.77 5.16 4.92
C TYR A 117 7.44 4.65 3.51
N PHE A 118 8.08 5.27 2.53
CA PHE A 118 7.87 4.89 1.14
C PHE A 118 8.96 3.94 0.65
N PHE A 119 8.51 2.86 0.04
CA PHE A 119 9.44 1.85 -0.48
C PHE A 119 9.59 1.99 -2.00
N VAL A 120 10.82 2.31 -2.40
CA VAL A 120 11.12 2.48 -3.82
C VAL A 120 12.01 1.32 -4.27
N ASP A 121 11.37 0.28 -4.78
CA ASP A 121 12.10 -0.88 -5.26
C ASP A 121 12.92 -1.47 -4.11
N ASN A 122 14.14 -0.95 -3.97
CA ASN A 122 15.04 -1.41 -2.93
C ASN A 122 15.70 -0.19 -2.26
N GLN A 123 14.87 0.76 -1.88
CA GLN A 123 15.36 1.96 -1.24
C GLN A 123 14.30 2.51 -0.27
N TYR A 124 14.77 3.35 0.64
CA TYR A 124 13.88 3.96 1.62
C TYR A 124 13.89 5.48 1.51
N TRP A 125 12.77 6.03 1.05
CA TRP A 125 12.65 7.46 0.90
C TRP A 125 11.59 7.95 1.88
N ARG A 126 12.07 8.39 3.04
CA ARG A 126 11.19 8.88 4.09
C ARG A 126 10.86 10.36 3.84
N TYR A 127 9.58 10.64 3.71
CA TYR A 127 9.12 12.00 3.48
C TYR A 127 8.61 12.64 4.77
N ASP A 128 8.61 13.96 4.78
CA ASP A 128 8.15 14.70 5.94
C ASP A 128 6.71 15.17 5.72
N GLU A 129 5.85 14.77 6.64
CA GLU A 129 4.44 15.13 6.55
C GLU A 129 4.19 16.45 7.27
N ARG A 130 4.62 16.50 8.53
CA ARG A 130 4.45 17.70 9.33
C ARG A 130 5.30 18.85 8.77
N ARG A 131 6.43 18.46 8.21
CA ARG A 131 7.34 19.44 7.63
C ARG A 131 6.96 19.72 6.17
N GLN A 132 6.66 18.65 5.45
CA GLN A 132 6.28 18.77 4.05
C GLN A 132 7.52 19.04 3.19
N MET A 133 8.59 18.32 3.50
CA MET A 133 9.84 18.47 2.76
C MET A 133 10.57 17.14 2.64
N MET A 134 10.55 16.59 1.43
CA MET A 134 11.20 15.33 1.18
C MET A 134 12.69 15.40 1.51
N ASP A 135 13.14 14.45 2.32
CA ASP A 135 14.54 14.40 2.73
C ASP A 135 15.43 14.48 1.48
N PRO A 136 16.51 15.29 1.61
CA PRO A 136 17.44 15.48 0.51
C PRO A 136 18.34 14.25 0.34
N GLY A 137 18.18 13.58 -0.79
CA GLY A 137 18.96 12.40 -1.09
C GLY A 137 19.04 11.48 0.14
N TYR A 138 18.14 10.50 0.16
CA TYR A 138 18.09 9.56 1.26
C TYR A 138 17.96 8.12 0.74
N PRO A 139 19.00 7.68 -0.01
CA PRO A 139 19.02 6.35 -0.57
C PRO A 139 19.31 5.30 0.51
N LYS A 140 18.30 5.03 1.31
CA LYS A 140 18.43 4.05 2.39
C LYS A 140 18.07 2.67 1.85
N LEU A 141 17.98 1.72 2.78
CA LEU A 141 17.65 0.35 2.42
C LEU A 141 16.60 -0.19 3.40
N ILE A 142 15.64 -0.92 2.84
CA ILE A 142 14.58 -1.51 3.65
C ILE A 142 15.16 -2.62 4.52
N THR A 143 15.60 -3.67 3.86
CA THR A 143 16.17 -4.81 4.56
C THR A 143 17.14 -4.33 5.64
N LYS A 144 18.01 -3.42 5.26
CA LYS A 144 18.99 -2.87 6.19
C LYS A 144 18.25 -2.24 7.38
N ASN A 145 17.68 -1.08 7.12
CA ASN A 145 16.94 -0.36 8.16
C ASN A 145 16.14 -1.37 8.99
N PHE A 146 15.55 -2.33 8.29
CA PHE A 146 14.75 -3.35 8.95
C PHE A 146 14.95 -4.71 8.29
N GLN A 147 15.46 -5.65 9.07
CA GLN A 147 15.70 -6.99 8.57
C GLN A 147 14.56 -7.92 8.98
N GLY A 148 13.84 -8.40 7.97
CA GLY A 148 12.72 -9.29 8.20
C GLY A 148 11.74 -9.28 7.02
N ILE A 149 11.60 -8.10 6.43
CA ILE A 149 10.70 -7.93 5.31
C ILE A 149 11.46 -8.26 4.01
N GLY A 150 12.72 -7.88 3.99
CA GLY A 150 13.55 -8.13 2.83
C GLY A 150 13.92 -6.83 2.12
N PRO A 151 14.81 -6.96 1.09
CA PRO A 151 15.24 -5.79 0.33
C PRO A 151 14.14 -5.32 -0.62
N LYS A 152 13.22 -6.23 -0.91
CA LYS A 152 12.11 -5.91 -1.80
C LYS A 152 10.79 -6.15 -1.06
N ILE A 153 9.83 -5.27 -1.34
CA ILE A 153 8.52 -5.37 -0.72
C ILE A 153 7.45 -5.08 -1.77
N ASP A 154 6.47 -5.97 -1.81
CA ASP A 154 5.37 -5.83 -2.76
C ASP A 154 4.47 -4.67 -2.31
N ALA A 155 3.80 -4.87 -1.19
CA ALA A 155 2.91 -3.85 -0.66
C ALA A 155 2.68 -4.11 0.83
N VAL A 156 1.98 -3.18 1.46
CA VAL A 156 1.70 -3.29 2.88
C VAL A 156 0.50 -2.40 3.23
N PHE A 157 -0.06 -2.65 4.39
CA PHE A 157 -1.22 -1.90 4.85
C PHE A 157 -1.28 -1.86 6.38
N TYR A 158 -1.75 -0.74 6.89
CA TYR A 158 -1.86 -0.55 8.33
C TYR A 158 -3.33 -0.57 8.77
N SER A 159 -3.87 -1.77 8.89
CA SER A 159 -5.26 -1.94 9.30
C SER A 159 -5.32 -2.58 10.68
N LYS A 160 -4.21 -3.22 11.06
CA LYS A 160 -4.13 -3.88 12.34
C LYS A 160 -4.22 -2.83 13.46
N ASN A 161 -3.91 -3.28 14.67
CA ASN A 161 -3.96 -2.40 15.83
C ASN A 161 -2.62 -1.66 15.94
N LYS A 162 -1.54 -2.41 15.81
CA LYS A 162 -0.21 -1.85 15.90
C LYS A 162 0.80 -2.84 15.32
N TYR A 163 0.63 -3.14 14.04
CA TYR A 163 1.51 -4.07 13.36
C TYR A 163 1.70 -3.67 11.90
N TYR A 164 2.55 -4.43 11.22
CA TYR A 164 2.83 -4.17 9.82
C TYR A 164 2.81 -5.46 9.01
N TYR A 165 1.71 -5.65 8.28
CA TYR A 165 1.54 -6.84 7.47
C TYR A 165 2.02 -6.59 6.03
N PHE A 166 3.04 -7.33 5.64
CA PHE A 166 3.59 -7.20 4.30
C PHE A 166 3.27 -8.43 3.45
N PHE A 167 3.02 -8.18 2.17
CA PHE A 167 2.70 -9.25 1.25
C PHE A 167 3.81 -9.43 0.22
N GLN A 168 4.54 -10.54 0.36
CA GLN A 168 5.62 -10.84 -0.54
C GLN A 168 5.27 -12.04 -1.43
N GLY A 169 4.49 -11.76 -2.46
CA GLY A 169 4.07 -12.79 -3.39
C GLY A 169 2.83 -13.52 -2.87
N SER A 170 3.01 -14.80 -2.59
CA SER A 170 1.91 -15.62 -2.09
C SER A 170 2.15 -15.98 -0.62
N ASN A 171 2.58 -14.98 0.14
CA ASN A 171 2.86 -15.17 1.55
C ASN A 171 2.61 -13.88 2.30
N GLN A 172 2.00 -14.01 3.48
CA GLN A 172 1.70 -12.85 4.30
C GLN A 172 2.30 -13.02 5.69
N PHE A 173 3.50 -12.46 5.86
CA PHE A 173 4.20 -12.54 7.13
C PHE A 173 3.67 -11.50 8.11
N GLU A 174 3.60 -11.90 9.37
CA GLU A 174 3.12 -11.00 10.42
C GLU A 174 4.30 -10.39 11.18
N TYR A 175 4.54 -9.12 10.91
CA TYR A 175 5.64 -8.41 11.58
C TYR A 175 5.11 -7.59 12.75
N ASP A 176 6.05 -7.05 13.51
CA ASP A 176 5.71 -6.23 14.66
C ASP A 176 6.85 -5.26 14.96
N PHE A 177 6.74 -4.07 14.39
CA PHE A 177 7.75 -3.04 14.58
C PHE A 177 8.10 -2.88 16.06
N LEU A 178 7.17 -3.33 16.90
CA LEU A 178 7.36 -3.25 18.34
C LEU A 178 8.80 -3.64 18.68
N LEU A 179 9.37 -4.47 17.83
CA LEU A 179 10.74 -4.93 18.03
C LEU A 179 11.29 -5.48 16.72
N GLN A 180 10.75 -4.95 15.62
CA GLN A 180 11.17 -5.37 14.30
C GLN A 180 11.42 -6.89 14.28
N ARG A 181 10.36 -7.63 14.56
CA ARG A 181 10.44 -9.08 14.57
C ARG A 181 9.12 -9.70 14.10
N ILE A 182 9.25 -10.88 13.52
CA ILE A 182 8.08 -11.59 13.01
C ILE A 182 7.53 -12.52 14.09
N THR A 183 6.21 -12.69 14.08
CA THR A 183 5.56 -13.55 15.04
C THR A 183 5.03 -14.81 14.37
N LYS A 184 4.49 -14.62 13.18
CA LYS A 184 3.94 -15.73 12.42
C LYS A 184 3.88 -15.35 10.94
N THR A 185 3.46 -16.32 10.13
CA THR A 185 3.36 -16.09 8.69
C THR A 185 2.26 -16.97 8.10
N LEU A 186 1.29 -16.32 7.47
CA LEU A 186 0.18 -17.02 6.85
C LEU A 186 0.08 -16.62 5.38
N LYS A 187 -0.61 -17.46 4.62
CA LYS A 187 -0.79 -17.20 3.20
C LYS A 187 -2.01 -16.29 3.00
N SER A 188 -1.94 -15.48 1.95
CA SER A 188 -3.02 -14.56 1.64
C SER A 188 -4.36 -15.30 1.70
N ASN A 189 -4.31 -16.60 1.42
CA ASN A 189 -5.50 -17.42 1.44
C ASN A 189 -5.61 -18.13 2.79
N SER A 190 -5.65 -17.33 3.84
CA SER A 190 -5.75 -17.85 5.19
C SER A 190 -7.07 -17.41 5.84
N TRP A 191 -7.74 -16.48 5.15
CA TRP A 191 -8.99 -15.97 5.64
C TRP A 191 -10.12 -16.56 4.80
N PHE A 192 -10.04 -16.31 3.50
CA PHE A 192 -11.03 -16.82 2.58
C PHE A 192 -11.40 -18.26 2.91
N GLY A 193 -10.37 -19.08 3.04
CA GLY A 193 -10.57 -20.49 3.36
C GLY A 193 -9.90 -21.39 2.31
N CYS A 194 -8.68 -21.02 1.96
CA CYS A 194 -7.92 -21.77 0.97
C CYS A 194 -6.43 -21.60 1.27
N MET A 1 -5.09 -14.64 -17.68
CA MET A 1 -4.39 -14.38 -16.44
C MET A 1 -5.33 -14.49 -15.24
N GLU A 2 -6.06 -15.59 -15.21
CA GLU A 2 -7.01 -15.83 -14.13
C GLU A 2 -6.26 -16.04 -12.80
N PRO A 3 -7.01 -15.84 -11.68
CA PRO A 3 -6.42 -16.00 -10.36
C PRO A 3 -6.25 -17.47 -10.02
N ALA A 4 -6.09 -17.73 -8.72
CA ALA A 4 -5.91 -19.10 -8.26
C ALA A 4 -7.20 -19.59 -7.61
N LEU A 5 -7.52 -18.98 -6.48
CA LEU A 5 -8.73 -19.35 -5.75
C LEU A 5 -8.66 -20.83 -5.36
N CYS A 6 -7.44 -21.27 -5.07
CA CYS A 6 -7.22 -22.65 -4.68
C CYS A 6 -5.75 -23.00 -4.92
N ASP A 7 -4.89 -22.14 -4.40
CA ASP A 7 -3.45 -22.34 -4.55
C ASP A 7 -2.71 -21.22 -3.82
N PRO A 8 -1.82 -21.65 -2.88
CA PRO A 8 -1.04 -20.70 -2.11
C PRO A 8 0.09 -20.09 -2.96
N ASN A 9 -0.26 -19.02 -3.65
CA ASN A 9 0.71 -18.35 -4.51
C ASN A 9 0.03 -17.17 -5.21
N LEU A 10 -0.72 -16.41 -4.43
CA LEU A 10 -1.43 -15.26 -4.96
C LEU A 10 -0.56 -14.01 -4.80
N SER A 11 -0.61 -13.17 -5.82
CA SER A 11 0.17 -11.93 -5.81
C SER A 11 -0.73 -10.74 -6.12
N PHE A 12 -0.36 -9.60 -5.54
CA PHE A 12 -1.13 -8.39 -5.75
C PHE A 12 -0.23 -7.24 -6.20
N ASP A 13 -0.85 -6.10 -6.44
CA ASP A 13 -0.12 -4.92 -6.86
C ASP A 13 -0.03 -3.93 -5.71
N ALA A 14 -1.19 -3.64 -5.12
CA ALA A 14 -1.25 -2.71 -4.01
C ALA A 14 -2.30 -3.19 -3.01
N VAL A 15 -1.94 -3.11 -1.74
CA VAL A 15 -2.84 -3.54 -0.68
C VAL A 15 -2.92 -2.44 0.39
N THR A 16 -4.15 -2.11 0.76
CA THR A 16 -4.38 -1.08 1.76
C THR A 16 -5.72 -1.30 2.46
N THR A 17 -5.84 -0.74 3.65
CA THR A 17 -7.05 -0.87 4.43
C THR A 17 -7.83 0.45 4.43
N VAL A 18 -9.11 0.35 4.73
CA VAL A 18 -9.97 1.52 4.76
C VAL A 18 -11.07 1.31 5.80
N GLY A 19 -10.67 1.33 7.07
CA GLY A 19 -11.60 1.15 8.16
C GLY A 19 -11.95 -0.33 8.34
N ASN A 20 -10.92 -1.15 8.36
CA ASN A 20 -11.10 -2.59 8.52
C ASN A 20 -11.50 -3.20 7.17
N LYS A 21 -11.48 -2.35 6.16
CA LYS A 21 -11.84 -2.80 4.81
C LYS A 21 -10.55 -3.04 4.02
N ILE A 22 -10.34 -4.30 3.65
CA ILE A 22 -9.16 -4.68 2.89
C ILE A 22 -9.45 -4.48 1.39
N PHE A 23 -8.50 -3.85 0.72
CA PHE A 23 -8.64 -3.61 -0.71
C PHE A 23 -7.41 -4.13 -1.47
N PHE A 24 -7.44 -5.42 -1.77
CA PHE A 24 -6.35 -6.04 -2.49
C PHE A 24 -6.50 -5.84 -4.00
N PHE A 25 -5.69 -4.93 -4.53
CA PHE A 25 -5.72 -4.63 -5.95
C PHE A 25 -4.92 -5.66 -6.75
N LYS A 26 -5.44 -5.98 -7.93
CA LYS A 26 -4.78 -6.95 -8.80
C LYS A 26 -4.19 -6.23 -10.00
N ASP A 27 -5.07 -5.58 -10.75
CA ASP A 27 -4.65 -4.85 -11.94
C ASP A 27 -5.79 -3.94 -12.41
N ARG A 28 -6.90 -4.57 -12.73
CA ARG A 28 -8.07 -3.83 -13.19
C ARG A 28 -9.21 -3.95 -12.19
N PHE A 29 -9.09 -4.96 -11.32
CA PHE A 29 -10.10 -5.20 -10.31
C PHE A 29 -9.47 -5.21 -8.91
N PHE A 30 -10.34 -5.15 -7.91
CA PHE A 30 -9.89 -5.16 -6.53
C PHE A 30 -10.50 -6.33 -5.76
N TRP A 31 -10.01 -6.52 -4.55
CA TRP A 31 -10.49 -7.60 -3.70
C TRP A 31 -11.07 -6.98 -2.43
N LEU A 32 -12.19 -7.54 -2.00
CA LEU A 32 -12.86 -7.06 -0.80
C LEU A 32 -13.53 -8.23 -0.08
N LYS A 33 -12.99 -8.54 1.09
CA LYS A 33 -13.53 -9.63 1.89
C LYS A 33 -13.18 -9.40 3.36
N VAL A 34 -14.20 -9.00 4.12
CA VAL A 34 -14.01 -8.75 5.54
C VAL A 34 -15.38 -8.53 6.19
N SER A 35 -15.95 -7.37 5.91
CA SER A 35 -17.25 -7.03 6.47
C SER A 35 -18.14 -8.28 6.54
N GLU A 36 -18.66 -8.67 5.39
CA GLU A 36 -19.52 -9.84 5.31
C GLU A 36 -19.52 -10.40 3.89
N ARG A 37 -18.44 -11.08 3.55
CA ARG A 37 -18.30 -11.67 2.23
C ARG A 37 -17.85 -13.13 2.35
N PRO A 38 -18.57 -14.01 1.60
CA PRO A 38 -18.26 -15.43 1.61
C PRO A 38 -16.99 -15.72 0.80
N LYS A 39 -16.82 -14.95 -0.26
CA LYS A 39 -15.66 -15.11 -1.12
C LYS A 39 -15.18 -13.73 -1.59
N THR A 40 -13.96 -13.71 -2.11
CA THR A 40 -13.38 -12.47 -2.59
C THR A 40 -13.87 -12.17 -4.02
N SER A 41 -14.40 -10.97 -4.18
CA SER A 41 -14.91 -10.55 -5.48
C SER A 41 -13.87 -9.67 -6.18
N VAL A 42 -13.78 -9.85 -7.49
CA VAL A 42 -12.84 -9.08 -8.28
C VAL A 42 -13.60 -7.99 -9.05
N ASN A 43 -14.08 -7.00 -8.30
CA ASN A 43 -14.81 -5.91 -8.90
C ASN A 43 -13.83 -4.89 -9.48
N LEU A 44 -14.36 -4.03 -10.34
CA LEU A 44 -13.54 -3.02 -10.98
C LEU A 44 -13.54 -1.75 -10.11
N ILE A 45 -12.48 -0.98 -10.23
CA ILE A 45 -12.35 0.25 -9.47
C ILE A 45 -13.44 1.23 -9.90
N SER A 46 -13.30 1.71 -11.13
CA SER A 46 -14.26 2.65 -11.67
C SER A 46 -15.68 2.26 -11.26
N SER A 47 -15.88 0.95 -11.16
CA SER A 47 -17.18 0.42 -10.78
C SER A 47 -17.75 1.24 -9.61
N LEU A 48 -16.89 1.50 -8.65
CA LEU A 48 -17.29 2.26 -7.47
C LEU A 48 -16.79 3.70 -7.60
N TRP A 49 -15.51 3.87 -7.30
CA TRP A 49 -14.90 5.19 -7.37
C TRP A 49 -15.28 5.81 -8.73
N PRO A 50 -15.33 7.18 -8.74
CA PRO A 50 -15.69 7.90 -9.94
C PRO A 50 -14.53 7.89 -10.94
N THR A 51 -13.54 8.72 -10.65
CA THR A 51 -12.37 8.83 -11.51
C THR A 51 -11.10 8.53 -10.73
N LEU A 52 -10.66 7.29 -10.81
CA LEU A 52 -9.46 6.87 -10.11
C LEU A 52 -8.54 6.14 -11.08
N PRO A 53 -7.22 6.15 -10.75
CA PRO A 53 -6.22 5.49 -11.59
C PRO A 53 -6.29 3.97 -11.41
N SER A 54 -6.45 3.28 -12.54
CA SER A 54 -6.53 1.83 -12.52
C SER A 54 -5.13 1.24 -12.46
N GLY A 55 -5.02 0.14 -11.73
CA GLY A 55 -3.74 -0.54 -11.58
C GLY A 55 -2.83 0.21 -10.61
N ILE A 56 -3.43 0.70 -9.54
CA ILE A 56 -2.69 1.45 -8.54
C ILE A 56 -1.34 0.75 -8.28
N GLU A 57 -0.37 1.55 -7.87
CA GLU A 57 0.95 1.03 -7.59
C GLU A 57 1.15 0.83 -6.08
N ALA A 58 0.77 1.85 -5.33
CA ALA A 58 0.89 1.80 -3.88
C ALA A 58 -0.28 2.56 -3.25
N ALA A 59 -1.06 1.83 -2.47
CA ALA A 59 -2.22 2.40 -1.81
C ALA A 59 -2.00 2.38 -0.30
N TYR A 60 -2.34 3.49 0.34
CA TYR A 60 -2.19 3.60 1.78
C TYR A 60 -3.17 4.62 2.36
N GLU A 61 -3.92 4.18 3.35
CA GLU A 61 -4.91 5.04 3.99
C GLU A 61 -4.29 5.72 5.22
N ILE A 62 -4.79 6.91 5.51
CA ILE A 62 -4.29 7.66 6.66
C ILE A 62 -5.45 7.90 7.64
N GLU A 63 -5.45 7.11 8.70
CA GLU A 63 -6.48 7.22 9.71
C GLU A 63 -6.19 8.42 10.63
N ALA A 64 -6.58 9.59 10.15
CA ALA A 64 -6.38 10.81 10.91
C ALA A 64 -7.27 11.92 10.34
N ARG A 65 -7.05 12.22 9.07
CA ARG A 65 -7.82 13.24 8.40
C ARG A 65 -8.87 12.61 7.48
N ASN A 66 -8.89 11.29 7.48
CA ASN A 66 -9.82 10.54 6.65
C ASN A 66 -9.59 10.91 5.19
N GLN A 67 -8.37 10.69 4.74
CA GLN A 67 -8.00 11.00 3.36
C GLN A 67 -7.40 9.76 2.69
N VAL A 68 -7.91 9.46 1.51
CA VAL A 68 -7.43 8.31 0.75
C VAL A 68 -6.38 8.77 -0.26
N PHE A 69 -5.36 7.94 -0.43
CA PHE A 69 -4.29 8.25 -1.36
C PHE A 69 -4.08 7.10 -2.35
N LEU A 70 -4.14 7.45 -3.63
CA LEU A 70 -3.96 6.46 -4.68
C LEU A 70 -2.81 6.91 -5.59
N PHE A 71 -1.74 6.12 -5.58
CA PHE A 71 -0.58 6.42 -6.40
C PHE A 71 -0.72 5.79 -7.79
N LYS A 72 -0.27 6.54 -8.78
CA LYS A 72 -0.33 6.06 -10.16
C LYS A 72 0.64 6.88 -11.02
N ASP A 73 1.65 6.19 -11.53
CA ASP A 73 2.65 6.84 -12.37
C ASP A 73 3.26 8.02 -11.61
N ASP A 74 3.66 9.02 -12.37
CA ASP A 74 4.26 10.21 -11.78
C ASP A 74 3.15 11.21 -11.44
N LYS A 75 2.06 10.69 -10.91
CA LYS A 75 0.93 11.52 -10.54
C LYS A 75 0.11 10.81 -9.46
N TYR A 76 -0.57 11.61 -8.65
CA TYR A 76 -1.39 11.09 -7.58
C TYR A 76 -2.64 11.94 -7.37
N TRP A 77 -3.76 11.25 -7.15
CA TRP A 77 -5.01 11.94 -6.93
C TRP A 77 -5.26 12.02 -5.42
N LEU A 78 -6.22 12.85 -5.05
CA LEU A 78 -6.56 13.02 -3.64
C LEU A 78 -8.08 12.93 -3.48
N ILE A 79 -8.49 11.96 -2.67
CA ILE A 79 -9.91 11.75 -2.41
C ILE A 79 -10.29 12.43 -1.10
N SER A 80 -10.86 13.61 -1.23
CA SER A 80 -11.27 14.38 -0.06
C SER A 80 -12.79 14.26 0.13
N ASN A 81 -13.18 13.84 1.33
CA ASN A 81 -14.58 13.68 1.65
C ASN A 81 -15.20 12.66 0.71
N LEU A 82 -14.47 11.58 0.47
CA LEU A 82 -14.92 10.52 -0.41
C LEU A 82 -15.18 11.09 -1.79
N ARG A 83 -14.28 11.98 -2.21
CA ARG A 83 -14.39 12.61 -3.51
C ARG A 83 -13.00 13.02 -4.02
N PRO A 84 -12.66 12.47 -5.23
CA PRO A 84 -11.38 12.77 -5.84
C PRO A 84 -11.35 14.18 -6.42
N GLU A 85 -10.57 15.04 -5.80
CA GLU A 85 -10.45 16.42 -6.25
C GLU A 85 -10.50 16.49 -7.77
N PRO A 86 -11.43 17.34 -8.28
CA PRO A 86 -11.58 17.51 -9.72
C PRO A 86 -10.44 18.35 -10.30
N ASN A 87 -9.82 17.80 -11.33
CA ASN A 87 -8.72 18.48 -11.99
C ASN A 87 -7.57 18.66 -10.99
N TYR A 88 -7.08 17.52 -10.52
CA TYR A 88 -5.98 17.54 -9.57
C TYR A 88 -4.92 16.49 -9.93
N PRO A 89 -4.37 16.64 -11.17
CA PRO A 89 -3.37 15.72 -11.66
C PRO A 89 -2.01 16.00 -10.99
N LYS A 90 -2.03 16.03 -9.67
CA LYS A 90 -0.82 16.28 -8.91
C LYS A 90 0.30 15.38 -9.43
N SER A 91 1.46 15.98 -9.63
CA SER A 91 2.62 15.26 -10.11
C SER A 91 3.72 15.24 -9.06
N ILE A 92 4.19 14.04 -8.76
CA ILE A 92 5.24 13.88 -7.76
C ILE A 92 6.39 14.85 -8.07
N HIS A 93 6.53 15.15 -9.35
CA HIS A 93 7.58 16.07 -9.79
C HIS A 93 7.37 17.44 -9.13
N SER A 94 6.09 17.76 -8.92
CA SER A 94 5.74 19.03 -8.30
C SER A 94 6.59 19.26 -7.05
N PHE A 95 7.08 18.16 -6.50
CA PHE A 95 7.90 18.23 -5.30
C PHE A 95 8.26 16.82 -4.80
N GLY A 96 8.92 16.07 -5.67
CA GLY A 96 9.32 14.72 -5.33
C GLY A 96 10.27 14.14 -6.39
N PHE A 97 9.71 13.91 -7.57
CA PHE A 97 10.48 13.37 -8.67
C PHE A 97 11.84 14.06 -8.78
N PRO A 98 12.89 13.35 -8.30
CA PRO A 98 14.24 13.88 -8.35
C PRO A 98 14.81 13.83 -9.77
N ASN A 99 14.93 12.60 -10.27
CA ASN A 99 15.46 12.40 -11.61
C ASN A 99 15.73 10.92 -11.83
N PHE A 100 14.78 10.11 -11.38
CA PHE A 100 14.91 8.66 -11.52
C PHE A 100 13.56 7.97 -11.25
N VAL A 101 13.02 8.26 -10.08
CA VAL A 101 11.74 7.67 -9.69
C VAL A 101 10.79 7.70 -10.89
N LYS A 102 9.72 6.92 -10.77
CA LYS A 102 8.72 6.85 -11.82
C LYS A 102 7.58 5.93 -11.38
N LYS A 103 7.96 4.86 -10.70
CA LYS A 103 6.98 3.91 -10.21
C LYS A 103 7.37 3.45 -8.81
N ILE A 104 6.40 3.48 -7.91
CA ILE A 104 6.63 3.08 -6.53
C ILE A 104 6.10 1.66 -6.33
N ASP A 105 6.78 0.93 -5.47
CA ASP A 105 6.39 -0.44 -5.17
C ASP A 105 5.37 -0.45 -4.03
N ALA A 106 5.68 0.33 -3.00
CA ALA A 106 4.79 0.42 -1.85
C ALA A 106 5.06 1.74 -1.11
N ALA A 107 4.13 2.09 -0.24
CA ALA A 107 4.26 3.32 0.52
C ALA A 107 3.23 3.32 1.67
N VAL A 108 3.72 3.65 2.85
CA VAL A 108 2.86 3.69 4.02
C VAL A 108 3.12 4.97 4.81
N PHE A 109 2.25 5.23 5.76
CA PHE A 109 2.38 6.43 6.59
C PHE A 109 2.41 6.06 8.08
N ASN A 110 3.32 6.70 8.79
CA ASN A 110 3.46 6.45 10.22
C ASN A 110 2.78 7.59 10.99
N PRO A 111 1.81 7.20 11.86
CA PRO A 111 1.09 8.16 12.66
C PRO A 111 1.94 8.67 13.82
N ARG A 112 2.78 7.78 14.32
CA ARG A 112 3.67 8.11 15.42
C ARG A 112 4.98 8.71 14.89
N PHE A 113 4.89 9.30 13.71
CA PHE A 113 6.05 9.91 13.09
C PHE A 113 5.63 11.06 12.17
N TYR A 114 4.51 10.86 11.50
CA TYR A 114 3.99 11.87 10.59
C TYR A 114 4.83 11.92 9.30
N ARG A 115 5.10 10.74 8.76
CA ARG A 115 5.88 10.65 7.54
C ARG A 115 5.44 9.42 6.73
N THR A 116 5.71 9.49 5.43
CA THR A 116 5.35 8.40 4.54
C THR A 116 6.60 7.80 3.90
N TYR A 117 6.76 6.50 4.11
CA TYR A 117 7.90 5.79 3.57
C TYR A 117 7.69 5.47 2.08
N PHE A 118 8.81 5.35 1.38
CA PHE A 118 8.77 5.07 -0.04
C PHE A 118 9.65 3.86 -0.38
N PHE A 119 9.01 2.76 -0.74
CA PHE A 119 9.72 1.55 -1.08
C PHE A 119 9.87 1.42 -2.60
N VAL A 120 11.12 1.44 -3.05
CA VAL A 120 11.41 1.33 -4.46
C VAL A 120 12.58 0.37 -4.66
N ASP A 121 12.33 -0.65 -5.47
CA ASP A 121 13.35 -1.65 -5.75
C ASP A 121 14.00 -2.09 -4.44
N ASN A 122 15.27 -2.46 -4.54
CA ASN A 122 16.01 -2.91 -3.37
C ASN A 122 16.57 -1.69 -2.64
N GLN A 123 15.68 -0.73 -2.38
CA GLN A 123 16.07 0.48 -1.69
C GLN A 123 14.94 0.95 -0.79
N TYR A 124 15.32 1.71 0.24
CA TYR A 124 14.35 2.23 1.18
C TYR A 124 14.41 3.76 1.24
N TRP A 125 13.29 4.38 0.89
CA TRP A 125 13.21 5.83 0.89
C TRP A 125 12.18 6.24 1.96
N ARG A 126 12.19 7.52 2.28
CA ARG A 126 11.27 8.05 3.27
C ARG A 126 11.04 9.55 3.03
N TYR A 127 9.76 9.91 2.98
CA TYR A 127 9.39 11.30 2.76
C TYR A 127 8.84 11.93 4.04
N ASP A 128 9.06 13.23 4.18
CA ASP A 128 8.58 13.96 5.35
C ASP A 128 7.24 14.61 5.02
N GLU A 129 6.27 14.38 5.89
CA GLU A 129 4.94 14.93 5.71
C GLU A 129 4.86 16.31 6.38
N ARG A 130 5.31 16.35 7.63
CA ARG A 130 5.28 17.60 8.39
C ARG A 130 6.16 18.65 7.71
N ARG A 131 7.45 18.39 7.71
CA ARG A 131 8.41 19.30 7.11
C ARG A 131 8.10 19.48 5.62
N GLN A 132 7.77 18.37 4.97
CA GLN A 132 7.45 18.39 3.56
C GLN A 132 8.72 18.57 2.73
N MET A 133 9.74 17.79 3.08
CA MET A 133 11.00 17.85 2.38
C MET A 133 11.64 16.46 2.27
N MET A 134 11.53 15.88 1.09
CA MET A 134 12.08 14.57 0.84
C MET A 134 13.55 14.51 1.26
N ASP A 135 13.86 13.52 2.08
CA ASP A 135 15.22 13.33 2.56
C ASP A 135 16.19 13.40 1.38
N PRO A 136 17.30 14.15 1.59
CA PRO A 136 18.31 14.30 0.55
C PRO A 136 19.14 13.02 0.41
N GLY A 137 18.92 12.33 -0.69
CA GLY A 137 19.63 11.09 -0.96
C GLY A 137 19.59 10.16 0.25
N TYR A 138 18.72 9.16 0.16
CA TYR A 138 18.57 8.20 1.23
C TYR A 138 18.45 6.77 0.68
N PRO A 139 19.54 6.33 -0.01
CA PRO A 139 19.56 5.00 -0.59
C PRO A 139 19.75 3.93 0.49
N LYS A 140 18.72 3.77 1.31
CA LYS A 140 18.76 2.79 2.38
C LYS A 140 18.27 1.45 1.85
N LEU A 141 18.09 0.52 2.78
CA LEU A 141 17.63 -0.82 2.42
C LEU A 141 16.46 -1.21 3.32
N ILE A 142 15.50 -1.91 2.74
CA ILE A 142 14.33 -2.35 3.47
C ILE A 142 14.74 -3.44 4.47
N THR A 143 15.02 -4.61 3.91
CA THR A 143 15.43 -5.74 4.73
C THR A 143 16.23 -5.27 5.94
N LYS A 144 17.14 -4.35 5.67
CA LYS A 144 17.99 -3.81 6.74
C LYS A 144 17.09 -3.18 7.81
N ASN A 145 16.45 -2.09 7.43
CA ASN A 145 15.56 -1.39 8.35
C ASN A 145 14.75 -2.40 9.15
N PHE A 146 14.12 -3.32 8.42
CA PHE A 146 13.32 -4.35 9.04
C PHE A 146 13.69 -5.74 8.52
N GLN A 147 14.37 -6.49 9.37
CA GLN A 147 14.79 -7.83 9.01
C GLN A 147 13.66 -8.84 9.26
N GLY A 148 13.10 -9.33 8.18
CA GLY A 148 12.01 -10.29 8.26
C GLY A 148 11.02 -10.11 7.11
N ILE A 149 10.95 -8.88 6.62
CA ILE A 149 10.06 -8.57 5.52
C ILE A 149 10.72 -8.96 4.20
N GLY A 150 12.01 -8.64 4.11
CA GLY A 150 12.77 -8.94 2.91
C GLY A 150 13.34 -7.67 2.28
N PRO A 151 14.22 -7.88 1.27
CA PRO A 151 14.85 -6.76 0.58
C PRO A 151 13.87 -6.09 -0.37
N LYS A 152 12.94 -6.88 -0.88
CA LYS A 152 11.94 -6.38 -1.81
C LYS A 152 10.57 -6.45 -1.15
N ILE A 153 9.72 -5.49 -1.49
CA ILE A 153 8.38 -5.43 -0.94
C ILE A 153 7.38 -5.21 -2.07
N ASP A 154 6.13 -5.59 -1.81
CA ASP A 154 5.08 -5.44 -2.80
C ASP A 154 4.12 -4.33 -2.34
N ALA A 155 3.38 -4.65 -1.28
CA ALA A 155 2.42 -3.70 -0.74
C ALA A 155 2.62 -3.60 0.78
N VAL A 156 2.16 -2.49 1.33
CA VAL A 156 2.27 -2.25 2.76
C VAL A 156 1.21 -1.24 3.19
N PHE A 157 0.60 -1.54 4.33
CA PHE A 157 -0.43 -0.66 4.86
C PHE A 157 -0.54 -0.80 6.38
N TYR A 158 -1.36 0.05 6.97
CA TYR A 158 -1.55 0.04 8.41
C TYR A 158 -3.03 -0.17 8.76
N SER A 159 -3.35 -1.41 9.10
CA SER A 159 -4.72 -1.76 9.46
C SER A 159 -4.80 -2.12 10.95
N LYS A 160 -3.68 -2.61 11.45
CA LYS A 160 -3.61 -3.01 12.85
C LYS A 160 -3.74 -1.77 13.74
N ASN A 161 -3.46 -1.96 15.02
CA ASN A 161 -3.54 -0.87 15.97
C ASN A 161 -2.18 -0.16 16.04
N LYS A 162 -1.13 -0.97 16.13
CA LYS A 162 0.22 -0.44 16.20
C LYS A 162 1.20 -1.47 15.63
N TYR A 163 1.03 -1.76 14.35
CA TYR A 163 1.89 -2.71 13.68
C TYR A 163 2.06 -2.36 12.20
N TYR A 164 2.83 -3.18 11.52
CA TYR A 164 3.09 -2.96 10.10
C TYR A 164 2.93 -4.26 9.30
N TYR A 165 2.07 -4.20 8.31
CA TYR A 165 1.81 -5.36 7.47
C TYR A 165 2.64 -5.28 6.18
N PHE A 166 3.41 -6.34 5.95
CA PHE A 166 4.24 -6.42 4.76
C PHE A 166 4.04 -7.74 4.03
N PHE A 167 4.06 -7.66 2.71
CA PHE A 167 3.87 -8.84 1.88
C PHE A 167 4.65 -8.70 0.56
N GLN A 168 5.15 -9.84 0.10
CA GLN A 168 5.92 -9.87 -1.14
C GLN A 168 5.90 -11.28 -1.74
N GLY A 169 4.93 -11.51 -2.61
CA GLY A 169 4.79 -12.79 -3.26
C GLY A 169 3.43 -13.42 -2.94
N SER A 170 3.37 -14.07 -1.79
CA SER A 170 2.15 -14.72 -1.36
C SER A 170 2.20 -15.00 0.15
N ASN A 171 2.71 -14.01 0.88
CA ASN A 171 2.82 -14.13 2.33
C ASN A 171 2.49 -12.79 2.97
N GLN A 172 1.71 -12.86 4.04
CA GLN A 172 1.32 -11.66 4.76
C GLN A 172 1.94 -11.64 6.16
N PHE A 173 3.06 -10.95 6.27
CA PHE A 173 3.76 -10.85 7.54
C PHE A 173 3.44 -9.52 8.23
N GLU A 174 3.45 -9.57 9.56
CA GLU A 174 3.17 -8.39 10.36
C GLU A 174 4.28 -8.16 11.38
N TYR A 175 4.81 -6.95 11.37
CA TYR A 175 5.88 -6.59 12.28
C TYR A 175 5.32 -6.03 13.58
N ASP A 176 6.17 -5.98 14.59
CA ASP A 176 5.77 -5.47 15.89
C ASP A 176 6.92 -4.66 16.50
N PHE A 177 6.75 -3.35 16.50
CA PHE A 177 7.77 -2.46 17.04
C PHE A 177 8.06 -2.79 18.50
N LEU A 178 7.12 -3.49 19.12
CA LEU A 178 7.26 -3.88 20.52
C LEU A 178 8.69 -4.36 20.76
N LEU A 179 9.22 -5.08 19.78
CA LEU A 179 10.57 -5.60 19.86
C LEU A 179 10.99 -6.16 18.51
N GLN A 180 10.48 -5.53 17.45
CA GLN A 180 10.79 -5.96 16.10
C GLN A 180 10.58 -7.47 15.97
N ARG A 181 9.36 -7.89 16.29
CA ARG A 181 9.02 -9.30 16.20
C ARG A 181 7.83 -9.50 15.26
N ILE A 182 7.99 -10.43 14.32
CA ILE A 182 6.95 -10.72 13.36
C ILE A 182 6.17 -11.95 13.82
N THR A 183 4.99 -11.70 14.38
CA THR A 183 4.14 -12.76 14.86
C THR A 183 2.93 -12.95 13.94
N LYS A 184 3.24 -13.09 12.66
CA LYS A 184 2.19 -13.26 11.67
C LYS A 184 2.80 -13.86 10.39
N THR A 185 2.39 -15.08 10.08
CA THR A 185 2.89 -15.76 8.91
C THR A 185 1.78 -16.60 8.27
N LEU A 186 0.85 -15.89 7.65
CA LEU A 186 -0.28 -16.54 6.99
C LEU A 186 -0.10 -16.45 5.47
N LYS A 187 -0.83 -17.30 4.78
CA LYS A 187 -0.77 -17.32 3.32
C LYS A 187 -1.89 -16.45 2.75
N SER A 188 -1.61 -15.88 1.58
CA SER A 188 -2.58 -15.04 0.92
C SER A 188 -3.97 -15.64 1.04
N ASN A 189 -4.07 -16.92 0.71
CA ASN A 189 -5.33 -17.62 0.78
C ASN A 189 -5.52 -18.19 2.18
N SER A 190 -5.58 -17.30 3.15
CA SER A 190 -5.76 -17.70 4.54
C SER A 190 -7.13 -17.24 5.04
N TRP A 191 -7.75 -16.37 4.27
CA TRP A 191 -9.05 -15.84 4.64
C TRP A 191 -10.10 -16.53 3.75
N PHE A 192 -9.83 -16.54 2.45
CA PHE A 192 -10.73 -17.16 1.51
C PHE A 192 -11.14 -18.56 1.97
N GLY A 193 -10.13 -19.36 2.26
CA GLY A 193 -10.38 -20.72 2.71
C GLY A 193 -9.94 -21.74 1.65
N CYS A 194 -8.64 -21.86 1.49
CA CYS A 194 -8.09 -22.79 0.51
C CYS A 194 -6.60 -22.99 0.81
N MET A 1 -4.35 -12.13 -8.76
CA MET A 1 -5.19 -12.75 -9.77
C MET A 1 -6.36 -13.50 -9.12
N GLU A 2 -7.54 -13.26 -9.67
CA GLU A 2 -8.74 -13.90 -9.15
C GLU A 2 -8.60 -15.42 -9.21
N PRO A 3 -8.15 -15.91 -10.40
CA PRO A 3 -7.96 -17.33 -10.61
C PRO A 3 -6.71 -17.83 -9.88
N ALA A 4 -6.65 -17.54 -8.59
CA ALA A 4 -5.51 -17.94 -7.78
C ALA A 4 -5.83 -17.70 -6.30
N LEU A 5 -7.04 -18.08 -5.92
CA LEU A 5 -7.47 -17.91 -4.54
C LEU A 5 -7.09 -19.15 -3.73
N CYS A 6 -6.77 -20.22 -4.46
CA CYS A 6 -6.38 -21.46 -3.82
C CYS A 6 -4.90 -21.70 -4.09
N ASP A 7 -4.57 -21.80 -5.37
CA ASP A 7 -3.19 -22.03 -5.78
C ASP A 7 -2.32 -20.88 -5.27
N PRO A 8 -1.12 -21.26 -4.75
CA PRO A 8 -0.18 -20.28 -4.24
C PRO A 8 0.51 -19.52 -5.38
N ASN A 9 -0.17 -18.48 -5.85
CA ASN A 9 0.36 -17.67 -6.93
C ASN A 9 -0.42 -16.36 -7.00
N LEU A 10 -0.82 -15.87 -5.84
CA LEU A 10 -1.58 -14.63 -5.75
C LEU A 10 -0.65 -13.51 -5.27
N SER A 11 -0.82 -12.34 -5.87
CA SER A 11 -0.01 -11.19 -5.51
C SER A 11 -0.85 -9.91 -5.63
N PHE A 12 -0.32 -8.84 -5.04
CA PHE A 12 -1.01 -7.56 -5.07
C PHE A 12 -0.05 -6.45 -5.54
N ASP A 13 -0.62 -5.26 -5.67
CA ASP A 13 0.16 -4.11 -6.11
C ASP A 13 0.17 -3.05 -5.00
N ALA A 14 -1.04 -2.68 -4.58
CA ALA A 14 -1.19 -1.69 -3.53
C ALA A 14 -2.51 -1.93 -2.79
N VAL A 15 -2.54 -1.46 -1.55
CA VAL A 15 -3.74 -1.62 -0.74
C VAL A 15 -3.87 -0.42 0.21
N THR A 16 -5.08 -0.22 0.70
CA THR A 16 -5.34 0.89 1.61
C THR A 16 -6.52 0.55 2.52
N THR A 17 -6.33 0.83 3.80
CA THR A 17 -7.37 0.56 4.79
C THR A 17 -8.09 1.86 5.17
N VAL A 18 -9.40 1.73 5.36
CA VAL A 18 -10.21 2.88 5.72
C VAL A 18 -11.27 2.46 6.74
N GLY A 19 -10.85 2.42 7.99
CA GLY A 19 -11.75 2.04 9.07
C GLY A 19 -11.54 0.56 9.44
N ASN A 20 -12.58 -0.23 9.20
CA ASN A 20 -12.53 -1.65 9.51
C ASN A 20 -12.65 -2.45 8.22
N LYS A 21 -12.46 -1.75 7.10
CA LYS A 21 -12.55 -2.39 5.80
C LYS A 21 -11.19 -2.28 5.09
N ILE A 22 -10.90 -3.28 4.29
CA ILE A 22 -9.65 -3.32 3.56
C ILE A 22 -9.94 -3.29 2.06
N PHE A 23 -8.93 -2.88 1.30
CA PHE A 23 -9.07 -2.81 -0.14
C PHE A 23 -7.87 -3.44 -0.84
N PHE A 24 -8.16 -4.40 -1.70
CA PHE A 24 -7.11 -5.09 -2.44
C PHE A 24 -7.22 -4.80 -3.94
N PHE A 25 -6.10 -4.35 -4.50
CA PHE A 25 -6.06 -4.04 -5.91
C PHE A 25 -5.12 -5.00 -6.66
N LYS A 26 -5.44 -5.23 -7.93
CA LYS A 26 -4.65 -6.11 -8.76
C LYS A 26 -4.70 -5.64 -10.21
N ASP A 27 -3.79 -4.74 -10.54
CA ASP A 27 -3.72 -4.20 -11.88
C ASP A 27 -4.97 -3.35 -12.15
N ARG A 28 -6.07 -4.05 -12.45
CA ARG A 28 -7.32 -3.38 -12.72
C ARG A 28 -8.42 -3.90 -11.78
N PHE A 29 -8.34 -5.19 -11.50
CA PHE A 29 -9.32 -5.82 -10.62
C PHE A 29 -8.91 -5.68 -9.16
N PHE A 30 -9.91 -5.52 -8.31
CA PHE A 30 -9.67 -5.37 -6.89
C PHE A 30 -10.43 -6.43 -6.09
N TRP A 31 -9.73 -7.02 -5.13
CA TRP A 31 -10.33 -8.04 -4.29
C TRP A 31 -11.00 -7.35 -3.11
N LEU A 32 -11.76 -8.14 -2.36
CA LEU A 32 -12.47 -7.62 -1.21
C LEU A 32 -12.75 -8.77 -0.22
N LYS A 33 -12.15 -8.66 0.95
CA LYS A 33 -12.32 -9.67 1.98
C LYS A 33 -12.19 -9.01 3.36
N VAL A 34 -13.33 -8.66 3.93
CA VAL A 34 -13.35 -8.03 5.23
C VAL A 34 -14.80 -7.84 5.68
N SER A 35 -14.96 -7.48 6.94
CA SER A 35 -16.28 -7.27 7.51
C SER A 35 -17.22 -8.39 7.07
N GLU A 36 -17.27 -9.43 7.90
CA GLU A 36 -18.12 -10.57 7.61
C GLU A 36 -18.17 -10.84 6.11
N ARG A 37 -17.06 -11.37 5.60
CA ARG A 37 -16.97 -11.67 4.18
C ARG A 37 -16.82 -13.19 3.98
N PRO A 38 -17.95 -13.82 3.56
CA PRO A 38 -17.96 -15.26 3.32
C PRO A 38 -17.25 -15.59 2.01
N LYS A 39 -17.24 -14.62 1.10
CA LYS A 39 -16.60 -14.82 -0.18
C LYS A 39 -16.09 -13.47 -0.69
N THR A 40 -14.96 -13.52 -1.39
CA THR A 40 -14.36 -12.31 -1.93
C THR A 40 -15.01 -11.95 -3.27
N SER A 41 -14.88 -10.68 -3.64
CA SER A 41 -15.45 -10.20 -4.88
C SER A 41 -14.39 -9.42 -5.67
N VAL A 42 -14.06 -9.96 -6.84
CA VAL A 42 -13.07 -9.33 -7.69
C VAL A 42 -13.78 -8.51 -8.77
N ASN A 43 -13.84 -7.21 -8.54
CA ASN A 43 -14.49 -6.31 -9.48
C ASN A 43 -13.49 -5.24 -9.93
N LEU A 44 -13.94 -4.41 -10.86
CA LEU A 44 -13.10 -3.34 -11.37
C LEU A 44 -13.20 -2.13 -10.44
N ILE A 45 -12.20 -1.26 -10.56
CA ILE A 45 -12.16 -0.05 -9.74
C ILE A 45 -13.28 0.90 -10.18
N SER A 46 -13.19 1.32 -11.44
CA SER A 46 -14.17 2.22 -12.00
C SER A 46 -15.56 1.88 -11.47
N SER A 47 -15.87 0.58 -11.52
CA SER A 47 -17.16 0.12 -11.05
C SER A 47 -17.57 0.87 -9.78
N LEU A 48 -16.58 1.12 -8.93
CA LEU A 48 -16.81 1.82 -7.68
C LEU A 48 -16.48 3.30 -7.88
N TRP A 49 -15.20 3.61 -7.69
CA TRP A 49 -14.73 4.98 -7.84
C TRP A 49 -15.06 5.45 -9.25
N PRO A 50 -15.28 6.79 -9.38
CA PRO A 50 -15.61 7.36 -10.68
C PRO A 50 -14.37 7.45 -11.57
N THR A 51 -13.43 8.28 -11.15
CA THR A 51 -12.20 8.46 -11.90
C THR A 51 -10.98 8.14 -11.02
N LEU A 52 -10.53 6.90 -11.11
CA LEU A 52 -9.39 6.46 -10.34
C LEU A 52 -8.33 5.88 -11.27
N PRO A 53 -7.05 5.96 -10.81
CA PRO A 53 -5.95 5.45 -11.60
C PRO A 53 -5.90 3.92 -11.57
N SER A 54 -5.73 3.34 -12.75
CA SER A 54 -5.67 1.90 -12.87
C SER A 54 -4.25 1.40 -12.59
N GLY A 55 -4.17 0.40 -11.73
CA GLY A 55 -2.87 -0.17 -11.37
C GLY A 55 -2.22 0.62 -10.23
N ILE A 56 -3.00 0.82 -9.18
CA ILE A 56 -2.50 1.56 -8.03
C ILE A 56 -1.21 0.93 -7.53
N GLU A 57 -0.27 1.79 -7.16
CA GLU A 57 1.01 1.33 -6.67
C GLU A 57 1.08 1.47 -5.15
N ALA A 58 0.80 2.67 -4.67
CA ALA A 58 0.83 2.93 -3.25
C ALA A 58 -0.51 3.58 -2.83
N ALA A 59 -1.28 2.81 -2.07
CA ALA A 59 -2.56 3.30 -1.60
C ALA A 59 -2.49 3.55 -0.09
N TYR A 60 -2.64 4.81 0.28
CA TYR A 60 -2.59 5.18 1.68
C TYR A 60 -3.49 6.39 1.95
N GLU A 61 -4.39 6.22 2.91
CA GLU A 61 -5.31 7.29 3.26
C GLU A 61 -4.77 8.08 4.45
N ILE A 62 -5.29 9.29 4.61
CA ILE A 62 -4.86 10.15 5.70
C ILE A 62 -5.89 10.08 6.83
N GLU A 63 -5.71 9.08 7.68
CA GLU A 63 -6.60 8.89 8.80
C GLU A 63 -6.48 10.05 9.79
N ALA A 64 -7.07 11.18 9.41
CA ALA A 64 -7.03 12.37 10.24
C ALA A 64 -8.18 13.30 9.86
N ARG A 65 -8.23 13.61 8.57
CA ARG A 65 -9.27 14.48 8.06
C ARG A 65 -10.27 13.69 7.22
N ASN A 66 -10.19 12.37 7.35
CA ASN A 66 -11.09 11.49 6.62
C ASN A 66 -10.90 11.73 5.12
N GLN A 67 -9.70 11.44 4.65
CA GLN A 67 -9.39 11.61 3.25
C GLN A 67 -8.81 10.32 2.66
N VAL A 68 -8.48 10.37 1.38
CA VAL A 68 -7.93 9.22 0.69
C VAL A 68 -6.84 9.69 -0.28
N PHE A 69 -5.91 8.79 -0.55
CA PHE A 69 -4.81 9.09 -1.46
C PHE A 69 -4.36 7.84 -2.21
N LEU A 70 -4.13 8.02 -3.50
CA LEU A 70 -3.70 6.92 -4.35
C LEU A 70 -2.48 7.35 -5.17
N PHE A 71 -1.75 6.37 -5.65
CA PHE A 71 -0.57 6.64 -6.45
C PHE A 71 -0.51 5.71 -7.67
N LYS A 72 0.03 6.25 -8.76
CA LYS A 72 0.15 5.48 -9.98
C LYS A 72 1.05 6.24 -10.96
N ASP A 73 2.02 5.51 -11.50
CA ASP A 73 2.95 6.10 -12.45
C ASP A 73 3.59 7.34 -11.82
N ASP A 74 3.95 8.28 -12.69
CA ASP A 74 4.57 9.52 -12.23
C ASP A 74 3.48 10.54 -11.91
N LYS A 75 2.43 10.06 -11.27
CA LYS A 75 1.31 10.91 -10.89
C LYS A 75 0.58 10.29 -9.70
N TYR A 76 -0.10 11.16 -8.95
CA TYR A 76 -0.85 10.70 -7.79
C TYR A 76 -2.19 11.43 -7.70
N TRP A 77 -3.22 10.65 -7.40
CA TRP A 77 -4.56 11.20 -7.28
C TRP A 77 -4.88 11.32 -5.79
N LEU A 78 -5.99 11.99 -5.52
CA LEU A 78 -6.43 12.19 -4.14
C LEU A 78 -7.96 12.23 -4.09
N ILE A 79 -8.50 11.57 -3.08
CA ILE A 79 -9.95 11.52 -2.92
C ILE A 79 -10.33 12.28 -1.65
N SER A 80 -11.24 13.24 -1.82
CA SER A 80 -11.70 14.05 -0.71
C SER A 80 -12.97 13.45 -0.12
N ASN A 81 -12.78 12.62 0.89
CA ASN A 81 -13.91 11.97 1.55
C ASN A 81 -14.53 10.94 0.60
N LEU A 82 -14.95 11.43 -0.55
CA LEU A 82 -15.56 10.56 -1.55
C LEU A 82 -15.22 11.08 -2.95
N ARG A 83 -15.51 12.36 -3.15
CA ARG A 83 -15.24 13.00 -4.43
C ARG A 83 -13.83 13.58 -4.45
N PRO A 84 -13.02 13.09 -5.43
CA PRO A 84 -11.65 13.55 -5.58
C PRO A 84 -11.60 14.96 -6.19
N GLU A 85 -10.44 15.31 -6.70
CA GLU A 85 -10.25 16.61 -7.30
C GLU A 85 -10.64 16.57 -8.78
N PRO A 86 -10.96 17.77 -9.33
CA PRO A 86 -11.35 17.88 -10.72
C PRO A 86 -10.14 17.75 -11.64
N ASN A 87 -9.56 16.56 -11.65
CA ASN A 87 -8.39 16.29 -12.47
C ASN A 87 -7.15 16.85 -11.79
N TYR A 88 -6.37 15.94 -11.22
CA TYR A 88 -5.14 16.33 -10.54
C TYR A 88 -3.94 15.55 -11.07
N PRO A 89 -3.62 15.80 -12.37
CA PRO A 89 -2.50 15.13 -13.00
C PRO A 89 -1.16 15.71 -12.52
N LYS A 90 -1.00 15.69 -11.21
CA LYS A 90 0.23 16.20 -10.60
C LYS A 90 1.35 15.18 -10.79
N SER A 91 2.55 15.59 -10.43
CA SER A 91 3.72 14.73 -10.54
C SER A 91 4.58 14.84 -9.30
N ILE A 92 4.95 13.68 -8.76
CA ILE A 92 5.76 13.64 -7.56
C ILE A 92 7.01 14.50 -7.77
N HIS A 93 7.53 14.46 -9.00
CA HIS A 93 8.71 15.23 -9.33
C HIS A 93 8.46 16.71 -9.03
N SER A 94 7.19 17.05 -8.89
CA SER A 94 6.81 18.42 -8.59
C SER A 94 7.27 18.80 -7.18
N PHE A 95 7.63 17.78 -6.42
CA PHE A 95 8.09 17.99 -5.06
C PHE A 95 8.73 16.71 -4.49
N GLY A 96 9.73 16.23 -5.20
CA GLY A 96 10.43 15.03 -4.79
C GLY A 96 11.77 14.89 -5.52
N PHE A 97 11.71 15.03 -6.83
CA PHE A 97 12.91 14.92 -7.65
C PHE A 97 13.87 13.87 -7.09
N PRO A 98 13.38 12.61 -7.07
CA PRO A 98 14.18 11.51 -6.56
C PRO A 98 15.26 11.10 -7.57
N ASN A 99 15.83 9.93 -7.34
CA ASN A 99 16.87 9.42 -8.22
C ASN A 99 16.23 8.94 -9.53
N PHE A 100 15.21 8.11 -9.39
CA PHE A 100 14.51 7.58 -10.54
C PHE A 100 13.26 6.81 -10.12
N VAL A 101 12.22 7.56 -9.81
CA VAL A 101 10.96 6.97 -9.39
C VAL A 101 9.96 7.05 -10.54
N LYS A 102 8.95 6.19 -10.47
CA LYS A 102 7.92 6.15 -11.50
C LYS A 102 6.81 5.18 -11.06
N LYS A 103 7.23 4.06 -10.51
CA LYS A 103 6.29 3.06 -10.04
C LYS A 103 6.60 2.71 -8.59
N ILE A 104 5.59 2.87 -7.74
CA ILE A 104 5.74 2.57 -6.33
C ILE A 104 5.31 1.13 -6.07
N ASP A 105 5.55 0.69 -4.85
CA ASP A 105 5.20 -0.67 -4.46
C ASP A 105 4.09 -0.61 -3.40
N ALA A 106 4.31 0.23 -2.41
CA ALA A 106 3.34 0.39 -1.33
C ALA A 106 3.57 1.73 -0.64
N ALA A 107 2.63 2.08 0.23
CA ALA A 107 2.71 3.33 0.97
C ALA A 107 2.04 3.16 2.33
N VAL A 108 2.84 3.32 3.38
CA VAL A 108 2.33 3.19 4.73
C VAL A 108 2.74 4.43 5.54
N PHE A 109 1.81 4.88 6.36
CA PHE A 109 2.06 6.06 7.20
C PHE A 109 2.34 5.64 8.65
N ASN A 110 3.30 6.32 9.24
CA ASN A 110 3.68 6.04 10.62
C ASN A 110 3.32 7.23 11.50
N PRO A 111 2.39 7.00 12.47
CA PRO A 111 1.96 8.03 13.37
C PRO A 111 3.02 8.33 14.42
N ARG A 112 3.97 7.41 14.52
CA ARG A 112 5.05 7.56 15.48
C ARG A 112 6.09 8.56 14.98
N PHE A 113 6.48 8.37 13.72
CA PHE A 113 7.46 9.24 13.10
C PHE A 113 6.78 10.39 12.37
N TYR A 114 5.46 10.33 12.33
CA TYR A 114 4.67 11.37 11.66
C TYR A 114 5.10 11.52 10.20
N ARG A 115 5.56 10.41 9.63
CA ARG A 115 5.99 10.41 8.25
C ARG A 115 5.34 9.26 7.49
N THR A 116 5.65 9.19 6.21
CA THR A 116 5.11 8.14 5.35
C THR A 116 6.24 7.39 4.63
N TYR A 117 6.19 6.08 4.75
CA TYR A 117 7.20 5.24 4.11
C TYR A 117 6.83 4.94 2.66
N PHE A 118 7.76 5.26 1.77
CA PHE A 118 7.54 5.03 0.35
C PHE A 118 8.39 3.87 -0.16
N PHE A 119 7.71 2.75 -0.43
CA PHE A 119 8.39 1.57 -0.91
C PHE A 119 8.55 1.61 -2.44
N VAL A 120 9.79 1.81 -2.85
CA VAL A 120 10.10 1.88 -4.27
C VAL A 120 11.26 0.94 -4.58
N ASP A 121 11.00 -0.02 -5.46
CA ASP A 121 12.00 -0.98 -5.85
C ASP A 121 12.59 -1.64 -4.59
N ASN A 122 13.85 -2.02 -4.70
CA ASN A 122 14.54 -2.66 -3.59
C ASN A 122 15.21 -1.58 -2.74
N GLN A 123 14.43 -0.57 -2.39
CA GLN A 123 14.95 0.53 -1.58
C GLN A 123 13.84 1.07 -0.68
N TYR A 124 14.25 1.86 0.30
CA TYR A 124 13.32 2.46 1.23
C TYR A 124 13.41 3.99 1.21
N TRP A 125 12.26 4.61 0.98
CA TRP A 125 12.20 6.06 0.93
C TRP A 125 11.25 6.53 2.04
N ARG A 126 11.38 7.80 2.39
CA ARG A 126 10.54 8.38 3.43
C ARG A 126 10.41 9.89 3.21
N TYR A 127 9.18 10.32 2.98
CA TYR A 127 8.90 11.73 2.76
C TYR A 127 8.15 12.34 3.94
N ASP A 128 8.69 13.42 4.46
CA ASP A 128 8.09 14.10 5.60
C ASP A 128 6.74 14.69 5.16
N GLU A 129 5.69 14.28 5.86
CA GLU A 129 4.36 14.77 5.55
C GLU A 129 4.04 15.99 6.40
N ARG A 130 4.41 15.91 7.67
CA ARG A 130 4.17 17.01 8.59
C ARG A 130 4.99 18.23 8.19
N ARG A 131 6.29 18.01 8.06
CA ARG A 131 7.20 19.08 7.67
C ARG A 131 7.04 19.41 6.19
N GLN A 132 6.87 18.37 5.40
CA GLN A 132 6.70 18.54 3.96
C GLN A 132 8.03 18.89 3.31
N MET A 133 9.02 18.04 3.57
CA MET A 133 10.36 18.25 3.01
C MET A 133 11.08 16.93 2.80
N MET A 134 11.01 16.44 1.57
CA MET A 134 11.65 15.19 1.23
C MET A 134 13.13 15.19 1.63
N ASP A 135 13.49 14.17 2.40
CA ASP A 135 14.86 14.06 2.87
C ASP A 135 15.81 14.09 1.67
N PRO A 136 17.00 14.72 1.89
CA PRO A 136 17.99 14.83 0.84
C PRO A 136 18.71 13.50 0.63
N GLY A 137 18.35 12.84 -0.47
CA GLY A 137 18.94 11.56 -0.80
C GLY A 137 18.88 10.60 0.39
N TYR A 138 17.95 9.67 0.30
CA TYR A 138 17.77 8.68 1.36
C TYR A 138 17.54 7.28 0.78
N PRO A 139 18.57 6.78 0.05
CA PRO A 139 18.50 5.47 -0.56
C PRO A 139 18.66 4.37 0.49
N LYS A 140 17.62 4.21 1.31
CA LYS A 140 17.64 3.21 2.34
C LYS A 140 17.18 1.86 1.76
N LEU A 141 17.05 0.88 2.64
CA LEU A 141 16.63 -0.44 2.22
C LEU A 141 15.52 -0.94 3.17
N ILE A 142 14.51 -1.55 2.58
CA ILE A 142 13.40 -2.07 3.34
C ILE A 142 13.86 -3.29 4.14
N THR A 143 14.70 -4.08 3.51
CA THR A 143 15.23 -5.28 4.15
C THR A 143 16.03 -4.90 5.41
N LYS A 144 16.79 -3.83 5.28
CA LYS A 144 17.61 -3.36 6.39
C LYS A 144 16.69 -2.94 7.55
N ASN A 145 16.08 -1.78 7.38
CA ASN A 145 15.19 -1.25 8.39
C ASN A 145 14.34 -2.40 8.96
N PHE A 146 13.64 -3.07 8.08
CA PHE A 146 12.79 -4.19 8.47
C PHE A 146 13.42 -5.52 8.07
N GLN A 147 14.23 -6.06 8.97
CA GLN A 147 14.88 -7.33 8.73
C GLN A 147 13.88 -8.48 8.82
N GLY A 148 14.04 -9.43 7.90
CA GLY A 148 13.15 -10.58 7.87
C GLY A 148 11.98 -10.35 6.92
N ILE A 149 11.73 -9.07 6.64
CA ILE A 149 10.64 -8.70 5.75
C ILE A 149 10.99 -9.15 4.33
N GLY A 150 11.78 -8.33 3.66
CA GLY A 150 12.20 -8.63 2.29
C GLY A 150 12.71 -7.37 1.59
N PRO A 151 13.40 -7.60 0.44
CA PRO A 151 13.95 -6.51 -0.33
C PRO A 151 12.84 -5.77 -1.10
N LYS A 152 11.71 -6.44 -1.24
CA LYS A 152 10.58 -5.86 -1.95
C LYS A 152 9.29 -6.44 -1.37
N ILE A 153 8.27 -5.59 -1.34
CA ILE A 153 6.97 -6.00 -0.82
C ILE A 153 5.89 -5.73 -1.87
N ASP A 154 5.20 -6.80 -2.23
CA ASP A 154 4.15 -6.70 -3.23
C ASP A 154 3.10 -5.69 -2.76
N ALA A 155 2.88 -5.68 -1.45
CA ALA A 155 1.91 -4.77 -0.87
C ALA A 155 2.04 -4.80 0.65
N VAL A 156 1.59 -3.72 1.29
CA VAL A 156 1.65 -3.62 2.73
C VAL A 156 0.67 -2.55 3.20
N PHE A 157 0.20 -2.72 4.42
CA PHE A 157 -0.75 -1.77 5.00
C PHE A 157 -0.63 -1.75 6.53
N TYR A 158 -0.98 -0.61 7.10
CA TYR A 158 -0.92 -0.44 8.54
C TYR A 158 -2.26 0.04 9.10
N SER A 159 -2.79 -0.73 10.04
CA SER A 159 -4.06 -0.39 10.65
C SER A 159 -3.88 -0.20 12.16
N LYS A 160 -2.62 -0.11 12.56
CA LYS A 160 -2.31 0.08 13.97
C LYS A 160 -1.31 1.22 14.11
N ASN A 161 -0.79 1.37 15.33
CA ASN A 161 0.18 2.42 15.61
C ASN A 161 1.44 2.18 14.79
N LYS A 162 2.20 1.18 15.21
CA LYS A 162 3.43 0.84 14.52
C LYS A 162 3.49 -0.68 14.29
N TYR A 163 2.51 -1.17 13.55
CA TYR A 163 2.43 -2.59 13.26
C TYR A 163 2.24 -2.83 11.76
N TYR A 164 2.99 -3.80 11.24
CA TYR A 164 2.91 -4.14 9.83
C TYR A 164 2.66 -5.63 9.64
N TYR A 165 1.68 -5.94 8.80
CA TYR A 165 1.32 -7.32 8.52
C TYR A 165 0.61 -7.44 7.18
N PHE A 166 1.37 -7.86 6.18
CA PHE A 166 0.82 -8.03 4.84
C PHE A 166 1.63 -9.06 4.04
N PHE A 167 1.15 -9.34 2.84
CA PHE A 167 1.81 -10.29 1.97
C PHE A 167 3.03 -9.66 1.29
N GLN A 168 4.00 -10.50 0.98
CA GLN A 168 5.22 -10.05 0.35
C GLN A 168 5.64 -11.02 -0.76
N GLY A 169 4.88 -11.01 -1.84
CA GLY A 169 5.17 -11.89 -2.97
C GLY A 169 4.29 -13.14 -2.92
N SER A 170 4.09 -13.64 -1.71
CA SER A 170 3.27 -14.82 -1.52
C SER A 170 3.48 -15.38 -0.11
N ASN A 171 3.55 -14.48 0.86
CA ASN A 171 3.75 -14.86 2.24
C ASN A 171 3.18 -13.78 3.16
N GLN A 172 2.22 -14.20 3.97
CA GLN A 172 1.58 -13.27 4.90
C GLN A 172 2.15 -13.45 6.30
N PHE A 173 2.86 -12.43 6.76
CA PHE A 173 3.47 -12.46 8.07
C PHE A 173 3.34 -11.10 8.77
N GLU A 174 3.55 -11.12 10.07
CA GLU A 174 3.47 -9.90 10.86
C GLU A 174 4.85 -9.50 11.37
N TYR A 175 5.06 -8.20 11.49
CA TYR A 175 6.32 -7.68 11.97
C TYR A 175 6.11 -6.59 13.02
N ASP A 176 6.25 -6.99 14.28
CA ASP A 176 6.08 -6.05 15.38
C ASP A 176 7.41 -5.39 15.70
N PHE A 177 7.48 -4.10 15.40
CA PHE A 177 8.69 -3.34 15.65
C PHE A 177 9.09 -3.39 17.13
N LEU A 178 8.13 -3.82 17.94
CA LEU A 178 8.38 -3.93 19.37
C LEU A 178 9.72 -4.60 19.61
N LEU A 179 10.13 -5.41 18.65
CA LEU A 179 11.40 -6.12 18.74
C LEU A 179 11.66 -6.86 17.43
N GLN A 180 11.21 -6.25 16.34
CA GLN A 180 11.39 -6.84 15.02
C GLN A 180 11.26 -8.36 15.10
N ARG A 181 10.07 -8.81 15.46
CA ARG A 181 9.80 -10.23 15.58
C ARG A 181 8.63 -10.63 14.67
N ILE A 182 8.81 -11.75 13.99
CA ILE A 182 7.80 -12.25 13.08
C ILE A 182 7.14 -13.49 13.70
N THR A 183 6.04 -13.25 14.39
CA THR A 183 5.32 -14.35 15.03
C THR A 183 4.07 -14.70 14.23
N LYS A 184 4.22 -14.67 12.91
CA LYS A 184 3.12 -14.98 12.01
C LYS A 184 3.67 -15.34 10.64
N THR A 185 3.29 -16.52 10.17
CA THR A 185 3.74 -17.00 8.87
C THR A 185 2.58 -17.68 8.13
N LEU A 186 1.67 -16.85 7.64
CA LEU A 186 0.52 -17.35 6.91
C LEU A 186 0.78 -17.22 5.41
N LYS A 187 0.01 -17.98 4.64
CA LYS A 187 0.15 -17.94 3.19
C LYS A 187 -0.54 -16.69 2.65
N SER A 188 -0.44 -16.51 1.34
CA SER A 188 -1.04 -15.37 0.68
C SER A 188 -2.56 -15.54 0.62
N ASN A 189 -2.97 -16.74 0.25
CA ASN A 189 -4.39 -17.05 0.14
C ASN A 189 -4.72 -18.21 1.07
N SER A 190 -4.86 -17.88 2.35
CA SER A 190 -5.17 -18.89 3.35
C SER A 190 -6.55 -18.62 3.95
N TRP A 191 -7.23 -17.63 3.38
CA TRP A 191 -8.55 -17.25 3.85
C TRP A 191 -9.47 -17.12 2.63
N PHE A 192 -8.98 -16.37 1.64
CA PHE A 192 -9.74 -16.16 0.42
C PHE A 192 -10.29 -17.48 -0.12
N GLY A 193 -9.37 -18.36 -0.50
CA GLY A 193 -9.73 -19.65 -1.03
C GLY A 193 -9.33 -20.78 -0.08
N CYS A 194 -8.03 -20.92 0.10
CA CYS A 194 -7.50 -21.94 0.99
C CYS A 194 -7.17 -21.30 2.33
N MET A 1 -9.09 -10.25 -7.57
CA MET A 1 -9.57 -10.80 -8.83
C MET A 1 -10.10 -12.23 -8.62
N GLU A 2 -9.99 -13.03 -9.67
CA GLU A 2 -10.46 -14.41 -9.61
C GLU A 2 -9.44 -15.34 -10.27
N PRO A 3 -8.20 -15.32 -9.72
CA PRO A 3 -7.13 -16.15 -10.25
C PRO A 3 -7.33 -17.62 -9.85
N ALA A 4 -7.52 -17.82 -8.55
CA ALA A 4 -7.73 -19.17 -8.03
C ALA A 4 -7.64 -19.13 -6.51
N LEU A 5 -8.80 -19.22 -5.87
CA LEU A 5 -8.87 -19.19 -4.43
C LEU A 5 -8.89 -20.63 -3.91
N CYS A 6 -7.71 -21.13 -3.57
CA CYS A 6 -7.57 -22.48 -3.06
C CYS A 6 -6.09 -22.73 -2.73
N ASP A 7 -5.25 -22.45 -3.72
CA ASP A 7 -3.82 -22.63 -3.56
C ASP A 7 -3.14 -21.27 -3.50
N PRO A 8 -2.00 -21.22 -2.75
CA PRO A 8 -1.25 -19.99 -2.60
C PRO A 8 -0.46 -19.68 -3.88
N ASN A 9 -1.04 -18.81 -4.70
CA ASN A 9 -0.40 -18.43 -5.95
C ASN A 9 -0.94 -17.07 -6.39
N LEU A 10 -1.30 -16.27 -5.41
CA LEU A 10 -1.83 -14.94 -5.68
C LEU A 10 -0.82 -13.88 -5.23
N SER A 11 -0.94 -12.69 -5.81
CA SER A 11 -0.06 -11.60 -5.48
C SER A 11 -0.82 -10.27 -5.53
N PHE A 12 -0.22 -9.27 -4.91
CA PHE A 12 -0.83 -7.94 -4.88
C PHE A 12 0.16 -6.87 -5.32
N ASP A 13 -0.35 -5.66 -5.48
CA ASP A 13 0.48 -4.54 -5.89
C ASP A 13 0.40 -3.43 -4.85
N ALA A 14 -0.82 -3.19 -4.38
CA ALA A 14 -1.05 -2.16 -3.38
C ALA A 14 -2.32 -2.49 -2.60
N VAL A 15 -2.20 -2.43 -1.28
CA VAL A 15 -3.33 -2.73 -0.41
C VAL A 15 -3.39 -1.68 0.70
N THR A 16 -4.61 -1.36 1.10
CA THR A 16 -4.82 -0.37 2.15
C THR A 16 -6.15 -0.63 2.86
N THR A 17 -6.22 -0.19 4.11
CA THR A 17 -7.42 -0.36 4.90
C THR A 17 -8.15 0.97 5.07
N VAL A 18 -9.47 0.89 5.11
CA VAL A 18 -10.29 2.07 5.26
C VAL A 18 -11.34 1.83 6.36
N GLY A 19 -10.87 1.90 7.59
CA GLY A 19 -11.75 1.70 8.74
C GLY A 19 -11.68 0.25 9.23
N ASN A 20 -12.56 -0.57 8.67
CA ASN A 20 -12.61 -1.98 9.04
C ASN A 20 -12.72 -2.83 7.77
N LYS A 21 -12.41 -2.20 6.65
CA LYS A 21 -12.46 -2.88 5.37
C LYS A 21 -11.10 -2.78 4.68
N ILE A 22 -10.82 -3.77 3.85
CA ILE A 22 -9.55 -3.81 3.12
C ILE A 22 -9.83 -3.69 1.62
N PHE A 23 -8.96 -2.93 0.97
CA PHE A 23 -9.10 -2.73 -0.47
C PHE A 23 -7.79 -3.00 -1.19
N PHE A 24 -7.65 -4.23 -1.65
CA PHE A 24 -6.44 -4.64 -2.36
C PHE A 24 -6.51 -4.24 -3.83
N PHE A 25 -5.54 -3.42 -4.23
CA PHE A 25 -5.47 -2.95 -5.60
C PHE A 25 -4.37 -3.68 -6.38
N LYS A 26 -4.55 -3.71 -7.69
CA LYS A 26 -3.57 -4.37 -8.55
C LYS A 26 -3.73 -3.84 -9.99
N ASP A 27 -4.98 -3.87 -10.46
CA ASP A 27 -5.28 -3.40 -11.79
C ASP A 27 -6.74 -3.72 -12.13
N ARG A 28 -7.58 -2.70 -12.01
CA ARG A 28 -8.99 -2.86 -12.29
C ARG A 28 -9.64 -3.77 -11.24
N PHE A 29 -9.12 -4.98 -11.16
CA PHE A 29 -9.64 -5.95 -10.20
C PHE A 29 -8.94 -5.82 -8.86
N PHE A 30 -9.76 -5.66 -7.82
CA PHE A 30 -9.22 -5.52 -6.47
C PHE A 30 -9.83 -6.56 -5.53
N TRP A 31 -8.97 -7.16 -4.72
CA TRP A 31 -9.42 -8.18 -3.77
C TRP A 31 -10.03 -7.46 -2.57
N LEU A 32 -11.15 -7.99 -2.12
CA LEU A 32 -11.84 -7.42 -0.97
C LEU A 32 -12.57 -8.52 -0.21
N LYS A 33 -11.98 -8.94 0.88
CA LYS A 33 -12.55 -10.00 1.71
C LYS A 33 -12.75 -9.48 3.13
N VAL A 34 -13.86 -8.77 3.32
CA VAL A 34 -14.18 -8.21 4.63
C VAL A 34 -15.70 -8.11 4.77
N SER A 35 -16.11 -7.29 5.73
CA SER A 35 -17.53 -7.08 5.98
C SER A 35 -18.28 -8.40 5.82
N GLU A 36 -19.52 -8.29 5.37
CA GLU A 36 -20.36 -9.45 5.17
C GLU A 36 -20.05 -10.11 3.82
N ARG A 37 -18.85 -10.65 3.71
CA ARG A 37 -18.42 -11.29 2.49
C ARG A 37 -17.67 -12.59 2.79
N PRO A 38 -18.28 -13.72 2.35
CA PRO A 38 -17.68 -15.03 2.57
C PRO A 38 -16.48 -15.25 1.64
N LYS A 39 -16.51 -14.55 0.52
CA LYS A 39 -15.44 -14.67 -0.46
C LYS A 39 -14.90 -13.27 -0.77
N THR A 40 -13.79 -13.25 -1.50
CA THR A 40 -13.15 -12.00 -1.88
C THR A 40 -13.96 -11.32 -3.00
N SER A 41 -13.95 -9.99 -2.96
CA SER A 41 -14.66 -9.21 -3.96
C SER A 41 -13.83 -9.11 -5.24
N VAL A 42 -14.53 -8.98 -6.35
CA VAL A 42 -13.86 -8.87 -7.64
C VAL A 42 -14.65 -7.92 -8.54
N ASN A 43 -14.44 -6.63 -8.29
CA ASN A 43 -15.14 -5.60 -9.07
C ASN A 43 -14.10 -4.67 -9.70
N LEU A 44 -14.58 -3.83 -10.60
CA LEU A 44 -13.71 -2.88 -11.28
C LEU A 44 -13.84 -1.50 -10.61
N ILE A 45 -12.79 -0.72 -10.74
CA ILE A 45 -12.76 0.61 -10.17
C ILE A 45 -13.78 1.49 -10.89
N SER A 46 -13.52 1.71 -12.17
CA SER A 46 -14.41 2.54 -12.98
C SER A 46 -15.86 2.12 -12.74
N SER A 47 -16.06 0.83 -12.52
CA SER A 47 -17.38 0.30 -12.28
C SER A 47 -18.15 1.23 -11.33
N LEU A 48 -17.51 1.56 -10.23
CA LEU A 48 -18.11 2.43 -9.24
C LEU A 48 -17.41 3.79 -9.26
N TRP A 49 -16.15 3.76 -8.86
CA TRP A 49 -15.35 4.99 -8.84
C TRP A 49 -15.66 5.78 -10.10
N PRO A 50 -15.57 7.14 -9.97
CA PRO A 50 -15.84 8.02 -11.10
C PRO A 50 -14.67 8.01 -12.08
N THR A 51 -13.67 8.80 -11.77
CA THR A 51 -12.49 8.90 -12.62
C THR A 51 -11.27 8.26 -11.93
N LEU A 52 -11.54 7.66 -10.78
CA LEU A 52 -10.49 7.02 -10.01
C LEU A 52 -9.59 6.22 -10.96
N PRO A 53 -8.26 6.42 -10.82
CA PRO A 53 -7.30 5.73 -11.64
C PRO A 53 -7.14 4.27 -11.20
N SER A 54 -6.87 3.41 -12.16
CA SER A 54 -6.70 2.00 -11.89
C SER A 54 -5.22 1.63 -11.93
N GLY A 55 -4.88 0.56 -11.22
CA GLY A 55 -3.51 0.09 -11.18
C GLY A 55 -2.72 0.83 -10.09
N ILE A 56 -3.42 1.17 -9.02
CA ILE A 56 -2.81 1.87 -7.90
C ILE A 56 -1.50 1.16 -7.53
N GLU A 57 -0.44 1.96 -7.42
CA GLU A 57 0.86 1.43 -7.07
C GLU A 57 1.01 1.35 -5.56
N ALA A 58 0.68 2.45 -4.90
CA ALA A 58 0.77 2.51 -3.44
C ALA A 58 -0.45 3.25 -2.89
N ALA A 59 -1.31 2.49 -2.23
CA ALA A 59 -2.51 3.05 -1.65
C ALA A 59 -2.31 3.24 -0.13
N TYR A 60 -2.55 4.46 0.31
CA TYR A 60 -2.40 4.78 1.72
C TYR A 60 -3.32 5.94 2.12
N GLU A 61 -4.17 5.68 3.09
CA GLU A 61 -5.10 6.68 3.57
C GLU A 61 -4.53 7.39 4.80
N ILE A 62 -5.29 8.34 5.33
CA ILE A 62 -4.88 9.09 6.49
C ILE A 62 -6.06 9.23 7.45
N GLU A 63 -6.05 8.40 8.49
CA GLU A 63 -7.11 8.43 9.48
C GLU A 63 -7.05 9.73 10.29
N ALA A 64 -7.57 10.79 9.68
CA ALA A 64 -7.58 12.08 10.32
C ALA A 64 -8.63 12.97 9.66
N ARG A 65 -8.51 13.09 8.34
CA ARG A 65 -9.45 13.89 7.57
C ARG A 65 -10.31 13.00 6.68
N ASN A 66 -10.12 11.70 6.82
CA ASN A 66 -10.87 10.74 6.04
C ASN A 66 -10.61 10.98 4.55
N GLN A 67 -9.39 10.66 4.14
CA GLN A 67 -9.00 10.84 2.76
C GLN A 67 -8.27 9.60 2.24
N VAL A 68 -7.88 9.65 0.98
CA VAL A 68 -7.18 8.55 0.36
C VAL A 68 -6.21 9.08 -0.69
N PHE A 69 -4.95 8.69 -0.55
CA PHE A 69 -3.91 9.13 -1.47
C PHE A 69 -3.37 7.95 -2.28
N LEU A 70 -4.05 7.68 -3.39
CA LEU A 70 -3.64 6.59 -4.26
C LEU A 70 -2.51 7.06 -5.17
N PHE A 71 -1.65 6.12 -5.52
CA PHE A 71 -0.51 6.42 -6.38
C PHE A 71 -0.59 5.61 -7.68
N LYS A 72 -0.14 6.25 -8.76
CA LYS A 72 -0.15 5.61 -10.06
C LYS A 72 0.81 6.35 -10.99
N ASP A 73 1.75 5.60 -11.54
CA ASP A 73 2.73 6.17 -12.45
C ASP A 73 3.41 7.37 -11.78
N ASP A 74 3.82 8.31 -12.60
CA ASP A 74 4.48 9.51 -12.10
C ASP A 74 3.43 10.56 -11.76
N LYS A 75 2.35 10.10 -11.16
CA LYS A 75 1.27 10.99 -10.78
C LYS A 75 0.48 10.37 -9.62
N TYR A 76 -0.16 11.23 -8.85
CA TYR A 76 -0.95 10.78 -7.71
C TYR A 76 -2.28 11.53 -7.64
N TRP A 77 -3.34 10.78 -7.39
CA TRP A 77 -4.66 11.36 -7.28
C TRP A 77 -4.94 11.66 -5.81
N LEU A 78 -5.54 12.81 -5.57
CA LEU A 78 -5.86 13.23 -4.22
C LEU A 78 -7.37 13.16 -4.01
N ILE A 79 -7.80 12.13 -3.29
CA ILE A 79 -9.22 11.94 -3.01
C ILE A 79 -9.62 12.81 -1.82
N SER A 80 -10.85 13.31 -1.87
CA SER A 80 -11.37 14.15 -0.81
C SER A 80 -12.81 13.75 -0.48
N ASN A 81 -12.96 13.05 0.64
CA ASN A 81 -14.27 12.60 1.07
C ASN A 81 -14.87 11.67 0.00
N LEU A 82 -14.12 10.63 -0.32
CA LEU A 82 -14.55 9.67 -1.31
C LEU A 82 -14.82 10.39 -2.63
N ARG A 83 -14.00 11.40 -2.89
CA ARG A 83 -14.13 12.18 -4.11
C ARG A 83 -12.76 12.50 -4.69
N PRO A 84 -12.41 11.78 -5.80
CA PRO A 84 -11.13 11.99 -6.46
C PRO A 84 -11.12 13.29 -7.25
N GLU A 85 -10.36 14.24 -6.75
CA GLU A 85 -10.26 15.54 -7.39
C GLU A 85 -10.33 15.38 -8.91
N PRO A 86 -11.32 16.10 -9.52
CA PRO A 86 -11.50 16.04 -10.96
C PRO A 86 -10.42 16.84 -11.69
N ASN A 87 -9.73 16.16 -12.59
CA ASN A 87 -8.67 16.79 -13.36
C ASN A 87 -7.54 17.18 -12.41
N TYR A 88 -6.94 16.18 -11.79
CA TYR A 88 -5.84 16.41 -10.86
C TYR A 88 -4.68 15.46 -11.14
N PRO A 89 -4.19 15.51 -12.42
CA PRO A 89 -3.08 14.66 -12.82
C PRO A 89 -1.76 15.17 -12.25
N LYS A 90 -1.76 15.39 -10.94
CA LYS A 90 -0.58 15.87 -10.26
C LYS A 90 0.58 14.90 -10.50
N SER A 91 1.76 15.47 -10.65
CA SER A 91 2.96 14.65 -10.89
C SER A 91 3.96 14.86 -9.74
N ILE A 92 4.42 13.73 -9.21
CA ILE A 92 5.37 13.76 -8.12
C ILE A 92 6.47 14.78 -8.44
N HIS A 93 6.71 14.97 -9.73
CA HIS A 93 7.72 15.90 -10.17
C HIS A 93 7.45 17.29 -9.57
N SER A 94 6.21 17.47 -9.13
CA SER A 94 5.81 18.73 -8.54
C SER A 94 6.64 19.01 -7.30
N PHE A 95 7.15 17.94 -6.70
CA PHE A 95 7.96 18.06 -5.50
C PHE A 95 8.29 16.68 -4.93
N GLY A 96 9.00 15.89 -5.72
CA GLY A 96 9.37 14.56 -5.31
C GLY A 96 10.41 13.96 -6.26
N PHE A 97 9.98 13.76 -7.50
CA PHE A 97 10.86 13.20 -8.52
C PHE A 97 12.30 13.63 -8.28
N PRO A 98 13.07 12.74 -7.60
CA PRO A 98 14.46 13.00 -7.29
C PRO A 98 15.33 12.81 -8.54
N ASN A 99 15.22 11.63 -9.13
CA ASN A 99 15.99 11.32 -10.33
C ASN A 99 16.04 9.81 -10.51
N PHE A 100 14.89 9.18 -10.35
CA PHE A 100 14.79 7.73 -10.49
C PHE A 100 13.35 7.25 -10.28
N VAL A 101 12.76 7.73 -9.20
CA VAL A 101 11.39 7.36 -8.87
C VAL A 101 10.55 7.34 -10.15
N LYS A 102 9.50 6.52 -10.12
CA LYS A 102 8.63 6.39 -11.26
C LYS A 102 7.48 5.44 -10.92
N LYS A 103 7.83 4.40 -10.18
CA LYS A 103 6.84 3.41 -9.77
C LYS A 103 7.07 3.04 -8.30
N ILE A 104 6.00 3.15 -7.52
CA ILE A 104 6.07 2.83 -6.11
C ILE A 104 5.53 1.42 -5.88
N ASP A 105 6.06 0.78 -4.85
CA ASP A 105 5.65 -0.57 -4.51
C ASP A 105 4.56 -0.52 -3.43
N ALA A 106 4.81 0.31 -2.44
CA ALA A 106 3.86 0.48 -1.34
C ALA A 106 4.14 1.79 -0.62
N ALA A 107 3.15 2.24 0.15
CA ALA A 107 3.29 3.47 0.90
C ALA A 107 2.42 3.40 2.15
N VAL A 108 3.04 3.66 3.29
CA VAL A 108 2.34 3.62 4.55
C VAL A 108 2.75 4.83 5.40
N PHE A 109 1.76 5.42 6.06
CA PHE A 109 2.01 6.58 6.90
C PHE A 109 2.32 6.16 8.34
N ASN A 110 3.39 6.74 8.87
CA ASN A 110 3.79 6.43 10.24
C ASN A 110 3.52 7.64 11.13
N PRO A 111 2.48 7.48 12.01
CA PRO A 111 2.10 8.54 12.92
C PRO A 111 3.11 8.66 14.07
N ARG A 112 3.87 7.61 14.26
CA ARG A 112 4.87 7.57 15.31
C ARG A 112 6.09 8.41 14.91
N PHE A 113 6.31 8.49 13.60
CA PHE A 113 7.43 9.23 13.08
C PHE A 113 6.95 10.41 12.24
N TYR A 114 5.64 10.55 12.15
CA TYR A 114 5.04 11.64 11.39
C TYR A 114 5.61 11.67 9.97
N ARG A 115 6.14 10.55 9.54
CA ARG A 115 6.72 10.44 8.22
C ARG A 115 6.09 9.28 7.44
N THR A 116 6.14 9.39 6.12
CA THR A 116 5.57 8.37 5.26
C THR A 116 6.68 7.63 4.51
N TYR A 117 6.67 6.31 4.65
CA TYR A 117 7.66 5.47 3.99
C TYR A 117 7.32 5.27 2.51
N PHE A 118 8.29 5.57 1.67
CA PHE A 118 8.11 5.42 0.24
C PHE A 118 8.97 4.30 -0.32
N PHE A 119 8.30 3.20 -0.66
CA PHE A 119 8.99 2.04 -1.20
C PHE A 119 9.11 2.13 -2.72
N VAL A 120 10.35 2.23 -3.18
CA VAL A 120 10.61 2.32 -4.61
C VAL A 120 11.85 1.48 -4.95
N ASP A 121 11.67 0.59 -5.92
CA ASP A 121 12.76 -0.28 -6.35
C ASP A 121 13.35 -0.97 -5.12
N ASN A 122 14.62 -1.32 -5.25
CA ASN A 122 15.32 -2.01 -4.17
C ASN A 122 15.92 -0.96 -3.24
N GLN A 123 15.09 -0.01 -2.84
CA GLN A 123 15.53 1.04 -1.94
C GLN A 123 14.39 1.48 -1.03
N TYR A 124 14.75 2.16 0.04
CA TYR A 124 13.77 2.65 1.00
C TYR A 124 13.96 4.13 1.28
N TRP A 125 13.07 4.94 0.72
CA TRP A 125 13.13 6.38 0.91
C TRP A 125 12.10 6.76 1.98
N ARG A 126 12.15 8.02 2.37
CA ARG A 126 11.23 8.53 3.38
C ARG A 126 11.03 10.04 3.21
N TYR A 127 9.78 10.44 3.12
CA TYR A 127 9.45 11.84 2.96
C TYR A 127 8.80 12.39 4.23
N ASP A 128 9.00 13.70 4.43
CA ASP A 128 8.45 14.35 5.60
C ASP A 128 7.08 14.94 5.25
N GLU A 129 6.10 14.61 6.07
CA GLU A 129 4.74 15.09 5.86
C GLU A 129 4.54 16.44 6.57
N ARG A 130 4.86 16.45 7.85
CA ARG A 130 4.73 17.66 8.64
C ARG A 130 5.61 18.77 8.07
N ARG A 131 6.87 18.43 7.83
CA ARG A 131 7.81 19.39 7.29
C ARG A 131 7.51 19.65 5.82
N GLN A 132 7.18 18.59 5.11
CA GLN A 132 6.85 18.68 3.70
C GLN A 132 8.14 18.89 2.89
N MET A 133 9.22 18.34 3.39
CA MET A 133 10.51 18.46 2.73
C MET A 133 11.23 17.10 2.70
N MET A 134 11.43 16.61 1.48
CA MET A 134 12.11 15.34 1.29
C MET A 134 13.27 15.19 2.29
N ASP A 135 13.44 13.96 2.77
CA ASP A 135 14.50 13.66 3.71
C ASP A 135 15.85 13.89 3.04
N PRO A 136 16.80 14.46 3.83
CA PRO A 136 18.14 14.73 3.32
C PRO A 136 18.95 13.44 3.20
N GLY A 137 19.48 13.21 2.01
CA GLY A 137 20.28 12.03 1.75
C GLY A 137 19.89 10.90 2.71
N TYR A 138 18.94 10.08 2.25
CA TYR A 138 18.48 8.95 3.05
C TYR A 138 18.39 7.68 2.20
N PRO A 139 19.56 7.28 1.64
CA PRO A 139 19.63 6.08 0.82
C PRO A 139 19.55 4.82 1.68
N LYS A 140 18.36 4.55 2.18
CA LYS A 140 18.14 3.39 3.02
C LYS A 140 17.54 2.26 2.16
N LEU A 141 17.42 1.09 2.78
CA LEU A 141 16.87 -0.06 2.09
C LEU A 141 15.78 -0.69 2.95
N ILE A 142 14.97 -1.51 2.31
CA ILE A 142 13.88 -2.19 3.00
C ILE A 142 14.46 -3.21 3.98
N THR A 143 14.87 -4.34 3.42
CA THR A 143 15.44 -5.41 4.23
C THR A 143 16.35 -4.83 5.31
N LYS A 144 17.07 -3.78 4.94
CA LYS A 144 17.97 -3.12 5.87
C LYS A 144 17.17 -2.55 7.04
N ASN A 145 16.12 -1.81 6.69
CA ASN A 145 15.28 -1.20 7.69
C ASN A 145 14.70 -2.29 8.60
N PHE A 146 14.21 -3.34 7.96
CA PHE A 146 13.62 -4.46 8.69
C PHE A 146 13.84 -5.77 7.95
N GLN A 147 14.41 -6.73 8.67
CA GLN A 147 14.69 -8.03 8.09
C GLN A 147 13.53 -8.98 8.35
N GLY A 148 12.94 -9.46 7.27
CA GLY A 148 11.81 -10.38 7.37
C GLY A 148 10.87 -10.23 6.17
N ILE A 149 10.86 -9.02 5.62
CA ILE A 149 10.02 -8.74 4.47
C ILE A 149 10.84 -8.89 3.19
N GLY A 150 12.15 -8.83 3.36
CA GLY A 150 13.06 -8.95 2.23
C GLY A 150 13.38 -7.59 1.63
N PRO A 151 14.38 -7.58 0.70
CA PRO A 151 14.79 -6.35 0.05
C PRO A 151 13.77 -5.91 -0.99
N LYS A 152 12.72 -6.70 -1.12
CA LYS A 152 11.66 -6.41 -2.08
C LYS A 152 10.31 -6.51 -1.38
N ILE A 153 9.47 -5.50 -1.61
CA ILE A 153 8.15 -5.48 -1.01
C ILE A 153 7.11 -5.23 -2.11
N ASP A 154 5.97 -5.87 -1.93
CA ASP A 154 4.88 -5.74 -2.90
C ASP A 154 3.94 -4.61 -2.45
N ALA A 155 3.38 -4.80 -1.26
CA ALA A 155 2.46 -3.82 -0.71
C ALA A 155 2.46 -3.93 0.82
N VAL A 156 1.90 -2.92 1.46
CA VAL A 156 1.82 -2.90 2.90
C VAL A 156 0.69 -1.96 3.34
N PHE A 157 0.01 -2.35 4.41
CA PHE A 157 -1.08 -1.55 4.93
C PHE A 157 -1.10 -1.58 6.47
N TYR A 158 -1.03 -0.40 7.05
CA TYR A 158 -1.05 -0.27 8.50
C TYR A 158 -2.48 -0.25 9.03
N SER A 159 -3.00 -1.43 9.31
CA SER A 159 -4.35 -1.56 9.83
C SER A 159 -4.31 -2.10 11.26
N LYS A 160 -3.15 -2.63 11.63
CA LYS A 160 -2.98 -3.18 12.96
C LYS A 160 -2.89 -2.05 13.98
N ASN A 161 -2.46 -2.40 15.18
CA ASN A 161 -2.32 -1.43 16.24
C ASN A 161 -0.86 -0.98 16.33
N LYS A 162 0.03 -1.97 16.39
CA LYS A 162 1.44 -1.69 16.48
C LYS A 162 2.22 -2.77 15.73
N TYR A 163 1.80 -3.00 14.50
CA TYR A 163 2.44 -4.01 13.66
C TYR A 163 2.48 -3.56 12.20
N TYR A 164 3.34 -4.21 11.44
CA TYR A 164 3.50 -3.89 10.03
C TYR A 164 3.29 -5.13 9.16
N TYR A 165 2.19 -5.15 8.44
CA TYR A 165 1.87 -6.27 7.57
C TYR A 165 2.46 -6.05 6.17
N PHE A 166 3.24 -7.02 5.73
CA PHE A 166 3.87 -6.95 4.41
C PHE A 166 3.53 -8.19 3.58
N PHE A 167 3.42 -7.97 2.29
CA PHE A 167 3.11 -9.06 1.36
C PHE A 167 4.18 -9.19 0.28
N GLN A 168 4.82 -10.35 0.26
CA GLN A 168 5.86 -10.61 -0.72
C GLN A 168 5.86 -12.09 -1.12
N GLY A 169 5.09 -12.37 -2.16
CA GLY A 169 4.99 -13.74 -2.66
C GLY A 169 3.98 -14.55 -1.83
N SER A 170 2.72 -14.16 -1.95
CA SER A 170 1.67 -14.84 -1.22
C SER A 170 2.12 -15.13 0.21
N ASN A 171 2.98 -14.26 0.71
CA ASN A 171 3.50 -14.41 2.07
C ASN A 171 3.20 -13.15 2.86
N GLN A 172 2.43 -13.33 3.93
CA GLN A 172 2.06 -12.22 4.78
C GLN A 172 2.84 -12.28 6.11
N PHE A 173 3.88 -11.48 6.19
CA PHE A 173 4.71 -11.44 7.38
C PHE A 173 4.48 -10.14 8.15
N GLU A 174 4.59 -10.25 9.47
CA GLU A 174 4.40 -9.10 10.33
C GLU A 174 5.66 -8.83 11.15
N TYR A 175 5.95 -7.56 11.36
CA TYR A 175 7.12 -7.16 12.11
C TYR A 175 6.72 -6.39 13.38
N ASP A 176 7.17 -6.90 14.52
CA ASP A 176 6.87 -6.27 15.79
C ASP A 176 8.09 -5.53 16.29
N PHE A 177 7.98 -4.20 16.29
CA PHE A 177 9.07 -3.36 16.74
C PHE A 177 9.39 -3.61 18.22
N LEU A 178 8.49 -4.32 18.88
CA LEU A 178 8.65 -4.63 20.28
C LEU A 178 10.00 -5.32 20.49
N LEU A 179 10.40 -6.08 19.48
CA LEU A 179 11.67 -6.79 19.54
C LEU A 179 11.94 -7.44 18.19
N GLN A 180 11.57 -6.73 17.14
CA GLN A 180 11.78 -7.23 15.79
C GLN A 180 11.54 -8.74 15.73
N ARG A 181 10.30 -9.12 16.00
CA ARG A 181 9.93 -10.53 15.99
C ARG A 181 8.73 -10.76 15.07
N ILE A 182 8.89 -11.67 14.13
CA ILE A 182 7.84 -11.99 13.20
C ILE A 182 6.99 -13.12 13.76
N THR A 183 5.79 -12.77 14.21
CA THR A 183 4.88 -13.75 14.78
C THR A 183 3.65 -13.91 13.88
N LYS A 184 3.90 -13.84 12.58
CA LYS A 184 2.83 -13.99 11.61
C LYS A 184 3.41 -14.45 10.27
N THR A 185 3.00 -15.64 9.87
CA THR A 185 3.47 -16.20 8.61
C THR A 185 2.40 -17.09 8.00
N LEU A 186 1.52 -16.48 7.22
CA LEU A 186 0.44 -17.21 6.57
C LEU A 186 0.55 -17.00 5.06
N LYS A 187 -0.35 -17.66 4.34
CA LYS A 187 -0.38 -17.57 2.89
C LYS A 187 -1.64 -16.82 2.46
N SER A 188 -1.57 -16.23 1.27
CA SER A 188 -2.69 -15.49 0.74
C SER A 188 -3.99 -16.23 1.04
N ASN A 189 -4.01 -17.50 0.66
CA ASN A 189 -5.19 -18.33 0.88
C ASN A 189 -5.26 -18.74 2.36
N SER A 190 -5.24 -17.73 3.22
CA SER A 190 -5.29 -17.97 4.65
C SER A 190 -6.31 -17.04 5.30
N TRP A 191 -7.52 -17.06 4.76
CA TRP A 191 -8.59 -16.24 5.27
C TRP A 191 -9.87 -16.58 4.51
N PHE A 192 -9.72 -16.75 3.20
CA PHE A 192 -10.85 -17.08 2.35
C PHE A 192 -11.37 -18.49 2.66
N GLY A 193 -10.42 -19.39 2.90
CA GLY A 193 -10.78 -20.77 3.21
C GLY A 193 -10.78 -21.63 1.95
N CYS A 194 -9.58 -22.04 1.55
CA CYS A 194 -9.42 -22.87 0.36
C CYS A 194 -10.37 -24.06 0.48
N MET A 1 -9.14 -10.84 -12.21
CA MET A 1 -10.04 -11.84 -11.67
C MET A 1 -9.60 -13.25 -12.05
N GLU A 2 -8.98 -13.35 -13.21
CA GLU A 2 -8.49 -14.63 -13.70
C GLU A 2 -7.90 -15.44 -12.54
N PRO A 3 -7.00 -14.78 -11.78
CA PRO A 3 -6.35 -15.42 -10.64
C PRO A 3 -7.31 -15.55 -9.46
N ALA A 4 -7.47 -16.78 -9.00
CA ALA A 4 -8.35 -17.06 -7.88
C ALA A 4 -7.55 -16.96 -6.57
N LEU A 5 -8.30 -16.94 -5.47
CA LEU A 5 -7.67 -16.85 -4.16
C LEU A 5 -7.87 -18.16 -3.41
N CYS A 6 -8.09 -19.21 -4.19
CA CYS A 6 -8.31 -20.53 -3.61
C CYS A 6 -7.15 -21.44 -4.05
N ASP A 7 -5.99 -20.82 -4.19
CA ASP A 7 -4.80 -21.56 -4.60
C ASP A 7 -3.56 -20.71 -4.34
N PRO A 8 -2.46 -21.39 -3.96
CA PRO A 8 -1.21 -20.70 -3.68
C PRO A 8 -0.52 -20.27 -4.98
N ASN A 9 -0.98 -19.13 -5.50
CA ASN A 9 -0.43 -18.60 -6.73
C ASN A 9 -1.05 -17.22 -7.00
N LEU A 10 -1.17 -16.44 -5.93
CA LEU A 10 -1.74 -15.11 -6.04
C LEU A 10 -0.69 -14.08 -5.60
N SER A 11 -0.84 -12.87 -6.12
CA SER A 11 0.08 -11.79 -5.79
C SER A 11 -0.67 -10.46 -5.75
N PHE A 12 0.00 -9.46 -5.22
CA PHE A 12 -0.59 -8.13 -5.11
C PHE A 12 0.36 -7.06 -5.66
N ASP A 13 -0.15 -5.84 -5.73
CA ASP A 13 0.63 -4.73 -6.25
C ASP A 13 0.60 -3.58 -5.23
N ALA A 14 -0.61 -3.25 -4.81
CA ALA A 14 -0.81 -2.18 -3.84
C ALA A 14 -1.85 -2.61 -2.81
N VAL A 15 -1.73 -2.04 -1.62
CA VAL A 15 -2.65 -2.35 -0.54
C VAL A 15 -2.95 -1.07 0.24
N THR A 16 -4.07 -1.10 0.96
CA THR A 16 -4.49 0.04 1.75
C THR A 16 -5.34 -0.42 2.94
N THR A 17 -5.49 0.49 3.90
CA THR A 17 -6.28 0.19 5.08
C THR A 17 -7.17 1.38 5.45
N VAL A 18 -8.35 1.07 5.95
CA VAL A 18 -9.29 2.10 6.34
C VAL A 18 -10.07 1.63 7.58
N GLY A 19 -9.36 1.53 8.68
CA GLY A 19 -9.97 1.09 9.93
C GLY A 19 -9.81 -0.42 10.11
N ASN A 20 -10.92 -1.12 9.98
CA ASN A 20 -10.92 -2.56 10.14
C ASN A 20 -11.16 -3.21 8.77
N LYS A 21 -11.05 -2.41 7.74
CA LYS A 21 -11.25 -2.89 6.38
C LYS A 21 -9.91 -2.95 5.66
N ILE A 22 -9.83 -3.86 4.69
CA ILE A 22 -8.61 -4.02 3.93
C ILE A 22 -8.94 -4.10 2.44
N PHE A 23 -8.20 -3.32 1.66
CA PHE A 23 -8.42 -3.29 0.22
C PHE A 23 -7.21 -3.87 -0.53
N PHE A 24 -7.50 -4.43 -1.70
CA PHE A 24 -6.46 -5.02 -2.52
C PHE A 24 -6.71 -4.76 -4.00
N PHE A 25 -5.67 -4.33 -4.68
CA PHE A 25 -5.77 -4.04 -6.10
C PHE A 25 -4.58 -4.63 -6.87
N LYS A 26 -4.68 -4.57 -8.19
CA LYS A 26 -3.62 -5.08 -9.04
C LYS A 26 -3.51 -4.22 -10.30
N ASP A 27 -3.83 -4.83 -11.43
CA ASP A 27 -3.78 -4.12 -12.70
C ASP A 27 -4.99 -3.21 -12.83
N ARG A 28 -6.11 -3.82 -13.19
CA ARG A 28 -7.35 -3.08 -13.35
C ARG A 28 -8.41 -3.60 -12.39
N PHE A 29 -8.25 -4.86 -12.00
CA PHE A 29 -9.18 -5.49 -11.09
C PHE A 29 -8.70 -5.38 -9.64
N PHE A 30 -9.66 -5.30 -8.74
CA PHE A 30 -9.35 -5.18 -7.32
C PHE A 30 -10.11 -6.22 -6.51
N TRP A 31 -9.45 -6.73 -5.48
CA TRP A 31 -10.05 -7.73 -4.61
C TRP A 31 -10.40 -7.06 -3.28
N LEU A 32 -11.45 -7.57 -2.66
CA LEU A 32 -11.90 -7.02 -1.39
C LEU A 32 -12.42 -8.17 -0.51
N LYS A 33 -11.94 -8.19 0.72
CA LYS A 33 -12.35 -9.22 1.66
C LYS A 33 -12.24 -8.67 3.09
N VAL A 34 -13.39 -8.31 3.64
CA VAL A 34 -13.44 -7.78 4.99
C VAL A 34 -14.89 -7.54 5.39
N SER A 35 -15.07 -7.02 6.59
CA SER A 35 -16.40 -6.74 7.10
C SER A 35 -17.33 -7.92 6.82
N GLU A 36 -17.33 -8.86 7.76
CA GLU A 36 -18.16 -10.05 7.62
C GLU A 36 -18.31 -10.43 6.15
N ARG A 37 -17.27 -11.04 5.61
CA ARG A 37 -17.27 -11.46 4.22
C ARG A 37 -17.17 -12.99 4.14
N PRO A 38 -18.11 -13.58 3.35
CA PRO A 38 -18.13 -15.02 3.17
C PRO A 38 -17.01 -15.47 2.22
N LYS A 39 -16.72 -14.63 1.24
CA LYS A 39 -15.69 -14.92 0.28
C LYS A 39 -15.18 -13.61 -0.34
N THR A 40 -14.13 -13.73 -1.13
CA THR A 40 -13.55 -12.58 -1.79
C THR A 40 -14.34 -12.22 -3.05
N SER A 41 -13.99 -11.08 -3.63
CA SER A 41 -14.65 -10.62 -4.84
C SER A 41 -13.71 -9.71 -5.63
N VAL A 42 -13.71 -9.92 -6.95
CA VAL A 42 -12.87 -9.14 -7.82
C VAL A 42 -13.75 -8.42 -8.85
N ASN A 43 -13.66 -7.09 -8.83
CA ASN A 43 -14.44 -6.28 -9.75
C ASN A 43 -13.54 -5.21 -10.37
N LEU A 44 -14.13 -4.42 -11.25
CA LEU A 44 -13.39 -3.36 -11.93
C LEU A 44 -13.42 -2.11 -11.05
N ILE A 45 -12.34 -1.33 -11.16
CA ILE A 45 -12.22 -0.10 -10.40
C ILE A 45 -13.32 0.88 -10.84
N SER A 46 -13.24 1.27 -12.10
CA SER A 46 -14.21 2.20 -12.66
C SER A 46 -15.63 1.79 -12.24
N SER A 47 -15.84 0.48 -12.21
CA SER A 47 -17.14 -0.06 -11.83
C SER A 47 -17.53 0.46 -10.46
N LEU A 48 -16.54 0.56 -9.58
CA LEU A 48 -16.78 1.04 -8.23
C LEU A 48 -16.54 2.56 -8.18
N TRP A 49 -15.26 2.92 -8.21
CA TRP A 49 -14.89 4.32 -8.17
C TRP A 49 -15.30 4.96 -9.50
N PRO A 50 -15.42 6.31 -9.47
CA PRO A 50 -15.80 7.06 -10.66
C PRO A 50 -14.64 7.14 -11.65
N THR A 51 -13.72 8.05 -11.36
CA THR A 51 -12.56 8.24 -12.22
C THR A 51 -11.27 8.08 -11.41
N LEU A 52 -10.74 6.86 -11.45
CA LEU A 52 -9.53 6.55 -10.73
C LEU A 52 -8.51 5.94 -11.69
N PRO A 53 -7.21 6.09 -11.35
CA PRO A 53 -6.14 5.56 -12.17
C PRO A 53 -6.04 4.04 -12.00
N SER A 54 -6.00 3.35 -13.13
CA SER A 54 -5.90 1.90 -13.12
C SER A 54 -4.43 1.48 -13.02
N GLY A 55 -4.19 0.46 -12.22
CA GLY A 55 -2.84 -0.05 -12.03
C GLY A 55 -2.18 0.60 -10.81
N ILE A 56 -2.96 0.74 -9.75
CA ILE A 56 -2.46 1.34 -8.53
C ILE A 56 -1.14 0.69 -8.14
N GLU A 57 -0.15 1.54 -7.88
CA GLU A 57 1.17 1.07 -7.51
C GLU A 57 1.37 1.20 -5.99
N ALA A 58 0.71 2.19 -5.44
CA ALA A 58 0.80 2.44 -4.00
C ALA A 58 -0.41 3.25 -3.55
N ALA A 59 -1.10 2.71 -2.54
CA ALA A 59 -2.27 3.36 -2.01
C ALA A 59 -2.07 3.63 -0.52
N TYR A 60 -2.26 4.89 -0.13
CA TYR A 60 -2.10 5.28 1.25
C TYR A 60 -3.30 6.10 1.74
N GLU A 61 -4.17 5.43 2.48
CA GLU A 61 -5.37 6.07 3.01
C GLU A 61 -5.20 6.34 4.50
N ILE A 62 -5.58 7.56 4.89
CA ILE A 62 -5.50 7.95 6.28
C ILE A 62 -6.89 8.26 6.82
N GLU A 63 -7.18 7.70 7.99
CA GLU A 63 -8.47 7.90 8.62
C GLU A 63 -8.39 9.03 9.66
N ALA A 64 -7.33 9.81 9.54
CA ALA A 64 -7.12 10.92 10.45
C ALA A 64 -8.03 12.09 10.07
N ARG A 65 -7.94 12.46 8.79
CA ARG A 65 -8.75 13.55 8.28
C ARG A 65 -9.88 13.01 7.41
N ASN A 66 -9.92 11.69 7.29
CA ASN A 66 -10.94 11.04 6.48
C ASN A 66 -10.70 11.36 5.01
N GLN A 67 -9.47 11.14 4.57
CA GLN A 67 -9.10 11.40 3.20
C GLN A 67 -8.62 10.12 2.52
N VAL A 68 -8.50 10.19 1.20
CA VAL A 68 -8.05 9.05 0.42
C VAL A 68 -7.08 9.51 -0.66
N PHE A 69 -5.94 8.83 -0.72
CA PHE A 69 -4.92 9.16 -1.70
C PHE A 69 -4.59 7.95 -2.58
N LEU A 70 -4.60 8.18 -3.88
CA LEU A 70 -4.29 7.11 -4.82
C LEU A 70 -3.16 7.58 -5.75
N PHE A 71 -2.00 6.95 -5.57
CA PHE A 71 -0.85 7.29 -6.38
C PHE A 71 -0.78 6.41 -7.63
N LYS A 72 -0.30 7.01 -8.70
CA LYS A 72 -0.17 6.30 -9.97
C LYS A 72 0.82 7.05 -10.87
N ASP A 73 1.93 6.38 -11.16
CA ASP A 73 2.95 6.96 -12.00
C ASP A 73 3.48 8.24 -11.35
N ASP A 74 3.80 9.20 -12.20
CA ASP A 74 4.32 10.48 -11.72
C ASP A 74 3.16 11.43 -11.47
N LYS A 75 2.07 10.86 -10.97
CA LYS A 75 0.88 11.65 -10.67
C LYS A 75 0.04 10.92 -9.62
N TYR A 76 -0.74 11.70 -8.89
CA TYR A 76 -1.58 11.15 -7.84
C TYR A 76 -2.89 11.93 -7.72
N TRP A 77 -3.98 11.20 -7.66
CA TRP A 77 -5.29 11.81 -7.54
C TRP A 77 -5.62 11.94 -6.05
N LEU A 78 -6.63 12.78 -5.77
CA LEU A 78 -7.05 13.00 -4.40
C LEU A 78 -8.55 12.77 -4.29
N ILE A 79 -8.91 11.69 -3.59
CA ILE A 79 -10.30 11.35 -3.40
C ILE A 79 -10.82 12.01 -2.13
N SER A 80 -11.70 12.98 -2.30
CA SER A 80 -12.28 13.70 -1.17
C SER A 80 -13.66 13.14 -0.86
N ASN A 81 -13.72 12.36 0.21
CA ASN A 81 -14.98 11.75 0.63
C ASN A 81 -15.29 10.56 -0.27
N LEU A 82 -15.35 10.82 -1.57
CA LEU A 82 -15.64 9.78 -2.53
C LEU A 82 -15.23 10.26 -3.93
N ARG A 83 -15.67 11.46 -4.26
CA ARG A 83 -15.36 12.04 -5.55
C ARG A 83 -14.04 12.81 -5.49
N PRO A 84 -13.07 12.36 -6.33
CA PRO A 84 -11.76 12.99 -6.37
C PRO A 84 -11.83 14.34 -7.11
N GLU A 85 -11.03 15.28 -6.63
CA GLU A 85 -10.99 16.60 -7.23
C GLU A 85 -10.81 16.49 -8.75
N PRO A 86 -11.70 17.20 -9.48
CA PRO A 86 -11.66 17.19 -10.94
C PRO A 86 -10.51 18.05 -11.45
N ASN A 87 -9.84 17.54 -12.48
CA ASN A 87 -8.73 18.24 -13.08
C ASN A 87 -7.63 18.42 -12.03
N TYR A 88 -7.11 17.29 -11.56
CA TYR A 88 -6.05 17.31 -10.56
C TYR A 88 -4.94 16.32 -10.92
N PRO A 89 -4.38 16.52 -12.15
CA PRO A 89 -3.31 15.67 -12.63
C PRO A 89 -1.99 16.01 -11.94
N LYS A 90 -2.06 16.14 -10.62
CA LYS A 90 -0.88 16.46 -9.84
C LYS A 90 0.26 15.52 -10.24
N SER A 91 1.48 16.04 -10.08
CA SER A 91 2.65 15.25 -10.41
C SER A 91 3.66 15.30 -9.26
N ILE A 92 4.06 14.13 -8.81
CA ILE A 92 5.01 14.02 -7.72
C ILE A 92 6.32 14.71 -8.12
N HIS A 93 6.62 14.64 -9.41
CA HIS A 93 7.83 15.25 -9.94
C HIS A 93 7.79 16.76 -9.69
N SER A 94 6.58 17.26 -9.49
CA SER A 94 6.40 18.68 -9.25
C SER A 94 6.98 19.06 -7.88
N PHE A 95 7.36 18.03 -7.14
CA PHE A 95 7.93 18.23 -5.82
C PHE A 95 8.18 16.90 -5.11
N GLY A 96 8.99 16.07 -5.76
CA GLY A 96 9.32 14.77 -5.21
C GLY A 96 10.51 14.15 -5.94
N PHE A 97 10.30 13.84 -7.21
CA PHE A 97 11.35 13.25 -8.02
C PHE A 97 12.73 13.73 -7.57
N PRO A 98 13.36 12.91 -6.68
CA PRO A 98 14.68 13.24 -6.18
C PRO A 98 15.75 12.99 -7.23
N ASN A 99 15.86 11.73 -7.63
CA ASN A 99 16.84 11.35 -8.63
C ASN A 99 16.12 10.76 -9.85
N PHE A 100 15.59 9.56 -9.64
CA PHE A 100 14.88 8.87 -10.71
C PHE A 100 13.70 8.05 -10.15
N VAL A 101 12.73 8.77 -9.61
CA VAL A 101 11.56 8.13 -9.04
C VAL A 101 10.33 8.45 -9.89
N LYS A 102 9.34 7.56 -9.81
CA LYS A 102 8.12 7.74 -10.57
C LYS A 102 7.17 6.59 -10.27
N LYS A 103 7.74 5.42 -10.09
CA LYS A 103 6.96 4.23 -9.79
C LYS A 103 7.33 3.71 -8.40
N ILE A 104 6.33 3.67 -7.53
CA ILE A 104 6.53 3.20 -6.18
C ILE A 104 5.94 1.79 -6.03
N ASP A 105 6.44 1.08 -5.03
CA ASP A 105 5.97 -0.28 -4.78
C ASP A 105 4.89 -0.24 -3.70
N ALA A 106 5.17 0.52 -2.65
CA ALA A 106 4.22 0.65 -1.55
C ALA A 106 4.50 1.96 -0.80
N ALA A 107 3.55 2.34 0.05
CA ALA A 107 3.67 3.56 0.82
C ALA A 107 2.78 3.46 2.06
N VAL A 108 3.40 3.69 3.21
CA VAL A 108 2.68 3.64 4.47
C VAL A 108 3.15 4.79 5.36
N PHE A 109 2.23 5.23 6.22
CA PHE A 109 2.53 6.31 7.13
C PHE A 109 2.85 5.79 8.53
N ASN A 110 3.60 6.59 9.28
CA ASN A 110 3.98 6.21 10.63
C ASN A 110 3.79 7.42 11.56
N PRO A 111 2.82 7.27 12.50
CA PRO A 111 2.52 8.33 13.45
C PRO A 111 3.61 8.40 14.54
N ARG A 112 4.42 7.36 14.58
CA ARG A 112 5.49 7.29 15.56
C ARG A 112 6.69 8.11 15.08
N PHE A 113 6.90 8.12 13.77
CA PHE A 113 8.01 8.85 13.19
C PHE A 113 7.50 10.06 12.40
N TYR A 114 6.19 10.21 12.38
CA TYR A 114 5.57 11.32 11.68
C TYR A 114 6.09 11.41 10.24
N ARG A 115 6.45 10.26 9.70
CA ARG A 115 6.96 10.19 8.35
C ARG A 115 6.32 9.03 7.58
N THR A 116 6.37 9.13 6.26
CA THR A 116 5.80 8.10 5.41
C THR A 116 6.91 7.26 4.77
N TYR A 117 6.82 5.96 5.00
CA TYR A 117 7.80 5.05 4.44
C TYR A 117 7.49 4.69 2.99
N PHE A 118 8.45 4.98 2.12
CA PHE A 118 8.28 4.70 0.71
C PHE A 118 9.23 3.60 0.25
N PHE A 119 8.65 2.50 -0.19
CA PHE A 119 9.42 1.37 -0.66
C PHE A 119 9.55 1.37 -2.19
N VAL A 120 10.78 1.54 -2.64
CA VAL A 120 11.05 1.57 -4.07
C VAL A 120 12.28 0.73 -4.37
N ASP A 121 12.10 -0.24 -5.26
CA ASP A 121 13.19 -1.12 -5.64
C ASP A 121 13.79 -1.75 -4.38
N ASN A 122 15.07 -2.08 -4.48
CA ASN A 122 15.77 -2.70 -3.36
C ASN A 122 16.36 -1.60 -2.48
N GLN A 123 15.56 -0.57 -2.25
CA GLN A 123 15.99 0.55 -1.42
C GLN A 123 14.82 1.04 -0.56
N TYR A 124 15.17 1.80 0.47
CA TYR A 124 14.17 2.35 1.37
C TYR A 124 14.33 3.86 1.52
N TRP A 125 13.33 4.57 1.02
CA TRP A 125 13.34 6.03 1.08
C TRP A 125 12.27 6.46 2.09
N ARG A 126 12.47 7.66 2.63
CA ARG A 126 11.54 8.20 3.61
C ARG A 126 11.40 9.70 3.43
N TYR A 127 10.15 10.16 3.36
CA TYR A 127 9.87 11.57 3.19
C TYR A 127 9.20 12.15 4.44
N ASP A 128 9.33 13.46 4.58
CA ASP A 128 8.74 14.14 5.72
C ASP A 128 7.32 14.58 5.37
N GLU A 129 6.37 14.10 6.15
CA GLU A 129 4.97 14.43 5.94
C GLU A 129 4.60 15.71 6.69
N ARG A 130 4.84 15.68 8.00
CA ARG A 130 4.54 16.82 8.84
C ARG A 130 5.34 18.04 8.37
N ARG A 131 6.55 17.78 7.91
CA ARG A 131 7.41 18.85 7.44
C ARG A 131 7.16 19.12 5.95
N GLN A 132 6.92 18.04 5.22
CA GLN A 132 6.67 18.14 3.79
C GLN A 132 7.97 18.39 3.03
N MET A 133 9.01 17.70 3.47
CA MET A 133 10.32 17.82 2.85
C MET A 133 10.99 16.45 2.68
N MET A 134 10.76 15.85 1.54
CA MET A 134 11.34 14.55 1.24
C MET A 134 12.85 14.56 1.44
N ASP A 135 13.35 13.52 2.08
CA ASP A 135 14.78 13.40 2.35
C ASP A 135 15.44 12.69 1.17
N PRO A 136 16.31 13.47 0.45
CA PRO A 136 17.01 12.94 -0.70
C PRO A 136 18.16 12.02 -0.25
N GLY A 137 19.03 12.56 0.58
CA GLY A 137 20.16 11.81 1.08
C GLY A 137 19.72 10.81 2.16
N TYR A 138 18.93 9.83 1.73
CA TYR A 138 18.44 8.81 2.64
C TYR A 138 18.56 7.42 2.03
N PRO A 139 19.83 7.03 1.75
CA PRO A 139 20.09 5.72 1.17
C PRO A 139 19.93 4.61 2.20
N LYS A 140 18.83 3.88 2.08
CA LYS A 140 18.56 2.78 2.99
C LYS A 140 18.07 1.57 2.20
N LEU A 141 17.77 0.51 2.92
CA LEU A 141 17.29 -0.72 2.31
C LEU A 141 16.05 -1.21 3.04
N ILE A 142 15.15 -1.81 2.28
CA ILE A 142 13.91 -2.33 2.84
C ILE A 142 14.22 -3.56 3.69
N THR A 143 15.00 -4.47 3.11
CA THR A 143 15.37 -5.68 3.81
C THR A 143 16.29 -5.36 4.99
N LYS A 144 17.13 -4.36 4.79
CA LYS A 144 18.06 -3.94 5.83
C LYS A 144 17.27 -3.36 7.00
N ASN A 145 16.58 -2.27 6.73
CA ASN A 145 15.78 -1.61 7.75
C ASN A 145 14.87 -2.64 8.42
N PHE A 146 14.17 -3.39 7.60
CA PHE A 146 13.26 -4.41 8.09
C PHE A 146 13.59 -5.78 7.52
N GLN A 147 14.31 -6.56 8.31
CA GLN A 147 14.71 -7.89 7.89
C GLN A 147 13.61 -8.90 8.23
N GLY A 148 12.98 -9.40 7.17
CA GLY A 148 11.91 -10.38 7.35
C GLY A 148 10.88 -10.26 6.23
N ILE A 149 10.74 -9.05 5.72
CA ILE A 149 9.80 -8.80 4.63
C ILE A 149 10.49 -9.04 3.29
N GLY A 150 11.78 -8.72 3.26
CA GLY A 150 12.56 -8.90 2.04
C GLY A 150 13.03 -7.56 1.49
N PRO A 151 13.76 -7.63 0.36
CA PRO A 151 14.28 -6.42 -0.28
C PRO A 151 13.18 -5.66 -1.00
N LYS A 152 12.24 -6.43 -1.56
CA LYS A 152 11.12 -5.84 -2.28
C LYS A 152 9.82 -6.16 -1.53
N ILE A 153 8.89 -5.22 -1.62
CA ILE A 153 7.60 -5.39 -0.97
C ILE A 153 6.49 -4.87 -1.89
N ASP A 154 5.74 -5.81 -2.43
CA ASP A 154 4.64 -5.47 -3.33
C ASP A 154 3.85 -4.31 -2.74
N ALA A 155 3.18 -4.59 -1.63
CA ALA A 155 2.39 -3.58 -0.96
C ALA A 155 2.42 -3.82 0.55
N VAL A 156 2.03 -2.80 1.29
CA VAL A 156 2.02 -2.88 2.73
C VAL A 156 1.10 -1.81 3.30
N PHE A 157 0.50 -2.11 4.45
CA PHE A 157 -0.41 -1.18 5.10
C PHE A 157 -0.18 -1.17 6.60
N TYR A 158 -0.37 0.01 7.19
CA TYR A 158 -0.19 0.18 8.62
C TYR A 158 -1.54 0.29 9.33
N SER A 159 -1.96 -0.84 9.89
CA SER A 159 -3.23 -0.89 10.60
C SER A 159 -3.19 -1.99 11.66
N LYS A 160 -4.37 -2.32 12.18
CA LYS A 160 -4.48 -3.34 13.20
C LYS A 160 -3.99 -2.78 14.53
N ASN A 161 -3.30 -3.63 15.28
CA ASN A 161 -2.77 -3.24 16.57
C ASN A 161 -1.25 -3.22 16.51
N LYS A 162 -0.72 -2.02 16.34
CA LYS A 162 0.73 -1.84 16.26
C LYS A 162 1.33 -3.00 15.47
N TYR A 163 0.65 -3.37 14.40
CA TYR A 163 1.11 -4.46 13.56
C TYR A 163 1.24 -4.01 12.10
N TYR A 164 2.27 -4.53 11.45
CA TYR A 164 2.52 -4.19 10.06
C TYR A 164 2.37 -5.42 9.16
N TYR A 165 1.43 -5.32 8.23
CA TYR A 165 1.17 -6.41 7.30
C TYR A 165 1.87 -6.17 5.97
N PHE A 166 2.79 -7.06 5.65
CA PHE A 166 3.53 -6.95 4.40
C PHE A 166 3.14 -8.07 3.43
N PHE A 167 2.84 -7.67 2.21
CA PHE A 167 2.44 -8.62 1.18
C PHE A 167 3.53 -8.76 0.11
N GLN A 168 4.16 -9.92 0.11
CA GLN A 168 5.22 -10.19 -0.86
C GLN A 168 5.03 -11.57 -1.48
N GLY A 169 3.98 -11.68 -2.29
CA GLY A 169 3.67 -12.93 -2.96
C GLY A 169 2.32 -13.48 -2.49
N SER A 170 2.39 -14.59 -1.79
CA SER A 170 1.18 -15.23 -1.28
C SER A 170 1.30 -15.45 0.23
N ASN A 171 1.88 -14.46 0.90
CA ASN A 171 2.06 -14.55 2.33
C ASN A 171 2.05 -13.13 2.92
N GLN A 172 1.46 -13.02 4.10
CA GLN A 172 1.36 -11.73 4.78
C GLN A 172 1.99 -11.83 6.17
N PHE A 173 3.17 -11.24 6.30
CA PHE A 173 3.88 -11.25 7.56
C PHE A 173 3.39 -10.11 8.47
N GLU A 174 3.51 -10.35 9.77
CA GLU A 174 3.09 -9.36 10.75
C GLU A 174 4.29 -8.84 11.53
N TYR A 175 4.85 -7.76 11.02
CA TYR A 175 6.01 -7.14 11.66
C TYR A 175 5.59 -6.22 12.80
N ASP A 176 5.96 -6.62 14.01
CA ASP A 176 5.63 -5.84 15.19
C ASP A 176 6.85 -5.04 15.63
N PHE A 177 6.60 -3.80 16.04
CA PHE A 177 7.67 -2.93 16.48
C PHE A 177 8.19 -3.36 17.85
N LEU A 178 7.49 -4.31 18.44
CA LEU A 178 7.88 -4.82 19.75
C LEU A 178 9.39 -5.08 19.77
N LEU A 179 9.88 -5.55 18.63
CA LEU A 179 11.31 -5.84 18.51
C LEU A 179 11.64 -6.10 17.04
N GLN A 180 10.99 -5.34 16.17
CA GLN A 180 11.21 -5.49 14.74
C GLN A 180 11.36 -6.97 14.38
N ARG A 181 10.33 -7.74 14.72
CA ARG A 181 10.33 -9.16 14.43
C ARG A 181 8.92 -9.63 14.09
N ILE A 182 8.84 -10.49 13.08
CA ILE A 182 7.57 -11.03 12.65
C ILE A 182 7.17 -12.19 13.55
N THR A 183 6.13 -11.95 14.34
CA THR A 183 5.63 -12.96 15.26
C THR A 183 4.48 -13.73 14.63
N LYS A 184 3.72 -13.03 13.80
CA LYS A 184 2.57 -13.63 13.14
C LYS A 184 2.84 -13.67 11.63
N THR A 185 2.41 -14.77 11.02
CA THR A 185 2.59 -14.95 9.60
C THR A 185 1.39 -15.70 8.99
N LEU A 186 0.56 -14.94 8.29
CA LEU A 186 -0.62 -15.51 7.67
C LEU A 186 -0.35 -15.74 6.17
N LYS A 187 -1.16 -16.59 5.58
CA LYS A 187 -1.01 -16.91 4.17
C LYS A 187 -2.15 -16.25 3.39
N SER A 188 -1.78 -15.57 2.32
CA SER A 188 -2.76 -14.89 1.48
C SER A 188 -4.04 -15.72 1.40
N ASN A 189 -3.85 -17.03 1.32
CA ASN A 189 -4.98 -17.94 1.23
C ASN A 189 -5.21 -18.58 2.61
N SER A 190 -5.41 -17.72 3.60
CA SER A 190 -5.64 -18.18 4.96
C SER A 190 -6.58 -17.22 5.68
N TRP A 191 -7.78 -17.10 5.14
CA TRP A 191 -8.79 -16.22 5.72
C TRP A 191 -10.11 -16.47 5.01
N PHE A 192 -10.02 -16.59 3.68
CA PHE A 192 -11.20 -16.83 2.87
C PHE A 192 -11.72 -18.26 3.07
N GLY A 193 -10.81 -19.14 3.47
CA GLY A 193 -11.16 -20.53 3.69
C GLY A 193 -10.78 -21.39 2.48
N CYS A 194 -9.51 -21.34 2.14
CA CYS A 194 -9.01 -22.11 1.01
C CYS A 194 -7.66 -22.72 1.41
N MET A 1 -13.41 -14.09 -12.42
CA MET A 1 -12.18 -14.24 -11.66
C MET A 1 -12.12 -15.63 -11.00
N GLU A 2 -12.77 -15.72 -9.86
CA GLU A 2 -12.80 -16.97 -9.12
C GLU A 2 -11.43 -17.65 -9.17
N PRO A 3 -10.50 -17.16 -8.29
CA PRO A 3 -9.16 -17.71 -8.23
C PRO A 3 -9.16 -19.06 -7.53
N ALA A 4 -9.62 -19.05 -6.29
CA ALA A 4 -9.67 -20.27 -5.50
C ALA A 4 -10.25 -19.96 -4.12
N LEU A 5 -9.88 -18.79 -3.62
CA LEU A 5 -10.35 -18.35 -2.31
C LEU A 5 -10.07 -19.46 -1.28
N CYS A 6 -9.10 -20.29 -1.60
CA CYS A 6 -8.72 -21.38 -0.72
C CYS A 6 -7.47 -22.06 -1.30
N ASP A 7 -6.53 -21.23 -1.72
CA ASP A 7 -5.30 -21.74 -2.29
C ASP A 7 -4.30 -20.58 -2.44
N PRO A 8 -3.03 -20.85 -2.02
CA PRO A 8 -2.00 -19.85 -2.11
C PRO A 8 -1.51 -19.68 -3.56
N ASN A 9 -2.39 -19.11 -4.38
CA ASN A 9 -2.06 -18.90 -5.78
C ASN A 9 -2.45 -17.47 -6.17
N LEU A 10 -2.58 -16.63 -5.16
CA LEU A 10 -2.94 -15.24 -5.38
C LEU A 10 -1.72 -14.35 -5.09
N SER A 11 -1.82 -13.11 -5.55
CA SER A 11 -0.74 -12.16 -5.34
C SER A 11 -1.32 -10.76 -5.12
N PHE A 12 -0.42 -9.82 -4.89
CA PHE A 12 -0.82 -8.43 -4.66
C PHE A 12 0.14 -7.46 -5.35
N ASP A 13 -0.26 -6.20 -5.33
CA ASP A 13 0.56 -5.15 -5.95
C ASP A 13 0.49 -3.89 -5.09
N ALA A 14 -0.73 -3.49 -4.78
CA ALA A 14 -0.94 -2.30 -3.97
C ALA A 14 -2.19 -2.49 -3.11
N VAL A 15 -2.04 -2.21 -1.83
CA VAL A 15 -3.14 -2.35 -0.89
C VAL A 15 -3.07 -1.21 0.14
N THR A 16 -4.25 -0.77 0.55
CA THR A 16 -4.34 0.30 1.52
C THR A 16 -5.58 0.13 2.40
N THR A 17 -5.36 0.15 3.70
CA THR A 17 -6.44 -0.01 4.65
C THR A 17 -7.02 1.36 5.04
N VAL A 18 -8.28 1.33 5.46
CA VAL A 18 -8.95 2.55 5.86
C VAL A 18 -9.91 2.25 7.01
N GLY A 19 -9.35 2.21 8.21
CA GLY A 19 -10.14 1.94 9.40
C GLY A 19 -10.27 0.44 9.64
N ASN A 20 -11.46 -0.07 9.37
CA ASN A 20 -11.73 -1.50 9.55
C ASN A 20 -11.97 -2.14 8.18
N LYS A 21 -11.82 -1.33 7.14
CA LYS A 21 -12.02 -1.80 5.78
C LYS A 21 -10.70 -1.80 5.04
N ILE A 22 -10.41 -2.91 4.39
CA ILE A 22 -9.17 -3.04 3.64
C ILE A 22 -9.48 -3.02 2.14
N PHE A 23 -8.80 -2.12 1.45
CA PHE A 23 -9.00 -1.97 0.02
C PHE A 23 -7.83 -2.59 -0.76
N PHE A 24 -7.96 -3.89 -1.03
CA PHE A 24 -6.94 -4.60 -1.76
C PHE A 24 -7.15 -4.49 -3.27
N PHE A 25 -6.09 -4.08 -3.95
CA PHE A 25 -6.15 -3.92 -5.39
C PHE A 25 -5.25 -4.95 -6.10
N LYS A 26 -5.64 -5.28 -7.32
CA LYS A 26 -4.89 -6.25 -8.10
C LYS A 26 -4.94 -5.85 -9.58
N ASP A 27 -3.97 -5.05 -9.98
CA ASP A 27 -3.90 -4.59 -11.35
C ASP A 27 -5.13 -3.73 -11.67
N ARG A 28 -6.19 -4.40 -12.04
CA ARG A 28 -7.43 -3.72 -12.38
C ARG A 28 -8.57 -4.19 -11.47
N PHE A 29 -8.44 -5.44 -11.03
CA PHE A 29 -9.44 -6.03 -10.15
C PHE A 29 -9.07 -5.85 -8.68
N PHE A 30 -10.09 -5.75 -7.85
CA PHE A 30 -9.87 -5.57 -6.42
C PHE A 30 -10.81 -6.48 -5.62
N TRP A 31 -10.43 -6.69 -4.37
CA TRP A 31 -11.23 -7.53 -3.48
C TRP A 31 -11.30 -6.85 -2.11
N LEU A 32 -12.51 -6.69 -1.63
CA LEU A 32 -12.73 -6.06 -0.34
C LEU A 32 -13.54 -6.99 0.56
N LYS A 33 -12.98 -7.26 1.74
CA LYS A 33 -13.64 -8.14 2.70
C LYS A 33 -12.91 -8.06 4.04
N VAL A 34 -13.69 -7.99 5.09
CA VAL A 34 -13.14 -7.91 6.43
C VAL A 34 -14.27 -7.90 7.46
N SER A 35 -14.91 -6.75 7.59
CA SER A 35 -16.01 -6.60 8.53
C SER A 35 -16.73 -7.94 8.71
N GLU A 36 -17.73 -8.15 7.86
CA GLU A 36 -18.51 -9.38 7.91
C GLU A 36 -18.30 -10.20 6.64
N ARG A 37 -18.02 -9.47 5.56
CA ARG A 37 -17.80 -10.12 4.27
C ARG A 37 -16.99 -11.40 4.46
N PRO A 38 -17.73 -12.55 4.42
CA PRO A 38 -17.08 -13.85 4.59
C PRO A 38 -16.33 -14.26 3.32
N LYS A 39 -16.77 -13.69 2.20
CA LYS A 39 -16.15 -13.98 0.92
C LYS A 39 -15.72 -12.67 0.26
N THR A 40 -14.62 -12.74 -0.47
CA THR A 40 -14.09 -11.58 -1.17
C THR A 40 -14.95 -11.25 -2.39
N SER A 41 -15.21 -9.96 -2.57
CA SER A 41 -16.01 -9.51 -3.69
C SER A 41 -15.14 -9.43 -4.95
N VAL A 42 -15.83 -9.39 -6.10
CA VAL A 42 -15.13 -9.32 -7.37
C VAL A 42 -15.76 -8.22 -8.22
N ASN A 43 -15.01 -7.14 -8.40
CA ASN A 43 -15.49 -6.02 -9.19
C ASN A 43 -14.29 -5.27 -9.77
N LEU A 44 -14.60 -4.27 -10.58
CA LEU A 44 -13.56 -3.47 -11.21
C LEU A 44 -13.54 -2.07 -10.57
N ILE A 45 -12.39 -1.42 -10.70
CA ILE A 45 -12.22 -0.09 -10.13
C ILE A 45 -13.24 0.86 -10.78
N SER A 46 -12.99 1.16 -12.04
CA SER A 46 -13.88 2.06 -12.78
C SER A 46 -15.34 1.74 -12.46
N SER A 47 -15.65 0.46 -12.52
CA SER A 47 -17.01 0.01 -12.25
C SER A 47 -17.57 0.78 -11.05
N LEU A 48 -16.71 1.07 -10.10
CA LEU A 48 -17.11 1.80 -8.91
C LEU A 48 -16.63 3.25 -9.02
N TRP A 49 -15.39 3.47 -8.59
CA TRP A 49 -14.81 4.80 -8.65
C TRP A 49 -15.17 5.42 -9.99
N PRO A 50 -15.22 6.78 -10.00
CA PRO A 50 -15.54 7.51 -11.23
C PRO A 50 -14.36 7.51 -12.19
N THR A 51 -13.33 8.23 -11.81
CA THR A 51 -12.13 8.33 -12.63
C THR A 51 -10.88 8.01 -11.81
N LEU A 52 -10.45 6.76 -11.89
CA LEU A 52 -9.28 6.32 -11.16
C LEU A 52 -8.37 5.52 -12.10
N PRO A 53 -7.04 5.74 -11.95
CA PRO A 53 -6.06 5.05 -12.77
C PRO A 53 -5.90 3.60 -12.32
N SER A 54 -6.22 2.69 -13.23
CA SER A 54 -6.12 1.27 -12.95
C SER A 54 -4.65 0.88 -12.79
N GLY A 55 -4.43 -0.11 -11.94
CA GLY A 55 -3.08 -0.59 -11.68
C GLY A 55 -2.31 0.38 -10.80
N ILE A 56 -2.93 0.76 -9.68
CA ILE A 56 -2.31 1.68 -8.75
C ILE A 56 -0.90 1.19 -8.42
N GLU A 57 0.03 2.15 -8.40
CA GLU A 57 1.41 1.82 -8.10
C GLU A 57 1.62 1.68 -6.59
N ALA A 58 0.84 2.46 -5.84
CA ALA A 58 0.93 2.43 -4.40
C ALA A 58 -0.12 3.38 -3.82
N ALA A 59 -0.68 2.97 -2.68
CA ALA A 59 -1.69 3.78 -2.02
C ALA A 59 -1.16 4.23 -0.66
N TYR A 60 -1.20 5.54 -0.44
CA TYR A 60 -0.73 6.11 0.80
C TYR A 60 -1.65 7.23 1.28
N GLU A 61 -2.46 6.91 2.27
CA GLU A 61 -3.40 7.87 2.83
C GLU A 61 -3.86 7.44 4.22
N ILE A 62 -4.78 8.22 4.78
CA ILE A 62 -5.30 7.92 6.10
C ILE A 62 -6.83 8.05 6.07
N GLU A 63 -7.45 7.45 7.08
CA GLU A 63 -8.90 7.50 7.19
C GLU A 63 -9.34 8.74 7.97
N ALA A 64 -8.54 9.08 8.96
CA ALA A 64 -8.83 10.24 9.79
C ALA A 64 -9.17 11.44 8.89
N ARG A 65 -8.62 11.40 7.69
CA ARG A 65 -8.84 12.47 6.72
C ARG A 65 -9.99 12.10 5.79
N ASN A 66 -10.22 10.80 5.66
CA ASN A 66 -11.28 10.30 4.80
C ASN A 66 -10.90 10.54 3.35
N GLN A 67 -9.62 10.33 3.05
CA GLN A 67 -9.12 10.52 1.71
C GLN A 67 -8.02 9.49 1.40
N VAL A 68 -8.00 9.05 0.16
CA VAL A 68 -7.01 8.08 -0.27
C VAL A 68 -6.29 8.60 -1.52
N PHE A 69 -4.97 8.67 -1.42
CA PHE A 69 -4.17 9.15 -2.53
C PHE A 69 -3.57 7.98 -3.32
N LEU A 70 -4.18 7.73 -4.48
CA LEU A 70 -3.73 6.64 -5.33
C LEU A 70 -2.62 7.15 -6.26
N PHE A 71 -1.57 6.35 -6.38
CA PHE A 71 -0.46 6.72 -7.23
C PHE A 71 -0.47 5.91 -8.53
N LYS A 72 0.03 6.53 -9.59
CA LYS A 72 0.08 5.89 -10.89
C LYS A 72 0.98 6.70 -11.82
N ASP A 73 1.99 6.03 -12.36
CA ASP A 73 2.92 6.67 -13.26
C ASP A 73 3.50 7.91 -12.59
N ASP A 74 3.87 8.88 -13.43
CA ASP A 74 4.43 10.12 -12.93
C ASP A 74 3.31 11.11 -12.64
N LYS A 75 2.24 10.59 -12.04
CA LYS A 75 1.09 11.42 -11.71
C LYS A 75 0.33 10.77 -10.55
N TYR A 76 -0.41 11.59 -9.83
CA TYR A 76 -1.19 11.12 -8.71
C TYR A 76 -2.50 11.89 -8.58
N TRP A 77 -3.60 11.16 -8.46
CA TRP A 77 -4.90 11.77 -8.32
C TRP A 77 -5.18 11.97 -6.84
N LEU A 78 -6.22 12.73 -6.55
CA LEU A 78 -6.61 13.01 -5.18
C LEU A 78 -8.11 12.77 -5.02
N ILE A 79 -8.43 11.79 -4.18
CA ILE A 79 -9.82 11.46 -3.93
C ILE A 79 -10.31 12.22 -2.70
N SER A 80 -11.40 12.96 -2.90
CA SER A 80 -11.98 13.74 -1.81
C SER A 80 -13.45 13.35 -1.62
N ASN A 81 -13.70 12.68 -0.51
CA ASN A 81 -15.06 12.25 -0.19
C ASN A 81 -15.59 11.38 -1.32
N LEU A 82 -14.77 10.42 -1.73
CA LEU A 82 -15.14 9.52 -2.81
C LEU A 82 -15.36 10.32 -4.09
N ARG A 83 -14.60 11.40 -4.21
CA ARG A 83 -14.69 12.25 -5.39
C ARG A 83 -13.31 12.73 -5.80
N PRO A 84 -12.74 12.06 -6.84
CA PRO A 84 -11.43 12.41 -7.34
C PRO A 84 -11.48 13.69 -8.17
N GLU A 85 -10.77 14.70 -7.69
CA GLU A 85 -10.74 15.99 -8.37
C GLU A 85 -10.61 15.78 -9.88
N PRO A 86 -11.56 16.39 -10.63
CA PRO A 86 -11.56 16.29 -12.07
C PRO A 86 -10.47 17.16 -12.69
N ASN A 87 -9.73 16.57 -13.63
CA ASN A 87 -8.66 17.29 -14.29
C ASN A 87 -7.61 17.71 -13.26
N TYR A 88 -7.07 16.71 -12.57
CA TYR A 88 -6.06 16.96 -11.56
C TYR A 88 -4.91 15.97 -11.69
N PRO A 89 -4.28 15.96 -12.90
CA PRO A 89 -3.17 15.07 -13.17
C PRO A 89 -1.89 15.57 -12.47
N LYS A 90 -2.02 15.80 -11.18
CA LYS A 90 -0.89 16.27 -10.40
C LYS A 90 0.30 15.34 -10.61
N SER A 91 1.49 15.92 -10.55
CA SER A 91 2.71 15.16 -10.73
C SER A 91 3.61 15.30 -9.49
N ILE A 92 3.95 14.15 -8.93
CA ILE A 92 4.80 14.13 -7.75
C ILE A 92 5.94 15.14 -7.92
N HIS A 93 6.39 15.27 -9.16
CA HIS A 93 7.47 16.20 -9.47
C HIS A 93 7.24 17.51 -8.72
N SER A 94 5.98 17.80 -8.47
CA SER A 94 5.61 19.03 -7.78
C SER A 94 6.42 19.15 -6.48
N PHE A 95 6.90 18.00 -6.02
CA PHE A 95 7.70 17.97 -4.80
C PHE A 95 8.01 16.53 -4.39
N GLY A 96 8.58 15.79 -5.33
CA GLY A 96 8.93 14.40 -5.07
C GLY A 96 9.94 13.90 -6.10
N PHE A 97 9.48 13.77 -7.33
CA PHE A 97 10.33 13.30 -8.40
C PHE A 97 11.77 13.81 -8.23
N PRO A 98 12.61 12.92 -7.62
CA PRO A 98 14.00 13.27 -7.39
C PRO A 98 14.81 13.20 -8.69
N ASN A 99 14.84 12.01 -9.27
CA ASN A 99 15.58 11.80 -10.51
C ASN A 99 14.62 11.27 -11.58
N PHE A 100 14.26 10.00 -11.42
CA PHE A 100 13.35 9.35 -12.36
C PHE A 100 12.40 8.41 -11.63
N VAL A 101 11.72 8.95 -10.64
CA VAL A 101 10.78 8.17 -9.86
C VAL A 101 9.37 8.35 -10.44
N LYS A 102 8.96 7.38 -11.24
CA LYS A 102 7.64 7.42 -11.85
C LYS A 102 6.94 6.09 -11.61
N LYS A 103 7.25 5.48 -10.49
CA LYS A 103 6.65 4.20 -10.14
C LYS A 103 7.11 3.80 -8.74
N ILE A 104 6.17 3.84 -7.81
CA ILE A 104 6.46 3.48 -6.43
C ILE A 104 6.04 2.02 -6.19
N ASP A 105 6.76 1.39 -5.27
CA ASP A 105 6.49 0.01 -4.94
C ASP A 105 5.36 -0.06 -3.91
N ALA A 106 5.56 0.66 -2.81
CA ALA A 106 4.58 0.70 -1.74
C ALA A 106 4.82 1.95 -0.89
N ALA A 107 3.80 2.27 -0.08
CA ALA A 107 3.89 3.43 0.80
C ALA A 107 2.94 3.25 1.97
N VAL A 108 3.46 3.45 3.17
CA VAL A 108 2.67 3.30 4.37
C VAL A 108 2.90 4.52 5.28
N PHE A 109 2.08 4.61 6.31
CA PHE A 109 2.18 5.72 7.25
C PHE A 109 2.11 5.21 8.70
N ASN A 110 3.14 5.55 9.45
CA ASN A 110 3.22 5.15 10.84
C ASN A 110 2.84 6.33 11.74
N PRO A 111 1.76 6.14 12.53
CA PRO A 111 1.29 7.18 13.43
C PRO A 111 2.21 7.30 14.66
N ARG A 112 2.96 6.23 14.90
CA ARG A 112 3.87 6.20 16.03
C ARG A 112 5.19 6.92 15.67
N PHE A 113 5.50 6.88 14.39
CA PHE A 113 6.72 7.50 13.89
C PHE A 113 6.40 8.77 13.10
N TYR A 114 5.10 9.04 12.98
CA TYR A 114 4.66 10.22 12.24
C TYR A 114 5.49 10.44 10.99
N ARG A 115 5.74 9.35 10.28
CA ARG A 115 6.53 9.40 9.05
C ARG A 115 6.03 8.35 8.06
N THR A 116 6.03 8.75 6.79
CA THR A 116 5.58 7.86 5.74
C THR A 116 6.78 7.33 4.94
N TYR A 117 6.98 6.02 5.04
CA TYR A 117 8.09 5.38 4.34
C TYR A 117 7.75 5.16 2.86
N PHE A 118 8.66 5.59 2.01
CA PHE A 118 8.49 5.45 0.58
C PHE A 118 9.39 4.36 0.01
N PHE A 119 8.77 3.25 -0.38
CA PHE A 119 9.50 2.13 -0.94
C PHE A 119 9.58 2.24 -2.47
N VAL A 120 10.80 2.43 -2.95
CA VAL A 120 11.03 2.56 -4.38
C VAL A 120 12.28 1.76 -4.75
N ASP A 121 12.11 0.88 -5.72
CA ASP A 121 13.23 0.05 -6.19
C ASP A 121 13.87 -0.64 -4.98
N ASN A 122 15.16 -0.93 -5.13
CA ASN A 122 15.90 -1.59 -4.07
C ASN A 122 16.46 -0.54 -3.11
N GLN A 123 15.59 0.39 -2.74
CA GLN A 123 15.98 1.45 -1.83
C GLN A 123 14.82 1.83 -0.91
N TYR A 124 15.15 2.55 0.14
CA TYR A 124 14.14 2.98 1.10
C TYR A 124 14.20 4.50 1.32
N TRP A 125 13.03 5.12 1.28
CA TRP A 125 12.93 6.55 1.48
C TRP A 125 12.12 6.81 2.74
N ARG A 126 12.13 8.06 3.17
CA ARG A 126 11.40 8.45 4.36
C ARG A 126 11.01 9.92 4.29
N TYR A 127 9.72 10.17 4.25
CA TYR A 127 9.21 11.53 4.18
C TYR A 127 8.74 12.01 5.55
N ASP A 128 9.29 13.14 5.97
CA ASP A 128 8.95 13.73 7.25
C ASP A 128 7.54 14.30 7.18
N GLU A 129 6.70 13.85 8.12
CA GLU A 129 5.33 14.32 8.17
C GLU A 129 5.20 15.50 9.13
N ARG A 130 5.75 15.32 10.32
CA ARG A 130 5.71 16.36 11.34
C ARG A 130 6.53 17.57 10.88
N ARG A 131 7.48 17.32 9.99
CA ARG A 131 8.32 18.37 9.47
C ARG A 131 7.80 18.85 8.12
N GLN A 132 7.39 17.90 7.30
CA GLN A 132 6.87 18.22 5.98
C GLN A 132 8.01 18.43 4.99
N MET A 133 9.10 17.72 5.24
CA MET A 133 10.27 17.82 4.38
C MET A 133 10.86 16.43 4.09
N MET A 134 10.62 15.96 2.88
CA MET A 134 11.12 14.67 2.46
C MET A 134 12.65 14.65 2.45
N ASP A 135 13.21 13.48 2.77
CA ASP A 135 14.64 13.32 2.79
C ASP A 135 15.08 12.54 1.54
N PRO A 136 15.73 13.28 0.60
CA PRO A 136 16.21 12.66 -0.63
C PRO A 136 17.46 11.82 -0.38
N GLY A 137 18.41 12.42 0.33
CA GLY A 137 19.65 11.74 0.64
C GLY A 137 19.46 10.75 1.78
N TYR A 138 18.50 9.85 1.59
CA TYR A 138 18.21 8.84 2.59
C TYR A 138 18.07 7.46 1.95
N PRO A 139 19.20 6.99 1.34
CA PRO A 139 19.22 5.68 0.69
C PRO A 139 19.26 4.56 1.72
N LYS A 140 18.15 4.39 2.42
CA LYS A 140 18.05 3.35 3.44
C LYS A 140 17.83 2.00 2.75
N LEU A 141 17.72 0.97 3.59
CA LEU A 141 17.51 -0.38 3.08
C LEU A 141 16.23 -0.94 3.70
N ILE A 142 15.36 -1.45 2.83
CA ILE A 142 14.10 -2.02 3.27
C ILE A 142 14.39 -3.14 4.27
N THR A 143 15.25 -4.06 3.86
CA THR A 143 15.62 -5.18 4.71
C THR A 143 16.22 -4.69 6.03
N LYS A 144 17.25 -3.86 5.90
CA LYS A 144 17.93 -3.31 7.06
C LYS A 144 16.88 -2.73 8.02
N ASN A 145 16.04 -1.87 7.47
CA ASN A 145 15.00 -1.24 8.27
C ASN A 145 14.17 -2.32 8.96
N PHE A 146 13.76 -3.31 8.18
CA PHE A 146 12.96 -4.40 8.71
C PHE A 146 13.46 -5.75 8.17
N GLN A 147 14.24 -6.43 8.99
CA GLN A 147 14.78 -7.72 8.62
C GLN A 147 13.71 -8.81 8.73
N GLY A 148 13.31 -9.33 7.58
CA GLY A 148 12.29 -10.37 7.54
C GLY A 148 11.35 -10.16 6.35
N ILE A 149 11.31 -8.93 5.88
CA ILE A 149 10.46 -8.59 4.75
C ILE A 149 11.28 -8.65 3.46
N GLY A 150 12.56 -8.33 3.60
CA GLY A 150 13.46 -8.35 2.46
C GLY A 150 13.72 -6.92 1.95
N PRO A 151 14.81 -6.80 1.13
CA PRO A 151 15.18 -5.50 0.57
C PRO A 151 14.23 -5.11 -0.56
N LYS A 152 13.29 -6.01 -0.85
CA LYS A 152 12.33 -5.76 -1.90
C LYS A 152 10.91 -5.93 -1.34
N ILE A 153 10.04 -5.01 -1.72
CA ILE A 153 8.66 -5.04 -1.26
C ILE A 153 7.73 -4.79 -2.45
N ASP A 154 6.50 -5.23 -2.29
CA ASP A 154 5.50 -5.05 -3.34
C ASP A 154 4.39 -4.13 -2.84
N ALA A 155 3.75 -4.56 -1.76
CA ALA A 155 2.67 -3.79 -1.18
C ALA A 155 2.82 -3.79 0.34
N VAL A 156 2.39 -2.69 0.95
CA VAL A 156 2.46 -2.55 2.39
C VAL A 156 1.21 -1.84 2.90
N PHE A 157 0.61 -2.43 3.93
CA PHE A 157 -0.60 -1.87 4.52
C PHE A 157 -0.62 -2.11 6.03
N TYR A 158 -0.74 -1.00 6.77
CA TYR A 158 -0.77 -1.08 8.22
C TYR A 158 -2.21 -1.21 8.72
N SER A 159 -2.58 -2.44 9.05
CA SER A 159 -3.92 -2.72 9.54
C SER A 159 -3.86 -3.76 10.65
N LYS A 160 -3.92 -3.29 11.89
CA LYS A 160 -3.88 -4.16 13.04
C LYS A 160 -3.87 -3.32 14.32
N ASN A 161 -3.42 -3.96 15.40
CA ASN A 161 -3.36 -3.28 16.68
C ASN A 161 -1.97 -2.68 16.87
N LYS A 162 -0.97 -3.40 16.35
CA LYS A 162 0.41 -2.95 16.45
C LYS A 162 1.30 -3.88 15.63
N TYR A 163 0.93 -4.04 14.37
CA TYR A 163 1.70 -4.89 13.48
C TYR A 163 1.73 -4.32 12.06
N TYR A 164 2.66 -4.84 11.27
CA TYR A 164 2.81 -4.38 9.90
C TYR A 164 2.83 -5.56 8.93
N TYR A 165 1.97 -5.47 7.92
CA TYR A 165 1.88 -6.52 6.93
C TYR A 165 2.55 -6.11 5.62
N PHE A 166 3.05 -7.10 4.90
CA PHE A 166 3.71 -6.83 3.63
C PHE A 166 3.46 -7.98 2.65
N PHE A 167 3.30 -7.61 1.38
CA PHE A 167 3.06 -8.58 0.34
C PHE A 167 4.20 -8.60 -0.68
N GLN A 168 4.94 -9.69 -0.68
CA GLN A 168 6.06 -9.84 -1.59
C GLN A 168 5.99 -11.19 -2.32
N GLY A 169 4.91 -11.35 -3.08
CA GLY A 169 4.70 -12.58 -3.82
C GLY A 169 3.91 -13.59 -3.00
N SER A 170 2.60 -13.39 -2.98
CA SER A 170 1.71 -14.26 -2.24
C SER A 170 2.33 -14.61 -0.88
N ASN A 171 2.67 -13.56 -0.13
CA ASN A 171 3.28 -13.75 1.17
C ASN A 171 2.78 -12.64 2.12
N GLN A 172 1.97 -13.04 3.08
CA GLN A 172 1.43 -12.10 4.05
C GLN A 172 2.20 -12.18 5.36
N PHE A 173 3.39 -11.57 5.36
CA PHE A 173 4.23 -11.58 6.54
C PHE A 173 3.79 -10.49 7.52
N GLU A 174 3.94 -10.80 8.80
CA GLU A 174 3.56 -9.86 9.85
C GLU A 174 4.77 -9.57 10.75
N TYR A 175 4.91 -8.29 11.08
CA TYR A 175 6.01 -7.87 11.93
C TYR A 175 5.49 -7.32 13.26
N ASP A 176 6.07 -7.83 14.34
CA ASP A 176 5.67 -7.41 15.68
C ASP A 176 6.81 -6.59 16.30
N PHE A 177 6.53 -5.31 16.52
CA PHE A 177 7.51 -4.42 17.12
C PHE A 177 7.84 -4.84 18.54
N LEU A 178 6.95 -5.64 19.12
CA LEU A 178 7.13 -6.12 20.48
C LEU A 178 8.59 -6.54 20.67
N LEU A 179 9.12 -7.20 19.66
CA LEU A 179 10.50 -7.66 19.70
C LEU A 179 10.90 -8.17 18.32
N GLN A 180 10.52 -7.41 17.31
CA GLN A 180 10.83 -7.77 15.94
C GLN A 180 10.74 -9.29 15.75
N ARG A 181 9.52 -9.79 15.92
CA ARG A 181 9.28 -11.22 15.76
C ARG A 181 8.17 -11.46 14.75
N ILE A 182 8.56 -12.01 13.60
CA ILE A 182 7.61 -12.31 12.54
C ILE A 182 7.03 -13.70 12.75
N THR A 183 5.89 -13.74 13.43
CA THR A 183 5.22 -15.01 13.70
C THR A 183 3.97 -15.15 12.83
N LYS A 184 4.15 -14.83 11.55
CA LYS A 184 3.05 -14.92 10.60
C LYS A 184 3.61 -15.11 9.19
N THR A 185 4.08 -16.32 8.94
CA THR A 185 4.65 -16.64 7.63
C THR A 185 3.69 -17.52 6.84
N LEU A 186 2.65 -16.88 6.32
CA LEU A 186 1.65 -17.60 5.53
C LEU A 186 1.45 -16.88 4.20
N LYS A 187 0.55 -17.44 3.39
CA LYS A 187 0.25 -16.86 2.09
C LYS A 187 -0.87 -15.85 2.23
N SER A 188 -1.08 -15.09 1.16
CA SER A 188 -2.12 -14.08 1.16
C SER A 188 -3.41 -14.64 1.79
N ASN A 189 -3.56 -15.95 1.66
CA ASN A 189 -4.73 -16.61 2.21
C ASN A 189 -5.09 -15.98 3.56
N SER A 190 -4.06 -15.56 4.28
CA SER A 190 -4.25 -14.94 5.58
C SER A 190 -5.43 -13.95 5.51
N TRP A 191 -5.40 -13.13 4.47
CA TRP A 191 -6.45 -12.13 4.27
C TRP A 191 -7.51 -12.74 3.36
N PHE A 192 -7.88 -13.97 3.68
CA PHE A 192 -8.89 -14.68 2.90
C PHE A 192 -9.50 -15.82 3.71
N GLY A 193 -8.64 -16.52 4.42
CA GLY A 193 -9.09 -17.65 5.23
C GLY A 193 -8.61 -18.98 4.64
N CYS A 194 -7.34 -19.28 4.87
CA CYS A 194 -6.76 -20.51 4.37
C CYS A 194 -5.27 -20.51 4.71
N MET A 1 -3.19 -14.05 -15.00
CA MET A 1 -3.15 -13.81 -13.57
C MET A 1 -4.54 -13.96 -12.95
N GLU A 2 -5.01 -15.19 -12.92
CA GLU A 2 -6.33 -15.47 -12.37
C GLU A 2 -6.26 -15.54 -10.84
N PRO A 3 -7.45 -15.44 -10.20
CA PRO A 3 -7.54 -15.49 -8.74
C PRO A 3 -7.34 -16.92 -8.23
N ALA A 4 -7.34 -17.04 -6.91
CA ALA A 4 -7.16 -18.34 -6.29
C ALA A 4 -7.18 -18.17 -4.76
N LEU A 5 -8.33 -18.49 -4.17
CA LEU A 5 -8.48 -18.38 -2.73
C LEU A 5 -8.34 -19.77 -2.10
N CYS A 6 -7.08 -20.19 -2.00
CA CYS A 6 -6.80 -21.50 -1.42
C CYS A 6 -5.29 -21.77 -1.57
N ASP A 7 -4.91 -22.09 -2.80
CA ASP A 7 -3.52 -22.38 -3.09
C ASP A 7 -2.70 -21.09 -2.97
N PRO A 8 -1.57 -21.20 -2.23
CA PRO A 8 -0.70 -20.06 -2.02
C PRO A 8 0.13 -19.76 -3.27
N ASN A 9 -0.49 -19.01 -4.18
CA ASN A 9 0.16 -18.66 -5.42
C ASN A 9 -0.47 -17.36 -5.97
N LEU A 10 -1.00 -16.58 -5.05
CA LEU A 10 -1.63 -15.32 -5.42
C LEU A 10 -0.69 -14.16 -5.09
N SER A 11 -0.96 -13.02 -5.70
CA SER A 11 -0.14 -11.84 -5.47
C SER A 11 -1.02 -10.59 -5.50
N PHE A 12 -0.47 -9.50 -4.97
CA PHE A 12 -1.19 -8.25 -4.94
C PHE A 12 -0.31 -7.09 -5.43
N ASP A 13 -0.96 -6.04 -5.88
CA ASP A 13 -0.25 -4.87 -6.38
C ASP A 13 -0.19 -3.81 -5.28
N ALA A 14 -1.33 -3.57 -4.67
CA ALA A 14 -1.42 -2.59 -3.60
C ALA A 14 -2.41 -3.07 -2.54
N VAL A 15 -2.22 -2.58 -1.33
CA VAL A 15 -3.08 -2.96 -0.22
C VAL A 15 -3.31 -1.73 0.67
N THR A 16 -4.59 -1.50 0.96
CA THR A 16 -4.96 -0.37 1.80
C THR A 16 -6.31 -0.63 2.48
N THR A 17 -6.33 -0.42 3.79
CA THR A 17 -7.53 -0.64 4.56
C THR A 17 -8.09 0.70 5.05
N VAL A 18 -9.39 0.70 5.33
CA VAL A 18 -10.06 1.89 5.81
C VAL A 18 -11.06 1.51 6.91
N GLY A 19 -10.58 1.60 8.15
CA GLY A 19 -11.40 1.28 9.29
C GLY A 19 -11.44 -0.24 9.53
N ASN A 20 -12.63 -0.80 9.38
CA ASN A 20 -12.81 -2.23 9.57
C ASN A 20 -12.98 -2.91 8.22
N LYS A 21 -12.76 -2.13 7.16
CA LYS A 21 -12.89 -2.64 5.81
C LYS A 21 -11.51 -2.64 5.14
N ILE A 22 -11.27 -3.69 4.36
CA ILE A 22 -10.01 -3.82 3.65
C ILE A 22 -10.28 -3.87 2.14
N PHE A 23 -9.40 -3.20 1.40
CA PHE A 23 -9.54 -3.16 -0.04
C PHE A 23 -8.22 -3.54 -0.73
N PHE A 24 -8.35 -4.34 -1.78
CA PHE A 24 -7.18 -4.79 -2.53
C PHE A 24 -7.37 -4.58 -4.03
N PHE A 25 -6.51 -3.76 -4.59
CA PHE A 25 -6.58 -3.47 -6.02
C PHE A 25 -5.74 -4.47 -6.82
N LYS A 26 -6.23 -4.78 -8.01
CA LYS A 26 -5.55 -5.72 -8.88
C LYS A 26 -5.91 -5.43 -10.33
N ASP A 27 -5.39 -4.32 -10.83
CA ASP A 27 -5.66 -3.91 -12.20
C ASP A 27 -7.14 -4.09 -12.50
N ARG A 28 -7.93 -3.09 -12.15
CA ARG A 28 -9.35 -3.13 -12.37
C ARG A 28 -10.03 -4.03 -11.34
N PHE A 29 -9.57 -5.28 -11.31
CA PHE A 29 -10.11 -6.25 -10.39
C PHE A 29 -9.53 -6.07 -8.98
N PHE A 30 -10.42 -5.86 -8.03
CA PHE A 30 -10.01 -5.67 -6.65
C PHE A 30 -10.65 -6.72 -5.74
N TRP A 31 -9.84 -7.23 -4.82
CA TRP A 31 -10.31 -8.23 -3.88
C TRP A 31 -10.87 -7.51 -2.65
N LEU A 32 -12.09 -7.85 -2.30
CA LEU A 32 -12.75 -7.25 -1.15
C LEU A 32 -12.99 -8.32 -0.09
N LYS A 33 -12.38 -8.10 1.07
CA LYS A 33 -12.53 -9.04 2.18
C LYS A 33 -12.74 -8.25 3.48
N VAL A 34 -14.01 -8.00 3.78
CA VAL A 34 -14.36 -7.27 4.98
C VAL A 34 -15.12 -8.20 5.93
N SER A 35 -15.32 -7.71 7.15
CA SER A 35 -16.03 -8.48 8.16
C SER A 35 -17.43 -8.83 7.66
N GLU A 36 -17.83 -10.05 7.95
CA GLU A 36 -19.15 -10.52 7.53
C GLU A 36 -19.19 -10.71 6.02
N ARG A 37 -18.06 -11.10 5.47
CA ARG A 37 -17.95 -11.32 4.04
C ARG A 37 -17.89 -12.82 3.73
N PRO A 38 -18.74 -13.25 2.75
CA PRO A 38 -18.79 -14.64 2.37
C PRO A 38 -17.58 -15.01 1.51
N LYS A 39 -17.25 -14.12 0.58
CA LYS A 39 -16.12 -14.34 -0.30
C LYS A 39 -15.66 -13.01 -0.89
N THR A 40 -14.54 -13.05 -1.58
CA THR A 40 -14.00 -11.86 -2.21
C THR A 40 -14.44 -11.76 -3.67
N SER A 41 -14.94 -10.58 -4.02
CA SER A 41 -15.41 -10.35 -5.38
C SER A 41 -14.25 -9.84 -6.26
N VAL A 42 -14.55 -9.67 -7.54
CA VAL A 42 -13.55 -9.19 -8.48
C VAL A 42 -14.21 -8.23 -9.47
N ASN A 43 -14.75 -7.15 -8.93
CA ASN A 43 -15.42 -6.16 -9.76
C ASN A 43 -14.42 -5.05 -10.11
N LEU A 44 -14.87 -4.14 -10.96
CA LEU A 44 -14.03 -3.03 -11.39
C LEU A 44 -14.21 -1.86 -10.41
N ILE A 45 -13.10 -1.19 -10.13
CA ILE A 45 -13.12 -0.06 -9.22
C ILE A 45 -13.86 1.11 -9.90
N SER A 46 -13.44 1.41 -11.11
CA SER A 46 -14.04 2.49 -11.87
C SER A 46 -15.55 2.53 -11.61
N SER A 47 -16.13 1.34 -11.50
CA SER A 47 -17.56 1.23 -11.26
C SER A 47 -18.00 2.28 -10.23
N LEU A 48 -17.06 2.65 -9.37
CA LEU A 48 -17.34 3.63 -8.34
C LEU A 48 -16.52 4.90 -8.62
N TRP A 49 -15.23 4.79 -8.37
CA TRP A 49 -14.33 5.92 -8.58
C TRP A 49 -14.55 6.43 -10.01
N PRO A 50 -14.54 7.79 -10.13
CA PRO A 50 -14.74 8.41 -11.43
C PRO A 50 -13.48 8.29 -12.29
N THR A 51 -12.59 9.25 -12.13
CA THR A 51 -11.35 9.26 -12.89
C THR A 51 -10.21 8.67 -12.05
N LEU A 52 -10.06 7.36 -12.16
CA LEU A 52 -9.01 6.67 -11.43
C LEU A 52 -8.40 5.58 -12.32
N PRO A 53 -7.18 5.13 -11.90
CA PRO A 53 -6.48 4.10 -12.65
C PRO A 53 -7.12 2.72 -12.43
N SER A 54 -7.47 2.47 -11.18
CA SER A 54 -8.09 1.20 -10.81
C SER A 54 -7.03 0.12 -10.67
N GLY A 55 -5.78 0.53 -10.87
CA GLY A 55 -4.66 -0.39 -10.77
C GLY A 55 -3.47 0.27 -10.08
N ILE A 56 -3.71 0.76 -8.88
CA ILE A 56 -2.67 1.41 -8.10
C ILE A 56 -1.63 0.38 -7.67
N GLU A 57 -0.39 0.83 -7.54
CA GLU A 57 0.68 -0.05 -7.13
C GLU A 57 1.10 0.27 -5.69
N ALA A 58 0.77 1.47 -5.26
CA ALA A 58 1.09 1.90 -3.91
C ALA A 58 -0.07 2.73 -3.35
N ALA A 59 -0.74 2.16 -2.36
CA ALA A 59 -1.86 2.83 -1.73
C ALA A 59 -1.58 3.01 -0.24
N TYR A 60 -1.89 4.20 0.26
CA TYR A 60 -1.67 4.51 1.65
C TYR A 60 -2.94 5.05 2.31
N GLU A 61 -2.88 5.20 3.62
CA GLU A 61 -4.03 5.71 4.37
C GLU A 61 -3.55 6.52 5.57
N ILE A 62 -4.46 7.36 6.08
CA ILE A 62 -4.14 8.19 7.21
C ILE A 62 -5.43 8.50 7.98
N GLU A 63 -5.62 7.77 9.07
CA GLU A 63 -6.79 7.95 9.90
C GLU A 63 -6.72 9.28 10.66
N ALA A 64 -5.52 9.85 10.68
CA ALA A 64 -5.29 11.11 11.35
C ALA A 64 -6.01 12.22 10.59
N ARG A 65 -5.75 12.28 9.30
CA ARG A 65 -6.36 13.28 8.45
C ARG A 65 -7.70 12.78 7.90
N ASN A 66 -7.75 11.47 7.69
CA ASN A 66 -8.96 10.85 7.16
C ASN A 66 -9.03 11.07 5.65
N GLN A 67 -7.95 10.71 4.98
CA GLN A 67 -7.87 10.86 3.54
C GLN A 67 -7.15 9.66 2.92
N VAL A 68 -7.55 9.33 1.71
CA VAL A 68 -6.95 8.21 1.00
C VAL A 68 -6.25 8.73 -0.26
N PHE A 69 -5.08 8.16 -0.52
CA PHE A 69 -4.31 8.56 -1.68
C PHE A 69 -4.02 7.36 -2.59
N LEU A 70 -4.15 7.59 -3.89
CA LEU A 70 -3.92 6.54 -4.87
C LEU A 70 -2.75 6.94 -5.77
N PHE A 71 -1.83 6.01 -5.94
CA PHE A 71 -0.66 6.26 -6.77
C PHE A 71 -0.72 5.43 -8.05
N LYS A 72 -0.31 6.06 -9.15
CA LYS A 72 -0.32 5.40 -10.44
C LYS A 72 0.62 6.15 -11.39
N ASP A 73 1.73 5.48 -11.72
CA ASP A 73 2.71 6.06 -12.61
C ASP A 73 3.19 7.39 -12.04
N ASP A 74 3.57 8.29 -12.94
CA ASP A 74 4.07 9.60 -12.53
C ASP A 74 2.87 10.54 -12.31
N LYS A 75 1.84 9.99 -11.70
CA LYS A 75 0.63 10.76 -11.41
C LYS A 75 -0.11 10.13 -10.25
N TYR A 76 -0.66 10.99 -9.41
CA TYR A 76 -1.41 10.54 -8.25
C TYR A 76 -2.55 11.50 -7.92
N TRP A 77 -3.76 10.94 -7.88
CA TRP A 77 -4.95 11.73 -7.58
C TRP A 77 -5.18 11.66 -6.07
N LEU A 78 -5.91 12.65 -5.58
CA LEU A 78 -6.22 12.73 -4.16
C LEU A 78 -7.74 12.65 -3.97
N ILE A 79 -8.16 11.59 -3.28
CA ILE A 79 -9.58 11.39 -3.02
C ILE A 79 -9.95 12.05 -1.69
N SER A 80 -10.67 13.15 -1.77
CA SER A 80 -11.09 13.87 -0.58
C SER A 80 -12.41 13.31 -0.08
N ASN A 81 -12.31 12.45 0.93
CA ASN A 81 -13.48 11.84 1.51
C ASN A 81 -14.03 10.78 0.56
N LEU A 82 -14.47 11.25 -0.60
CA LEU A 82 -15.01 10.36 -1.61
C LEU A 82 -15.10 11.09 -2.94
N ARG A 83 -14.19 12.03 -3.13
CA ARG A 83 -14.16 12.81 -4.35
C ARG A 83 -12.71 13.20 -4.69
N PRO A 84 -12.23 12.66 -5.85
CA PRO A 84 -10.88 12.95 -6.30
C PRO A 84 -10.77 14.37 -6.87
N GLU A 85 -9.68 15.03 -6.51
CA GLU A 85 -9.45 16.39 -6.97
C GLU A 85 -9.46 16.44 -8.50
N PRO A 86 -10.38 17.28 -9.04
CA PRO A 86 -10.50 17.43 -10.48
C PRO A 86 -9.34 18.27 -11.05
N ASN A 87 -8.75 17.75 -12.11
CA ASN A 87 -7.63 18.43 -12.75
C ASN A 87 -6.47 18.53 -11.78
N TYR A 88 -5.98 17.37 -11.36
CA TYR A 88 -4.88 17.31 -10.43
C TYR A 88 -3.85 16.26 -10.85
N PRO A 89 -3.33 16.44 -12.10
CA PRO A 89 -2.35 15.53 -12.64
C PRO A 89 -0.97 15.76 -11.99
N LYS A 90 -0.98 15.81 -10.67
CA LYS A 90 0.25 16.02 -9.92
C LYS A 90 1.30 15.01 -10.38
N SER A 91 2.56 15.39 -10.22
CA SER A 91 3.66 14.53 -10.62
C SER A 91 4.57 14.26 -9.42
N ILE A 92 4.71 12.99 -9.10
CA ILE A 92 5.55 12.59 -7.97
C ILE A 92 6.99 13.05 -8.23
N HIS A 93 7.35 13.07 -9.50
CA HIS A 93 8.68 13.48 -9.90
C HIS A 93 8.87 14.98 -9.61
N SER A 94 7.76 15.70 -9.69
CA SER A 94 7.78 17.12 -9.44
C SER A 94 8.08 17.40 -7.97
N PHE A 95 8.09 16.33 -7.19
CA PHE A 95 8.35 16.44 -5.77
C PHE A 95 9.81 16.08 -5.45
N GLY A 96 10.69 16.46 -6.36
CA GLY A 96 12.11 16.19 -6.20
C GLY A 96 12.65 15.36 -7.35
N PHE A 97 12.23 14.10 -7.39
CA PHE A 97 12.65 13.19 -8.43
C PHE A 97 14.18 13.05 -8.46
N PRO A 98 14.66 11.92 -7.90
CA PRO A 98 16.09 11.65 -7.84
C PRO A 98 16.62 11.25 -9.23
N ASN A 99 16.39 9.99 -9.57
CA ASN A 99 16.84 9.47 -10.85
C ASN A 99 15.64 8.93 -11.63
N PHE A 100 15.17 7.77 -11.19
CA PHE A 100 14.03 7.13 -11.84
C PHE A 100 12.94 6.78 -10.81
N VAL A 101 12.14 7.79 -10.49
CA VAL A 101 11.07 7.60 -9.53
C VAL A 101 9.74 8.05 -10.15
N LYS A 102 9.18 7.16 -10.96
CA LYS A 102 7.92 7.45 -11.63
C LYS A 102 6.89 6.40 -11.22
N LYS A 103 7.32 5.47 -10.39
CA LYS A 103 6.44 4.41 -9.92
C LYS A 103 6.95 3.88 -8.57
N ILE A 104 6.06 3.87 -7.61
CA ILE A 104 6.41 3.40 -6.27
C ILE A 104 5.95 1.95 -6.11
N ASP A 105 6.68 1.22 -5.29
CA ASP A 105 6.36 -0.18 -5.05
C ASP A 105 5.26 -0.27 -4.00
N ALA A 106 5.43 0.49 -2.93
CA ALA A 106 4.46 0.50 -1.85
C ALA A 106 4.53 1.85 -1.12
N ALA A 107 3.44 2.17 -0.45
CA ALA A 107 3.36 3.42 0.29
C ALA A 107 2.42 3.24 1.49
N VAL A 108 2.97 3.46 2.67
CA VAL A 108 2.20 3.34 3.90
C VAL A 108 2.59 4.45 4.86
N PHE A 109 1.67 4.75 5.77
CA PHE A 109 1.91 5.79 6.76
C PHE A 109 2.38 5.18 8.09
N ASN A 110 3.12 5.99 8.84
CA ASN A 110 3.63 5.55 10.12
C ASN A 110 2.97 6.37 11.24
N PRO A 111 2.28 5.65 12.15
CA PRO A 111 1.60 6.29 13.27
C PRO A 111 2.61 6.74 14.33
N ARG A 112 3.54 5.86 14.63
CA ARG A 112 4.56 6.15 15.62
C ARG A 112 5.72 6.92 14.99
N PHE A 113 5.36 7.89 14.18
CA PHE A 113 6.35 8.71 13.50
C PHE A 113 5.70 9.91 12.79
N TYR A 114 4.51 9.66 12.26
CA TYR A 114 3.77 10.69 11.55
C TYR A 114 4.40 10.99 10.20
N ARG A 115 5.01 9.97 9.63
CA ARG A 115 5.66 10.11 8.34
C ARG A 115 5.28 8.93 7.43
N THR A 116 5.35 9.18 6.13
CA THR A 116 5.02 8.16 5.15
C THR A 116 6.25 7.30 4.85
N TYR A 117 6.05 6.33 3.97
CA TYR A 117 7.12 5.44 3.58
C TYR A 117 7.13 5.21 2.06
N PHE A 118 8.18 5.70 1.42
CA PHE A 118 8.31 5.56 -0.01
C PHE A 118 9.26 4.41 -0.36
N PHE A 119 8.67 3.30 -0.78
CA PHE A 119 9.44 2.13 -1.15
C PHE A 119 9.56 2.00 -2.66
N VAL A 120 10.78 2.19 -3.15
CA VAL A 120 11.04 2.10 -4.57
C VAL A 120 12.35 1.35 -4.80
N ASP A 121 12.29 0.37 -5.70
CA ASP A 121 13.47 -0.42 -6.01
C ASP A 121 14.03 -1.04 -4.73
N ASN A 122 15.34 -1.28 -4.74
CA ASN A 122 16.00 -1.86 -3.59
C ASN A 122 16.44 -0.75 -2.65
N GLN A 123 15.51 0.13 -2.34
CA GLN A 123 15.78 1.25 -1.45
C GLN A 123 14.52 1.65 -0.68
N TYR A 124 14.72 2.47 0.34
CA TYR A 124 13.62 2.93 1.16
C TYR A 124 13.83 4.38 1.59
N TRP A 125 12.89 5.23 1.20
CA TRP A 125 12.96 6.64 1.54
C TRP A 125 11.87 6.92 2.58
N ARG A 126 11.82 8.18 3.00
CA ARG A 126 10.83 8.60 3.99
C ARG A 126 10.37 10.03 3.70
N TYR A 127 9.06 10.19 3.61
CA TYR A 127 8.48 11.50 3.35
C TYR A 127 7.58 11.94 4.50
N ASP A 128 7.82 13.16 4.96
CA ASP A 128 7.03 13.70 6.06
C ASP A 128 5.63 14.07 5.55
N GLU A 129 4.63 13.58 6.27
CA GLU A 129 3.26 13.85 5.89
C GLU A 129 2.79 15.17 6.50
N ARG A 130 3.01 15.30 7.80
CA ARG A 130 2.62 16.50 8.52
C ARG A 130 3.35 17.72 7.94
N ARG A 131 4.68 17.64 7.95
CA ARG A 131 5.51 18.71 7.44
C ARG A 131 5.32 18.85 5.93
N GLN A 132 5.20 17.71 5.27
CA GLN A 132 5.03 17.68 3.82
C GLN A 132 6.32 18.12 3.13
N MET A 133 7.42 17.50 3.53
CA MET A 133 8.71 17.80 2.96
C MET A 133 9.63 16.58 2.98
N MET A 134 9.73 15.93 1.84
CA MET A 134 10.56 14.75 1.72
C MET A 134 11.85 14.89 2.54
N ASP A 135 12.24 13.80 3.17
CA ASP A 135 13.43 13.79 4.00
C ASP A 135 14.66 13.93 3.10
N PRO A 136 15.78 14.39 3.72
CA PRO A 136 17.02 14.56 2.99
C PRO A 136 17.69 13.22 2.71
N GLY A 137 18.14 13.07 1.47
CA GLY A 137 18.80 11.83 1.06
C GLY A 137 18.04 10.61 1.59
N TYR A 138 18.47 10.16 2.75
CA TYR A 138 17.85 8.99 3.38
C TYR A 138 18.05 7.74 2.53
N PRO A 139 19.35 7.47 2.20
CA PRO A 139 19.69 6.31 1.39
C PRO A 139 19.59 5.02 2.22
N LYS A 140 18.39 4.77 2.72
CA LYS A 140 18.14 3.58 3.53
C LYS A 140 17.66 2.45 2.62
N LEU A 141 17.47 1.29 3.22
CA LEU A 141 17.00 0.12 2.49
C LEU A 141 15.72 -0.40 3.12
N ILE A 142 15.02 -1.23 2.35
CA ILE A 142 13.76 -1.80 2.82
C ILE A 142 14.06 -2.81 3.94
N THR A 143 14.89 -3.78 3.60
CA THR A 143 15.26 -4.81 4.56
C THR A 143 15.87 -4.19 5.81
N LYS A 144 16.89 -3.38 5.58
CA LYS A 144 17.57 -2.70 6.69
C LYS A 144 16.53 -2.23 7.70
N ASN A 145 15.54 -1.50 7.21
CA ASN A 145 14.49 -0.99 8.06
C ASN A 145 13.60 -2.14 8.52
N PHE A 146 12.96 -2.78 7.56
CA PHE A 146 12.09 -3.90 7.86
C PHE A 146 12.58 -5.18 7.17
N GLN A 147 13.55 -5.81 7.80
CA GLN A 147 14.12 -7.04 7.28
C GLN A 147 13.32 -8.25 7.76
N GLY A 148 12.08 -8.32 7.28
CA GLY A 148 11.20 -9.42 7.66
C GLY A 148 10.78 -10.23 6.44
N ILE A 149 10.96 -9.61 5.28
CA ILE A 149 10.60 -10.27 4.02
C ILE A 149 11.80 -10.23 3.08
N GLY A 150 12.45 -9.07 3.04
CA GLY A 150 13.60 -8.90 2.18
C GLY A 150 13.77 -7.44 1.76
N PRO A 151 14.88 -7.16 1.04
CA PRO A 151 15.16 -5.82 0.57
C PRO A 151 14.26 -5.45 -0.61
N LYS A 152 13.01 -5.85 -0.51
CA LYS A 152 12.04 -5.57 -1.56
C LYS A 152 10.62 -5.68 -0.99
N ILE A 153 9.77 -4.78 -1.44
CA ILE A 153 8.39 -4.76 -0.99
C ILE A 153 7.46 -4.60 -2.19
N ASP A 154 6.24 -5.09 -2.02
CA ASP A 154 5.24 -5.01 -3.09
C ASP A 154 4.06 -4.16 -2.61
N ALA A 155 3.44 -4.62 -1.55
CA ALA A 155 2.30 -3.93 -0.98
C ALA A 155 2.42 -3.90 0.54
N VAL A 156 1.93 -2.81 1.12
CA VAL A 156 1.97 -2.66 2.57
C VAL A 156 0.79 -1.81 3.03
N PHE A 157 0.19 -2.23 4.13
CA PHE A 157 -0.94 -1.52 4.68
C PHE A 157 -1.08 -1.76 6.19
N TYR A 158 -1.54 -0.73 6.88
CA TYR A 158 -1.71 -0.82 8.32
C TYR A 158 -3.16 -1.16 8.69
N SER A 159 -3.36 -2.39 9.11
CA SER A 159 -4.69 -2.86 9.48
C SER A 159 -4.71 -3.21 10.97
N LYS A 160 -3.60 -3.76 11.44
CA LYS A 160 -3.48 -4.16 12.83
C LYS A 160 -3.62 -2.93 13.72
N ASN A 161 -3.30 -3.11 14.99
CA ASN A 161 -3.38 -2.02 15.94
C ASN A 161 -2.03 -1.31 16.03
N LYS A 162 -0.98 -2.11 16.12
CA LYS A 162 0.37 -1.58 16.20
C LYS A 162 1.34 -2.54 15.50
N TYR A 163 1.05 -2.78 14.22
CA TYR A 163 1.89 -3.67 13.43
C TYR A 163 1.84 -3.29 11.94
N TYR A 164 2.76 -3.86 11.19
CA TYR A 164 2.83 -3.60 9.76
C TYR A 164 2.88 -4.90 8.97
N TYR A 165 2.05 -4.97 7.94
CA TYR A 165 1.99 -6.16 7.10
C TYR A 165 2.72 -5.92 5.77
N PHE A 166 3.69 -6.78 5.51
CA PHE A 166 4.47 -6.69 4.29
C PHE A 166 4.40 -7.98 3.48
N PHE A 167 4.42 -7.82 2.16
CA PHE A 167 4.36 -8.96 1.28
C PHE A 167 5.14 -8.70 -0.02
N GLN A 168 5.77 -9.75 -0.52
CA GLN A 168 6.54 -9.65 -1.74
C GLN A 168 6.60 -11.00 -2.45
N GLY A 169 5.58 -11.27 -3.25
CA GLY A 169 5.51 -12.52 -3.99
C GLY A 169 4.21 -13.25 -3.69
N SER A 170 4.26 -14.09 -2.66
CA SER A 170 3.09 -14.86 -2.27
C SER A 170 3.13 -15.13 -0.76
N ASN A 171 3.47 -14.08 -0.02
CA ASN A 171 3.55 -14.19 1.43
C ASN A 171 3.33 -12.81 2.05
N GLN A 172 2.67 -12.81 3.20
CA GLN A 172 2.39 -11.57 3.90
C GLN A 172 2.87 -11.66 5.35
N PHE A 173 4.07 -11.14 5.57
CA PHE A 173 4.66 -11.16 6.91
C PHE A 173 4.26 -9.92 7.70
N GLU A 174 4.43 -10.00 9.00
CA GLU A 174 4.09 -8.90 9.88
C GLU A 174 5.31 -8.48 10.71
N TYR A 175 5.41 -7.19 10.94
CA TYR A 175 6.52 -6.65 11.72
C TYR A 175 6.03 -6.03 13.02
N ASP A 176 6.90 -6.02 14.01
CA ASP A 176 6.57 -5.45 15.31
C ASP A 176 7.78 -4.72 15.87
N PHE A 177 7.56 -3.47 16.25
CA PHE A 177 8.62 -2.64 16.80
C PHE A 177 9.12 -3.22 18.12
N LEU A 178 8.34 -4.12 18.69
CA LEU A 178 8.70 -4.74 19.94
C LEU A 178 10.19 -5.05 19.96
N LEU A 179 10.65 -5.65 18.86
CA LEU A 179 12.06 -5.99 18.72
C LEU A 179 12.32 -6.47 17.30
N GLN A 180 11.66 -5.83 16.35
CA GLN A 180 11.82 -6.19 14.95
C GLN A 180 11.73 -7.71 14.78
N ARG A 181 10.51 -8.22 14.89
CA ARG A 181 10.27 -9.64 14.76
C ARG A 181 8.99 -9.89 13.96
N ILE A 182 8.72 -11.16 13.71
CA ILE A 182 7.53 -11.55 12.97
C ILE A 182 6.58 -12.31 13.89
N THR A 183 5.37 -11.77 14.01
CA THR A 183 4.36 -12.39 14.86
C THR A 183 3.45 -13.30 14.03
N LYS A 184 2.85 -12.71 13.00
CA LYS A 184 1.96 -13.45 12.13
C LYS A 184 2.55 -13.50 10.72
N THR A 185 2.11 -14.50 9.97
CA THR A 185 2.60 -14.66 8.60
C THR A 185 1.54 -15.37 7.75
N LEU A 186 1.01 -14.64 6.78
CA LEU A 186 0.00 -15.18 5.90
C LEU A 186 0.65 -15.55 4.56
N LYS A 187 -0.12 -16.25 3.74
CA LYS A 187 0.35 -16.68 2.44
C LYS A 187 -0.68 -16.31 1.37
N SER A 188 -0.97 -15.02 1.29
CA SER A 188 -1.95 -14.53 0.32
C SER A 188 -3.15 -15.47 0.28
N ASN A 189 -3.50 -15.98 1.45
CA ASN A 189 -4.63 -16.89 1.57
C ASN A 189 -4.85 -17.24 3.04
N SER A 190 -5.00 -16.19 3.85
CA SER A 190 -5.21 -16.38 5.27
C SER A 190 -6.61 -15.92 5.66
N TRP A 191 -7.22 -15.13 4.77
CA TRP A 191 -8.55 -14.62 4.99
C TRP A 191 -9.27 -14.55 3.65
N PHE A 192 -9.54 -15.72 3.10
CA PHE A 192 -10.23 -15.81 1.82
C PHE A 192 -10.81 -17.21 1.61
N GLY A 193 -9.92 -18.18 1.46
CA GLY A 193 -10.33 -19.56 1.25
C GLY A 193 -9.57 -20.50 2.18
N CYS A 194 -8.26 -20.31 2.24
CA CYS A 194 -7.42 -21.14 3.09
C CYS A 194 -6.76 -20.24 4.14
N MET A 1 -10.93 -11.80 -13.95
CA MET A 1 -10.54 -11.11 -12.74
C MET A 1 -10.08 -12.11 -11.66
N GLU A 2 -9.99 -13.36 -12.08
CA GLU A 2 -9.56 -14.41 -11.18
C GLU A 2 -8.47 -15.27 -11.83
N PRO A 3 -7.24 -15.14 -11.27
CA PRO A 3 -6.10 -15.90 -11.79
C PRO A 3 -6.19 -17.37 -11.36
N ALA A 4 -6.35 -17.56 -10.07
CA ALA A 4 -6.45 -18.91 -9.52
C ALA A 4 -6.39 -18.84 -7.99
N LEU A 5 -7.55 -19.01 -7.38
CA LEU A 5 -7.65 -18.97 -5.93
C LEU A 5 -7.01 -20.23 -5.35
N CYS A 6 -7.37 -21.36 -5.94
CA CYS A 6 -6.85 -22.64 -5.49
C CYS A 6 -5.43 -22.80 -6.06
N ASP A 7 -4.57 -21.88 -5.70
CA ASP A 7 -3.19 -21.92 -6.16
C ASP A 7 -2.42 -20.74 -5.55
N PRO A 8 -1.48 -21.09 -4.64
CA PRO A 8 -0.67 -20.08 -3.98
C PRO A 8 0.40 -19.52 -4.93
N ASN A 9 0.03 -18.46 -5.63
CA ASN A 9 0.93 -17.82 -6.58
C ASN A 9 0.32 -16.50 -7.05
N LEU A 10 -0.13 -15.72 -6.09
CA LEU A 10 -0.73 -14.42 -6.40
C LEU A 10 0.16 -13.30 -5.87
N SER A 11 -0.08 -12.11 -6.38
CA SER A 11 0.69 -10.95 -5.97
C SER A 11 -0.21 -9.72 -5.88
N PHE A 12 0.28 -8.70 -5.19
CA PHE A 12 -0.46 -7.47 -5.03
C PHE A 12 0.35 -6.27 -5.52
N ASP A 13 -0.29 -5.10 -5.47
CA ASP A 13 0.36 -3.88 -5.90
C ASP A 13 0.15 -2.79 -4.84
N ALA A 14 -1.10 -2.65 -4.43
CA ALA A 14 -1.45 -1.66 -3.43
C ALA A 14 -2.43 -2.28 -2.42
N VAL A 15 -2.34 -1.81 -1.19
CA VAL A 15 -3.20 -2.31 -0.13
C VAL A 15 -3.49 -1.18 0.86
N THR A 16 -4.73 -1.14 1.33
CA THR A 16 -5.13 -0.12 2.28
C THR A 16 -6.26 -0.64 3.17
N THR A 17 -6.38 -0.03 4.34
CA THR A 17 -7.41 -0.42 5.28
C THR A 17 -8.32 0.76 5.61
N VAL A 18 -9.60 0.46 5.73
CA VAL A 18 -10.59 1.49 6.04
C VAL A 18 -11.42 1.05 7.24
N GLY A 19 -11.40 1.88 8.27
CA GLY A 19 -12.15 1.58 9.48
C GLY A 19 -11.74 0.23 10.06
N ASN A 20 -12.70 -0.67 10.13
CA ASN A 20 -12.47 -2.00 10.66
C ASN A 20 -12.50 -3.02 9.52
N LYS A 21 -12.26 -2.52 8.31
CA LYS A 21 -12.27 -3.38 7.14
C LYS A 21 -11.01 -3.12 6.32
N ILE A 22 -10.74 -4.02 5.39
CA ILE A 22 -9.57 -3.91 4.54
C ILE A 22 -10.01 -3.94 3.07
N PHE A 23 -9.43 -3.03 2.30
CA PHE A 23 -9.75 -2.96 0.88
C PHE A 23 -8.48 -2.85 0.03
N PHE A 24 -8.07 -3.99 -0.49
CA PHE A 24 -6.87 -4.04 -1.32
C PHE A 24 -7.17 -3.59 -2.75
N PHE A 25 -6.12 -3.15 -3.43
CA PHE A 25 -6.27 -2.70 -4.80
C PHE A 25 -5.21 -3.33 -5.70
N LYS A 26 -5.52 -3.35 -6.99
CA LYS A 26 -4.60 -3.93 -7.97
C LYS A 26 -5.02 -3.50 -9.37
N ASP A 27 -4.01 -3.26 -10.20
CA ASP A 27 -4.27 -2.84 -11.57
C ASP A 27 -5.42 -3.66 -12.15
N ARG A 28 -6.22 -3.01 -12.99
CA ARG A 28 -7.36 -3.67 -13.61
C ARG A 28 -8.43 -3.99 -12.56
N PHE A 29 -8.12 -4.97 -11.73
CA PHE A 29 -9.04 -5.38 -10.69
C PHE A 29 -8.35 -5.39 -9.32
N PHE A 30 -9.17 -5.33 -8.28
CA PHE A 30 -8.66 -5.32 -6.93
C PHE A 30 -9.20 -6.53 -6.13
N TRP A 31 -8.71 -6.65 -4.91
CA TRP A 31 -9.14 -7.74 -4.05
C TRP A 31 -9.60 -7.14 -2.72
N LEU A 32 -10.34 -7.94 -1.97
CA LEU A 32 -10.86 -7.50 -0.69
C LEU A 32 -11.08 -8.72 0.22
N LYS A 33 -10.43 -8.70 1.37
CA LYS A 33 -10.55 -9.79 2.32
C LYS A 33 -10.32 -9.25 3.73
N VAL A 34 -11.36 -9.36 4.55
CA VAL A 34 -11.28 -8.89 5.92
C VAL A 34 -12.02 -9.88 6.83
N SER A 35 -12.13 -9.50 8.10
CA SER A 35 -12.80 -10.34 9.07
C SER A 35 -14.29 -10.45 8.74
N GLU A 36 -14.82 -11.66 8.93
CA GLU A 36 -16.21 -11.92 8.65
C GLU A 36 -16.46 -11.94 7.14
N ARG A 37 -15.41 -12.32 6.41
CA ARG A 37 -15.50 -12.39 4.97
C ARG A 37 -15.55 -13.85 4.51
N PRO A 38 -16.70 -14.22 3.89
CA PRO A 38 -16.89 -15.58 3.40
C PRO A 38 -16.08 -15.82 2.12
N LYS A 39 -15.75 -14.73 1.46
CA LYS A 39 -14.97 -14.81 0.23
C LYS A 39 -14.52 -13.40 -0.18
N THR A 40 -13.50 -13.36 -1.01
CA THR A 40 -12.97 -12.10 -1.49
C THR A 40 -13.81 -11.56 -2.65
N SER A 41 -14.23 -10.32 -2.50
CA SER A 41 -15.05 -9.68 -3.52
C SER A 41 -14.15 -8.97 -4.53
N VAL A 42 -13.93 -9.65 -5.66
CA VAL A 42 -13.09 -9.10 -6.71
C VAL A 42 -13.97 -8.32 -7.69
N ASN A 43 -13.63 -7.05 -7.86
CA ASN A 43 -14.37 -6.19 -8.77
C ASN A 43 -13.40 -5.25 -9.49
N LEU A 44 -13.97 -4.42 -10.35
CA LEU A 44 -13.16 -3.48 -11.11
C LEU A 44 -13.22 -2.10 -10.44
N ILE A 45 -12.16 -1.33 -10.64
CA ILE A 45 -12.10 0.00 -10.06
C ILE A 45 -13.16 0.89 -10.70
N SER A 46 -13.00 1.14 -11.99
CA SER A 46 -13.94 1.96 -12.72
C SER A 46 -15.37 1.65 -12.28
N SER A 47 -15.68 0.36 -12.26
CA SER A 47 -17.00 -0.08 -11.86
C SER A 47 -17.48 0.73 -10.64
N LEU A 48 -16.54 1.02 -9.76
CA LEU A 48 -16.85 1.78 -8.56
C LEU A 48 -16.39 3.23 -8.75
N TRP A 49 -15.11 3.46 -8.50
CA TRP A 49 -14.54 4.78 -8.64
C TRP A 49 -14.90 5.31 -10.02
N PRO A 50 -14.97 6.67 -10.12
CA PRO A 50 -15.31 7.31 -11.38
C PRO A 50 -14.14 7.27 -12.35
N THR A 51 -13.23 8.22 -12.17
CA THR A 51 -12.06 8.30 -13.03
C THR A 51 -10.78 8.31 -12.18
N LEU A 52 -10.17 7.15 -12.07
CA LEU A 52 -8.94 7.02 -11.29
C LEU A 52 -7.79 6.64 -12.23
N PRO A 53 -6.54 6.85 -11.73
CA PRO A 53 -5.36 6.54 -12.51
C PRO A 53 -5.11 5.03 -12.55
N SER A 54 -5.97 4.30 -11.84
CA SER A 54 -5.86 2.86 -11.80
C SER A 54 -4.43 2.44 -11.45
N GLY A 55 -4.08 1.24 -11.88
CA GLY A 55 -2.75 0.73 -11.62
C GLY A 55 -2.19 1.26 -10.30
N ILE A 56 -3.06 1.30 -9.30
CA ILE A 56 -2.68 1.78 -7.98
C ILE A 56 -1.40 1.06 -7.54
N GLU A 57 -0.39 1.85 -7.23
CA GLU A 57 0.88 1.31 -6.78
C GLU A 57 0.92 1.23 -5.26
N ALA A 58 0.40 2.28 -4.62
CA ALA A 58 0.37 2.33 -3.17
C ALA A 58 -0.83 3.16 -2.72
N ALA A 59 -1.52 2.67 -1.71
CA ALA A 59 -2.68 3.35 -1.17
C ALA A 59 -2.52 3.52 0.34
N TYR A 60 -2.81 4.73 0.79
CA TYR A 60 -2.70 5.05 2.21
C TYR A 60 -3.69 6.15 2.61
N GLU A 61 -4.53 5.82 3.58
CA GLU A 61 -5.51 6.77 4.06
C GLU A 61 -5.28 7.10 5.53
N ILE A 62 -5.73 8.28 5.93
CA ILE A 62 -5.57 8.71 7.30
C ILE A 62 -6.93 9.12 7.87
N GLU A 63 -7.54 8.20 8.60
CA GLU A 63 -8.83 8.45 9.20
C GLU A 63 -8.85 9.82 9.88
N ALA A 64 -7.68 10.24 10.32
CA ALA A 64 -7.54 11.53 10.98
C ALA A 64 -7.96 12.64 10.02
N ARG A 65 -7.55 12.48 8.77
CA ARG A 65 -7.87 13.46 7.75
C ARG A 65 -9.17 13.06 7.02
N ASN A 66 -9.61 11.84 7.30
CA ASN A 66 -10.82 11.33 6.68
C ASN A 66 -10.72 11.48 5.16
N GLN A 67 -9.54 11.15 4.65
CA GLN A 67 -9.29 11.23 3.22
C GLN A 67 -8.58 9.98 2.72
N VAL A 68 -8.33 9.94 1.42
CA VAL A 68 -7.66 8.80 0.82
C VAL A 68 -6.73 9.31 -0.30
N PHE A 69 -5.87 8.40 -0.75
CA PHE A 69 -4.92 8.74 -1.81
C PHE A 69 -4.55 7.50 -2.61
N LEU A 70 -4.47 7.69 -3.93
CA LEU A 70 -4.12 6.60 -4.81
C LEU A 70 -2.91 7.00 -5.65
N PHE A 71 -1.86 6.20 -5.55
CA PHE A 71 -0.64 6.46 -6.29
C PHE A 71 -0.61 5.66 -7.59
N LYS A 72 -0.05 6.28 -8.63
CA LYS A 72 0.05 5.63 -9.92
C LYS A 72 1.04 6.41 -10.80
N ASP A 73 2.14 5.75 -11.11
CA ASP A 73 3.18 6.35 -11.94
C ASP A 73 3.68 7.64 -11.25
N ASP A 74 4.11 8.57 -12.08
CA ASP A 74 4.62 9.84 -11.57
C ASP A 74 3.46 10.82 -11.41
N LYS A 75 2.34 10.29 -10.92
CA LYS A 75 1.16 11.11 -10.70
C LYS A 75 0.28 10.44 -9.64
N TYR A 76 -0.43 11.29 -8.89
CA TYR A 76 -1.30 10.80 -7.84
C TYR A 76 -2.55 11.68 -7.72
N TRP A 77 -3.70 11.03 -7.67
CA TRP A 77 -4.96 11.75 -7.56
C TRP A 77 -5.27 11.91 -6.06
N LEU A 78 -6.33 12.66 -5.79
CA LEU A 78 -6.74 12.91 -4.42
C LEU A 78 -8.25 12.73 -4.30
N ILE A 79 -8.65 11.73 -3.55
CA ILE A 79 -10.06 11.44 -3.35
C ILE A 79 -10.48 11.91 -1.95
N SER A 80 -11.41 12.86 -1.94
CA SER A 80 -11.90 13.40 -0.68
C SER A 80 -13.26 12.78 -0.34
N ASN A 81 -13.23 11.82 0.57
CA ASN A 81 -14.45 11.14 0.98
C ASN A 81 -14.96 10.28 -0.17
N LEU A 82 -15.31 10.95 -1.25
CA LEU A 82 -15.81 10.26 -2.43
C LEU A 82 -15.94 11.26 -3.59
N ARG A 83 -14.78 11.62 -4.14
CA ARG A 83 -14.74 12.56 -5.24
C ARG A 83 -13.29 12.90 -5.60
N PRO A 84 -12.84 12.34 -6.75
CA PRO A 84 -11.47 12.57 -7.20
C PRO A 84 -11.34 13.98 -7.80
N GLU A 85 -10.48 14.78 -7.16
CA GLU A 85 -10.25 16.14 -7.61
C GLU A 85 -10.18 16.19 -9.14
N PRO A 86 -11.06 17.04 -9.72
CA PRO A 86 -11.11 17.20 -11.16
C PRO A 86 -9.92 18.02 -11.67
N ASN A 87 -9.24 17.47 -12.66
CA ASN A 87 -8.09 18.13 -13.24
C ASN A 87 -7.01 18.31 -12.17
N TYR A 88 -6.53 17.18 -11.66
CA TYR A 88 -5.51 17.20 -10.64
C TYR A 88 -4.42 16.16 -10.92
N PRO A 89 -3.82 16.28 -12.15
CA PRO A 89 -2.77 15.37 -12.55
C PRO A 89 -1.45 15.69 -11.84
N LYS A 90 -1.54 15.79 -10.52
CA LYS A 90 -0.37 16.09 -9.71
C LYS A 90 0.74 15.08 -10.03
N SER A 91 1.96 15.48 -9.76
CA SER A 91 3.11 14.62 -10.00
C SER A 91 3.86 14.37 -8.69
N ILE A 92 3.91 13.10 -8.32
CA ILE A 92 4.59 12.70 -7.10
C ILE A 92 6.00 13.30 -7.09
N HIS A 93 6.61 13.31 -8.27
CA HIS A 93 7.95 13.85 -8.40
C HIS A 93 7.95 15.34 -8.03
N SER A 94 6.75 15.91 -7.99
CA SER A 94 6.59 17.30 -7.66
C SER A 94 7.05 17.56 -6.22
N PHE A 95 7.29 16.47 -5.51
CA PHE A 95 7.73 16.56 -4.12
C PHE A 95 8.56 15.34 -3.74
N GLY A 96 9.23 14.77 -4.73
CA GLY A 96 10.06 13.61 -4.51
C GLY A 96 11.34 13.66 -5.35
N PHE A 97 11.15 13.95 -6.64
CA PHE A 97 12.27 14.04 -7.55
C PHE A 97 13.43 13.17 -7.09
N PRO A 98 13.14 11.84 -6.97
CA PRO A 98 14.16 10.90 -6.54
C PRO A 98 15.16 10.60 -7.65
N ASN A 99 14.88 11.18 -8.81
CA ASN A 99 15.74 10.99 -9.97
C ASN A 99 15.73 9.51 -10.37
N PHE A 100 14.60 8.88 -10.13
CA PHE A 100 14.45 7.47 -10.46
C PHE A 100 13.07 6.95 -10.03
N VAL A 101 12.05 7.69 -10.44
CA VAL A 101 10.68 7.32 -10.11
C VAL A 101 10.01 6.73 -11.35
N LYS A 102 8.92 6.00 -11.11
CA LYS A 102 8.18 5.38 -12.19
C LYS A 102 6.99 4.62 -11.61
N LYS A 103 7.23 3.98 -10.47
CA LYS A 103 6.18 3.22 -9.81
C LYS A 103 6.58 2.97 -8.36
N ILE A 104 5.62 3.15 -7.46
CA ILE A 104 5.85 2.95 -6.05
C ILE A 104 5.47 1.51 -5.67
N ASP A 105 6.17 0.98 -4.68
CA ASP A 105 5.91 -0.37 -4.21
C ASP A 105 4.85 -0.33 -3.12
N ALA A 106 5.07 0.53 -2.14
CA ALA A 106 4.14 0.67 -1.04
C ALA A 106 4.29 2.07 -0.42
N ALA A 107 3.31 2.42 0.40
CA ALA A 107 3.32 3.72 1.06
C ALA A 107 2.47 3.65 2.33
N VAL A 108 3.12 3.95 3.45
CA VAL A 108 2.44 3.92 4.73
C VAL A 108 2.68 5.24 5.46
N PHE A 109 1.67 5.67 6.19
CA PHE A 109 1.76 6.91 6.94
C PHE A 109 1.96 6.65 8.44
N ASN A 110 2.99 7.27 8.99
CA ASN A 110 3.29 7.11 10.40
C ASN A 110 3.10 8.45 11.11
N PRO A 111 1.98 8.53 11.88
CA PRO A 111 1.66 9.74 12.62
C PRO A 111 2.54 9.87 13.85
N ARG A 112 3.23 8.78 14.18
CA ARG A 112 4.11 8.75 15.32
C ARG A 112 5.45 9.41 14.98
N PHE A 113 5.83 9.28 13.72
CA PHE A 113 7.08 9.84 13.24
C PHE A 113 6.84 10.90 12.18
N TYR A 114 5.59 11.32 12.08
CA TYR A 114 5.21 12.34 11.10
C TYR A 114 5.95 12.12 9.78
N ARG A 115 5.96 10.88 9.34
CA ARG A 115 6.63 10.53 8.09
C ARG A 115 5.92 9.34 7.43
N THR A 116 6.14 9.22 6.13
CA THR A 116 5.54 8.14 5.37
C THR A 116 6.62 7.26 4.75
N TYR A 117 6.48 5.95 4.96
CA TYR A 117 7.43 5.00 4.42
C TYR A 117 7.17 4.73 2.94
N PHE A 118 7.96 5.38 2.10
CA PHE A 118 7.82 5.22 0.66
C PHE A 118 8.71 4.09 0.15
N PHE A 119 8.08 2.95 -0.10
CA PHE A 119 8.81 1.79 -0.58
C PHE A 119 8.83 1.76 -2.12
N VAL A 120 10.04 1.84 -2.66
CA VAL A 120 10.21 1.83 -4.09
C VAL A 120 11.38 0.92 -4.46
N ASP A 121 11.12 0.01 -5.39
CA ASP A 121 12.15 -0.92 -5.83
C ASP A 121 12.70 -1.68 -4.62
N ASN A 122 13.96 -2.06 -4.72
CA ASN A 122 14.62 -2.79 -3.65
C ASN A 122 15.23 -1.80 -2.66
N GLN A 123 14.47 -0.72 -2.40
CA GLN A 123 14.93 0.30 -1.49
C GLN A 123 13.73 0.96 -0.80
N TYR A 124 14.04 1.87 0.11
CA TYR A 124 13.01 2.58 0.84
C TYR A 124 13.33 4.07 0.94
N TRP A 125 12.36 4.89 0.57
CA TRP A 125 12.53 6.33 0.62
C TRP A 125 12.04 6.83 1.97
N ARG A 126 12.31 8.10 2.24
CA ARG A 126 11.91 8.69 3.50
C ARG A 126 11.42 10.13 3.27
N TYR A 127 10.09 10.26 3.22
CA TYR A 127 9.48 11.56 3.00
C TYR A 127 8.95 12.14 4.32
N ASP A 128 9.83 12.80 5.04
CA ASP A 128 9.47 13.40 6.31
C ASP A 128 8.20 14.24 6.13
N GLU A 129 7.30 14.11 7.09
CA GLU A 129 6.05 14.85 7.04
C GLU A 129 6.11 16.04 7.98
N ARG A 130 6.69 15.82 9.14
CA ARG A 130 6.81 16.87 10.14
C ARG A 130 7.55 18.07 9.55
N ARG A 131 8.53 17.78 8.70
CA ARG A 131 9.31 18.82 8.06
C ARG A 131 8.81 19.06 6.63
N GLN A 132 8.45 17.97 5.98
CA GLN A 132 7.95 18.05 4.61
C GLN A 132 9.11 18.09 3.62
N MET A 133 10.25 17.59 4.08
CA MET A 133 11.44 17.57 3.24
C MET A 133 11.96 16.14 3.05
N MET A 134 12.08 15.75 1.80
CA MET A 134 12.55 14.42 1.46
C MET A 134 14.08 14.34 1.54
N ASP A 135 14.55 13.24 2.10
CA ASP A 135 15.98 13.03 2.25
C ASP A 135 16.65 13.12 0.88
N PRO A 136 17.83 13.79 0.84
CA PRO A 136 18.57 13.95 -0.39
C PRO A 136 19.26 12.64 -0.79
N GLY A 137 18.78 12.05 -1.87
CA GLY A 137 19.34 10.80 -2.37
C GLY A 137 19.68 9.86 -1.21
N TYR A 138 18.72 9.01 -0.89
CA TYR A 138 18.91 8.05 0.19
C TYR A 138 18.49 6.64 -0.24
N PRO A 139 19.20 6.12 -1.27
CA PRO A 139 18.91 4.79 -1.79
C PRO A 139 19.42 3.71 -0.85
N LYS A 140 18.59 3.39 0.14
CA LYS A 140 18.94 2.37 1.12
C LYS A 140 18.25 1.06 0.75
N LEU A 141 18.34 0.11 1.68
CA LEU A 141 17.72 -1.20 1.47
C LEU A 141 16.65 -1.41 2.54
N ILE A 142 15.53 -1.98 2.09
CA ILE A 142 14.42 -2.26 2.99
C ILE A 142 14.83 -3.38 3.96
N THR A 143 14.99 -4.56 3.40
CA THR A 143 15.37 -5.72 4.20
C THR A 143 16.41 -5.33 5.25
N LYS A 144 17.22 -4.34 4.90
CA LYS A 144 18.25 -3.86 5.79
C LYS A 144 17.60 -3.13 6.97
N ASN A 145 16.86 -2.07 6.64
CA ASN A 145 16.19 -1.28 7.65
C ASN A 145 15.24 -2.18 8.44
N PHE A 146 14.45 -2.95 7.71
CA PHE A 146 13.49 -3.86 8.33
C PHE A 146 13.77 -5.31 7.91
N GLN A 147 14.37 -6.05 8.82
CA GLN A 147 14.69 -7.44 8.57
C GLN A 147 13.54 -8.34 9.03
N GLY A 148 12.72 -8.74 8.08
CA GLY A 148 11.59 -9.60 8.37
C GLY A 148 10.58 -9.60 7.22
N ILE A 149 10.41 -8.43 6.63
CA ILE A 149 9.49 -8.27 5.52
C ILE A 149 10.17 -8.71 4.22
N GLY A 150 11.33 -8.10 3.98
CA GLY A 150 12.10 -8.40 2.78
C GLY A 150 12.47 -7.12 2.02
N PRO A 151 13.40 -7.29 1.04
CA PRO A 151 13.84 -6.16 0.24
C PRO A 151 12.77 -5.76 -0.78
N LYS A 152 11.76 -6.61 -0.90
CA LYS A 152 10.68 -6.36 -1.84
C LYS A 152 9.34 -6.41 -1.09
N ILE A 153 8.51 -5.41 -1.36
CA ILE A 153 7.20 -5.33 -0.73
C ILE A 153 6.17 -4.90 -1.76
N ASP A 154 5.19 -5.77 -1.96
CA ASP A 154 4.13 -5.51 -2.92
C ASP A 154 3.35 -4.27 -2.47
N ALA A 155 2.96 -4.27 -1.21
CA ALA A 155 2.21 -3.16 -0.65
C ALA A 155 2.12 -3.32 0.87
N VAL A 156 1.88 -2.21 1.53
CA VAL A 156 1.77 -2.21 2.98
C VAL A 156 0.99 -0.97 3.44
N PHE A 157 0.36 -1.09 4.59
CA PHE A 157 -0.42 0.01 5.14
C PHE A 157 -0.49 -0.08 6.66
N TYR A 158 -1.09 0.95 7.26
CA TYR A 158 -1.23 0.99 8.70
C TYR A 158 -2.66 0.65 9.13
N SER A 159 -2.76 -0.19 10.15
CA SER A 159 -4.06 -0.60 10.64
C SER A 159 -3.94 -1.06 12.10
N LYS A 160 -5.01 -0.84 12.85
CA LYS A 160 -5.04 -1.22 14.25
C LYS A 160 -4.36 -0.13 15.08
N ASN A 161 -3.42 -0.56 15.91
CA ASN A 161 -2.69 0.37 16.76
C ASN A 161 -1.30 0.63 16.17
N LYS A 162 -0.63 -0.47 15.84
CA LYS A 162 0.71 -0.37 15.26
C LYS A 162 1.01 -1.67 14.49
N TYR A 163 -0.03 -2.22 13.90
CA TYR A 163 0.11 -3.44 13.13
C TYR A 163 0.19 -3.15 11.63
N TYR A 164 1.17 -3.76 10.98
CA TYR A 164 1.35 -3.57 9.55
C TYR A 164 1.02 -4.86 8.78
N TYR A 165 -0.04 -4.76 7.99
CA TYR A 165 -0.48 -5.90 7.20
C TYR A 165 -0.06 -5.75 5.74
N PHE A 166 1.17 -6.17 5.46
CA PHE A 166 1.71 -6.09 4.12
C PHE A 166 1.71 -7.46 3.44
N PHE A 167 1.90 -7.44 2.13
CA PHE A 167 1.93 -8.66 1.36
C PHE A 167 3.18 -8.74 0.49
N GLN A 168 3.95 -9.80 0.72
CA GLN A 168 5.18 -10.00 -0.03
C GLN A 168 5.07 -11.24 -0.93
N GLY A 169 4.37 -11.06 -2.04
CA GLY A 169 4.18 -12.15 -2.99
C GLY A 169 2.93 -12.95 -2.64
N SER A 170 3.10 -14.27 -2.60
CA SER A 170 1.99 -15.16 -2.28
C SER A 170 2.01 -15.50 -0.79
N ASN A 171 2.38 -14.51 0.00
CA ASN A 171 2.44 -14.69 1.45
C ASN A 171 2.00 -13.40 2.13
N GLN A 172 1.18 -13.56 3.16
CA GLN A 172 0.68 -12.43 3.92
C GLN A 172 1.39 -12.34 5.27
N PHE A 173 2.43 -11.52 5.32
CA PHE A 173 3.19 -11.35 6.54
C PHE A 173 2.72 -10.11 7.29
N GLU A 174 2.73 -10.23 8.61
CA GLU A 174 2.30 -9.12 9.47
C GLU A 174 3.44 -8.70 10.39
N TYR A 175 3.77 -7.42 10.31
CA TYR A 175 4.84 -6.86 11.13
C TYR A 175 4.27 -6.11 12.33
N ASP A 176 5.12 -5.94 13.33
CA ASP A 176 4.73 -5.23 14.54
C ASP A 176 5.96 -4.58 15.18
N PHE A 177 5.70 -3.52 15.94
CA PHE A 177 6.77 -2.81 16.61
C PHE A 177 7.14 -3.49 17.94
N LEU A 178 6.43 -4.56 18.23
CA LEU A 178 6.67 -5.31 19.45
C LEU A 178 8.17 -5.47 19.66
N LEU A 179 8.83 -6.03 18.65
CA LEU A 179 10.26 -6.24 18.70
C LEU A 179 10.85 -6.14 17.30
N GLN A 180 10.10 -5.45 16.43
CA GLN A 180 10.53 -5.28 15.06
C GLN A 180 10.62 -6.63 14.35
N ARG A 181 9.62 -7.45 14.59
CA ARG A 181 9.57 -8.78 13.98
C ARG A 181 8.13 -9.15 13.65
N ILE A 182 8.00 -10.09 12.72
CA ILE A 182 6.68 -10.55 12.30
C ILE A 182 6.14 -11.54 13.33
N THR A 183 4.84 -11.46 13.56
CA THR A 183 4.18 -12.34 14.52
C THR A 183 3.56 -13.53 13.79
N LYS A 184 2.73 -13.23 12.80
CA LYS A 184 2.06 -14.27 12.03
C LYS A 184 2.60 -14.25 10.60
N THR A 185 2.51 -15.41 9.96
CA THR A 185 2.97 -15.54 8.58
C THR A 185 2.22 -16.65 7.87
N LEU A 186 1.17 -16.26 7.16
CA LEU A 186 0.36 -17.21 6.43
C LEU A 186 0.43 -16.89 4.93
N LYS A 187 -0.27 -17.70 4.15
CA LYS A 187 -0.29 -17.52 2.71
C LYS A 187 -1.52 -16.68 2.33
N SER A 188 -1.50 -16.19 1.10
CA SER A 188 -2.59 -15.38 0.61
C SER A 188 -3.88 -16.19 0.56
N ASN A 189 -3.78 -17.35 -0.07
CA ASN A 189 -4.94 -18.24 -0.19
C ASN A 189 -4.96 -19.20 1.00
N SER A 190 -4.84 -18.62 2.18
CA SER A 190 -4.84 -19.42 3.41
C SER A 190 -6.06 -19.05 4.27
N TRP A 191 -6.79 -18.05 3.79
CA TRP A 191 -7.97 -17.59 4.50
C TRP A 191 -9.19 -17.91 3.64
N PHE A 192 -9.20 -17.33 2.45
CA PHE A 192 -10.29 -17.53 1.53
C PHE A 192 -10.80 -18.98 1.59
N GLY A 193 -9.86 -19.89 1.79
CA GLY A 193 -10.20 -21.31 1.87
C GLY A 193 -9.64 -22.07 0.67
N CYS A 194 -8.44 -21.70 0.28
CA CYS A 194 -7.78 -22.34 -0.85
C CYS A 194 -6.27 -22.13 -0.72
#